data_7TF8
#
_entry.id   7TF8
#
_cell.length_a   1.00
_cell.length_b   1.00
_cell.length_c   1.00
_cell.angle_alpha   90.00
_cell.angle_beta   90.00
_cell.angle_gamma   90.00
#
_symmetry.space_group_name_H-M   'P 1'
#
loop_
_entity.id
_entity.type
_entity.pdbx_description
1 polymer 'Spike glycoprotein'
2 branched 2-acetamido-2-deoxy-beta-D-glucopyranose-(1-4)-2-acetamido-2-deoxy-beta-D-glucopyranose
3 branched alpha-D-mannopyranose-(1-3)-beta-D-mannopyranose-(1-4)-2-acetamido-2-deoxy-beta-D-glucopyranose-(1-4)-2-acetamido-2-deoxy-beta-D-glucopyranose
4 branched alpha-D-mannopyranose-(1-3)-[alpha-D-mannopyranose-(1-6)]beta-D-mannopyranose-(1-4)-2-acetamido-2-deoxy-beta-D-glucopyranose-(1-4)-2-acetamido-2-deoxy-beta-D-glucopyranose
5 branched beta-D-mannopyranose-(1-4)-2-acetamido-2-deoxy-beta-D-glucopyranose-(1-4)-2-acetamido-2-deoxy-beta-D-glucopyranose
6 branched alpha-D-mannopyranose-(1-6)-beta-D-mannopyranose-(1-4)-2-acetamido-2-deoxy-beta-D-glucopyranose-(1-4)-2-acetamido-2-deoxy-beta-D-glucopyranose
7 non-polymer 2-acetamido-2-deoxy-beta-D-glucopyranose
#
_entity_poly.entity_id   1
_entity_poly.type   'polypeptide(L)'
_entity_poly.pdbx_seq_one_letter_code
;MFVFLVLLPLVSSQCVNLTTRTQLPPAYTNSFTRGVYYPDKVFRSSVLHSTQDLFLPFFSNVTWFHVISGTNGTKRFDNP
VLPFNDGVYFASIEKSNIIRGWIFGTTLDSKTQSLLIVNNATNVVIKVCEFQFCNDPFLDHKNNKSWMESEFRVYSSANN
CTFEYVSQPFLMDLEGKQGNFKNLREFVFKNIDGYFKIYSKHTPIIVREPEDLPQGFSALEPLVDLPIGINITRFQTLLA
LHRSYLTPGDSSSGWTAGAAAYYVGYLQPRTFLLKYNENGTITDAVDCALDPLSETKCTLKSFTVEKGIYQTSNFRVQPT
ESIVRFPNITNLCPFDEVFNATRFASVYAWNRKRISNCVADYSVLYNLAPFFTFKCYGVSPTKLNDLCFTNVYADSFVIR
GDEVRQIAPGQTGNIADYNYKLPDDFTGCVIAWNSNKLDSKVSGNYNYLYRLFRKSNLKPFERDISTEIYQAGNKPCNGV
AGFNCYFPLRSYSFRPTYGVGHQPYRVVVLSFELLHAPATVCGPKKSTNLVKNKCVNFNFNGLKGTGVLTESNKKFLPFQ
QFGRDIADTTDAVRDPQTLEILDITPCSFGGVSVITPGTNTSNQVAVLYQGVNCTEVPVAIHADQLTPTWRVYSTGSNVF
QTRAGCLIGAEYVNNSYECDIPIGAGICASYQTQTKSHGSASSVASQSIIAYTMSLGAENSVAYSNNSIAIPTNFTISVT
TEILPVSMTKTSVDCTMYICGDSTECSNLLLQYGSFCTQLKRALTGIAVEQDKNTQEVFAQVKQIYKTPPIKYFGGFNFS
QILPDPSKPSKRSFIEDLLFNKVTLADAGFIKQYGDCLGDIAARDLICAQKFKGLTVLPPLLTDEMIAQYTSALLAGTIT
SGWTFGAGAALQIPFAMQMAYRFNGIGVTQNVLYENQKLIANQFNSAIGKIQDSLSSTASALGKLQDVVNHNAQALNTLV
KQLSSKFGAISSVLNDIFSRLDKVEAEVQIDRLITGRLQSLQTYVTQQLIRAAEIRASANLAATKMSECVLGQSKRVDFC
GKGYHLMSFPQSAPHGVVFLHVTYVPAQEKNFTTAPAICHDGKAHFPREGVFVSNGTHWFVTQRNFYEPQIITTDNTFVS
GNCDVVIGIVNNTVYDPLQPELDS
;
_entity_poly.pdbx_strand_id   A,B,C
#
# COMPACT_ATOMS: atom_id res chain seq x y z
N ALA A 27 25.59 -54.54 -1.20
CA ALA A 27 26.45 -53.69 -2.03
C ALA A 27 25.79 -52.34 -2.27
N TYR A 28 26.57 -51.27 -2.08
CA TYR A 28 26.07 -49.92 -2.25
C TYR A 28 27.13 -49.08 -2.96
N THR A 29 26.68 -48.04 -3.65
CA THR A 29 27.59 -47.07 -4.24
C THR A 29 26.91 -45.70 -4.27
N ASN A 30 27.64 -44.70 -4.75
CA ASN A 30 27.23 -43.31 -4.66
C ASN A 30 26.54 -42.88 -5.95
N SER A 31 25.41 -42.18 -5.82
CA SER A 31 24.66 -41.74 -6.98
C SER A 31 25.30 -40.53 -7.67
N PHE A 32 26.02 -39.71 -6.91
CA PHE A 32 26.63 -38.43 -7.32
C PHE A 32 25.51 -37.53 -7.85
N THR A 33 25.65 -36.92 -9.03
CA THR A 33 24.65 -36.02 -9.57
C THR A 33 23.90 -36.65 -10.76
N ARG A 34 23.61 -37.94 -10.66
CA ARG A 34 22.89 -38.66 -11.70
C ARG A 34 21.41 -38.76 -11.32
N GLY A 35 20.55 -38.57 -12.32
CA GLY A 35 19.12 -38.76 -12.11
C GLY A 35 18.26 -37.55 -12.36
N VAL A 36 18.77 -36.58 -13.12
CA VAL A 36 18.03 -35.37 -13.42
C VAL A 36 17.32 -35.54 -14.76
N TYR A 37 16.03 -35.23 -14.79
CA TYR A 37 15.23 -35.34 -16.00
C TYR A 37 14.51 -34.03 -16.27
N TYR A 38 13.98 -33.91 -17.47
CA TYR A 38 13.16 -32.74 -17.82
C TYR A 38 11.81 -32.85 -17.12
N PRO A 39 11.43 -31.88 -16.30
CA PRO A 39 10.20 -32.02 -15.52
C PRO A 39 8.92 -31.81 -16.32
N ASP A 40 9.02 -31.10 -17.44
CA ASP A 40 7.85 -30.86 -18.28
C ASP A 40 8.29 -30.64 -19.71
N LYS A 41 7.33 -30.73 -20.63
CA LYS A 41 7.59 -30.63 -22.07
C LYS A 41 7.43 -29.18 -22.55
N VAL A 42 8.19 -28.30 -21.91
CA VAL A 42 8.14 -26.87 -22.18
C VAL A 42 9.56 -26.39 -22.46
N PHE A 43 9.75 -25.71 -23.59
CA PHE A 43 11.05 -25.19 -23.95
C PHE A 43 11.38 -23.95 -23.11
N ARG A 44 12.52 -23.99 -22.44
CA ARG A 44 13.04 -22.85 -21.71
C ARG A 44 14.53 -22.71 -22.03
N SER A 45 14.98 -21.46 -22.22
CA SER A 45 16.35 -21.23 -22.63
C SER A 45 16.94 -20.09 -21.80
N SER A 46 18.17 -20.32 -21.30
CA SER A 46 18.96 -19.35 -20.53
C SER A 46 18.21 -18.86 -19.29
N VAL A 47 17.88 -19.82 -18.41
CA VAL A 47 17.08 -19.51 -17.24
C VAL A 47 17.40 -20.50 -16.14
N LEU A 48 17.28 -20.03 -14.88
CA LEU A 48 17.38 -20.89 -13.71
C LEU A 48 15.98 -21.12 -13.19
N HIS A 49 15.48 -22.35 -13.32
CA HIS A 49 14.10 -22.68 -12.99
C HIS A 49 14.07 -23.57 -11.76
N SER A 50 13.27 -23.18 -10.78
CA SER A 50 13.12 -23.94 -9.54
C SER A 50 11.84 -24.77 -9.63
N THR A 51 11.98 -26.08 -9.51
CA THR A 51 10.85 -27.00 -9.63
C THR A 51 10.83 -27.96 -8.45
N GLN A 52 9.62 -28.36 -8.07
CA GLN A 52 9.40 -29.28 -6.95
C GLN A 52 8.78 -30.55 -7.50
N ASP A 53 9.55 -31.65 -7.47
CA ASP A 53 9.10 -32.88 -8.11
C ASP A 53 9.85 -34.05 -7.49
N LEU A 54 9.50 -35.26 -7.94
CA LEU A 54 10.17 -36.47 -7.48
C LEU A 54 11.51 -36.58 -8.19
N PHE A 55 12.60 -36.40 -7.44
CA PHE A 55 13.95 -36.48 -7.97
C PHE A 55 14.78 -37.40 -7.10
N LEU A 56 15.84 -37.95 -7.70
CA LEU A 56 16.82 -38.69 -6.93
C LEU A 56 17.72 -37.69 -6.19
N PRO A 57 17.83 -37.79 -4.87
CA PRO A 57 18.69 -36.85 -4.13
C PRO A 57 20.16 -37.03 -4.46
N PHE A 58 20.90 -35.93 -4.39
CA PHE A 58 22.31 -35.94 -4.75
C PHE A 58 23.13 -36.65 -3.69
N PHE A 59 24.16 -37.38 -4.15
CA PHE A 59 25.15 -38.07 -3.33
C PHE A 59 24.50 -39.05 -2.35
N SER A 60 23.51 -39.78 -2.82
CA SER A 60 22.80 -40.76 -2.01
C SER A 60 23.26 -42.17 -2.36
N ASN A 61 22.94 -43.11 -1.47
CA ASN A 61 23.18 -44.52 -1.74
C ASN A 61 22.28 -45.03 -2.84
N VAL A 62 22.87 -45.77 -3.78
CA VAL A 62 22.12 -46.59 -4.73
C VAL A 62 22.65 -48.01 -4.62
N THR A 63 21.73 -48.98 -4.65
CA THR A 63 22.09 -50.37 -4.48
C THR A 63 22.61 -50.92 -5.80
N TRP A 64 23.78 -51.56 -5.74
CA TRP A 64 24.46 -52.07 -6.92
C TRP A 64 24.33 -53.59 -6.97
N PHE A 65 23.99 -54.12 -8.15
CA PHE A 65 23.98 -55.55 -8.39
C PHE A 65 24.82 -55.85 -9.63
N HIS A 66 25.56 -56.96 -9.57
CA HIS A 66 26.36 -57.43 -10.68
C HIS A 66 25.80 -58.77 -11.15
N VAL A 67 25.82 -58.99 -12.47
CA VAL A 67 25.24 -60.18 -13.06
C VAL A 67 26.20 -61.36 -12.84
N ILE A 68 25.80 -62.29 -11.98
CA ILE A 68 26.56 -63.51 -11.74
C ILE A 68 25.64 -64.72 -11.88
N ASP A 78 21.22 -62.67 -10.95
CA ASP A 78 21.15 -61.82 -9.77
C ASP A 78 20.05 -60.77 -9.92
N ASN A 79 18.80 -61.21 -9.80
CA ASN A 79 17.62 -60.35 -9.97
C ASN A 79 16.62 -60.49 -8.82
N PRO A 80 16.96 -59.98 -7.64
CA PRO A 80 16.06 -60.11 -6.49
C PRO A 80 14.87 -59.16 -6.60
N VAL A 81 13.84 -59.47 -5.84
CA VAL A 81 12.63 -58.65 -5.82
C VAL A 81 12.90 -57.41 -4.98
N LEU A 82 12.71 -56.24 -5.58
CA LEU A 82 13.02 -54.96 -4.95
C LEU A 82 11.77 -54.11 -4.84
N PRO A 83 11.65 -53.30 -3.78
CA PRO A 83 10.49 -52.40 -3.66
C PRO A 83 10.52 -51.29 -4.70
N PHE A 84 9.34 -50.72 -4.95
CA PHE A 84 9.20 -49.65 -5.92
C PHE A 84 9.19 -48.27 -5.27
N ASN A 85 8.51 -48.14 -4.12
CA ASN A 85 8.32 -46.89 -3.37
C ASN A 85 7.70 -45.79 -4.23
N ASP A 86 8.18 -44.56 -4.07
CA ASP A 86 7.62 -43.45 -4.85
C ASP A 86 8.10 -43.48 -6.30
N GLY A 87 9.30 -43.99 -6.54
CA GLY A 87 9.83 -44.05 -7.89
C GLY A 87 11.18 -44.73 -7.86
N VAL A 88 11.60 -45.17 -9.04
CA VAL A 88 12.84 -45.94 -9.17
C VAL A 88 13.69 -45.31 -10.26
N TYR A 89 14.91 -44.93 -9.91
CA TYR A 89 15.96 -44.63 -10.88
C TYR A 89 16.74 -45.91 -11.14
N PHE A 90 16.66 -46.41 -12.36
CA PHE A 90 17.37 -47.61 -12.77
C PHE A 90 18.54 -47.21 -13.66
N ALA A 91 19.69 -47.82 -13.44
CA ALA A 91 20.85 -47.60 -14.29
C ALA A 91 21.45 -48.93 -14.67
N SER A 92 22.01 -49.01 -15.87
CA SER A 92 22.59 -50.25 -16.34
C SER A 92 23.84 -49.96 -17.16
N ILE A 93 24.93 -50.65 -16.85
CA ILE A 93 26.17 -50.55 -17.60
C ILE A 93 26.45 -51.93 -18.20
N GLU A 94 26.48 -51.99 -19.53
CA GLU A 94 26.71 -53.23 -20.27
C GLU A 94 27.05 -52.88 -21.71
N LYS A 95 27.30 -53.90 -22.51
CA LYS A 95 27.52 -53.71 -23.95
C LYS A 95 26.86 -54.79 -24.81
N SER A 96 26.10 -55.71 -24.23
CA SER A 96 25.50 -56.80 -25.00
C SER A 96 24.03 -56.99 -24.69
N ASN A 97 23.39 -55.98 -24.07
CA ASN A 97 21.96 -55.96 -23.75
C ASN A 97 21.54 -57.15 -22.88
N ILE A 98 22.24 -57.32 -21.75
CA ILE A 98 21.89 -58.37 -20.80
C ILE A 98 20.57 -58.06 -20.12
N ILE A 99 20.41 -56.83 -19.66
CA ILE A 99 19.12 -56.39 -19.09
C ILE A 99 18.14 -56.20 -20.23
N ARG A 100 17.00 -56.88 -20.15
CA ARG A 100 16.04 -56.89 -21.24
C ARG A 100 14.66 -56.37 -20.89
N GLY A 101 14.29 -56.35 -19.62
CA GLY A 101 12.94 -55.92 -19.29
C GLY A 101 12.73 -55.84 -17.80
N TRP A 102 11.50 -55.45 -17.46
CA TRP A 102 11.11 -55.23 -16.08
C TRP A 102 9.72 -55.81 -15.85
N ILE A 103 9.42 -56.13 -14.60
CA ILE A 103 8.11 -56.59 -14.19
C ILE A 103 7.71 -55.85 -12.92
N PHE A 104 6.45 -55.41 -12.87
CA PHE A 104 5.94 -54.58 -11.79
C PHE A 104 4.67 -55.20 -11.23
N GLY A 105 4.39 -54.90 -9.97
CA GLY A 105 3.16 -55.36 -9.34
C GLY A 105 3.30 -55.33 -7.83
N THR A 106 2.32 -55.93 -7.17
CA THR A 106 2.32 -56.08 -5.72
C THR A 106 2.66 -57.49 -5.27
N THR A 107 2.07 -58.51 -5.89
CA THR A 107 2.32 -59.89 -5.53
C THR A 107 3.01 -60.69 -6.63
N LEU A 108 2.75 -60.36 -7.89
CA LEU A 108 3.49 -60.87 -9.07
C LEU A 108 3.40 -62.39 -9.21
N ASP A 109 2.24 -62.96 -8.89
CA ASP A 109 2.06 -64.41 -8.95
C ASP A 109 0.72 -64.76 -9.58
N SER A 110 0.37 -64.07 -10.68
CA SER A 110 -0.85 -64.26 -11.48
C SER A 110 -2.13 -64.01 -10.70
N LYS A 111 -2.07 -63.29 -9.58
CA LYS A 111 -3.28 -63.00 -8.80
C LYS A 111 -3.92 -61.70 -9.25
N THR A 112 -3.11 -60.69 -9.56
CA THR A 112 -3.61 -59.39 -10.00
C THR A 112 -2.82 -58.97 -11.23
N GLN A 113 -3.08 -57.75 -11.69
CA GLN A 113 -2.43 -57.24 -12.90
C GLN A 113 -0.96 -56.94 -12.63
N SER A 114 -0.11 -57.40 -13.54
CA SER A 114 1.34 -57.27 -13.39
C SER A 114 1.92 -56.69 -14.68
N LEU A 115 2.68 -55.61 -14.54
CA LEU A 115 3.28 -54.96 -15.69
C LEU A 115 4.50 -55.72 -16.17
N LEU A 116 4.67 -55.78 -17.49
CA LEU A 116 5.75 -56.55 -18.09
C LEU A 116 6.26 -55.81 -19.30
N ILE A 117 7.52 -55.37 -19.26
CA ILE A 117 8.16 -54.67 -20.35
C ILE A 117 9.33 -55.53 -20.83
N VAL A 118 9.29 -55.92 -22.10
CA VAL A 118 10.28 -56.80 -22.71
C VAL A 118 10.87 -56.08 -23.92
N ASN A 119 12.20 -56.20 -24.09
CA ASN A 119 12.91 -55.62 -25.23
C ASN A 119 13.26 -56.77 -26.18
N ASN A 120 12.41 -56.99 -27.19
CA ASN A 120 12.66 -57.99 -28.22
C ASN A 120 13.35 -57.26 -29.37
N ALA A 121 14.69 -57.26 -29.32
CA ALA A 121 15.59 -56.51 -30.21
C ALA A 121 15.24 -55.03 -30.22
N THR A 122 14.86 -54.50 -31.38
CA THR A 122 14.43 -53.10 -31.43
C THR A 122 13.02 -52.92 -30.88
N ASN A 123 12.20 -53.96 -30.94
CA ASN A 123 10.82 -53.89 -30.51
C ASN A 123 10.71 -53.83 -28.98
N VAL A 124 9.71 -53.10 -28.50
CA VAL A 124 9.41 -52.99 -27.09
C VAL A 124 7.97 -53.46 -26.89
N VAL A 125 7.77 -54.43 -26.01
CA VAL A 125 6.45 -55.01 -25.75
C VAL A 125 6.09 -54.74 -24.30
N ILE A 126 4.97 -54.03 -24.10
CA ILE A 126 4.49 -53.69 -22.76
C ILE A 126 3.12 -54.32 -22.58
N LYS A 127 2.96 -55.10 -21.51
CA LYS A 127 1.71 -55.77 -21.19
C LYS A 127 1.36 -55.56 -19.73
N VAL A 128 0.08 -55.71 -19.41
CA VAL A 128 -0.38 -55.74 -18.04
C VAL A 128 -0.93 -57.12 -17.66
N CYS A 129 -0.67 -58.12 -18.50
CA CYS A 129 -1.34 -59.41 -18.40
C CYS A 129 -0.89 -60.18 -17.16
N GLU A 130 -1.83 -60.94 -16.58
CA GLU A 130 -1.57 -61.75 -15.41
C GLU A 130 -0.84 -63.06 -15.74
N PHE A 131 -0.65 -63.35 -17.03
CA PHE A 131 0.01 -64.59 -17.44
C PHE A 131 1.47 -64.58 -17.01
N GLN A 132 1.85 -65.59 -16.23
CA GLN A 132 3.15 -65.58 -15.56
C GLN A 132 4.28 -65.85 -16.56
N PHE A 133 5.41 -65.20 -16.33
CA PHE A 133 6.64 -65.46 -17.06
C PHE A 133 7.31 -66.69 -16.45
N CYS A 134 8.55 -66.96 -16.84
CA CYS A 134 9.33 -68.00 -16.17
C CYS A 134 9.64 -67.57 -14.75
N ASN A 135 9.47 -68.50 -13.81
CA ASN A 135 9.68 -68.18 -12.39
C ASN A 135 11.14 -67.87 -12.09
N ASP A 136 12.06 -68.49 -12.83
CA ASP A 136 13.40 -67.96 -12.99
C ASP A 136 13.41 -67.19 -14.31
N PRO A 137 13.25 -65.87 -14.29
CA PRO A 137 13.00 -65.13 -15.55
C PRO A 137 14.27 -64.93 -16.36
N PHE A 138 14.28 -65.51 -17.56
CA PHE A 138 15.32 -65.23 -18.54
C PHE A 138 14.68 -65.10 -19.92
N LEU A 139 15.43 -64.51 -20.84
CA LEU A 139 14.94 -64.36 -22.21
C LEU A 139 14.92 -65.70 -22.92
N ASP A 140 13.90 -65.90 -23.75
CA ASP A 140 13.73 -67.15 -24.48
C ASP A 140 14.75 -67.29 -25.60
N ASN A 160 -7.84 -60.49 -18.94
CA ASN A 160 -6.58 -60.55 -18.21
C ASN A 160 -5.59 -59.54 -18.79
N CYS A 161 -5.69 -59.30 -20.09
CA CYS A 161 -4.87 -58.31 -20.78
C CYS A 161 -5.75 -57.09 -21.05
N THR A 162 -5.83 -56.20 -20.06
CA THR A 162 -6.60 -54.97 -20.22
C THR A 162 -5.85 -53.90 -21.00
N PHE A 163 -4.56 -54.09 -21.26
CA PHE A 163 -3.76 -53.14 -22.02
C PHE A 163 -2.60 -53.89 -22.64
N GLU A 164 -2.22 -53.47 -23.85
CA GLU A 164 -1.07 -54.04 -24.54
C GLU A 164 -0.54 -53.00 -25.51
N TYR A 165 0.79 -52.91 -25.62
CA TYR A 165 1.41 -51.93 -26.49
C TYR A 165 2.68 -52.52 -27.09
N VAL A 166 2.87 -52.27 -28.39
CA VAL A 166 4.05 -52.71 -29.11
C VAL A 166 4.64 -51.51 -29.83
N SER A 167 5.93 -51.24 -29.59
CA SER A 167 6.63 -50.17 -30.28
C SER A 167 7.00 -50.58 -31.70
N PHE A 181 30.30 -53.17 -21.16
CA PHE A 181 30.48 -52.13 -20.16
C PHE A 181 30.84 -50.80 -20.82
N LYS A 182 30.54 -50.69 -22.11
CA LYS A 182 30.77 -49.47 -22.86
C LYS A 182 29.52 -48.61 -22.97
N ASN A 183 28.35 -49.18 -22.72
CA ASN A 183 27.08 -48.50 -22.86
C ASN A 183 26.40 -48.33 -21.50
N LEU A 184 25.85 -47.15 -21.27
CA LEU A 184 25.14 -46.84 -20.02
C LEU A 184 23.74 -46.37 -20.37
N ARG A 185 22.75 -46.98 -19.73
CA ARG A 185 21.34 -46.66 -19.95
C ARG A 185 20.72 -46.29 -18.61
N GLU A 186 20.12 -45.10 -18.56
CA GLU A 186 19.48 -44.60 -17.35
C GLU A 186 17.99 -44.44 -17.60
N PHE A 187 17.19 -44.85 -16.63
CA PHE A 187 15.74 -44.81 -16.72
C PHE A 187 15.17 -44.33 -15.40
N VAL A 188 13.99 -43.73 -15.46
CA VAL A 188 13.24 -43.32 -14.28
C VAL A 188 11.81 -43.79 -14.46
N PHE A 189 11.30 -44.55 -13.50
CA PHE A 189 9.93 -45.04 -13.51
C PHE A 189 9.20 -44.47 -12.30
N LYS A 190 8.03 -43.88 -12.53
CA LYS A 190 7.27 -43.40 -11.38
C LYS A 190 5.77 -43.50 -11.63
N ASN A 191 5.01 -43.49 -10.53
CA ASN A 191 3.55 -43.50 -10.55
C ASN A 191 3.04 -42.18 -9.99
N ILE A 192 2.24 -41.46 -10.77
CA ILE A 192 1.56 -40.27 -10.31
C ILE A 192 0.08 -40.40 -10.70
N ASP A 193 -0.79 -40.52 -9.69
CA ASP A 193 -2.25 -40.59 -9.83
C ASP A 193 -2.69 -41.71 -10.76
N GLY A 194 -2.05 -42.86 -10.64
CA GLY A 194 -2.35 -43.98 -11.51
C GLY A 194 -1.69 -43.92 -12.86
N TYR A 195 -0.78 -42.98 -13.09
CA TYR A 195 -0.08 -42.85 -14.35
C TYR A 195 1.35 -43.36 -14.21
N PHE A 196 1.75 -44.22 -15.12
CA PHE A 196 3.11 -44.76 -15.17
C PHE A 196 3.94 -43.92 -16.13
N LYS A 197 5.01 -43.32 -15.62
CA LYS A 197 5.84 -42.41 -16.39
C LYS A 197 7.25 -42.96 -16.48
N ILE A 198 7.79 -42.98 -17.72
CA ILE A 198 9.10 -43.52 -18.02
C ILE A 198 9.96 -42.42 -18.64
N TYR A 199 11.15 -42.23 -18.11
CA TYR A 199 12.15 -41.30 -18.63
C TYR A 199 13.41 -42.08 -18.95
N SER A 200 14.12 -41.68 -20.00
CA SER A 200 15.24 -42.49 -20.47
C SER A 200 16.38 -41.62 -20.98
N LYS A 201 17.58 -42.21 -20.99
CA LYS A 201 18.77 -41.61 -21.57
C LYS A 201 19.79 -42.71 -21.85
N HIS A 202 20.44 -42.64 -23.01
CA HIS A 202 21.46 -43.59 -23.40
C HIS A 202 22.76 -42.84 -23.68
N THR A 203 23.89 -43.41 -23.25
CA THR A 203 25.17 -42.78 -23.54
C THR A 203 26.33 -43.78 -23.61
N PRO A 204 27.27 -43.58 -24.53
CA PRO A 204 28.52 -44.34 -24.47
C PRO A 204 29.37 -43.88 -23.30
N ILE A 205 30.21 -44.79 -22.79
CA ILE A 205 31.02 -44.51 -21.62
C ILE A 205 32.32 -45.30 -21.71
N ILE A 206 33.36 -44.75 -21.09
CA ILE A 206 34.61 -45.49 -20.89
C ILE A 206 34.34 -46.64 -19.93
N VAL A 207 35.07 -47.74 -20.09
CA VAL A 207 34.79 -48.97 -19.34
C VAL A 207 35.08 -48.77 -17.85
N ARG A 208 36.17 -48.06 -17.49
CA ARG A 208 36.56 -47.68 -16.13
C ARG A 208 36.56 -48.85 -15.15
N GLU A 209 36.09 -48.60 -13.93
CA GLU A 209 35.69 -49.67 -13.04
C GLU A 209 34.19 -49.88 -13.19
N PRO A 210 33.72 -51.10 -13.50
CA PRO A 210 32.28 -51.31 -13.76
C PRO A 210 31.39 -51.13 -12.54
N GLU A 211 31.95 -51.18 -11.32
CA GLU A 211 31.12 -50.96 -10.14
C GLU A 211 30.79 -49.48 -9.97
N ASP A 212 31.73 -48.59 -10.25
CA ASP A 212 31.57 -47.18 -9.95
C ASP A 212 30.76 -46.47 -11.02
N LEU A 213 29.78 -45.68 -10.59
CA LEU A 213 29.02 -44.86 -11.51
C LEU A 213 29.88 -43.68 -12.00
N PRO A 214 29.72 -43.27 -13.25
CA PRO A 214 30.51 -42.13 -13.74
C PRO A 214 30.01 -40.82 -13.16
N GLN A 215 30.96 -39.92 -12.87
CA GLN A 215 30.63 -38.60 -12.34
C GLN A 215 30.47 -37.62 -13.50
N GLY A 216 29.34 -36.91 -13.49
CA GLY A 216 29.06 -35.98 -14.56
C GLY A 216 27.61 -35.55 -14.50
N PHE A 217 27.15 -34.93 -15.60
CA PHE A 217 25.77 -34.49 -15.68
C PHE A 217 25.18 -34.86 -17.03
N SER A 218 23.98 -35.44 -17.01
CA SER A 218 23.26 -35.78 -18.23
C SER A 218 21.77 -35.81 -17.88
N ALA A 219 20.96 -35.21 -18.75
CA ALA A 219 19.53 -35.07 -18.50
C ALA A 219 18.75 -36.18 -19.17
N LEU A 220 17.67 -36.61 -18.52
CA LEU A 220 16.84 -37.70 -19.00
C LEU A 220 15.57 -37.16 -19.65
N GLU A 221 15.09 -37.86 -20.68
CA GLU A 221 13.98 -37.39 -21.49
C GLU A 221 12.82 -38.37 -21.45
N PRO A 222 11.58 -37.90 -21.41
CA PRO A 222 10.43 -38.81 -21.26
C PRO A 222 10.14 -39.60 -22.53
N LEU A 223 9.62 -40.81 -22.34
CA LEU A 223 9.17 -41.64 -23.45
C LEU A 223 7.69 -42.01 -23.33
N VAL A 224 7.27 -42.61 -22.22
CA VAL A 224 6.02 -43.36 -22.15
C VAL A 224 5.22 -42.91 -20.94
N ASP A 225 3.93 -42.59 -21.16
CA ASP A 225 2.95 -42.39 -20.10
C ASP A 225 1.82 -43.39 -20.28
N LEU A 226 1.43 -44.03 -19.18
CA LEU A 226 0.41 -45.07 -19.20
C LEU A 226 -0.70 -44.80 -18.19
N PRO A 227 -1.96 -45.06 -18.57
CA PRO A 227 -3.10 -44.80 -17.67
C PRO A 227 -3.46 -45.95 -16.75
N ILE A 228 -2.49 -46.84 -16.47
CA ILE A 228 -2.74 -48.19 -15.96
C ILE A 228 -3.50 -48.20 -14.63
N GLY A 229 -3.24 -47.23 -13.75
CA GLY A 229 -3.99 -47.11 -12.52
C GLY A 229 -3.81 -48.21 -11.50
N ILE A 230 -2.78 -49.05 -11.63
CA ILE A 230 -2.64 -50.22 -10.78
C ILE A 230 -1.74 -49.88 -9.60
N ASN A 231 -2.03 -50.49 -8.46
CA ASN A 231 -1.18 -50.36 -7.28
C ASN A 231 0.13 -51.11 -7.52
N ILE A 232 1.25 -50.42 -7.34
CA ILE A 232 2.58 -50.99 -7.56
C ILE A 232 3.41 -50.74 -6.30
N THR A 233 3.97 -51.82 -5.74
CA THR A 233 4.88 -51.71 -4.60
C THR A 233 6.20 -52.44 -4.78
N ARG A 234 6.29 -53.42 -5.67
CA ARG A 234 7.50 -54.18 -5.89
C ARG A 234 7.83 -54.23 -7.36
N PHE A 235 9.09 -54.49 -7.67
CA PHE A 235 9.52 -54.63 -9.05
C PHE A 235 10.74 -55.54 -9.13
N GLN A 236 11.05 -55.98 -10.34
CA GLN A 236 12.14 -56.91 -10.59
C GLN A 236 12.59 -56.75 -12.03
N THR A 237 13.89 -56.93 -12.26
CA THR A 237 14.44 -56.83 -13.60
C THR A 237 14.48 -58.19 -14.28
N LEU A 238 14.60 -58.17 -15.61
CA LEU A 238 14.67 -59.37 -16.42
C LEU A 238 15.98 -59.40 -17.20
N LEU A 239 16.58 -60.58 -17.29
CA LEU A 239 17.90 -60.74 -17.86
C LEU A 239 17.84 -61.68 -19.06
N ALA A 240 18.91 -61.67 -19.85
CA ALA A 240 19.06 -62.54 -21.02
C ALA A 240 20.07 -63.63 -20.71
N LEU A 241 19.68 -64.87 -20.97
CA LEU A 241 20.53 -66.02 -20.67
C LEU A 241 20.53 -66.98 -21.85
N HIS A 242 21.71 -67.52 -22.16
CA HIS A 242 21.85 -68.50 -23.24
C HIS A 242 22.90 -69.54 -22.90
N ALA A 260 27.70 -57.40 -16.93
CA ALA A 260 26.71 -56.32 -16.82
C ALA A 260 26.46 -55.95 -15.38
N ALA A 261 26.20 -54.67 -15.12
CA ALA A 261 25.89 -54.20 -13.78
C ALA A 261 24.68 -53.30 -13.82
N TYR A 262 23.90 -53.30 -12.73
CA TYR A 262 22.77 -52.38 -12.67
C TYR A 262 22.62 -51.81 -11.26
N TYR A 263 21.96 -50.67 -11.19
CA TYR A 263 21.90 -49.84 -10.01
C TYR A 263 20.47 -49.36 -9.79
N VAL A 264 20.02 -49.39 -8.54
CA VAL A 264 18.66 -49.01 -8.18
C VAL A 264 18.72 -47.91 -7.12
N GLY A 265 18.06 -46.78 -7.40
CA GLY A 265 17.88 -45.74 -6.42
C GLY A 265 16.42 -45.35 -6.33
N TYR A 266 16.07 -44.71 -5.22
CA TYR A 266 14.69 -44.35 -4.93
C TYR A 266 14.52 -42.84 -4.92
N LEU A 267 13.48 -42.36 -5.59
CA LEU A 267 13.22 -40.93 -5.69
C LEU A 267 12.53 -40.40 -4.44
N GLN A 268 12.71 -39.12 -4.19
CA GLN A 268 12.12 -38.39 -3.09
C GLN A 268 11.55 -37.07 -3.58
N PRO A 269 10.54 -36.52 -2.90
CA PRO A 269 10.06 -35.17 -3.28
C PRO A 269 11.06 -34.08 -2.92
N ARG A 270 11.72 -33.52 -3.94
CA ARG A 270 12.79 -32.55 -3.74
C ARG A 270 12.56 -31.34 -4.63
N THR A 271 13.17 -30.24 -4.23
CA THR A 271 13.19 -29.01 -5.00
C THR A 271 14.55 -28.86 -5.66
N PHE A 272 14.54 -28.69 -6.98
CA PHE A 272 15.75 -28.60 -7.78
C PHE A 272 15.79 -27.28 -8.52
N LEU A 273 16.96 -26.67 -8.56
CA LEU A 273 17.22 -25.49 -9.38
C LEU A 273 17.95 -25.95 -10.63
N LEU A 274 17.25 -25.98 -11.76
CA LEU A 274 17.80 -26.45 -13.02
C LEU A 274 18.27 -25.27 -13.86
N LYS A 275 19.33 -25.49 -14.64
CA LYS A 275 19.93 -24.43 -15.45
C LYS A 275 19.74 -24.79 -16.93
N TYR A 276 18.92 -23.99 -17.62
CA TYR A 276 18.73 -24.12 -19.06
C TYR A 276 19.68 -23.14 -19.76
N ASN A 277 20.50 -23.65 -20.67
CA ASN A 277 21.46 -22.83 -21.39
C ASN A 277 20.78 -22.19 -22.61
N GLU A 278 21.58 -21.64 -23.52
CA GLU A 278 21.04 -20.96 -24.69
C GLU A 278 20.41 -21.92 -25.70
N ASN A 279 20.73 -23.21 -25.64
CA ASN A 279 20.13 -24.20 -26.51
C ASN A 279 18.97 -24.95 -25.86
N GLY A 280 18.59 -24.60 -24.64
CA GLY A 280 17.46 -25.24 -23.99
C GLY A 280 17.75 -26.58 -23.37
N THR A 281 19.02 -26.92 -23.14
CA THR A 281 19.41 -28.21 -22.58
C THR A 281 19.83 -28.01 -21.13
N ILE A 282 19.30 -28.86 -20.23
CA ILE A 282 19.68 -28.80 -18.83
C ILE A 282 21.13 -29.27 -18.69
N THR A 283 22.00 -28.36 -18.24
CA THR A 283 23.41 -28.66 -18.08
C THR A 283 23.87 -28.73 -16.64
N ASP A 284 23.12 -28.16 -15.71
CA ASP A 284 23.53 -28.16 -14.31
C ASP A 284 22.30 -28.03 -13.43
N ALA A 285 22.43 -28.48 -12.19
CA ALA A 285 21.32 -28.43 -11.25
C ALA A 285 21.85 -28.32 -9.82
N VAL A 286 21.00 -27.81 -8.95
CA VAL A 286 21.32 -27.67 -7.53
C VAL A 286 20.17 -28.29 -6.74
N ASP A 287 20.50 -29.24 -5.87
CA ASP A 287 19.53 -29.89 -4.99
C ASP A 287 19.43 -29.06 -3.71
N CYS A 288 18.27 -28.45 -3.48
CA CYS A 288 18.11 -27.48 -2.40
C CYS A 288 18.12 -28.10 -1.01
N ALA A 289 18.03 -29.43 -0.89
CA ALA A 289 17.94 -30.07 0.42
C ALA A 289 19.23 -30.76 0.83
N LEU A 290 20.34 -30.52 0.13
CA LEU A 290 21.57 -31.27 0.39
C LEU A 290 22.36 -30.67 1.55
N ASP A 291 22.84 -29.44 1.39
CA ASP A 291 23.72 -28.78 2.34
C ASP A 291 23.34 -27.30 2.37
N PRO A 292 23.71 -26.56 3.43
CA PRO A 292 23.31 -25.14 3.51
C PRO A 292 23.83 -24.25 2.38
N LEU A 293 24.94 -24.62 1.74
CA LEU A 293 25.40 -23.87 0.58
C LEU A 293 24.42 -23.97 -0.57
N SER A 294 23.84 -25.16 -0.77
CA SER A 294 22.84 -25.32 -1.83
C SER A 294 21.54 -24.63 -1.48
N GLU A 295 21.18 -24.57 -0.20
CA GLU A 295 20.01 -23.82 0.21
C GLU A 295 20.20 -22.33 -0.01
N THR A 296 21.42 -21.82 0.25
CA THR A 296 21.75 -20.43 -0.05
C THR A 296 21.70 -20.16 -1.55
N LYS A 297 22.19 -21.12 -2.35
CA LYS A 297 22.12 -21.00 -3.81
C LYS A 297 20.68 -20.98 -4.30
N CYS A 298 19.82 -21.79 -3.69
CA CYS A 298 18.42 -21.84 -4.11
C CYS A 298 17.67 -20.57 -3.71
N THR A 299 17.96 -20.03 -2.52
CA THR A 299 17.30 -18.80 -2.10
C THR A 299 17.81 -17.59 -2.88
N LEU A 300 19.08 -17.59 -3.27
CA LEU A 300 19.61 -16.50 -4.07
C LEU A 300 19.26 -16.60 -5.55
N LYS A 301 18.72 -17.75 -5.99
CA LYS A 301 18.45 -18.07 -7.40
C LYS A 301 19.68 -17.89 -8.27
N SER A 302 20.81 -18.39 -7.77
CA SER A 302 22.08 -18.24 -8.47
C SER A 302 22.97 -19.43 -8.14
N PHE A 303 23.98 -19.64 -8.99
CA PHE A 303 24.93 -20.72 -8.80
C PHE A 303 26.24 -20.25 -8.15
N THR A 304 26.41 -18.95 -7.97
CA THR A 304 27.61 -18.38 -7.36
C THR A 304 27.18 -17.51 -6.18
N VAL A 305 27.76 -17.79 -5.01
CA VAL A 305 27.38 -17.12 -3.77
C VAL A 305 28.54 -16.23 -3.34
N GLU A 306 28.27 -14.95 -3.15
CA GLU A 306 29.27 -14.00 -2.70
C GLU A 306 29.50 -14.10 -1.20
N LYS A 307 30.49 -13.36 -0.71
CA LYS A 307 30.80 -13.35 0.71
C LYS A 307 29.73 -12.61 1.50
N GLY A 308 29.38 -13.15 2.65
CA GLY A 308 28.46 -12.47 3.55
C GLY A 308 27.60 -13.46 4.30
N ILE A 309 26.65 -12.89 5.05
CA ILE A 309 25.64 -13.66 5.77
C ILE A 309 24.33 -13.62 4.97
N TYR A 310 23.71 -14.78 4.81
CA TYR A 310 22.46 -14.90 4.09
C TYR A 310 21.44 -15.60 4.96
N GLN A 311 20.28 -14.96 5.14
CA GLN A 311 19.17 -15.58 5.86
C GLN A 311 18.40 -16.44 4.89
N THR A 312 18.53 -17.76 5.03
CA THR A 312 17.97 -18.69 4.04
C THR A 312 16.54 -19.10 4.37
N SER A 313 16.32 -19.69 5.55
CA SER A 313 15.01 -20.22 5.87
C SER A 313 14.83 -20.24 7.39
N ASN A 314 13.79 -20.95 7.83
CA ASN A 314 13.46 -21.07 9.24
C ASN A 314 13.30 -22.54 9.58
N PHE A 315 13.77 -22.94 10.75
CA PHE A 315 13.61 -24.29 11.24
C PHE A 315 12.47 -24.33 12.24
N ARG A 316 11.63 -25.36 12.12
CA ARG A 316 10.50 -25.61 13.01
C ARG A 316 10.52 -27.07 13.40
N VAL A 317 10.36 -27.36 14.69
CA VAL A 317 10.37 -28.74 15.17
C VAL A 317 9.04 -29.39 14.86
N GLN A 318 9.08 -30.48 14.08
CA GLN A 318 7.88 -31.17 13.65
C GLN A 318 7.27 -31.96 14.79
N PRO A 319 5.94 -32.11 14.81
CA PRO A 319 5.30 -32.90 15.87
C PRO A 319 5.60 -34.39 15.76
N THR A 320 5.59 -35.05 16.91
CA THR A 320 5.93 -36.46 17.02
C THR A 320 4.69 -37.36 17.03
N GLU A 321 3.72 -37.06 17.89
CA GLU A 321 2.54 -37.89 18.07
C GLU A 321 1.28 -37.10 17.72
N SER A 322 0.17 -37.83 17.63
CA SER A 322 -1.14 -37.24 17.41
C SER A 322 -2.03 -37.53 18.61
N ILE A 323 -2.72 -36.49 19.09
CA ILE A 323 -3.59 -36.61 20.25
C ILE A 323 -5.01 -36.30 19.81
N VAL A 324 -5.91 -37.24 20.05
CA VAL A 324 -7.34 -37.03 19.87
C VAL A 324 -7.98 -37.16 21.25
N ARG A 325 -8.76 -36.15 21.64
CA ARG A 325 -9.31 -36.08 22.98
C ARG A 325 -10.76 -35.63 22.89
N PHE A 326 -11.67 -36.56 23.17
CA PHE A 326 -13.11 -36.38 23.05
C PHE A 326 -13.75 -36.82 24.36
N PRO A 327 -14.95 -36.31 24.68
CA PRO A 327 -15.67 -36.83 25.84
C PRO A 327 -16.09 -38.28 25.65
N ASN A 328 -16.12 -39.03 26.75
CA ASN A 328 -16.36 -40.47 26.69
C ASN A 328 -17.86 -40.76 26.77
N ILE A 329 -18.55 -40.39 25.69
CA ILE A 329 -19.98 -40.67 25.55
C ILE A 329 -20.12 -41.91 24.67
N THR A 330 -20.97 -42.84 25.09
CA THR A 330 -21.20 -44.06 24.34
C THR A 330 -22.61 -44.21 23.81
N ASN A 331 -23.53 -43.35 24.21
CA ASN A 331 -24.92 -43.46 23.77
C ASN A 331 -25.08 -42.92 22.36
N LEU A 332 -25.81 -43.65 21.52
CA LEU A 332 -26.14 -43.17 20.19
C LEU A 332 -27.31 -42.20 20.27
N CYS A 333 -27.35 -41.26 19.33
CA CYS A 333 -28.40 -40.24 19.37
C CYS A 333 -29.72 -40.82 18.84
N PRO A 334 -30.86 -40.42 19.41
CA PRO A 334 -32.15 -40.96 18.95
C PRO A 334 -32.64 -40.30 17.66
N PHE A 335 -31.96 -40.61 16.56
CA PHE A 335 -32.41 -40.14 15.25
C PHE A 335 -33.56 -40.97 14.70
N ASP A 336 -33.76 -42.17 15.24
CA ASP A 336 -34.92 -42.98 14.84
C ASP A 336 -36.21 -42.39 15.39
N GLU A 337 -36.15 -41.74 16.55
CA GLU A 337 -37.33 -41.10 17.12
C GLU A 337 -37.72 -39.82 16.38
N VAL A 338 -36.84 -39.28 15.56
CA VAL A 338 -37.10 -38.07 14.80
C VAL A 338 -37.45 -38.38 13.35
N PHE A 339 -36.65 -39.22 12.70
CA PHE A 339 -36.82 -39.48 11.27
C PHE A 339 -37.75 -40.65 10.99
N ASN A 340 -37.81 -41.65 11.87
CA ASN A 340 -38.68 -42.80 11.70
C ASN A 340 -39.90 -42.72 12.61
N ALA A 341 -40.40 -41.51 12.85
CA ALA A 341 -41.61 -41.33 13.64
C ALA A 341 -42.83 -41.71 12.81
N THR A 342 -43.90 -42.08 13.52
CA THR A 342 -45.14 -42.48 12.84
C THR A 342 -45.83 -41.27 12.22
N ARG A 343 -45.96 -40.19 12.96
CA ARG A 343 -46.61 -38.97 12.50
C ARG A 343 -45.72 -37.77 12.80
N PHE A 344 -45.84 -36.74 11.96
CA PHE A 344 -45.13 -35.50 12.15
C PHE A 344 -46.11 -34.41 12.57
N ALA A 345 -45.59 -33.40 13.25
CA ALA A 345 -46.42 -32.32 13.76
C ALA A 345 -46.83 -31.38 12.63
N SER A 346 -47.84 -30.55 12.92
CA SER A 346 -48.28 -29.55 11.98
C SER A 346 -47.24 -28.44 11.84
N VAL A 347 -47.30 -27.72 10.72
CA VAL A 347 -46.29 -26.73 10.39
C VAL A 347 -46.41 -25.50 11.29
N TYR A 348 -47.64 -25.06 11.56
CA TYR A 348 -47.84 -23.90 12.44
C TYR A 348 -47.54 -24.21 13.90
N ALA A 349 -47.40 -25.48 14.26
CA ALA A 349 -47.08 -25.93 15.62
C ALA A 349 -45.97 -26.96 15.58
N TRP A 350 -44.87 -26.63 14.91
CA TRP A 350 -43.80 -27.58 14.62
C TRP A 350 -43.10 -28.07 15.88
N ASN A 351 -42.67 -29.33 15.84
CA ASN A 351 -42.11 -30.00 16.99
C ASN A 351 -40.59 -29.88 16.98
N ARG A 352 -40.05 -29.37 18.06
CA ARG A 352 -38.60 -29.21 18.25
C ARG A 352 -38.13 -30.18 19.32
N LYS A 353 -37.17 -31.02 18.96
CA LYS A 353 -36.64 -32.05 19.85
C LYS A 353 -35.20 -31.71 20.19
N ARG A 354 -34.89 -31.72 21.48
CA ARG A 354 -33.54 -31.47 21.97
C ARG A 354 -32.71 -32.75 21.89
N ILE A 355 -31.53 -32.65 21.28
CA ILE A 355 -30.61 -33.76 21.14
C ILE A 355 -29.32 -33.37 21.84
N SER A 356 -28.97 -34.13 22.88
CA SER A 356 -27.79 -33.82 23.69
C SER A 356 -27.34 -35.09 24.40
N ASN A 357 -26.07 -35.07 24.82
CA ASN A 357 -25.41 -36.13 25.59
C ASN A 357 -25.44 -37.48 24.85
N CYS A 358 -25.10 -37.44 23.56
CA CYS A 358 -25.07 -38.64 22.76
C CYS A 358 -24.09 -38.45 21.60
N VAL A 359 -23.74 -39.57 20.96
CA VAL A 359 -22.82 -39.57 19.83
C VAL A 359 -23.66 -39.62 18.55
N ALA A 360 -23.45 -38.65 17.68
CA ALA A 360 -24.25 -38.50 16.46
C ALA A 360 -23.40 -38.89 15.26
N ASP A 361 -23.71 -40.05 14.69
CA ASP A 361 -23.13 -40.49 13.42
C ASP A 361 -24.18 -40.31 12.32
N TYR A 362 -23.89 -39.43 11.38
CA TYR A 362 -24.91 -38.99 10.42
C TYR A 362 -25.08 -39.93 9.25
N SER A 363 -24.13 -40.85 9.03
CA SER A 363 -24.21 -41.80 7.92
C SER A 363 -25.38 -42.76 8.09
N VAL A 364 -25.78 -43.02 9.33
CA VAL A 364 -26.96 -43.82 9.65
C VAL A 364 -28.21 -43.18 9.06
N LEU A 365 -28.24 -41.84 8.97
CA LEU A 365 -29.34 -41.13 8.34
C LEU A 365 -29.52 -41.54 6.88
N TYR A 366 -28.44 -41.89 6.18
CA TYR A 366 -28.55 -42.32 4.79
C TYR A 366 -29.27 -43.65 4.63
N ASN A 367 -29.43 -44.43 5.71
CA ASN A 367 -30.29 -45.60 5.65
C ASN A 367 -31.70 -45.33 6.12
N LEU A 368 -31.94 -44.18 6.77
CA LEU A 368 -33.25 -43.88 7.33
C LEU A 368 -34.26 -43.41 6.29
N ALA A 369 -33.82 -42.69 5.26
CA ALA A 369 -34.77 -42.13 4.32
C ALA A 369 -34.13 -41.97 2.94
N PRO A 370 -34.89 -42.20 1.87
CA PRO A 370 -34.41 -41.89 0.51
C PRO A 370 -34.47 -40.39 0.24
N PHE A 371 -33.39 -39.68 0.56
CA PHE A 371 -33.44 -38.22 0.68
C PHE A 371 -33.69 -37.53 -0.65
N PHE A 372 -34.54 -36.51 -0.61
CA PHE A 372 -34.74 -35.65 -1.78
C PHE A 372 -33.89 -34.38 -1.69
N THR A 373 -33.69 -33.84 -0.49
CA THR A 373 -32.90 -32.63 -0.31
C THR A 373 -32.13 -32.73 1.00
N PHE A 374 -30.82 -32.53 0.95
CA PHE A 374 -29.96 -32.52 2.13
C PHE A 374 -28.96 -31.40 1.92
N LYS A 375 -29.29 -30.20 2.41
CA LYS A 375 -28.43 -29.05 2.16
C LYS A 375 -28.13 -28.32 3.45
N CYS A 376 -26.90 -27.85 3.60
CA CYS A 376 -26.42 -27.34 4.87
C CYS A 376 -25.82 -25.95 4.71
N TYR A 377 -25.92 -25.17 5.78
CA TYR A 377 -25.40 -23.81 5.84
C TYR A 377 -24.34 -23.73 6.94
N GLY A 378 -23.16 -23.23 6.58
CA GLY A 378 -22.07 -23.03 7.50
C GLY A 378 -21.15 -24.21 7.68
N VAL A 379 -21.67 -25.43 7.62
CA VAL A 379 -20.90 -26.65 7.81
C VAL A 379 -21.07 -27.51 6.56
N SER A 380 -19.96 -28.03 6.05
CA SER A 380 -20.04 -29.03 4.98
C SER A 380 -20.66 -30.31 5.52
N PRO A 381 -21.49 -31.00 4.73
CA PRO A 381 -22.16 -32.22 5.22
C PRO A 381 -21.23 -33.40 5.46
N THR A 382 -20.03 -33.39 4.88
CA THR A 382 -19.15 -34.54 4.98
C THR A 382 -18.23 -34.49 6.19
N LYS A 383 -18.11 -33.34 6.85
CA LYS A 383 -17.26 -33.19 8.02
C LYS A 383 -18.06 -33.17 9.31
N LEU A 384 -19.36 -33.46 9.25
CA LEU A 384 -20.23 -33.40 10.42
C LEU A 384 -19.86 -34.45 11.47
N ASN A 385 -19.25 -35.56 11.05
CA ASN A 385 -18.79 -36.56 11.99
C ASN A 385 -17.51 -36.14 12.71
N ASP A 386 -16.83 -35.11 12.25
CA ASP A 386 -15.55 -34.71 12.82
C ASP A 386 -15.65 -33.57 13.82
N LEU A 387 -16.85 -33.09 14.13
CA LEU A 387 -17.03 -31.91 14.96
C LEU A 387 -17.77 -32.25 16.24
N CYS A 388 -17.84 -31.26 17.13
CA CYS A 388 -18.56 -31.36 18.39
C CYS A 388 -19.50 -30.18 18.52
N PHE A 389 -20.70 -30.43 19.04
CA PHE A 389 -21.71 -29.40 19.25
C PHE A 389 -22.25 -29.49 20.66
N THR A 390 -22.59 -28.34 21.22
CA THR A 390 -23.11 -28.31 22.59
C THR A 390 -24.51 -28.90 22.66
N ASN A 391 -25.40 -28.46 21.77
CA ASN A 391 -26.77 -28.98 21.71
C ASN A 391 -27.24 -28.95 20.26
N VAL A 392 -28.06 -29.94 19.91
CA VAL A 392 -28.66 -30.02 18.58
C VAL A 392 -30.17 -29.89 18.74
N TYR A 393 -30.82 -29.19 17.81
CA TYR A 393 -32.27 -29.09 17.82
C TYR A 393 -32.82 -29.59 16.49
N ALA A 394 -33.81 -30.47 16.56
CA ALA A 394 -34.42 -31.06 15.37
C ALA A 394 -35.88 -30.66 15.29
N ASP A 395 -36.24 -29.95 14.23
CA ASP A 395 -37.61 -29.50 14.01
C ASP A 395 -38.23 -30.33 12.89
N SER A 396 -39.39 -30.92 13.16
CA SER A 396 -40.01 -31.87 12.23
C SER A 396 -41.39 -31.40 11.82
N PHE A 397 -41.65 -31.40 10.50
CA PHE A 397 -42.95 -31.04 9.96
C PHE A 397 -43.11 -31.61 8.55
N VAL A 398 -44.27 -31.31 7.94
CA VAL A 398 -44.64 -31.85 6.64
C VAL A 398 -45.15 -30.71 5.75
N ILE A 399 -44.54 -30.57 4.57
CA ILE A 399 -44.76 -29.41 3.70
C ILE A 399 -45.03 -29.91 2.28
N ARG A 400 -45.97 -29.26 1.59
CA ARG A 400 -46.23 -29.50 0.17
C ARG A 400 -44.96 -29.28 -0.67
N GLY A 401 -44.75 -30.18 -1.64
CA GLY A 401 -43.44 -30.33 -2.27
C GLY A 401 -42.96 -29.10 -3.02
N ASP A 402 -43.84 -28.44 -3.77
CA ASP A 402 -43.44 -27.25 -4.53
C ASP A 402 -43.07 -26.07 -3.65
N GLU A 403 -43.35 -26.14 -2.35
CA GLU A 403 -42.97 -25.11 -1.40
C GLU A 403 -41.77 -25.48 -0.53
N VAL A 404 -41.13 -26.65 -0.75
CA VAL A 404 -40.10 -27.09 0.20
C VAL A 404 -38.84 -26.22 0.05
N ARG A 405 -38.69 -25.56 -1.09
CA ARG A 405 -37.61 -24.59 -1.31
C ARG A 405 -37.78 -23.32 -0.48
N GLN A 406 -38.93 -23.12 0.17
CA GLN A 406 -39.15 -21.93 0.98
C GLN A 406 -38.36 -21.93 2.28
N ILE A 407 -37.75 -23.05 2.67
CA ILE A 407 -37.02 -23.15 3.93
C ILE A 407 -35.57 -22.78 3.65
N ALA A 408 -35.21 -21.54 3.94
CA ALA A 408 -33.86 -21.02 3.74
C ALA A 408 -33.70 -19.80 4.62
N PRO A 409 -32.47 -19.40 4.94
CA PRO A 409 -32.26 -18.10 5.59
C PRO A 409 -32.67 -16.95 4.69
N GLY A 410 -33.59 -16.13 5.18
CA GLY A 410 -34.07 -14.99 4.43
C GLY A 410 -34.94 -15.34 3.23
N GLN A 411 -36.14 -15.86 3.48
CA GLN A 411 -37.09 -16.12 2.41
C GLN A 411 -38.49 -15.73 2.86
N THR A 412 -39.34 -15.42 1.89
CA THR A 412 -40.72 -15.01 2.13
C THR A 412 -41.68 -15.99 1.49
N GLY A 413 -42.96 -15.85 1.82
CA GLY A 413 -44.00 -16.72 1.35
C GLY A 413 -45.00 -16.99 2.45
N ASN A 414 -45.81 -18.04 2.27
CA ASN A 414 -46.77 -18.43 3.30
C ASN A 414 -46.06 -19.06 4.49
N ILE A 415 -45.38 -20.19 4.25
CA ILE A 415 -44.70 -20.91 5.32
C ILE A 415 -43.48 -20.13 5.80
N ALA A 416 -42.77 -19.47 4.87
CA ALA A 416 -41.52 -18.80 5.22
C ALA A 416 -41.73 -17.57 6.09
N ASP A 417 -42.91 -16.95 6.01
CA ASP A 417 -43.21 -15.81 6.87
C ASP A 417 -44.15 -16.16 8.02
N TYR A 418 -45.33 -16.71 7.71
CA TYR A 418 -46.36 -16.89 8.72
C TYR A 418 -46.12 -18.11 9.61
N ASN A 419 -45.27 -19.04 9.21
CA ASN A 419 -45.14 -20.30 9.90
C ASN A 419 -43.75 -20.55 10.48
N TYR A 420 -42.70 -20.45 9.66
CA TYR A 420 -41.38 -20.93 10.06
C TYR A 420 -40.33 -19.97 9.48
N LYS A 421 -39.77 -19.13 10.33
CA LYS A 421 -38.74 -18.18 9.93
C LYS A 421 -37.37 -18.70 10.35
N LEU A 422 -36.46 -18.75 9.39
CA LEU A 422 -35.08 -19.11 9.71
C LEU A 422 -34.22 -17.85 9.83
N PRO A 423 -33.30 -17.81 10.79
CA PRO A 423 -32.41 -16.65 10.91
C PRO A 423 -31.43 -16.57 9.76
N ASP A 424 -30.94 -15.35 9.52
CA ASP A 424 -30.00 -15.14 8.42
C ASP A 424 -28.62 -15.71 8.73
N ASP A 425 -28.27 -15.84 10.01
CA ASP A 425 -27.02 -16.43 10.44
C ASP A 425 -27.15 -17.89 10.84
N PHE A 426 -28.06 -18.62 10.17
CA PHE A 426 -28.36 -19.99 10.54
C PHE A 426 -27.23 -20.93 10.11
N THR A 427 -26.71 -21.70 11.05
CA THR A 427 -25.74 -22.75 10.78
C THR A 427 -26.38 -24.08 11.14
N GLY A 428 -26.47 -24.97 10.15
CA GLY A 428 -27.18 -26.22 10.36
C GLY A 428 -27.43 -26.92 9.05
N CYS A 429 -28.45 -27.79 9.05
CA CYS A 429 -28.82 -28.52 7.84
C CYS A 429 -30.33 -28.57 7.71
N VAL A 430 -30.79 -28.68 6.46
CA VAL A 430 -32.20 -28.79 6.12
C VAL A 430 -32.35 -30.06 5.30
N ILE A 431 -33.25 -30.94 5.74
CA ILE A 431 -33.42 -32.29 5.21
C ILE A 431 -34.88 -32.46 4.81
N ALA A 432 -35.11 -33.00 3.61
CA ALA A 432 -36.47 -33.22 3.14
C ALA A 432 -36.52 -34.49 2.30
N TRP A 433 -37.60 -35.27 2.46
CA TRP A 433 -37.79 -36.46 1.65
C TRP A 433 -39.27 -36.69 1.42
N ASN A 434 -39.58 -37.35 0.30
CA ASN A 434 -40.97 -37.57 -0.09
C ASN A 434 -41.64 -38.58 0.82
N SER A 435 -42.92 -38.36 1.10
CA SER A 435 -43.68 -39.13 2.08
C SER A 435 -45.05 -39.53 1.53
N ASN A 436 -45.05 -40.11 0.32
CA ASN A 436 -46.30 -40.58 -0.26
C ASN A 436 -46.84 -41.83 0.43
N LYS A 437 -45.99 -42.56 1.15
CA LYS A 437 -46.42 -43.80 1.79
C LYS A 437 -47.26 -43.56 3.03
N LEU A 438 -46.98 -42.50 3.78
CA LEU A 438 -47.61 -42.29 5.08
C LEU A 438 -48.55 -41.09 5.12
N ASP A 439 -48.08 -39.91 4.73
CA ASP A 439 -48.87 -38.70 4.93
C ASP A 439 -50.02 -38.58 3.93
N SER A 440 -49.81 -39.03 2.70
CA SER A 440 -50.87 -38.99 1.70
C SER A 440 -51.84 -40.14 1.94
N LYS A 441 -53.09 -39.81 2.24
CA LYS A 441 -54.11 -40.79 2.55
C LYS A 441 -55.24 -40.72 1.53
N VAL A 442 -56.15 -41.68 1.62
CA VAL A 442 -57.28 -41.76 0.71
C VAL A 442 -58.28 -40.66 1.06
N SER A 443 -58.74 -39.94 0.02
CA SER A 443 -59.70 -38.82 0.12
C SER A 443 -59.20 -37.70 1.02
N GLY A 444 -57.90 -37.50 1.07
CA GLY A 444 -57.33 -36.37 1.77
C GLY A 444 -57.02 -36.60 3.23
N ASN A 445 -55.80 -36.27 3.65
CA ASN A 445 -55.43 -36.24 5.05
C ASN A 445 -55.52 -34.79 5.52
N TYR A 446 -56.49 -34.51 6.38
CA TYR A 446 -56.80 -33.15 6.78
C TYR A 446 -56.20 -32.79 8.13
N ASN A 447 -55.28 -33.61 8.64
CA ASN A 447 -54.69 -33.34 9.95
C ASN A 447 -53.66 -32.23 9.91
N TYR A 448 -52.96 -32.06 8.79
CA TYR A 448 -51.91 -31.05 8.69
C TYR A 448 -52.53 -29.71 8.32
N LEU A 449 -52.51 -28.77 9.26
CA LEU A 449 -53.13 -27.46 9.08
C LEU A 449 -52.03 -26.41 8.89
N TYR A 450 -52.20 -25.56 7.89
CA TYR A 450 -51.19 -24.57 7.52
C TYR A 450 -51.74 -23.17 7.74
N ARG A 451 -50.94 -22.32 8.36
CA ARG A 451 -51.32 -20.91 8.51
C ARG A 451 -51.24 -20.20 7.17
N LEU A 452 -52.22 -19.32 6.91
CA LEU A 452 -52.25 -18.53 5.69
C LEU A 452 -52.37 -17.04 5.93
N PHE A 453 -52.77 -16.60 7.13
CA PHE A 453 -52.94 -15.19 7.42
C PHE A 453 -52.31 -14.87 8.77
N ARG A 454 -51.65 -13.73 8.86
CA ARG A 454 -51.04 -13.26 10.09
C ARG A 454 -51.07 -11.74 10.11
N LYS A 455 -51.02 -11.18 11.33
CA LYS A 455 -50.87 -9.74 11.47
C LYS A 455 -49.51 -9.28 10.98
N SER A 456 -48.45 -10.00 11.35
CA SER A 456 -47.10 -9.65 10.97
C SER A 456 -46.28 -10.91 10.85
N ASN A 457 -45.14 -10.79 10.17
CA ASN A 457 -44.26 -11.94 9.98
C ASN A 457 -43.58 -12.31 11.29
N LEU A 458 -43.30 -13.60 11.45
CA LEU A 458 -42.76 -14.11 12.70
C LEU A 458 -41.28 -13.76 12.84
N LYS A 459 -40.84 -13.68 14.10
CA LYS A 459 -39.42 -13.68 14.41
C LYS A 459 -38.86 -15.07 14.17
N PRO A 460 -37.55 -15.18 13.90
CA PRO A 460 -36.96 -16.51 13.67
C PRO A 460 -37.02 -17.40 14.92
N PHE A 461 -37.27 -18.70 14.67
CA PHE A 461 -37.42 -19.74 15.69
C PHE A 461 -38.50 -19.39 16.71
N GLU A 462 -39.65 -18.94 16.21
CA GLU A 462 -40.79 -18.60 17.06
C GLU A 462 -42.04 -19.31 16.56
N ARG A 463 -42.98 -19.52 17.48
CA ARG A 463 -44.22 -20.21 17.19
C ARG A 463 -45.41 -19.37 17.62
N ASP A 464 -46.53 -19.56 16.93
CA ASP A 464 -47.80 -18.94 17.30
C ASP A 464 -48.88 -20.00 17.16
N ILE A 465 -49.37 -20.51 18.30
CA ILE A 465 -50.34 -21.60 18.31
C ILE A 465 -51.77 -21.10 18.52
N SER A 466 -51.98 -19.79 18.53
CA SER A 466 -53.33 -19.24 18.70
C SER A 466 -54.12 -19.41 17.41
N THR A 467 -55.33 -19.95 17.53
CA THR A 467 -56.19 -20.21 16.38
C THR A 467 -57.32 -19.19 16.26
N GLU A 468 -57.06 -17.94 16.66
CA GLU A 468 -58.09 -16.92 16.64
C GLU A 468 -58.38 -16.46 15.21
N ILE A 469 -59.57 -15.89 15.04
CA ILE A 469 -60.04 -15.46 13.73
C ILE A 469 -59.36 -14.15 13.35
N TYR A 470 -58.70 -14.14 12.19
CA TYR A 470 -58.05 -12.95 11.70
C TYR A 470 -59.06 -12.01 11.06
N GLN A 471 -58.85 -10.71 11.23
CA GLN A 471 -59.67 -9.69 10.58
C GLN A 471 -59.13 -9.48 9.17
N ALA A 472 -59.60 -10.31 8.24
CA ALA A 472 -59.20 -10.19 6.85
C ALA A 472 -59.75 -8.92 6.21
N GLY A 473 -60.98 -8.54 6.57
CA GLY A 473 -61.54 -7.28 6.16
C GLY A 473 -61.38 -6.22 7.25
N ASN A 474 -61.69 -4.97 6.87
CA ASN A 474 -61.61 -3.88 7.83
C ASN A 474 -62.76 -3.90 8.83
N LYS A 475 -63.83 -4.63 8.54
CA LYS A 475 -64.90 -4.80 9.52
C LYS A 475 -64.42 -5.68 10.67
N PRO A 476 -64.66 -5.29 11.92
CA PRO A 476 -64.22 -6.13 13.05
C PRO A 476 -65.06 -7.39 13.16
N CYS A 477 -64.37 -8.53 13.18
CA CYS A 477 -65.06 -9.81 13.32
C CYS A 477 -65.62 -9.99 14.73
N ASN A 478 -64.82 -9.63 15.74
CA ASN A 478 -65.18 -9.71 17.16
C ASN A 478 -65.59 -11.12 17.58
N GLY A 479 -64.79 -12.10 17.16
CA GLY A 479 -65.06 -13.49 17.48
C GLY A 479 -66.15 -14.15 16.66
N VAL A 480 -66.47 -13.59 15.49
CA VAL A 480 -67.49 -14.16 14.62
C VAL A 480 -66.83 -14.57 13.31
N ALA A 481 -67.03 -15.82 12.91
CA ALA A 481 -66.49 -16.35 11.67
C ALA A 481 -67.44 -16.03 10.52
N GLY A 482 -66.89 -15.53 9.43
CA GLY A 482 -67.71 -15.19 8.28
C GLY A 482 -66.86 -14.76 7.11
N PHE A 483 -67.50 -14.13 6.13
CA PHE A 483 -66.77 -13.58 5.00
C PHE A 483 -65.94 -12.38 5.44
N ASN A 484 -64.75 -12.25 4.84
CA ASN A 484 -63.69 -11.32 5.22
C ASN A 484 -63.22 -11.50 6.66
N CYS A 485 -63.44 -12.69 7.22
CA CYS A 485 -63.01 -13.06 8.56
C CYS A 485 -62.47 -14.48 8.52
N TYR A 486 -61.57 -14.73 7.56
CA TYR A 486 -61.17 -16.09 7.21
C TYR A 486 -60.38 -16.76 8.32
N PHE A 487 -60.64 -18.06 8.50
CA PHE A 487 -59.88 -18.85 9.45
C PHE A 487 -58.47 -19.06 8.92
N PRO A 488 -57.44 -18.88 9.76
CA PRO A 488 -56.07 -18.95 9.24
C PRO A 488 -55.62 -20.36 8.88
N LEU A 489 -55.97 -21.35 9.68
CA LEU A 489 -55.52 -22.72 9.45
C LEU A 489 -56.35 -23.36 8.35
N ARG A 490 -55.69 -23.74 7.26
CA ARG A 490 -56.33 -24.47 6.16
C ARG A 490 -55.48 -25.68 5.80
N SER A 491 -56.11 -26.85 5.74
CA SER A 491 -55.40 -28.06 5.37
C SER A 491 -55.27 -28.15 3.84
N TYR A 492 -54.41 -29.07 3.40
CA TYR A 492 -54.19 -29.29 1.98
C TYR A 492 -54.79 -30.58 1.47
N SER A 493 -55.16 -31.51 2.36
CA SER A 493 -55.81 -32.80 2.06
C SER A 493 -54.94 -33.63 1.10
N PHE A 494 -53.79 -34.04 1.62
CA PHE A 494 -52.78 -34.74 0.83
C PHE A 494 -53.27 -36.12 0.40
N ARG A 495 -53.19 -36.38 -0.90
CA ARG A 495 -53.60 -37.63 -1.52
C ARG A 495 -52.47 -38.18 -2.38
N PRO A 496 -52.35 -39.50 -2.51
CA PRO A 496 -51.32 -40.06 -3.40
C PRO A 496 -51.60 -39.86 -4.87
N THR A 497 -52.83 -39.51 -5.25
CA THR A 497 -53.20 -39.30 -6.64
C THR A 497 -52.89 -37.91 -7.16
N TYR A 498 -52.36 -37.03 -6.32
CA TYR A 498 -52.05 -35.66 -6.72
C TYR A 498 -50.77 -35.61 -7.54
N GLY A 499 -50.43 -34.40 -8.00
CA GLY A 499 -49.15 -34.20 -8.63
C GLY A 499 -48.00 -34.27 -7.65
N VAL A 500 -46.79 -34.43 -8.19
CA VAL A 500 -45.60 -34.63 -7.35
C VAL A 500 -45.28 -33.36 -6.57
N GLY A 501 -45.50 -32.19 -7.16
CA GLY A 501 -45.27 -30.94 -6.46
C GLY A 501 -46.28 -30.65 -5.36
N HIS A 502 -47.47 -31.25 -5.44
CA HIS A 502 -48.48 -31.13 -4.40
C HIS A 502 -48.42 -32.26 -3.40
N GLN A 503 -47.54 -33.24 -3.60
CA GLN A 503 -47.40 -34.34 -2.66
C GLN A 503 -46.68 -33.87 -1.39
N PRO A 504 -47.04 -34.42 -0.24
CA PRO A 504 -46.39 -34.01 1.01
C PRO A 504 -44.98 -34.54 1.13
N TYR A 505 -44.13 -33.75 1.78
CA TYR A 505 -42.74 -34.09 2.03
C TYR A 505 -42.45 -33.90 3.51
N ARG A 506 -41.77 -34.88 4.11
CA ARG A 506 -41.34 -34.79 5.49
C ARG A 506 -40.03 -34.04 5.58
N VAL A 507 -39.99 -32.99 6.41
CA VAL A 507 -38.86 -32.09 6.52
C VAL A 507 -38.38 -32.08 7.96
N VAL A 508 -37.07 -32.26 8.14
CA VAL A 508 -36.39 -32.14 9.43
C VAL A 508 -35.30 -31.09 9.28
N VAL A 509 -35.32 -30.09 10.16
CA VAL A 509 -34.32 -29.03 10.20
C VAL A 509 -33.46 -29.25 11.44
N LEU A 510 -32.15 -29.44 11.23
CA LEU A 510 -31.21 -29.58 12.33
C LEU A 510 -30.47 -28.27 12.52
N SER A 511 -30.50 -27.75 13.73
CA SER A 511 -29.74 -26.55 14.09
C SER A 511 -28.69 -26.94 15.12
N PHE A 512 -27.43 -26.61 14.83
CA PHE A 512 -26.31 -26.90 15.70
C PHE A 512 -25.89 -25.62 16.40
N GLU A 513 -25.70 -25.68 17.70
CA GLU A 513 -25.07 -24.59 18.43
C GLU A 513 -23.56 -24.76 18.34
N LEU A 514 -22.88 -23.70 17.92
CA LEU A 514 -21.44 -23.76 17.66
C LEU A 514 -20.69 -23.88 18.98
N LEU A 515 -19.54 -24.56 18.94
CA LEU A 515 -18.79 -24.97 20.13
C LEU A 515 -18.22 -23.75 20.85
N HIS A 516 -18.83 -23.39 21.97
CA HIS A 516 -18.27 -22.42 22.90
C HIS A 516 -18.43 -22.84 24.35
N ALA A 517 -19.10 -23.96 24.61
CA ALA A 517 -19.34 -24.50 25.94
C ALA A 517 -18.75 -25.91 25.94
N PRO A 518 -18.79 -26.64 27.07
CA PRO A 518 -18.57 -28.09 26.98
C PRO A 518 -19.60 -28.74 26.06
N ALA A 519 -19.11 -29.64 25.20
CA ALA A 519 -19.90 -30.19 24.12
C ALA A 519 -20.54 -31.51 24.56
N THR A 520 -21.87 -31.60 24.40
CA THR A 520 -22.57 -32.81 24.76
C THR A 520 -22.68 -33.77 23.57
N VAL A 521 -22.79 -33.24 22.35
CA VAL A 521 -22.88 -34.04 21.14
C VAL A 521 -21.54 -34.01 20.43
N CYS A 522 -20.98 -35.18 20.16
CA CYS A 522 -19.72 -35.30 19.45
C CYS A 522 -19.77 -36.48 18.51
N GLY A 523 -18.80 -36.54 17.60
CA GLY A 523 -18.74 -37.57 16.61
C GLY A 523 -18.24 -38.89 17.16
N PRO A 524 -18.13 -39.88 16.28
CA PRO A 524 -17.71 -41.22 16.72
C PRO A 524 -16.20 -41.41 16.80
N LYS A 525 -15.44 -40.32 16.82
CA LYS A 525 -13.98 -40.42 16.87
C LYS A 525 -13.52 -40.94 18.23
N LYS A 526 -12.52 -41.81 18.19
CA LYS A 526 -12.02 -42.47 19.40
C LYS A 526 -10.89 -41.65 20.00
N SER A 527 -10.97 -41.40 21.30
CA SER A 527 -9.96 -40.60 21.99
C SER A 527 -8.68 -41.40 22.21
N THR A 528 -7.62 -40.67 22.55
CA THR A 528 -6.32 -41.26 22.84
C THR A 528 -5.82 -40.73 24.18
N ASN A 529 -4.68 -41.25 24.61
CA ASN A 529 -4.10 -40.83 25.87
C ASN A 529 -3.48 -39.43 25.74
N LEU A 530 -3.34 -38.75 26.88
CA LEU A 530 -2.84 -37.38 26.91
C LEU A 530 -1.33 -37.38 27.04
N VAL A 531 -0.67 -36.60 26.18
CA VAL A 531 0.78 -36.46 26.19
C VAL A 531 1.11 -35.00 26.43
N LYS A 532 1.91 -34.73 27.46
CA LYS A 532 2.29 -33.37 27.83
C LYS A 532 3.78 -33.16 27.64
N ASN A 533 4.17 -31.88 27.64
CA ASN A 533 5.56 -31.43 27.59
C ASN A 533 6.30 -31.91 26.35
N LYS A 534 5.59 -32.04 25.23
CA LYS A 534 6.21 -32.49 24.00
C LYS A 534 5.41 -31.93 22.82
N CYS A 535 6.11 -31.59 21.75
CA CYS A 535 5.49 -31.04 20.54
C CYS A 535 4.71 -32.14 19.85
N VAL A 536 3.38 -32.11 20.00
CA VAL A 536 2.49 -33.12 19.46
C VAL A 536 1.36 -32.44 18.72
N ASN A 537 0.68 -33.22 17.88
CA ASN A 537 -0.55 -32.79 17.22
C ASN A 537 -1.73 -33.11 18.14
N PHE A 538 -2.62 -32.13 18.33
CA PHE A 538 -3.73 -32.27 19.25
C PHE A 538 -5.05 -31.97 18.55
N ASN A 539 -6.11 -32.61 19.07
CA ASN A 539 -7.47 -32.46 18.55
C ASN A 539 -8.39 -32.48 19.77
N PHE A 540 -8.81 -31.29 20.22
CA PHE A 540 -9.70 -31.14 21.36
C PHE A 540 -11.08 -30.71 20.85
N ASN A 541 -12.01 -31.68 20.80
CA ASN A 541 -13.41 -31.47 20.41
C ASN A 541 -13.54 -30.84 19.02
N GLY A 542 -12.72 -31.30 18.08
CA GLY A 542 -12.72 -30.72 16.76
C GLY A 542 -11.78 -29.54 16.58
N LEU A 543 -11.13 -29.09 17.65
CA LEU A 543 -10.14 -28.03 17.58
C LEU A 543 -8.78 -28.67 17.31
N LYS A 544 -8.26 -28.49 16.10
CA LYS A 544 -7.02 -29.13 15.69
C LYS A 544 -5.86 -28.16 15.83
N GLY A 545 -4.67 -28.71 16.05
CA GLY A 545 -3.48 -27.87 16.07
C GLY A 545 -2.25 -28.70 16.35
N THR A 546 -1.11 -28.02 16.32
CA THR A 546 0.17 -28.60 16.74
C THR A 546 0.79 -27.72 17.81
N GLY A 547 1.35 -28.33 18.84
CA GLY A 547 1.98 -27.55 19.88
C GLY A 547 2.38 -28.42 21.06
N VAL A 548 2.80 -27.74 22.12
CA VAL A 548 3.20 -28.35 23.37
C VAL A 548 2.10 -28.03 24.38
N LEU A 549 1.55 -29.06 25.00
CA LEU A 549 0.52 -28.91 26.02
C LEU A 549 1.18 -29.04 27.39
N THR A 550 1.03 -28.01 28.21
CA THR A 550 1.63 -27.99 29.54
C THR A 550 0.55 -27.73 30.58
N GLU A 551 0.83 -28.13 31.81
CA GLU A 551 -0.09 -27.86 32.91
C GLU A 551 -0.10 -26.38 33.23
N SER A 552 -1.28 -25.86 33.58
CA SER A 552 -1.47 -24.43 33.79
C SER A 552 -2.27 -24.21 35.05
N ASN A 553 -2.13 -23.00 35.61
CA ASN A 553 -2.88 -22.57 36.78
C ASN A 553 -3.93 -21.53 36.44
N LYS A 554 -4.44 -21.53 35.21
CA LYS A 554 -5.51 -20.62 34.80
C LYS A 554 -6.82 -21.13 35.36
N LYS A 555 -7.39 -20.39 36.31
CA LYS A 555 -8.62 -20.80 37.00
C LYS A 555 -9.80 -20.53 36.07
N PHE A 556 -10.21 -21.55 35.32
CA PHE A 556 -11.36 -21.41 34.44
C PHE A 556 -12.66 -21.40 35.24
N LEU A 557 -13.59 -20.56 34.83
CA LEU A 557 -14.94 -20.65 35.35
C LEU A 557 -15.65 -21.86 34.74
N PRO A 558 -16.63 -22.45 35.43
CA PRO A 558 -17.24 -23.70 34.95
C PRO A 558 -17.98 -23.61 33.63
N PHE A 559 -18.38 -22.42 33.18
CA PHE A 559 -19.01 -22.28 31.88
C PHE A 559 -18.01 -21.98 30.77
N GLN A 560 -16.72 -21.92 31.09
CA GLN A 560 -15.68 -21.60 30.13
C GLN A 560 -14.91 -22.86 29.74
N GLN A 561 -14.78 -23.10 28.44
CA GLN A 561 -14.02 -24.23 27.92
C GLN A 561 -12.70 -23.83 27.30
N PHE A 562 -12.66 -22.73 26.56
CA PHE A 562 -11.46 -22.29 25.85
C PHE A 562 -10.99 -20.96 26.39
N GLY A 563 -9.68 -20.76 26.36
CA GLY A 563 -9.07 -19.48 26.68
C GLY A 563 -8.41 -18.91 25.43
N ARG A 564 -8.43 -17.59 25.29
CA ARG A 564 -7.95 -16.96 24.07
C ARG A 564 -6.97 -15.84 24.38
N ASP A 565 -6.14 -15.54 23.39
CA ASP A 565 -5.07 -14.58 23.48
C ASP A 565 -5.52 -13.22 22.94
N ILE A 566 -4.56 -12.30 22.79
CA ILE A 566 -4.85 -10.99 22.22
C ILE A 566 -5.17 -11.11 20.73
N ALA A 567 -4.45 -11.99 20.03
CA ALA A 567 -4.62 -12.17 18.59
C ALA A 567 -5.75 -13.13 18.23
N ASP A 568 -6.69 -13.36 19.15
CA ASP A 568 -7.89 -14.20 18.96
C ASP A 568 -7.53 -15.64 18.57
N THR A 569 -6.48 -16.17 19.19
CA THR A 569 -6.07 -17.54 19.01
C THR A 569 -6.19 -18.28 20.34
N THR A 570 -6.44 -19.58 20.25
CA THR A 570 -6.65 -20.38 21.45
C THR A 570 -5.32 -20.60 22.17
N ASP A 571 -5.32 -20.31 23.47
CA ASP A 571 -4.13 -20.39 24.31
C ASP A 571 -4.23 -21.42 25.43
N ALA A 572 -5.42 -21.66 25.95
CA ALA A 572 -5.63 -22.67 26.97
C ALA A 572 -6.90 -23.44 26.68
N VAL A 573 -6.87 -24.75 26.92
CA VAL A 573 -8.02 -25.61 26.68
C VAL A 573 -8.26 -26.46 27.92
N ARG A 574 -9.51 -26.86 28.11
CA ARG A 574 -9.87 -27.80 29.17
C ARG A 574 -10.07 -29.17 28.56
N ASP A 575 -9.40 -30.16 29.13
CA ASP A 575 -9.54 -31.54 28.68
C ASP A 575 -10.94 -32.04 29.04
N PRO A 576 -11.73 -32.51 28.07
CA PRO A 576 -13.12 -32.88 28.36
C PRO A 576 -13.28 -34.12 29.24
N GLN A 577 -12.27 -34.98 29.34
CA GLN A 577 -12.38 -36.16 30.18
C GLN A 577 -11.99 -35.85 31.63
N THR A 578 -10.74 -35.44 31.84
CA THR A 578 -10.28 -34.99 33.15
C THR A 578 -10.23 -33.47 33.14
N LEU A 579 -11.04 -32.83 33.99
CA LEU A 579 -11.26 -31.39 33.93
C LEU A 579 -10.03 -30.66 34.48
N GLU A 580 -9.02 -30.55 33.63
CA GLU A 580 -7.80 -29.80 33.91
C GLU A 580 -7.52 -28.85 32.76
N ILE A 581 -6.77 -27.79 33.05
CA ILE A 581 -6.52 -26.72 32.10
C ILE A 581 -5.09 -26.85 31.59
N LEU A 582 -4.95 -26.88 30.26
CA LEU A 582 -3.66 -27.06 29.60
C LEU A 582 -3.37 -25.84 28.75
N ASP A 583 -2.16 -25.30 28.89
CA ASP A 583 -1.68 -24.21 28.05
C ASP A 583 -1.04 -24.78 26.80
N ILE A 584 -1.26 -24.11 25.68
CA ILE A 584 -0.77 -24.53 24.37
C ILE A 584 0.31 -23.55 23.93
N THR A 585 1.50 -24.07 23.65
CA THR A 585 2.62 -23.26 23.21
C THR A 585 3.09 -23.77 21.86
N PRO A 586 3.36 -22.90 20.87
CA PRO A 586 3.90 -23.38 19.60
C PRO A 586 5.28 -23.99 19.76
N CYS A 587 5.60 -24.92 18.88
CA CYS A 587 6.83 -25.70 18.98
C CYS A 587 8.04 -24.83 18.65
N SER A 588 9.23 -25.41 18.87
CA SER A 588 10.48 -24.65 18.73
C SER A 588 10.75 -24.30 17.28
N PHE A 589 10.93 -23.00 17.02
CA PHE A 589 11.15 -22.51 15.68
C PHE A 589 12.02 -21.26 15.74
N GLY A 590 12.70 -20.98 14.65
CA GLY A 590 13.58 -19.83 14.58
C GLY A 590 14.19 -19.71 13.20
N GLY A 591 14.97 -18.65 13.03
CA GLY A 591 15.60 -18.39 11.75
C GLY A 591 16.99 -19.00 11.64
N VAL A 592 17.41 -19.28 10.41
CA VAL A 592 18.71 -19.86 10.13
C VAL A 592 19.43 -18.96 9.14
N SER A 593 20.66 -18.58 9.47
CA SER A 593 21.50 -17.79 8.58
C SER A 593 22.76 -18.57 8.24
N VAL A 594 23.32 -18.28 7.07
CA VAL A 594 24.45 -19.02 6.54
C VAL A 594 25.66 -18.08 6.45
N ILE A 595 26.72 -18.44 7.14
CA ILE A 595 28.00 -17.76 7.05
C ILE A 595 28.84 -18.47 6.00
N THR A 596 29.22 -17.76 4.95
CA THR A 596 30.05 -18.35 3.91
C THR A 596 31.01 -17.31 3.37
N PRO A 597 32.19 -17.72 2.94
CA PRO A 597 32.96 -16.90 2.00
C PRO A 597 32.43 -17.09 0.59
N GLY A 598 33.11 -16.54 -0.41
CA GLY A 598 32.69 -16.74 -1.77
C GLY A 598 32.87 -18.18 -2.21
N THR A 599 32.01 -18.62 -3.14
CA THR A 599 32.16 -19.95 -3.72
C THR A 599 33.37 -20.06 -4.63
N ASN A 600 33.92 -18.93 -5.06
CA ASN A 600 35.21 -18.93 -5.75
C ASN A 600 36.33 -19.39 -4.83
N THR A 601 36.26 -19.02 -3.54
CA THR A 601 37.32 -19.34 -2.61
C THR A 601 37.16 -20.73 -1.99
N SER A 602 36.02 -20.99 -1.36
CA SER A 602 35.82 -22.24 -0.64
C SER A 602 34.34 -22.56 -0.56
N ASN A 603 34.04 -23.80 -0.19
CA ASN A 603 32.67 -24.27 -0.02
C ASN A 603 32.33 -24.51 1.45
N GLN A 604 33.20 -24.15 2.38
CA GLN A 604 32.92 -24.35 3.79
C GLN A 604 31.87 -23.35 4.28
N VAL A 605 30.97 -23.84 5.13
CA VAL A 605 29.77 -23.11 5.54
C VAL A 605 29.63 -23.21 7.06
N ALA A 606 29.43 -22.09 7.72
CA ALA A 606 28.97 -22.07 9.11
C ALA A 606 27.48 -21.73 9.14
N VAL A 607 26.79 -22.18 10.18
CA VAL A 607 25.35 -22.01 10.30
C VAL A 607 25.05 -21.34 11.63
N LEU A 608 24.28 -20.26 11.59
CA LEU A 608 23.85 -19.53 12.78
C LEU A 608 22.35 -19.71 12.97
N TYR A 609 21.97 -20.29 14.10
CA TYR A 609 20.57 -20.41 14.49
C TYR A 609 20.25 -19.21 15.37
N GLN A 610 19.34 -18.34 14.90
CA GLN A 610 19.11 -17.07 15.56
C GLN A 610 18.15 -17.22 16.72
N GLY A 611 18.57 -16.73 17.89
CA GLY A 611 17.70 -16.67 19.05
C GLY A 611 17.44 -17.98 19.74
N VAL A 612 18.19 -19.03 19.42
CA VAL A 612 17.99 -20.35 19.99
C VAL A 612 19.27 -20.75 20.72
N ASN A 613 19.12 -21.18 21.97
CA ASN A 613 20.28 -21.54 22.78
C ASN A 613 20.92 -22.84 22.28
N CYS A 614 22.22 -22.96 22.54
CA CYS A 614 23.00 -24.06 21.99
C CYS A 614 22.66 -25.41 22.63
N THR A 615 22.03 -25.41 23.80
CA THR A 615 21.54 -26.65 24.37
C THR A 615 20.30 -27.16 23.64
N GLU A 616 19.57 -26.28 22.96
CA GLU A 616 18.36 -26.66 22.25
C GLU A 616 18.61 -27.08 20.81
N VAL A 617 19.67 -26.59 20.18
CA VAL A 617 19.93 -26.77 18.75
C VAL A 617 20.15 -28.23 18.32
N PRO A 618 21.00 -29.07 18.94
CA PRO A 618 21.20 -30.43 18.39
C PRO A 618 20.00 -31.35 18.52
N VAL A 619 19.06 -31.07 19.42
CA VAL A 619 17.83 -31.84 19.48
C VAL A 619 16.69 -31.19 18.69
N ALA A 620 16.75 -29.88 18.45
CA ALA A 620 15.77 -29.26 17.57
C ALA A 620 16.04 -29.55 16.11
N ILE A 621 17.29 -29.87 15.77
CA ILE A 621 17.61 -30.29 14.40
C ILE A 621 17.18 -31.73 14.15
N HIS A 622 16.90 -32.50 15.20
CA HIS A 622 16.35 -33.83 15.05
C HIS A 622 14.84 -33.76 14.88
N ALA A 623 14.29 -34.62 14.01
CA ALA A 623 12.90 -34.61 13.57
C ALA A 623 12.50 -33.25 13.03
N ASP A 624 13.38 -32.68 12.19
CA ASP A 624 13.24 -31.33 11.68
C ASP A 624 13.29 -31.39 10.16
N GLN A 625 12.23 -30.87 9.52
CA GLN A 625 12.02 -30.74 8.07
C GLN A 625 12.43 -32.00 7.29
N LEU A 626 11.99 -33.16 7.81
CA LEU A 626 12.41 -34.50 7.41
C LEU A 626 13.93 -34.62 7.55
N THR A 627 14.63 -34.68 6.42
CA THR A 627 16.09 -34.62 6.43
C THR A 627 16.51 -33.16 6.26
N PRO A 628 17.09 -32.52 7.28
CA PRO A 628 17.44 -31.10 7.15
C PRO A 628 18.71 -30.89 6.35
N THR A 629 18.78 -29.71 5.73
CA THR A 629 19.97 -29.33 4.99
C THR A 629 21.15 -29.11 5.91
N TRP A 630 20.90 -28.51 7.08
CA TRP A 630 21.94 -28.02 7.96
C TRP A 630 22.59 -29.09 8.82
N ARG A 631 22.10 -30.34 8.77
CA ARG A 631 22.61 -31.39 9.66
C ARG A 631 24.06 -31.78 9.33
N VAL A 632 24.52 -31.54 8.10
CA VAL A 632 25.93 -31.72 7.80
C VAL A 632 26.79 -30.69 8.52
N TYR A 633 26.23 -29.54 8.87
CA TYR A 633 26.91 -28.52 9.66
C TYR A 633 26.14 -28.25 10.97
N SER A 634 25.54 -29.28 11.54
CA SER A 634 24.94 -29.23 12.87
C SER A 634 25.28 -30.48 13.66
N THR A 635 26.50 -30.98 13.47
CA THR A 635 26.93 -32.20 14.15
C THR A 635 27.12 -31.96 15.65
N GLY A 636 27.72 -30.83 16.02
CA GLY A 636 27.93 -30.54 17.42
C GLY A 636 29.40 -30.51 17.80
N SER A 637 30.29 -30.57 16.80
CA SER A 637 31.71 -30.61 17.07
C SER A 637 32.27 -29.24 17.45
N ASN A 638 31.77 -28.18 16.83
CA ASN A 638 32.36 -26.85 16.95
C ASN A 638 31.29 -25.81 17.30
N VAL A 639 30.48 -26.13 18.31
CA VAL A 639 29.37 -25.27 18.73
C VAL A 639 29.90 -24.12 19.56
N PHE A 640 29.51 -22.89 19.20
CA PHE A 640 29.86 -21.70 19.96
C PHE A 640 28.58 -20.93 20.27
N GLN A 641 28.52 -20.34 21.45
CA GLN A 641 27.33 -19.65 21.94
C GLN A 641 27.54 -18.14 21.84
N THR A 642 26.67 -17.47 21.07
CA THR A 642 26.72 -16.03 20.90
C THR A 642 25.45 -15.41 21.45
N ARG A 643 25.47 -14.08 21.58
CA ARG A 643 24.27 -13.37 22.00
C ARG A 643 23.24 -13.24 20.88
N ALA A 644 23.66 -13.42 19.63
CA ALA A 644 22.75 -13.43 18.50
C ALA A 644 22.15 -14.80 18.20
N GLY A 645 22.72 -15.87 18.77
CA GLY A 645 22.25 -17.21 18.51
C GLY A 645 23.37 -18.20 18.72
N CYS A 646 23.18 -19.39 18.13
CA CYS A 646 24.14 -20.48 18.21
C CYS A 646 24.86 -20.63 16.89
N LEU A 647 26.19 -20.71 16.93
CA LEU A 647 27.00 -20.73 15.72
C LEU A 647 27.73 -22.06 15.63
N ILE A 648 27.49 -22.82 14.56
CA ILE A 648 28.08 -24.13 14.36
C ILE A 648 28.94 -24.10 13.11
N GLY A 649 30.17 -24.58 13.22
CA GLY A 649 31.08 -24.65 12.10
C GLY A 649 32.19 -23.62 12.13
N ALA A 650 32.12 -22.63 13.01
CA ALA A 650 33.14 -21.61 13.14
C ALA A 650 33.86 -21.77 14.47
N GLU A 651 35.18 -21.80 14.42
CA GLU A 651 36.02 -21.99 15.61
C GLU A 651 36.34 -20.64 16.23
N TYR A 652 36.10 -20.51 17.53
CA TYR A 652 36.34 -19.24 18.21
C TYR A 652 37.83 -18.99 18.39
N VAL A 653 38.23 -17.74 18.17
CA VAL A 653 39.63 -17.33 18.20
C VAL A 653 39.76 -16.18 19.18
N ASN A 654 40.74 -16.27 20.09
CA ASN A 654 40.93 -15.23 21.10
C ASN A 654 41.38 -13.91 20.51
N ASN A 655 42.03 -13.95 19.35
CA ASN A 655 42.52 -12.74 18.69
C ASN A 655 41.35 -11.91 18.16
N SER A 656 41.63 -10.64 17.91
CA SER A 656 40.64 -9.71 17.39
C SER A 656 41.16 -9.07 16.11
N TYR A 657 40.33 -9.07 15.07
CA TYR A 657 40.68 -8.42 13.82
C TYR A 657 39.56 -7.48 13.40
N GLU A 658 39.65 -6.94 12.18
CA GLU A 658 38.56 -6.16 11.64
C GLU A 658 37.39 -7.06 11.28
N CYS A 659 36.20 -6.48 11.21
CA CYS A 659 35.00 -7.25 10.95
C CYS A 659 34.93 -7.60 9.46
N ASP A 660 34.95 -8.90 9.16
CA ASP A 660 34.85 -9.37 7.78
C ASP A 660 33.40 -9.71 7.41
N ILE A 661 32.81 -10.66 8.13
CA ILE A 661 31.40 -11.01 7.97
C ILE A 661 30.71 -10.72 9.31
N PRO A 662 29.84 -9.72 9.40
CA PRO A 662 29.24 -9.37 10.69
C PRO A 662 28.16 -10.37 11.10
N ILE A 663 28.22 -10.78 12.36
CA ILE A 663 27.24 -11.68 12.94
C ILE A 663 26.36 -10.96 13.96
N GLY A 664 26.97 -10.30 14.92
CA GLY A 664 26.20 -9.49 15.86
C GLY A 664 26.79 -9.53 17.25
N ALA A 665 26.42 -8.51 18.04
CA ALA A 665 26.84 -8.33 19.43
C ALA A 665 28.35 -8.31 19.60
N GLY A 666 29.04 -7.70 18.63
CA GLY A 666 30.48 -7.64 18.64
C GLY A 666 31.17 -8.85 18.01
N ILE A 667 30.41 -9.86 17.60
CA ILE A 667 30.98 -11.07 17.02
C ILE A 667 30.95 -10.94 15.50
N CYS A 668 32.10 -11.17 14.87
CA CYS A 668 32.23 -11.28 13.43
C CYS A 668 32.82 -12.64 13.07
N ALA A 669 32.83 -12.94 11.78
CA ALA A 669 33.40 -14.18 11.28
C ALA A 669 34.24 -13.89 10.05
N SER A 670 35.20 -14.77 9.79
CA SER A 670 36.08 -14.62 8.63
C SER A 670 36.57 -16.00 8.20
N TYR A 671 37.32 -16.04 7.11
CA TYR A 671 37.86 -17.28 6.54
C TYR A 671 39.37 -17.12 6.43
N GLN A 672 40.11 -17.79 7.31
CA GLN A 672 41.54 -17.54 7.43
C GLN A 672 42.30 -18.85 7.61
N THR A 673 43.63 -18.75 7.54
CA THR A 673 44.52 -19.90 7.67
C THR A 673 45.13 -19.89 9.06
N GLN A 674 44.61 -20.74 9.95
CA GLN A 674 45.12 -20.87 11.30
C GLN A 674 45.83 -22.20 11.55
N THR A 675 45.31 -23.28 10.98
CA THR A 675 45.91 -24.61 11.18
C THR A 675 47.07 -24.82 10.20
N SER A 686 44.77 -25.63 4.76
CA SER A 686 44.48 -25.71 6.19
C SER A 686 43.66 -24.51 6.66
N GLN A 687 42.88 -23.96 5.74
CA GLN A 687 42.05 -22.81 6.05
C GLN A 687 40.74 -23.25 6.72
N SER A 688 40.16 -22.32 7.47
CA SER A 688 38.90 -22.58 8.17
C SER A 688 38.19 -21.27 8.44
N ILE A 689 36.92 -21.38 8.79
CA ILE A 689 36.10 -20.24 9.15
C ILE A 689 36.20 -20.03 10.65
N ILE A 690 36.57 -18.82 11.06
CA ILE A 690 36.77 -18.48 12.46
C ILE A 690 35.79 -17.37 12.86
N ALA A 691 35.51 -17.31 14.15
CA ALA A 691 34.64 -16.29 14.72
C ALA A 691 35.39 -15.58 15.85
N TYR A 692 35.25 -14.26 15.89
CA TYR A 692 36.04 -13.46 16.83
C TYR A 692 35.29 -12.20 17.23
N THR A 693 35.68 -11.64 18.37
CA THR A 693 35.27 -10.29 18.72
C THR A 693 36.02 -9.30 17.84
N MET A 694 35.32 -8.27 17.37
CA MET A 694 35.95 -7.30 16.50
C MET A 694 36.94 -6.42 17.27
N SER A 695 37.91 -5.87 16.54
CA SER A 695 38.87 -4.93 17.11
C SER A 695 38.47 -3.53 16.67
N LEU A 696 38.29 -2.64 17.65
CA LEU A 696 37.82 -1.29 17.35
C LEU A 696 38.92 -0.44 16.73
N GLY A 697 40.16 -0.64 17.14
CA GLY A 697 41.26 0.11 16.55
C GLY A 697 42.53 -0.09 17.34
N ALA A 698 43.60 0.49 16.81
CA ALA A 698 44.89 0.43 17.48
C ALA A 698 44.91 1.33 18.71
N GLU A 699 45.39 0.79 19.82
CA GLU A 699 45.42 1.57 21.06
C GLU A 699 46.50 2.63 21.00
N ASN A 700 46.19 3.82 21.50
CA ASN A 700 47.11 4.94 21.50
C ASN A 700 46.97 5.68 22.81
N SER A 701 48.07 6.32 23.23
CA SER A 701 48.07 7.13 24.45
C SER A 701 48.83 8.42 24.15
N VAL A 702 48.10 9.53 24.08
CA VAL A 702 48.72 10.82 23.79
C VAL A 702 49.48 11.30 25.02
N ALA A 703 50.73 11.69 24.83
CA ALA A 703 51.60 12.10 25.93
C ALA A 703 51.28 13.54 26.31
N TYR A 704 50.16 13.71 27.02
CA TYR A 704 49.76 15.02 27.49
C TYR A 704 50.67 15.47 28.64
N SER A 705 51.00 16.75 28.66
CA SER A 705 51.84 17.31 29.71
C SER A 705 51.47 18.78 29.89
N ASN A 706 51.98 19.37 30.98
CA ASN A 706 51.67 20.75 31.30
C ASN A 706 52.35 21.73 30.36
N ASN A 707 53.53 21.38 29.85
CA ASN A 707 54.32 22.30 29.03
C ASN A 707 54.96 21.57 27.86
N SER A 708 54.20 20.74 27.16
CA SER A 708 54.72 20.02 26.01
C SER A 708 53.73 20.10 24.86
N ILE A 709 54.23 20.42 23.67
CA ILE A 709 53.39 20.54 22.48
C ILE A 709 54.11 19.87 21.31
N ALA A 710 53.34 19.21 20.45
CA ALA A 710 53.88 18.57 19.26
C ALA A 710 53.51 19.41 18.06
N ILE A 711 54.52 19.79 17.27
CA ILE A 711 54.36 20.69 16.13
C ILE A 711 54.92 19.99 14.90
N PRO A 712 54.17 19.91 13.80
CA PRO A 712 54.70 19.26 12.60
C PRO A 712 55.79 20.08 11.93
N THR A 713 56.77 19.38 11.37
CA THR A 713 57.85 20.00 10.61
C THR A 713 57.77 19.70 9.12
N ASN A 714 56.79 18.92 8.69
CA ASN A 714 56.66 18.51 7.30
C ASN A 714 55.20 18.17 7.05
N PHE A 715 54.83 18.07 5.77
CA PHE A 715 53.44 17.92 5.40
C PHE A 715 53.32 16.91 4.26
N THR A 716 52.08 16.68 3.84
CA THR A 716 51.79 15.86 2.68
C THR A 716 50.45 16.30 2.09
N ILE A 717 50.26 15.96 0.82
CA ILE A 717 49.08 16.34 0.05
C ILE A 717 48.33 15.07 -0.32
N SER A 718 47.05 15.02 0.02
CA SER A 718 46.22 13.84 -0.23
C SER A 718 45.12 14.19 -1.22
N VAL A 719 44.77 13.21 -2.05
CA VAL A 719 43.66 13.34 -3.00
C VAL A 719 42.68 12.22 -2.69
N THR A 720 41.54 12.56 -2.11
CA THR A 720 40.54 11.60 -1.68
C THR A 720 39.41 11.56 -2.70
N THR A 721 38.93 10.35 -3.00
CA THR A 721 37.86 10.15 -3.96
C THR A 721 36.54 9.96 -3.21
N GLU A 722 35.55 10.78 -3.53
CA GLU A 722 34.22 10.71 -2.93
C GLU A 722 33.17 10.52 -4.02
N ILE A 723 32.29 9.54 -3.82
CA ILE A 723 31.33 9.13 -4.85
C ILE A 723 29.93 9.39 -4.33
N LEU A 724 29.14 10.15 -5.10
CA LEU A 724 27.79 10.50 -4.67
C LEU A 724 26.80 10.21 -5.80
N PRO A 725 25.76 9.42 -5.56
CA PRO A 725 24.68 9.29 -6.54
C PRO A 725 23.90 10.59 -6.67
N VAL A 726 23.37 10.82 -7.88
CA VAL A 726 22.67 12.05 -8.21
C VAL A 726 21.26 11.77 -8.70
N SER A 727 21.11 10.91 -9.70
CA SER A 727 19.81 10.58 -10.26
C SER A 727 19.76 9.08 -10.49
N MET A 728 18.56 8.58 -10.82
CA MET A 728 18.39 7.17 -11.11
C MET A 728 17.62 7.00 -12.43
N THR A 729 17.23 5.76 -12.71
CA THR A 729 16.56 5.42 -13.95
C THR A 729 15.12 5.95 -13.93
N LYS A 730 14.69 6.54 -15.05
CA LYS A 730 13.35 7.09 -15.21
C LYS A 730 12.47 6.04 -15.87
N THR A 731 11.85 5.20 -15.07
CA THR A 731 10.97 4.17 -15.60
C THR A 731 9.56 4.71 -15.82
N SER A 732 8.79 3.98 -16.62
CA SER A 732 7.40 4.31 -16.89
C SER A 732 6.65 3.02 -17.16
N VAL A 733 5.35 3.04 -16.87
CA VAL A 733 4.53 1.83 -16.90
C VAL A 733 3.32 2.06 -17.79
N ASP A 734 2.87 0.98 -18.43
CA ASP A 734 1.56 0.90 -19.06
C ASP A 734 0.71 -0.02 -18.22
N CYS A 735 -0.39 0.51 -17.67
CA CYS A 735 -1.18 -0.27 -16.72
C CYS A 735 -1.94 -1.39 -17.41
N THR A 736 -2.60 -1.07 -18.53
CA THR A 736 -3.45 -2.03 -19.22
C THR A 736 -2.62 -3.12 -19.88
N MET A 737 -1.46 -2.77 -20.42
CA MET A 737 -0.61 -3.77 -21.06
C MET A 737 0.03 -4.68 -20.02
N TYR A 738 0.30 -4.16 -18.82
CA TYR A 738 0.85 -4.99 -17.75
C TYR A 738 -0.21 -5.93 -17.19
N ILE A 739 -1.37 -5.39 -16.83
CA ILE A 739 -2.37 -6.20 -16.13
C ILE A 739 -3.11 -7.12 -17.10
N CYS A 740 -3.61 -6.58 -18.21
CA CYS A 740 -4.39 -7.37 -19.14
C CYS A 740 -3.52 -8.02 -20.20
N GLY A 741 -2.75 -7.24 -20.95
CA GLY A 741 -1.87 -7.81 -21.96
C GLY A 741 -2.59 -8.34 -23.17
N ASP A 742 -3.15 -7.44 -23.97
CA ASP A 742 -3.93 -7.73 -25.19
C ASP A 742 -5.17 -8.57 -24.86
N SER A 743 -6.04 -7.97 -24.05
CA SER A 743 -7.32 -8.58 -23.68
C SER A 743 -8.30 -7.45 -23.40
N THR A 744 -9.21 -7.21 -24.33
CA THR A 744 -10.11 -6.06 -24.22
C THR A 744 -11.16 -6.29 -23.13
N GLU A 745 -11.64 -7.52 -22.99
CA GLU A 745 -12.60 -7.84 -21.94
C GLU A 745 -11.99 -7.85 -20.55
N CYS A 746 -10.65 -7.90 -20.43
CA CYS A 746 -10.00 -7.55 -19.18
C CYS A 746 -10.01 -6.04 -18.96
N SER A 747 -9.80 -5.27 -20.03
CA SER A 747 -9.75 -3.82 -19.91
C SER A 747 -11.10 -3.23 -19.51
N ASN A 748 -12.19 -3.87 -19.94
CA ASN A 748 -13.52 -3.45 -19.51
C ASN A 748 -13.72 -3.66 -18.00
N LEU A 749 -13.10 -4.71 -17.45
CA LEU A 749 -13.08 -4.86 -15.99
C LEU A 749 -12.17 -3.82 -15.34
N LEU A 750 -11.06 -3.50 -16.01
CA LEU A 750 -10.07 -2.57 -15.45
C LEU A 750 -10.60 -1.14 -15.41
N LEU A 751 -11.58 -0.79 -16.26
CA LEU A 751 -12.22 0.51 -16.15
C LEU A 751 -13.01 0.66 -14.84
N GLN A 752 -13.49 -0.46 -14.28
CA GLN A 752 -14.31 -0.40 -13.08
C GLN A 752 -13.51 -0.12 -11.81
N TYR A 753 -12.19 -0.19 -11.86
CA TYR A 753 -11.36 0.03 -10.68
C TYR A 753 -11.01 1.50 -10.45
N GLY A 754 -11.47 2.40 -11.30
CA GLY A 754 -11.33 3.82 -11.04
C GLY A 754 -10.07 4.46 -11.57
N SER A 755 -9.50 5.38 -10.80
CA SER A 755 -8.37 6.21 -11.22
C SER A 755 -7.06 5.75 -10.62
N PHE A 756 -6.84 4.44 -10.50
CA PHE A 756 -5.59 3.94 -9.95
C PHE A 756 -4.44 4.14 -10.93
N CYS A 757 -4.69 3.86 -12.21
CA CYS A 757 -3.63 3.96 -13.21
C CYS A 757 -3.19 5.40 -13.42
N THR A 758 -4.13 6.35 -13.32
CA THR A 758 -3.80 7.76 -13.49
C THR A 758 -2.87 8.25 -12.38
N GLN A 759 -3.12 7.84 -11.13
CA GLN A 759 -2.24 8.30 -10.07
C GLN A 759 -0.90 7.54 -10.06
N LEU A 760 -0.86 6.28 -10.52
CA LEU A 760 0.44 5.62 -10.67
C LEU A 760 1.28 6.28 -11.77
N LYS A 761 0.65 6.63 -12.90
CA LYS A 761 1.35 7.34 -13.96
C LYS A 761 1.79 8.73 -13.51
N ARG A 762 0.96 9.39 -12.69
CA ARG A 762 1.30 10.70 -12.15
C ARG A 762 2.50 10.63 -11.22
N ALA A 763 2.55 9.60 -10.37
CA ALA A 763 3.68 9.43 -9.46
C ALA A 763 4.97 9.13 -10.22
N LEU A 764 4.90 8.27 -11.24
CA LEU A 764 6.10 7.96 -12.01
C LEU A 764 6.55 9.15 -12.86
N THR A 765 5.61 9.96 -13.36
CA THR A 765 5.97 11.18 -14.07
C THR A 765 6.65 12.18 -13.15
N GLY A 766 6.16 12.29 -11.90
CA GLY A 766 6.82 13.17 -10.93
C GLY A 766 8.22 12.74 -10.59
N ILE A 767 8.45 11.42 -10.44
CA ILE A 767 9.79 10.91 -10.21
C ILE A 767 10.70 11.18 -11.41
N ALA A 768 10.17 11.00 -12.63
CA ALA A 768 10.95 11.20 -13.84
C ALA A 768 11.36 12.67 -14.02
N VAL A 769 10.47 13.60 -13.67
CA VAL A 769 10.84 15.01 -13.69
C VAL A 769 11.86 15.32 -12.58
N GLU A 770 11.71 14.67 -11.42
CA GLU A 770 12.59 14.91 -10.28
C GLU A 770 14.03 14.51 -10.56
N GLN A 771 14.23 13.42 -11.33
CA GLN A 771 15.61 13.00 -11.65
C GLN A 771 16.33 14.05 -12.51
N ASP A 772 15.63 14.61 -13.50
CA ASP A 772 16.23 15.66 -14.33
C ASP A 772 16.47 16.93 -13.53
N LYS A 773 15.58 17.23 -12.57
CA LYS A 773 15.81 18.37 -11.67
C LYS A 773 17.06 18.16 -10.82
N ASN A 774 17.26 16.93 -10.33
CA ASN A 774 18.45 16.60 -9.54
C ASN A 774 19.73 16.77 -10.35
N THR A 775 19.74 16.25 -11.57
CA THR A 775 20.93 16.36 -12.43
C THR A 775 21.23 17.81 -12.78
N GLN A 776 20.18 18.59 -13.10
CA GLN A 776 20.35 20.00 -13.42
C GLN A 776 20.86 20.80 -12.22
N GLU A 777 20.36 20.49 -11.01
CA GLU A 777 20.81 21.19 -9.83
C GLU A 777 22.25 20.84 -9.46
N VAL A 778 22.66 19.59 -9.68
CA VAL A 778 24.02 19.20 -9.33
C VAL A 778 25.02 19.78 -10.32
N PHE A 779 24.80 19.57 -11.62
CA PHE A 779 25.87 19.89 -12.57
C PHE A 779 25.77 21.29 -13.15
N ALA A 780 24.57 21.73 -13.55
CA ALA A 780 24.40 23.02 -14.21
C ALA A 780 24.39 24.15 -13.18
N GLN A 781 25.58 24.44 -12.66
CA GLN A 781 25.76 25.50 -11.69
C GLN A 781 26.58 26.66 -12.23
N VAL A 782 27.12 26.54 -13.44
CA VAL A 782 28.00 27.55 -14.02
C VAL A 782 27.28 28.17 -15.21
N LYS A 783 27.32 29.50 -15.29
CA LYS A 783 26.55 30.20 -16.31
C LYS A 783 27.22 30.17 -17.69
N GLN A 784 28.55 30.13 -17.75
CA GLN A 784 29.28 30.19 -19.00
C GLN A 784 30.24 29.02 -19.11
N ILE A 785 30.31 28.42 -20.30
CA ILE A 785 31.15 27.26 -20.55
C ILE A 785 32.59 27.75 -20.72
N TYR A 786 33.37 27.71 -19.65
CA TYR A 786 34.77 28.09 -19.71
C TYR A 786 35.59 26.99 -20.39
N LYS A 787 36.76 27.38 -20.88
CA LYS A 787 37.70 26.43 -21.45
C LYS A 787 39.12 26.86 -21.13
N THR A 788 40.02 25.87 -21.07
CA THR A 788 41.41 26.09 -20.72
C THR A 788 42.19 26.66 -21.90
N PRO A 789 43.25 27.43 -21.62
CA PRO A 789 44.15 27.86 -22.70
C PRO A 789 44.93 26.68 -23.26
N PRO A 790 45.42 26.78 -24.51
CA PRO A 790 46.19 25.67 -25.09
C PRO A 790 47.49 25.36 -24.37
N ILE A 791 48.11 26.35 -23.75
CA ILE A 791 49.36 26.13 -23.01
C ILE A 791 48.99 25.52 -21.66
N LYS A 792 49.29 24.22 -21.50
CA LYS A 792 48.89 23.48 -20.31
C LYS A 792 50.01 23.47 -19.26
N TYR A 793 50.40 24.67 -18.84
CA TYR A 793 51.35 24.84 -17.75
C TYR A 793 50.66 25.59 -16.63
N PHE A 794 50.58 24.95 -15.45
CA PHE A 794 49.89 25.52 -14.29
C PHE A 794 50.78 25.47 -13.07
N GLY A 795 52.03 25.91 -13.23
CA GLY A 795 52.94 25.98 -12.10
C GLY A 795 53.52 24.66 -11.68
N GLY A 796 53.66 23.71 -12.60
CA GLY A 796 54.20 22.40 -12.29
C GLY A 796 53.16 21.35 -11.97
N PHE A 797 51.92 21.74 -11.78
CA PHE A 797 50.85 20.78 -11.54
C PHE A 797 50.40 20.15 -12.86
N ASN A 798 50.01 18.88 -12.79
CA ASN A 798 49.63 18.10 -13.96
C ASN A 798 48.14 17.81 -13.88
N PHE A 799 47.37 18.37 -14.82
CA PHE A 799 45.93 18.18 -14.87
C PHE A 799 45.50 17.45 -16.13
N SER A 800 46.42 16.76 -16.80
CA SER A 800 46.09 16.08 -18.04
C SER A 800 45.21 14.85 -17.82
N GLN A 801 45.20 14.30 -16.61
CA GLN A 801 44.37 13.14 -16.33
C GLN A 801 42.92 13.49 -16.05
N ILE A 802 42.63 14.76 -15.78
CA ILE A 802 41.26 15.19 -15.52
C ILE A 802 40.74 16.20 -16.54
N LEU A 803 41.61 16.86 -17.29
CA LEU A 803 41.17 17.71 -18.38
C LEU A 803 40.64 16.84 -19.53
N PRO A 804 39.70 17.35 -20.33
CA PRO A 804 39.09 16.52 -21.39
C PRO A 804 40.09 16.12 -22.47
N ASP A 805 39.85 14.94 -23.03
CA ASP A 805 40.72 14.37 -24.05
C ASP A 805 40.09 14.59 -25.41
N PRO A 806 40.68 15.40 -26.29
CA PRO A 806 40.08 15.64 -27.61
C PRO A 806 40.17 14.44 -28.56
N SER A 807 41.00 13.44 -28.25
CA SER A 807 41.10 12.27 -29.11
C SER A 807 39.86 11.39 -29.02
N LYS A 808 39.20 11.37 -27.87
CA LYS A 808 37.97 10.61 -27.71
C LYS A 808 36.83 11.29 -28.49
N PRO A 809 35.89 10.52 -29.03
CA PRO A 809 34.71 11.13 -29.66
C PRO A 809 33.84 11.92 -28.69
N SER A 810 33.73 11.49 -27.44
CA SER A 810 33.06 12.25 -26.39
C SER A 810 34.12 12.85 -25.48
N LYS A 811 33.99 14.14 -25.20
CA LYS A 811 35.04 14.87 -24.49
C LYS A 811 35.07 14.52 -23.02
N ARG A 812 35.55 13.32 -22.71
CA ARG A 812 35.69 12.84 -21.35
C ARG A 812 37.16 12.59 -21.07
N SER A 813 37.56 12.78 -19.82
CA SER A 813 38.96 12.61 -19.45
C SER A 813 39.29 11.13 -19.26
N PHE A 814 40.53 10.86 -18.88
CA PHE A 814 40.97 9.50 -18.60
C PHE A 814 40.25 8.91 -17.40
N ILE A 815 40.14 9.71 -16.32
CA ILE A 815 39.51 9.24 -15.09
C ILE A 815 38.01 9.06 -15.30
N GLU A 816 37.38 9.93 -16.07
CA GLU A 816 35.96 9.78 -16.38
C GLU A 816 35.71 8.54 -17.24
N ASP A 817 36.64 8.22 -18.13
CA ASP A 817 36.53 6.99 -18.91
C ASP A 817 36.67 5.75 -18.03
N LEU A 818 37.57 5.79 -17.05
CA LEU A 818 37.69 4.68 -16.11
C LEU A 818 36.43 4.52 -15.25
N LEU A 819 35.85 5.65 -14.82
CA LEU A 819 34.63 5.59 -14.03
C LEU A 819 33.44 5.09 -14.84
N PHE A 820 33.39 5.42 -16.14
CA PHE A 820 32.31 4.92 -16.97
C PHE A 820 32.50 3.45 -17.33
N ASN A 821 33.74 3.00 -17.49
CA ASN A 821 33.98 1.60 -17.80
C ASN A 821 33.82 0.69 -16.59
N LYS A 822 34.09 1.20 -15.39
CA LYS A 822 34.02 0.36 -14.20
C LYS A 822 32.59 0.07 -13.77
N VAL A 823 31.67 1.00 -13.99
CA VAL A 823 30.27 0.79 -13.65
C VAL A 823 29.60 0.06 -14.80
N THR A 824 29.16 -1.18 -14.55
CA THR A 824 28.57 -2.01 -15.59
C THR A 824 27.07 -1.74 -15.63
N LEU A 825 26.65 -0.96 -16.63
CA LEU A 825 25.23 -0.68 -16.82
C LEU A 825 24.52 -1.91 -17.38
N ALA A 826 23.26 -2.07 -16.99
CA ALA A 826 22.43 -3.12 -17.58
C ALA A 826 22.16 -2.83 -19.05
N ASP A 827 21.64 -1.64 -19.34
CA ASP A 827 21.48 -1.17 -20.72
C ASP A 827 21.41 0.35 -20.67
N ALA A 828 22.47 1.01 -21.11
CA ALA A 828 22.55 2.47 -21.08
C ALA A 828 22.16 3.10 -22.41
N GLY A 829 21.71 2.30 -23.37
CA GLY A 829 21.43 2.85 -24.70
C GLY A 829 20.17 3.70 -24.74
N PHE A 830 19.08 3.19 -24.17
CA PHE A 830 17.73 3.75 -24.21
C PHE A 830 17.23 3.99 -25.65
N ILE A 831 17.75 3.23 -26.61
CA ILE A 831 17.49 3.43 -28.03
C ILE A 831 17.03 2.12 -28.65
N LYS A 832 16.35 1.29 -27.85
CA LYS A 832 15.83 0.02 -28.37
C LYS A 832 14.79 0.26 -29.46
N GLN A 833 13.83 1.16 -29.19
CA GLN A 833 12.90 1.74 -30.17
C GLN A 833 12.00 0.70 -30.84
N TYR A 834 11.84 -0.46 -30.20
CA TYR A 834 11.01 -1.62 -30.57
C TYR A 834 11.53 -2.34 -31.83
N GLY A 835 12.52 -1.79 -32.54
CA GLY A 835 13.06 -2.43 -33.72
C GLY A 835 14.06 -3.51 -33.38
N ASP A 836 14.77 -3.32 -32.27
CA ASP A 836 15.71 -4.35 -31.82
C ASP A 836 14.99 -5.57 -31.26
N CYS A 837 13.81 -5.36 -30.67
CA CYS A 837 13.09 -6.44 -29.99
C CYS A 837 12.20 -7.25 -30.92
N LEU A 838 12.09 -6.89 -32.20
CA LEU A 838 11.33 -7.69 -33.15
C LEU A 838 11.99 -9.05 -33.37
N GLY A 839 13.32 -9.10 -33.47
CA GLY A 839 14.01 -10.36 -33.60
C GLY A 839 14.25 -10.98 -32.24
N ASP A 840 13.74 -12.20 -32.06
CA ASP A 840 13.93 -12.94 -30.81
C ASP A 840 15.19 -13.79 -30.95
N ILE A 841 16.33 -13.20 -30.62
CA ILE A 841 17.62 -13.88 -30.61
C ILE A 841 18.05 -13.91 -29.15
N ALA A 842 18.80 -14.96 -28.77
CA ALA A 842 19.28 -15.11 -27.40
C ALA A 842 20.25 -14.02 -26.98
N ALA A 843 20.82 -13.27 -27.93
CA ALA A 843 21.65 -12.11 -27.60
C ALA A 843 20.86 -10.97 -26.96
N ARG A 844 19.54 -10.95 -27.16
CA ARG A 844 18.69 -9.99 -26.45
C ARG A 844 18.70 -10.30 -24.95
N ASP A 845 19.03 -9.29 -24.14
CA ASP A 845 19.32 -9.49 -22.72
C ASP A 845 18.36 -8.65 -21.88
N LEU A 846 17.19 -9.23 -21.60
CA LEU A 846 16.32 -8.94 -20.47
C LEU A 846 15.61 -7.59 -20.55
N ILE A 847 15.93 -6.74 -21.53
CA ILE A 847 15.30 -5.42 -21.62
C ILE A 847 14.10 -5.50 -22.55
N CYS A 848 14.17 -6.38 -23.56
CA CYS A 848 13.03 -6.53 -24.46
C CYS A 848 11.89 -7.31 -23.82
N ALA A 849 12.22 -8.28 -22.96
CA ALA A 849 11.20 -9.06 -22.26
C ALA A 849 10.39 -8.19 -21.32
N GLN A 850 11.05 -7.26 -20.62
CA GLN A 850 10.32 -6.32 -19.79
C GLN A 850 9.76 -5.14 -20.57
N LYS A 851 10.22 -4.93 -21.81
CA LYS A 851 9.57 -3.94 -22.66
C LYS A 851 8.25 -4.48 -23.18
N PHE A 852 8.16 -5.78 -23.42
CA PHE A 852 6.93 -6.38 -23.90
C PHE A 852 5.83 -6.43 -22.85
N LYS A 853 6.16 -6.24 -21.57
CA LYS A 853 5.16 -6.23 -20.52
C LYS A 853 4.68 -4.83 -20.18
N GLY A 854 5.13 -3.81 -20.90
CA GLY A 854 4.68 -2.45 -20.68
C GLY A 854 5.60 -1.58 -19.85
N LEU A 855 6.76 -2.09 -19.45
CA LEU A 855 7.71 -1.35 -18.63
C LEU A 855 8.77 -0.73 -19.54
N THR A 856 8.78 0.60 -19.64
CA THR A 856 9.71 1.30 -20.50
C THR A 856 10.65 2.16 -19.67
N VAL A 857 11.76 2.55 -20.27
CA VAL A 857 12.75 3.42 -19.64
C VAL A 857 12.93 4.65 -20.53
N LEU A 858 12.66 5.82 -19.96
CA LEU A 858 12.76 7.08 -20.69
C LEU A 858 14.19 7.61 -20.63
N PRO A 859 14.69 8.23 -21.71
CA PRO A 859 16.06 8.70 -21.69
C PRO A 859 16.20 9.95 -20.85
N PRO A 860 17.36 10.20 -20.26
CA PRO A 860 17.55 11.42 -19.47
C PRO A 860 17.62 12.65 -20.37
N LEU A 861 17.31 13.80 -19.77
CA LEU A 861 17.25 15.04 -20.52
C LEU A 861 18.64 15.51 -20.96
N LEU A 862 19.63 15.38 -20.08
CA LEU A 862 21.00 15.77 -20.38
C LEU A 862 21.80 14.54 -20.77
N THR A 863 22.36 14.54 -21.97
CA THR A 863 23.25 13.46 -22.38
C THR A 863 24.58 13.56 -21.64
N ASP A 864 25.34 12.46 -21.68
CA ASP A 864 26.62 12.41 -20.97
C ASP A 864 27.66 13.34 -21.57
N GLU A 865 27.51 13.71 -22.85
CA GLU A 865 28.38 14.73 -23.44
C GLU A 865 28.14 16.09 -22.78
N MET A 866 26.89 16.41 -22.48
CA MET A 866 26.58 17.68 -21.85
C MET A 866 27.05 17.72 -20.39
N ILE A 867 26.96 16.58 -19.69
CA ILE A 867 27.50 16.48 -18.34
C ILE A 867 29.01 16.63 -18.35
N ALA A 868 29.67 16.03 -19.35
CA ALA A 868 31.12 16.16 -19.49
C ALA A 868 31.51 17.59 -19.81
N GLN A 869 30.69 18.30 -20.61
CA GLN A 869 30.94 19.71 -20.90
C GLN A 869 30.77 20.57 -19.64
N TYR A 870 29.77 20.26 -18.82
CA TYR A 870 29.58 21.01 -17.57
C TYR A 870 30.74 20.80 -16.60
N THR A 871 31.21 19.55 -16.45
CA THR A 871 32.35 19.30 -15.57
C THR A 871 33.63 19.90 -16.14
N SER A 872 33.76 19.94 -17.47
CA SER A 872 34.89 20.61 -18.10
C SER A 872 34.88 22.11 -17.84
N ALA A 873 33.70 22.73 -17.90
CA ALA A 873 33.59 24.15 -17.60
C ALA A 873 33.91 24.45 -16.15
N LEU A 874 33.44 23.60 -15.22
CA LEU A 874 33.76 23.78 -13.81
C LEU A 874 35.25 23.59 -13.54
N LEU A 875 35.87 22.60 -14.17
CA LEU A 875 37.31 22.38 -14.01
C LEU A 875 38.13 23.53 -14.56
N ALA A 876 37.75 24.05 -15.74
CA ALA A 876 38.47 25.16 -16.35
C ALA A 876 38.34 26.43 -15.53
N GLY A 877 37.14 26.67 -14.98
CA GLY A 877 36.96 27.83 -14.12
C GLY A 877 37.74 27.72 -12.82
N THR A 878 37.74 26.53 -12.22
CA THR A 878 38.49 26.33 -10.97
C THR A 878 39.99 26.47 -11.18
N ILE A 879 40.51 25.95 -12.30
CA ILE A 879 41.94 26.03 -12.55
C ILE A 879 42.36 27.45 -12.91
N THR A 880 41.65 28.09 -13.84
CA THR A 880 42.10 29.38 -14.35
C THR A 880 41.75 30.54 -13.43
N SER A 881 40.59 30.52 -12.80
CA SER A 881 40.08 31.69 -12.09
C SER A 881 39.97 31.51 -10.58
N GLY A 882 40.25 30.33 -10.05
CA GLY A 882 40.13 30.11 -8.62
C GLY A 882 38.69 30.01 -8.17
N TRP A 883 38.34 30.65 -7.06
CA TRP A 883 36.96 30.69 -6.62
C TRP A 883 36.22 31.93 -7.09
N THR A 884 36.86 32.78 -7.89
CA THR A 884 36.27 34.05 -8.29
C THR A 884 35.15 33.89 -9.30
N PHE A 885 35.12 32.77 -10.04
CA PHE A 885 34.05 32.54 -10.99
C PHE A 885 32.75 32.09 -10.33
N GLY A 886 32.82 31.66 -9.08
CA GLY A 886 31.58 31.33 -8.37
C GLY A 886 30.81 32.57 -7.95
N ALA A 887 31.51 33.61 -7.50
CA ALA A 887 30.85 34.83 -7.05
C ALA A 887 30.34 35.67 -8.22
N GLY A 888 31.16 35.83 -9.26
CA GLY A 888 30.81 36.69 -10.37
C GLY A 888 31.54 36.31 -11.64
N ALA A 889 32.02 37.31 -12.38
CA ALA A 889 32.81 37.05 -13.56
C ALA A 889 34.17 36.46 -13.18
N ALA A 890 34.75 35.71 -14.11
CA ALA A 890 35.99 35.00 -13.82
C ALA A 890 37.16 35.97 -13.80
N LEU A 891 37.94 35.90 -12.74
CA LEU A 891 39.12 36.74 -12.55
C LEU A 891 40.34 35.84 -12.64
N GLN A 892 41.15 36.02 -13.69
CA GLN A 892 42.28 35.14 -13.92
C GLN A 892 43.38 35.39 -12.89
N ILE A 893 44.12 34.32 -12.58
CA ILE A 893 45.14 34.33 -11.54
C ILE A 893 46.11 33.18 -11.83
N PRO A 894 47.42 33.37 -11.63
CA PRO A 894 48.33 32.23 -11.72
C PRO A 894 48.04 31.18 -10.66
N PHE A 895 48.35 29.93 -10.99
CA PHE A 895 48.03 28.81 -10.10
C PHE A 895 48.91 28.79 -8.86
N ALA A 896 50.17 29.23 -8.99
CA ALA A 896 51.07 29.24 -7.85
C ALA A 896 50.70 30.32 -6.83
N MET A 897 49.90 31.30 -7.22
CA MET A 897 49.37 32.26 -6.28
C MET A 897 48.02 31.85 -5.74
N GLN A 898 47.24 31.08 -6.52
CA GLN A 898 46.01 30.51 -6.01
C GLN A 898 46.28 29.50 -4.90
N MET A 899 47.33 28.68 -5.05
CA MET A 899 47.71 27.78 -3.97
C MET A 899 48.22 28.53 -2.74
N ALA A 900 48.83 29.70 -2.93
CA ALA A 900 49.19 30.54 -1.80
C ALA A 900 47.94 31.06 -1.08
N TYR A 901 46.89 31.39 -1.85
CA TYR A 901 45.61 31.76 -1.24
C TYR A 901 45.03 30.62 -0.41
N ARG A 902 45.06 29.39 -0.96
CA ARG A 902 44.50 28.26 -0.22
C ARG A 902 45.32 27.93 1.02
N PHE A 903 46.65 28.06 0.92
CA PHE A 903 47.51 27.85 2.07
C PHE A 903 47.26 28.88 3.17
N ASN A 904 47.06 30.14 2.78
CA ASN A 904 46.65 31.15 3.76
C ASN A 904 45.25 30.87 4.30
N GLY A 905 44.40 30.21 3.51
CA GLY A 905 43.09 29.83 3.99
C GLY A 905 43.15 28.78 5.09
N ILE A 906 44.07 27.81 4.96
CA ILE A 906 44.16 26.76 5.98
C ILE A 906 45.03 27.16 7.17
N GLY A 907 45.56 28.38 7.19
CA GLY A 907 46.31 28.87 8.34
C GLY A 907 47.81 28.78 8.24
N VAL A 908 48.36 28.52 7.06
CA VAL A 908 49.80 28.42 6.85
C VAL A 908 50.23 29.63 6.01
N THR A 909 51.33 30.25 6.39
CA THR A 909 51.81 31.41 5.65
C THR A 909 52.29 31.00 4.27
N GLN A 910 52.20 31.95 3.32
CA GLN A 910 52.38 31.61 1.91
C GLN A 910 53.84 31.36 1.54
N ASN A 911 54.79 31.84 2.35
CA ASN A 911 56.20 31.55 2.10
C ASN A 911 56.53 30.08 2.29
N VAL A 912 55.69 29.34 3.03
CA VAL A 912 55.82 27.89 3.10
C VAL A 912 55.54 27.26 1.75
N LEU A 913 54.65 27.87 0.95
CA LEU A 913 54.27 27.26 -0.33
C LEU A 913 55.40 27.37 -1.34
N TYR A 914 55.84 28.60 -1.67
CA TYR A 914 56.76 28.83 -2.78
C TYR A 914 58.09 28.15 -2.56
N GLU A 915 58.61 28.22 -1.33
CA GLU A 915 59.87 27.58 -0.97
C GLU A 915 59.80 26.05 -0.99
N ASN A 916 58.61 25.47 -1.09
CA ASN A 916 58.47 24.03 -1.28
C ASN A 916 57.74 23.69 -2.58
N GLN A 917 57.57 24.68 -3.48
CA GLN A 917 56.52 24.65 -4.51
C GLN A 917 56.64 23.44 -5.43
N LYS A 918 57.83 23.22 -5.98
CA LYS A 918 58.08 22.09 -6.89
C LYS A 918 57.81 20.76 -6.20
N LEU A 919 58.26 20.64 -4.94
CA LEU A 919 57.99 19.43 -4.15
C LEU A 919 56.50 19.21 -3.97
N ILE A 920 55.76 20.30 -3.70
CA ILE A 920 54.32 20.21 -3.53
C ILE A 920 53.67 19.76 -4.82
N ALA A 921 54.20 20.24 -5.96
CA ALA A 921 53.70 19.82 -7.26
C ALA A 921 53.90 18.33 -7.46
N ASN A 922 55.07 17.81 -7.05
CA ASN A 922 55.30 16.36 -7.11
C ASN A 922 54.36 15.64 -6.17
N GLN A 923 54.13 16.22 -4.98
CA GLN A 923 53.21 15.61 -4.04
C GLN A 923 51.77 15.68 -4.51
N PHE A 924 51.47 16.55 -5.48
CA PHE A 924 50.17 16.46 -6.12
C PHE A 924 50.17 15.31 -7.11
N ASN A 925 51.17 15.28 -8.00
CA ASN A 925 51.07 14.55 -9.26
C ASN A 925 51.02 13.05 -9.04
N SER A 926 51.93 12.54 -8.20
CA SER A 926 51.96 11.11 -7.86
C SER A 926 50.65 10.68 -7.21
N ALA A 927 50.06 11.56 -6.39
CA ALA A 927 48.78 11.25 -5.74
C ALA A 927 47.68 11.06 -6.78
N ILE A 928 47.70 11.90 -7.83
CA ILE A 928 46.75 11.76 -8.93
C ILE A 928 46.94 10.41 -9.62
N GLY A 929 48.20 9.99 -9.79
CA GLY A 929 48.49 8.68 -10.36
C GLY A 929 47.96 7.54 -9.53
N LYS A 930 47.98 7.70 -8.19
CA LYS A 930 47.46 6.66 -7.32
C LYS A 930 45.97 6.50 -7.48
N ILE A 931 45.27 7.58 -7.86
CA ILE A 931 43.84 7.53 -8.13
C ILE A 931 43.55 6.54 -9.26
N GLN A 932 44.41 6.53 -10.28
CA GLN A 932 44.26 5.60 -11.39
C GLN A 932 44.38 4.15 -10.91
N ASP A 933 45.30 3.90 -9.98
CA ASP A 933 45.43 2.56 -9.41
C ASP A 933 44.18 2.19 -8.62
N SER A 934 43.61 3.16 -7.91
CA SER A 934 42.37 2.91 -7.17
C SER A 934 41.19 2.73 -8.11
N LEU A 935 41.33 3.09 -9.38
CA LEU A 935 40.29 2.81 -10.37
C LEU A 935 40.68 1.67 -11.30
N SER A 936 41.88 1.11 -11.17
CA SER A 936 42.29 0.02 -12.06
C SER A 936 42.26 -1.35 -11.38
N SER A 937 42.62 -1.42 -10.10
CA SER A 937 42.71 -2.71 -9.43
C SER A 937 41.34 -3.20 -8.97
N THR A 938 40.62 -2.38 -8.23
CA THR A 938 39.36 -2.77 -7.61
C THR A 938 38.21 -2.02 -8.25
N ALA A 939 37.18 -2.75 -8.65
CA ALA A 939 35.94 -2.16 -9.14
C ALA A 939 34.92 -1.95 -8.04
N SER A 940 35.25 -2.31 -6.80
CA SER A 940 34.32 -2.23 -5.67
C SER A 940 34.24 -0.85 -5.07
N ALA A 941 35.06 0.11 -5.53
CA ALA A 941 35.00 1.47 -4.99
C ALA A 941 33.72 2.18 -5.40
N LEU A 942 33.25 1.92 -6.62
CA LEU A 942 32.01 2.54 -7.12
C LEU A 942 30.80 1.67 -6.79
N GLY A 943 30.64 1.41 -5.49
CA GLY A 943 29.56 0.54 -5.05
C GLY A 943 28.20 1.21 -5.03
N LYS A 944 28.16 2.52 -4.79
CA LYS A 944 26.89 3.22 -4.65
C LYS A 944 26.16 3.36 -5.97
N LEU A 945 26.88 3.74 -7.03
CA LEU A 945 26.26 3.85 -8.34
C LEU A 945 25.89 2.48 -8.91
N GLN A 946 26.67 1.46 -8.59
CA GLN A 946 26.32 0.10 -8.97
C GLN A 946 25.07 -0.37 -8.24
N ASP A 947 24.89 0.04 -6.98
CA ASP A 947 23.65 -0.26 -6.28
C ASP A 947 22.46 0.50 -6.87
N VAL A 948 22.68 1.73 -7.34
CA VAL A 948 21.64 2.48 -8.03
C VAL A 948 21.20 1.76 -9.29
N VAL A 949 22.15 1.20 -10.04
CA VAL A 949 21.81 0.41 -11.22
C VAL A 949 21.10 -0.89 -10.83
N ASN A 950 21.58 -1.56 -9.78
CA ASN A 950 21.08 -2.89 -9.42
C ASN A 950 19.69 -2.84 -8.82
N HIS A 951 19.33 -1.77 -8.11
CA HIS A 951 17.98 -1.67 -7.56
C HIS A 951 16.93 -1.55 -8.66
N ASN A 952 17.19 -0.71 -9.65
CA ASN A 952 16.27 -0.58 -10.78
C ASN A 952 16.31 -1.79 -11.70
N ALA A 953 17.41 -2.55 -11.69
CA ALA A 953 17.40 -3.83 -12.40
C ALA A 953 16.58 -4.88 -11.65
N GLN A 954 16.61 -4.86 -10.32
CA GLN A 954 15.92 -5.87 -9.52
C GLN A 954 14.42 -5.64 -9.46
N ALA A 955 13.99 -4.38 -9.39
CA ALA A 955 12.57 -4.09 -9.19
C ALA A 955 11.73 -4.48 -10.41
N LEU A 956 12.24 -4.19 -11.62
CA LEU A 956 11.51 -4.56 -12.83
C LEU A 956 11.48 -6.06 -13.03
N ASN A 957 12.58 -6.75 -12.67
CA ASN A 957 12.61 -8.20 -12.76
C ASN A 957 11.64 -8.84 -11.78
N THR A 958 11.54 -8.27 -10.58
CA THR A 958 10.59 -8.76 -9.59
C THR A 958 9.16 -8.55 -10.07
N LEU A 959 8.88 -7.43 -10.72
CA LEU A 959 7.54 -7.16 -11.25
C LEU A 959 7.19 -8.12 -12.39
N VAL A 960 8.14 -8.37 -13.28
CA VAL A 960 7.93 -9.30 -14.40
C VAL A 960 7.72 -10.72 -13.88
N LYS A 961 8.48 -11.14 -12.87
CA LYS A 961 8.22 -12.44 -12.26
C LYS A 961 6.90 -12.48 -11.51
N GLN A 962 6.45 -11.34 -10.98
CA GLN A 962 5.15 -11.27 -10.32
C GLN A 962 3.99 -11.32 -11.31
N LEU A 963 4.24 -11.15 -12.61
CA LEU A 963 3.19 -11.45 -13.59
C LEU A 963 2.79 -12.92 -13.63
N SER A 964 3.67 -13.85 -13.24
CA SER A 964 3.42 -15.26 -13.41
C SER A 964 2.72 -15.93 -12.24
N SER A 965 2.34 -15.17 -11.22
CA SER A 965 1.72 -15.75 -10.04
C SER A 965 0.22 -15.95 -10.26
N LYS A 966 -0.30 -17.06 -9.75
CA LYS A 966 -1.71 -17.40 -9.94
C LYS A 966 -2.64 -16.58 -9.07
N PHE A 967 -2.16 -16.15 -7.90
CA PHE A 967 -2.93 -15.38 -6.90
C PHE A 967 -4.19 -16.11 -6.46
N GLY A 968 -4.12 -17.44 -6.37
CA GLY A 968 -5.24 -18.23 -5.95
C GLY A 968 -6.24 -18.58 -7.04
N ALA A 969 -6.00 -18.17 -8.27
CA ALA A 969 -6.90 -18.49 -9.37
C ALA A 969 -6.55 -19.86 -9.94
N ILE A 970 -7.28 -20.27 -10.98
CA ILE A 970 -7.02 -21.57 -11.58
C ILE A 970 -5.82 -21.52 -12.52
N SER A 971 -5.50 -20.34 -13.06
CA SER A 971 -4.40 -20.20 -13.99
C SER A 971 -3.93 -18.76 -13.98
N SER A 972 -2.67 -18.56 -14.40
CA SER A 972 -2.08 -17.24 -14.49
C SER A 972 -2.20 -16.62 -15.87
N VAL A 973 -2.87 -17.28 -16.81
CA VAL A 973 -3.08 -16.80 -18.17
C VAL A 973 -4.55 -16.45 -18.32
N LEU A 974 -4.83 -15.22 -18.75
CA LEU A 974 -6.22 -14.74 -18.80
C LEU A 974 -7.00 -15.36 -19.94
N ASN A 975 -6.34 -15.68 -21.05
CA ASN A 975 -7.03 -16.28 -22.19
C ASN A 975 -7.48 -17.70 -21.88
N ASP A 976 -6.72 -18.42 -21.06
CA ASP A 976 -7.15 -19.75 -20.62
C ASP A 976 -8.39 -19.67 -19.74
N ILE A 977 -8.46 -18.68 -18.85
CA ILE A 977 -9.63 -18.53 -18.00
C ILE A 977 -10.83 -18.08 -18.81
N PHE A 978 -10.60 -17.24 -19.83
CA PHE A 978 -11.72 -16.78 -20.66
C PHE A 978 -12.21 -17.87 -21.60
N SER A 979 -11.33 -18.78 -22.03
CA SER A 979 -11.74 -19.83 -22.95
C SER A 979 -12.24 -21.09 -22.27
N ARG A 980 -11.86 -21.32 -21.01
CA ARG A 980 -12.27 -22.53 -20.32
C ARG A 980 -13.50 -22.34 -19.44
N LEU A 981 -13.79 -21.12 -18.98
CA LEU A 981 -14.86 -20.88 -18.04
C LEU A 981 -15.94 -20.02 -18.67
N ASP A 982 -17.16 -20.16 -18.16
CA ASP A 982 -18.26 -19.31 -18.58
C ASP A 982 -18.10 -17.91 -17.98
N LYS A 983 -18.81 -16.95 -18.57
CA LYS A 983 -18.74 -15.55 -18.15
C LYS A 983 -19.34 -15.31 -16.78
N VAL A 984 -20.12 -16.26 -16.24
CA VAL A 984 -20.64 -16.12 -14.88
C VAL A 984 -19.51 -16.25 -13.87
N GLU A 985 -18.60 -17.20 -14.08
CA GLU A 985 -17.58 -17.54 -13.10
C GLU A 985 -16.17 -17.14 -13.49
N ALA A 986 -15.93 -16.70 -14.72
CA ALA A 986 -14.60 -16.27 -15.11
C ALA A 986 -14.23 -14.93 -14.49
N GLU A 987 -15.25 -14.08 -14.24
CA GLU A 987 -15.00 -12.75 -13.69
C GLU A 987 -14.46 -12.84 -12.27
N VAL A 988 -14.94 -13.79 -11.48
CA VAL A 988 -14.44 -14.02 -10.14
C VAL A 988 -12.98 -14.48 -10.18
N GLN A 989 -12.64 -15.33 -11.16
CA GLN A 989 -11.28 -15.83 -11.26
C GLN A 989 -10.31 -14.76 -11.74
N ILE A 990 -10.76 -13.84 -12.59
CA ILE A 990 -9.88 -12.82 -13.14
C ILE A 990 -9.81 -11.57 -12.26
N ASP A 991 -10.81 -11.34 -11.40
CA ASP A 991 -10.72 -10.25 -10.43
C ASP A 991 -9.59 -10.47 -9.43
N ARG A 992 -9.30 -11.74 -9.10
CA ARG A 992 -8.17 -12.06 -8.23
C ARG A 992 -6.85 -11.70 -8.89
N LEU A 993 -6.70 -12.01 -10.19
CA LEU A 993 -5.49 -11.66 -10.93
C LEU A 993 -5.32 -10.15 -11.04
N ILE A 994 -6.43 -9.44 -11.30
CA ILE A 994 -6.38 -7.97 -11.42
C ILE A 994 -5.99 -7.35 -10.09
N THR A 995 -6.58 -7.83 -8.99
CA THR A 995 -6.25 -7.31 -7.66
C THR A 995 -4.80 -7.59 -7.28
N GLY A 996 -4.31 -8.81 -7.56
CA GLY A 996 -2.93 -9.13 -7.23
C GLY A 996 -1.91 -8.35 -8.02
N ARG A 997 -2.12 -8.23 -9.34
CA ARG A 997 -1.18 -7.48 -10.17
C ARG A 997 -1.22 -5.99 -9.87
N LEU A 998 -2.41 -5.47 -9.55
CA LEU A 998 -2.55 -4.07 -9.15
C LEU A 998 -1.85 -3.78 -7.83
N GLN A 999 -1.94 -4.72 -6.88
CA GLN A 999 -1.23 -4.56 -5.60
C GLN A 999 0.28 -4.62 -5.79
N SER A 1000 0.76 -5.51 -6.67
CA SER A 1000 2.18 -5.58 -6.97
C SER A 1000 2.70 -4.30 -7.62
N LEU A 1001 1.89 -3.74 -8.53
CA LEU A 1001 2.28 -2.49 -9.18
C LEU A 1001 2.30 -1.32 -8.21
N GLN A 1002 1.34 -1.29 -7.27
CA GLN A 1002 1.35 -0.24 -6.25
C GLN A 1002 2.55 -0.37 -5.30
N THR A 1003 2.94 -1.62 -4.99
CA THR A 1003 4.14 -1.85 -4.18
C THR A 1003 5.39 -1.33 -4.89
N TYR A 1004 5.47 -1.58 -6.21
CA TYR A 1004 6.60 -1.07 -6.99
C TYR A 1004 6.64 0.45 -7.01
N VAL A 1005 5.48 1.10 -7.16
CA VAL A 1005 5.41 2.56 -7.18
C VAL A 1005 5.83 3.16 -5.83
N THR A 1006 5.38 2.55 -4.73
CA THR A 1006 5.74 3.04 -3.39
C THR A 1006 7.24 2.89 -3.12
N GLN A 1007 7.82 1.76 -3.51
CA GLN A 1007 9.27 1.58 -3.32
C GLN A 1007 10.07 2.54 -4.19
N GLN A 1008 9.58 2.82 -5.41
CA GLN A 1008 10.24 3.81 -6.26
C GLN A 1008 10.16 5.21 -5.67
N LEU A 1009 9.04 5.54 -5.02
CA LEU A 1009 8.90 6.86 -4.38
C LEU A 1009 9.88 7.02 -3.22
N ILE A 1010 10.01 5.99 -2.39
CA ILE A 1010 10.95 6.06 -1.27
C ILE A 1010 12.40 6.15 -1.76
N ARG A 1011 12.74 5.36 -2.78
CA ARG A 1011 14.09 5.44 -3.35
C ARG A 1011 14.35 6.76 -4.04
N ALA A 1012 13.31 7.38 -4.62
CA ALA A 1012 13.46 8.71 -5.21
C ALA A 1012 13.72 9.76 -4.16
N ALA A 1013 13.08 9.65 -2.99
CA ALA A 1013 13.36 10.58 -1.89
C ALA A 1013 14.80 10.44 -1.40
N GLU A 1014 15.28 9.20 -1.29
CA GLU A 1014 16.68 8.98 -0.89
C GLU A 1014 17.67 9.55 -1.91
N ILE A 1015 17.39 9.34 -3.21
CA ILE A 1015 18.25 9.85 -4.26
C ILE A 1015 18.22 11.37 -4.31
N ARG A 1016 17.05 11.98 -4.01
CA ARG A 1016 16.95 13.44 -3.98
C ARG A 1016 17.76 14.03 -2.83
N ALA A 1017 17.75 13.35 -1.67
CA ALA A 1017 18.60 13.78 -0.55
C ALA A 1017 20.08 13.70 -0.91
N SER A 1018 20.48 12.60 -1.58
CA SER A 1018 21.87 12.46 -2.01
C SER A 1018 22.26 13.51 -3.04
N ALA A 1019 21.32 13.86 -3.93
CA ALA A 1019 21.60 14.88 -4.95
C ALA A 1019 21.70 16.27 -4.34
N ASN A 1020 20.90 16.55 -3.31
CA ASN A 1020 21.04 17.82 -2.60
C ASN A 1020 22.39 17.91 -1.89
N LEU A 1021 22.85 16.80 -1.30
CA LEU A 1021 24.18 16.78 -0.69
C LEU A 1021 25.28 16.99 -1.72
N ALA A 1022 25.15 16.35 -2.90
CA ALA A 1022 26.16 16.51 -3.95
C ALA A 1022 26.18 17.93 -4.51
N ALA A 1023 25.01 18.56 -4.63
CA ALA A 1023 24.95 19.95 -5.07
C ALA A 1023 25.57 20.89 -4.04
N THR A 1024 25.37 20.59 -2.75
CA THR A 1024 26.01 21.38 -1.69
C THR A 1024 27.53 21.24 -1.74
N LYS A 1025 28.02 20.01 -1.96
CA LYS A 1025 29.47 19.79 -2.06
C LYS A 1025 30.05 20.49 -3.28
N MET A 1026 29.33 20.49 -4.41
CA MET A 1026 29.81 21.18 -5.60
C MET A 1026 29.81 22.69 -5.40
N SER A 1027 28.80 23.22 -4.70
CA SER A 1027 28.74 24.66 -4.50
C SER A 1027 29.79 25.13 -3.50
N GLU A 1028 30.10 24.33 -2.48
CA GLU A 1028 30.94 24.81 -1.39
C GLU A 1028 32.41 24.38 -1.50
N CYS A 1029 32.72 23.30 -2.21
CA CYS A 1029 34.09 22.82 -2.27
C CYS A 1029 34.74 22.96 -3.64
N VAL A 1030 33.98 22.79 -4.72
CA VAL A 1030 34.53 23.06 -6.05
C VAL A 1030 34.62 24.56 -6.30
N LEU A 1031 33.57 25.29 -5.96
CA LEU A 1031 33.47 26.72 -6.25
C LEU A 1031 34.11 27.58 -5.17
N GLY A 1032 34.67 26.98 -4.13
CA GLY A 1032 35.31 27.75 -3.08
C GLY A 1032 36.22 26.89 -2.25
N GLN A 1033 36.45 27.33 -1.02
CA GLN A 1033 37.23 26.56 -0.05
C GLN A 1033 36.43 26.43 1.23
N SER A 1034 36.42 25.22 1.80
CA SER A 1034 35.53 24.90 2.90
C SER A 1034 36.31 24.87 4.21
N LYS A 1035 35.80 25.57 5.22
CA LYS A 1035 36.36 25.53 6.56
C LYS A 1035 35.70 24.50 7.45
N ARG A 1036 34.70 23.79 6.94
CA ARG A 1036 34.00 22.78 7.73
C ARG A 1036 34.84 21.52 7.86
N VAL A 1037 34.89 20.96 9.06
CA VAL A 1037 35.77 19.84 9.35
C VAL A 1037 35.18 18.57 8.74
N ASP A 1038 36.01 17.85 7.96
CA ASP A 1038 35.71 16.57 7.33
C ASP A 1038 34.53 16.63 6.37
N PHE A 1039 34.17 17.83 5.89
CA PHE A 1039 33.13 17.93 4.87
C PHE A 1039 33.67 17.50 3.51
N CYS A 1040 34.91 17.89 3.20
CA CYS A 1040 35.54 17.57 1.92
C CYS A 1040 36.93 17.00 2.21
N GLY A 1041 36.97 15.70 2.49
CA GLY A 1041 38.23 15.01 2.72
C GLY A 1041 38.81 15.19 4.11
N LYS A 1042 39.56 14.21 4.59
CA LYS A 1042 40.25 14.33 5.86
C LYS A 1042 41.50 15.19 5.69
N GLY A 1043 41.67 16.15 6.60
CA GLY A 1043 42.72 17.14 6.50
C GLY A 1043 42.15 18.51 6.21
N TYR A 1044 43.06 19.46 5.98
CA TYR A 1044 42.67 20.82 5.69
C TYR A 1044 42.42 20.98 4.19
N HIS A 1045 41.21 21.38 3.83
CA HIS A 1045 40.78 21.37 2.44
C HIS A 1045 41.48 22.45 1.63
N LEU A 1046 41.94 22.10 0.43
CA LEU A 1046 42.54 23.05 -0.49
C LEU A 1046 41.71 23.23 -1.75
N MET A 1047 41.49 22.16 -2.53
CA MET A 1047 40.67 22.23 -3.73
C MET A 1047 39.75 21.02 -3.80
N SER A 1048 38.97 20.97 -4.87
CA SER A 1048 38.19 19.79 -5.24
C SER A 1048 37.95 19.84 -6.74
N PHE A 1049 37.77 18.67 -7.34
CA PHE A 1049 37.60 18.55 -8.78
C PHE A 1049 36.41 17.64 -9.09
N PRO A 1050 35.46 18.09 -9.91
CA PRO A 1050 34.32 17.24 -10.24
C PRO A 1050 34.57 16.36 -11.46
N GLN A 1051 34.04 15.14 -11.39
CA GLN A 1051 34.07 14.22 -12.50
C GLN A 1051 32.69 13.59 -12.63
N SER A 1052 32.21 13.44 -13.87
CA SER A 1052 30.94 12.77 -14.06
C SER A 1052 31.10 11.27 -13.85
N ALA A 1053 29.98 10.60 -13.60
CA ALA A 1053 29.96 9.16 -13.41
C ALA A 1053 28.57 8.66 -13.74
N PRO A 1054 28.42 7.36 -14.10
CA PRO A 1054 27.09 6.81 -14.36
C PRO A 1054 26.16 6.91 -13.17
N HIS A 1055 25.13 7.74 -13.33
CA HIS A 1055 24.18 8.12 -12.28
C HIS A 1055 24.87 8.72 -11.06
N GLY A 1056 25.91 9.52 -11.27
CA GLY A 1056 26.54 10.12 -10.10
C GLY A 1056 27.68 11.06 -10.44
N VAL A 1057 28.33 11.53 -9.38
CA VAL A 1057 29.43 12.47 -9.46
C VAL A 1057 30.54 12.00 -8.53
N VAL A 1058 31.78 12.33 -8.89
CA VAL A 1058 32.97 11.92 -8.17
C VAL A 1058 33.81 13.15 -7.90
N PHE A 1059 34.17 13.35 -6.64
CA PHE A 1059 34.97 14.50 -6.21
C PHE A 1059 36.37 14.03 -5.83
N LEU A 1060 37.38 14.76 -6.29
CA LEU A 1060 38.76 14.51 -5.92
C LEU A 1060 39.19 15.63 -4.98
N HIS A 1061 38.94 15.42 -3.69
CA HIS A 1061 39.25 16.41 -2.67
C HIS A 1061 40.75 16.46 -2.41
N VAL A 1062 41.35 17.62 -2.62
CA VAL A 1062 42.75 17.85 -2.29
C VAL A 1062 42.83 18.38 -0.87
N THR A 1063 43.66 17.74 -0.04
CA THR A 1063 43.75 18.10 1.36
C THR A 1063 45.21 18.14 1.80
N TYR A 1064 45.45 18.95 2.82
CA TYR A 1064 46.76 19.13 3.44
C TYR A 1064 46.76 18.36 4.76
N VAL A 1065 47.75 17.49 4.94
CA VAL A 1065 47.86 16.71 6.17
C VAL A 1065 49.24 16.93 6.77
N PRO A 1066 49.35 17.31 8.05
CA PRO A 1066 50.66 17.38 8.68
C PRO A 1066 51.30 16.00 8.83
N ALA A 1067 52.62 15.96 8.69
CA ALA A 1067 53.32 14.69 8.54
C ALA A 1067 54.25 14.35 9.69
N GLN A 1068 55.22 15.21 10.01
CA GLN A 1068 56.32 14.84 10.90
C GLN A 1068 56.33 15.76 12.11
N GLU A 1069 55.67 15.33 13.18
CA GLU A 1069 55.60 16.12 14.40
C GLU A 1069 56.89 16.02 15.19
N LYS A 1070 57.09 16.99 16.07
CA LYS A 1070 58.24 17.02 16.95
C LYS A 1070 57.85 17.67 18.27
N ASN A 1071 58.41 17.16 19.36
CA ASN A 1071 58.14 17.67 20.69
C ASN A 1071 58.84 18.99 20.93
N PHE A 1072 58.16 19.90 21.65
CA PHE A 1072 58.74 21.17 22.06
C PHE A 1072 58.16 21.56 23.41
N THR A 1073 58.92 22.34 24.16
CA THR A 1073 58.45 22.90 25.43
C THR A 1073 57.80 24.25 25.18
N THR A 1074 56.65 24.49 25.79
CA THR A 1074 55.84 25.66 25.47
C THR A 1074 55.48 26.42 26.75
N ALA A 1075 55.19 27.70 26.56
CA ALA A 1075 54.74 28.60 27.61
C ALA A 1075 53.70 29.54 27.03
N PRO A 1076 52.69 29.96 27.82
CA PRO A 1076 51.65 30.84 27.28
C PRO A 1076 52.09 32.28 27.09
N ALA A 1077 53.02 32.77 27.91
CA ALA A 1077 53.42 34.17 27.85
C ALA A 1077 54.88 34.30 28.29
N ILE A 1078 55.44 35.49 28.05
CA ILE A 1078 56.85 35.76 28.33
C ILE A 1078 56.94 36.97 29.24
N CYS A 1079 57.65 36.83 30.36
CA CYS A 1079 57.99 37.99 31.19
C CYS A 1079 59.12 38.79 30.56
N HIS A 1080 58.92 40.10 30.45
CA HIS A 1080 59.97 41.00 29.99
C HIS A 1080 59.71 42.36 30.61
N ASP A 1081 60.64 42.79 31.48
CA ASP A 1081 60.59 44.08 32.20
C ASP A 1081 59.29 44.24 32.99
N GLY A 1082 58.81 43.14 33.56
CA GLY A 1082 57.56 43.13 34.28
C GLY A 1082 56.33 42.96 33.43
N LYS A 1083 56.45 43.05 32.11
CA LYS A 1083 55.32 42.92 31.21
C LYS A 1083 55.15 41.47 30.77
N ALA A 1084 53.94 41.15 30.35
CA ALA A 1084 53.59 39.83 29.84
C ALA A 1084 53.37 39.94 28.34
N HIS A 1085 54.11 39.15 27.57
CA HIS A 1085 54.03 39.16 26.11
C HIS A 1085 53.33 37.90 25.64
N PHE A 1086 52.35 38.07 24.76
CA PHE A 1086 51.57 37.02 24.14
C PHE A 1086 51.80 37.03 22.63
N PRO A 1087 51.80 35.87 21.98
CA PRO A 1087 52.03 35.86 20.52
C PRO A 1087 50.81 36.34 19.76
N ARG A 1088 51.06 37.12 18.71
CA ARG A 1088 49.96 37.56 17.85
C ARG A 1088 49.40 36.40 17.04
N GLU A 1089 50.27 35.62 16.42
CA GLU A 1089 49.88 34.40 15.72
C GLU A 1089 51.06 33.44 15.81
N GLY A 1090 50.86 32.31 16.49
CA GLY A 1090 51.89 31.32 16.65
C GLY A 1090 52.01 30.85 18.08
N VAL A 1091 52.98 29.97 18.30
CA VAL A 1091 53.19 29.29 19.57
C VAL A 1091 54.56 29.69 20.07
N PHE A 1092 54.67 29.92 21.38
CA PHE A 1092 55.98 30.04 22.02
C PHE A 1092 56.54 28.64 22.23
N VAL A 1093 57.68 28.35 21.61
CA VAL A 1093 58.31 27.04 21.72
C VAL A 1093 59.73 27.22 22.21
N SER A 1094 60.32 26.11 22.67
CA SER A 1094 61.68 26.10 23.17
C SER A 1094 62.35 24.80 22.76
N ASN A 1095 63.59 24.89 22.28
CA ASN A 1095 64.36 23.71 21.92
C ASN A 1095 65.33 23.29 23.02
N GLY A 1096 65.17 23.85 24.22
CA GLY A 1096 66.00 23.49 25.34
C GLY A 1096 66.75 24.66 25.96
N THR A 1097 67.25 25.57 25.13
CA THR A 1097 68.03 26.70 25.60
C THR A 1097 67.48 28.05 25.17
N HIS A 1098 66.77 28.14 24.04
CA HIS A 1098 66.30 29.40 23.51
C HIS A 1098 64.81 29.30 23.20
N TRP A 1099 64.16 30.46 23.23
CA TRP A 1099 62.71 30.54 23.05
C TRP A 1099 62.41 31.22 21.72
N PHE A 1100 61.50 30.63 20.96
CA PHE A 1100 61.10 31.14 19.65
C PHE A 1100 59.58 31.22 19.59
N VAL A 1101 59.09 31.87 18.54
CA VAL A 1101 57.67 31.90 18.22
C VAL A 1101 57.50 31.36 16.80
N THR A 1102 56.54 30.45 16.61
CA THR A 1102 56.41 29.75 15.35
C THR A 1102 54.94 29.71 14.94
N GLN A 1103 54.69 29.16 13.76
CA GLN A 1103 53.32 28.91 13.34
C GLN A 1103 52.77 27.67 14.04
N ARG A 1104 51.45 27.52 13.99
CA ARG A 1104 50.83 26.36 14.64
C ARG A 1104 50.87 25.12 13.76
N ASN A 1105 50.87 25.27 12.45
CA ASN A 1105 50.76 24.14 11.53
C ASN A 1105 52.05 23.81 10.81
N PHE A 1106 53.12 24.57 11.01
CA PHE A 1106 54.39 24.33 10.34
C PHE A 1106 55.50 24.93 11.18
N TYR A 1107 56.51 24.12 11.51
CA TYR A 1107 57.56 24.57 12.40
C TYR A 1107 58.49 25.53 11.67
N GLU A 1108 58.39 26.82 11.98
CA GLU A 1108 59.29 27.84 11.45
C GLU A 1108 59.62 28.80 12.58
N PRO A 1109 60.72 28.58 13.29
CA PRO A 1109 61.02 29.41 14.46
C PRO A 1109 61.55 30.79 14.08
N GLN A 1110 61.04 31.81 14.78
CA GLN A 1110 61.47 33.18 14.59
C GLN A 1110 61.89 33.76 15.93
N ILE A 1111 62.68 34.84 15.87
CA ILE A 1111 63.13 35.51 17.07
C ILE A 1111 61.96 36.27 17.70
N ILE A 1112 61.79 36.11 19.02
CA ILE A 1112 60.70 36.76 19.74
C ILE A 1112 61.01 38.24 19.83
N THR A 1113 60.28 39.05 19.06
CA THR A 1113 60.45 40.49 19.04
C THR A 1113 59.18 41.17 19.52
N THR A 1114 59.15 42.49 19.42
CA THR A 1114 57.98 43.28 19.76
C THR A 1114 57.01 43.43 18.59
N ASP A 1115 57.35 42.89 17.42
CA ASP A 1115 56.48 42.99 16.25
C ASP A 1115 55.56 41.79 16.09
N ASN A 1116 55.95 40.63 16.63
CA ASN A 1116 55.13 39.43 16.57
C ASN A 1116 54.50 39.08 17.90
N THR A 1117 54.65 39.93 18.92
CA THR A 1117 54.00 39.76 20.21
C THR A 1117 53.24 41.03 20.55
N PHE A 1118 52.35 40.91 21.54
CA PHE A 1118 51.65 42.06 22.10
C PHE A 1118 51.65 41.96 23.62
N VAL A 1119 51.50 43.12 24.26
CA VAL A 1119 51.68 43.27 25.69
C VAL A 1119 50.31 43.47 26.34
N SER A 1120 50.03 42.68 27.37
CA SER A 1120 48.79 42.83 28.13
C SER A 1120 49.06 42.46 29.58
N GLY A 1121 48.79 43.41 30.49
CA GLY A 1121 48.92 43.13 31.91
C GLY A 1121 50.37 43.01 32.35
N ASN A 1122 50.57 42.25 33.43
CA ASN A 1122 51.89 42.02 34.00
C ASN A 1122 52.04 40.54 34.31
N CYS A 1123 53.12 40.19 35.00
CA CYS A 1123 53.58 38.80 35.03
C CYS A 1123 52.75 37.92 35.96
N ASP A 1124 52.30 38.45 37.09
CA ASP A 1124 51.80 37.61 38.18
C ASP A 1124 50.42 37.03 37.94
N VAL A 1125 49.69 37.48 36.91
CA VAL A 1125 48.32 37.01 36.72
C VAL A 1125 48.26 35.74 35.85
N VAL A 1126 49.22 35.56 34.94
CA VAL A 1126 49.21 34.44 34.02
C VAL A 1126 49.87 33.23 34.69
N ILE A 1127 49.22 32.08 34.59
CA ILE A 1127 49.75 30.83 35.14
C ILE A 1127 50.63 30.16 34.10
N GLY A 1128 51.88 29.90 34.46
CA GLY A 1128 52.81 29.26 33.55
C GLY A 1128 53.72 30.20 32.77
N ILE A 1129 53.78 31.47 33.17
CA ILE A 1129 54.63 32.43 32.45
C ILE A 1129 56.10 32.16 32.77
N VAL A 1130 56.96 32.40 31.77
CA VAL A 1130 58.39 32.18 31.92
C VAL A 1130 59.12 33.49 31.61
N ASN A 1131 60.44 33.48 31.84
CA ASN A 1131 61.27 34.65 31.65
C ASN A 1131 62.13 34.48 30.40
N ASN A 1132 62.07 35.47 29.51
CA ASN A 1132 62.92 35.50 28.33
C ASN A 1132 63.04 36.95 27.87
N THR A 1133 64.14 37.24 27.18
CA THR A 1133 64.37 38.58 26.65
C THR A 1133 63.60 38.75 25.34
N VAL A 1134 62.77 39.79 25.27
CA VAL A 1134 62.05 40.12 24.05
C VAL A 1134 62.85 41.16 23.29
N TYR A 1135 63.21 40.83 22.04
CA TYR A 1135 64.07 41.69 21.25
C TYR A 1135 63.33 42.94 20.79
N ASP A 1136 64.08 44.03 20.70
CA ASP A 1136 63.55 45.30 20.19
C ASP A 1136 64.23 45.64 18.88
N PRO A 1137 63.52 45.67 17.74
CA PRO A 1137 64.17 46.01 16.47
C PRO A 1137 64.57 47.48 16.36
N LEU A 1138 63.98 48.36 17.16
CA LEU A 1138 64.32 49.78 17.11
C LEU A 1138 65.66 50.09 17.77
N GLN A 1139 66.13 49.20 18.66
CA GLN A 1139 67.39 49.45 19.36
C GLN A 1139 68.64 49.45 18.45
N PRO A 1140 68.84 48.53 17.50
CA PRO A 1140 69.98 48.74 16.58
C PRO A 1140 69.79 49.90 15.62
N GLU A 1141 68.55 50.28 15.32
CA GLU A 1141 68.32 51.44 14.45
C GLU A 1141 68.63 52.74 15.17
N LEU A 1142 68.41 52.80 16.48
CA LEU A 1142 68.74 53.99 17.24
C LEU A 1142 70.25 54.16 17.42
N ASP A 1143 71.01 53.07 17.35
CA ASP A 1143 72.45 53.12 17.52
C ASP A 1143 73.20 53.36 16.21
N SER A 1144 72.48 53.55 15.11
CA SER A 1144 73.11 53.81 13.83
C SER A 1144 73.68 55.22 13.77
N ALA B 27 -41.33 5.39 42.20
CA ALA B 27 -40.01 5.77 42.71
C ALA B 27 -38.91 5.37 41.74
N TYR B 28 -37.81 6.12 41.76
CA TYR B 28 -36.67 5.86 40.89
C TYR B 28 -35.39 5.97 41.70
N THR B 29 -34.35 5.28 41.24
CA THR B 29 -33.04 5.40 41.84
C THR B 29 -31.98 5.21 40.77
N ASN B 30 -30.72 5.36 41.17
CA ASN B 30 -29.60 5.36 40.24
C ASN B 30 -29.06 3.95 40.08
N SER B 31 -28.84 3.54 38.82
CA SER B 31 -28.34 2.20 38.54
C SER B 31 -26.85 2.05 38.85
N PHE B 32 -26.11 3.16 38.81
CA PHE B 32 -24.64 3.23 39.00
C PHE B 32 -23.97 2.34 37.97
N THR B 33 -23.01 1.51 38.33
CA THR B 33 -22.30 0.65 37.39
C THR B 33 -22.87 -0.75 37.32
N ARG B 34 -24.03 -0.99 37.94
CA ARG B 34 -24.62 -2.31 37.99
C ARG B 34 -25.16 -2.72 36.61
N GLY B 35 -25.09 -4.02 36.33
CA GLY B 35 -25.66 -4.56 35.11
C GLY B 35 -24.64 -4.91 34.04
N VAL B 36 -23.52 -5.48 34.45
CA VAL B 36 -22.46 -5.89 33.53
C VAL B 36 -22.32 -7.40 33.61
N TYR B 37 -22.46 -8.08 32.48
CA TYR B 37 -22.41 -9.54 32.41
C TYR B 37 -21.28 -9.96 31.47
N TYR B 38 -20.96 -11.24 31.51
CA TYR B 38 -19.97 -11.80 30.60
C TYR B 38 -20.57 -11.92 29.21
N PRO B 39 -19.98 -11.31 28.18
CA PRO B 39 -20.58 -11.37 26.84
C PRO B 39 -20.40 -12.70 26.14
N ASP B 40 -19.46 -13.54 26.58
CA ASP B 40 -19.23 -14.84 25.96
C ASP B 40 -18.65 -15.78 27.01
N LYS B 41 -18.38 -17.01 26.58
CA LYS B 41 -17.87 -18.07 27.46
C LYS B 41 -16.41 -18.37 27.19
N VAL B 42 -15.61 -17.35 26.91
CA VAL B 42 -14.20 -17.49 26.56
C VAL B 42 -13.37 -16.82 27.64
N PHE B 43 -12.39 -17.56 28.17
CA PHE B 43 -11.53 -17.04 29.23
C PHE B 43 -10.51 -16.06 28.63
N ARG B 44 -10.50 -14.84 29.13
CA ARG B 44 -9.55 -13.82 28.72
C ARG B 44 -8.90 -13.23 29.96
N SER B 45 -7.58 -13.12 29.96
CA SER B 45 -6.84 -12.66 31.13
C SER B 45 -5.99 -11.46 30.75
N SER B 46 -6.13 -10.37 31.54
CA SER B 46 -5.34 -9.14 31.44
C SER B 46 -5.46 -8.51 30.05
N VAL B 47 -6.68 -8.11 29.69
CA VAL B 47 -6.93 -7.57 28.37
C VAL B 47 -8.14 -6.63 28.44
N LEU B 48 -8.12 -5.60 27.60
CA LEU B 48 -9.23 -4.66 27.49
C LEU B 48 -10.01 -5.00 26.23
N HIS B 49 -11.21 -5.55 26.41
CA HIS B 49 -12.01 -6.05 25.30
C HIS B 49 -13.17 -5.11 25.04
N SER B 50 -13.35 -4.73 23.78
CA SER B 50 -14.48 -3.90 23.38
C SER B 50 -15.59 -4.80 22.87
N THR B 51 -16.81 -4.59 23.39
CA THR B 51 -17.95 -5.40 23.02
C THR B 51 -19.14 -4.50 22.74
N GLN B 52 -20.09 -5.02 21.97
CA GLN B 52 -21.30 -4.28 21.59
C GLN B 52 -22.49 -5.22 21.77
N ASP B 53 -23.34 -4.92 22.75
CA ASP B 53 -24.43 -5.83 23.11
C ASP B 53 -25.47 -5.05 23.87
N LEU B 54 -26.55 -5.74 24.26
CA LEU B 54 -27.61 -5.15 25.06
C LEU B 54 -27.12 -5.06 26.50
N PHE B 55 -26.79 -3.85 26.95
CA PHE B 55 -26.31 -3.60 28.30
C PHE B 55 -27.21 -2.61 29.00
N LEU B 56 -27.13 -2.60 30.32
CA LEU B 56 -27.79 -1.55 31.10
C LEU B 56 -26.92 -0.30 31.09
N PRO B 57 -27.43 0.85 30.66
CA PRO B 57 -26.60 2.06 30.63
C PRO B 57 -26.22 2.55 32.01
N PHE B 58 -25.06 3.17 32.09
CA PHE B 58 -24.53 3.62 33.37
C PHE B 58 -25.30 4.83 33.88
N PHE B 59 -25.51 4.85 35.21
CA PHE B 59 -26.16 5.94 35.94
C PHE B 59 -27.57 6.22 35.42
N SER B 60 -28.29 5.17 35.08
CA SER B 60 -29.64 5.30 34.54
C SER B 60 -30.67 5.20 35.66
N ASN B 61 -31.90 5.62 35.34
CA ASN B 61 -33.00 5.53 36.29
C ASN B 61 -33.56 4.12 36.28
N VAL B 62 -33.60 3.49 37.45
CA VAL B 62 -34.22 2.18 37.62
C VAL B 62 -35.38 2.31 38.60
N THR B 63 -36.50 1.68 38.26
CA THR B 63 -37.73 1.87 39.00
C THR B 63 -37.73 0.97 40.23
N TRP B 64 -38.19 1.51 41.34
CA TRP B 64 -38.02 0.92 42.67
C TRP B 64 -39.38 0.57 43.23
N PHE B 65 -39.54 -0.67 43.71
CA PHE B 65 -40.76 -1.12 44.34
C PHE B 65 -40.44 -1.78 45.67
N HIS B 66 -41.37 -1.66 46.61
CA HIS B 66 -41.25 -2.24 47.94
C HIS B 66 -42.08 -3.51 48.06
N VAL B 67 -41.70 -4.35 49.02
CA VAL B 67 -42.45 -5.55 49.37
C VAL B 67 -43.23 -5.23 50.64
N ILE B 68 -44.50 -4.88 50.49
CA ILE B 68 -45.34 -4.53 51.63
C ILE B 68 -46.12 -5.75 52.11
N ASP B 78 -47.86 -5.19 45.67
CA ASP B 78 -47.06 -4.19 44.96
C ASP B 78 -46.28 -4.86 43.83
N ASN B 79 -46.99 -5.55 42.95
CA ASN B 79 -46.39 -6.25 41.81
C ASN B 79 -47.13 -5.97 40.49
N PRO B 80 -47.02 -4.76 39.96
CA PRO B 80 -47.75 -4.41 38.74
C PRO B 80 -47.11 -5.03 37.50
N VAL B 81 -47.89 -5.05 36.42
CA VAL B 81 -47.43 -5.60 35.15
C VAL B 81 -46.61 -4.54 34.43
N LEU B 82 -45.35 -4.85 34.16
CA LEU B 82 -44.38 -3.94 33.55
C LEU B 82 -44.00 -4.45 32.15
N PRO B 83 -43.65 -3.55 31.23
CA PRO B 83 -43.22 -3.99 29.90
C PRO B 83 -41.84 -4.65 29.96
N PHE B 84 -41.51 -5.35 28.87
CA PHE B 84 -40.24 -6.05 28.76
C PHE B 84 -39.21 -5.28 27.93
N ASN B 85 -39.67 -4.56 26.90
CA ASN B 85 -38.85 -3.81 25.94
C ASN B 85 -37.87 -4.77 25.28
N ASP B 86 -36.57 -4.56 25.36
CA ASP B 86 -35.60 -5.47 24.76
C ASP B 86 -34.90 -6.36 25.78
N GLY B 87 -34.87 -5.95 27.04
CA GLY B 87 -34.22 -6.74 28.07
C GLY B 87 -34.52 -6.13 29.42
N VAL B 88 -34.36 -6.94 30.47
CA VAL B 88 -34.70 -6.51 31.81
C VAL B 88 -33.55 -6.84 32.76
N TYR B 89 -33.08 -5.83 33.48
CA TYR B 89 -32.22 -6.02 34.63
C TYR B 89 -33.10 -5.98 35.88
N PHE B 90 -33.12 -7.08 36.62
CA PHE B 90 -33.96 -7.23 37.81
C PHE B 90 -33.05 -7.41 39.02
N ALA B 91 -33.16 -6.51 39.98
CA ALA B 91 -32.39 -6.62 41.22
C ALA B 91 -33.35 -6.75 42.39
N SER B 92 -32.89 -7.45 43.43
CA SER B 92 -33.73 -7.63 44.61
C SER B 92 -32.85 -7.65 45.85
N ILE B 93 -33.22 -6.82 46.83
CA ILE B 93 -32.57 -6.79 48.13
C ILE B 93 -33.56 -7.32 49.15
N GLU B 94 -33.29 -8.51 49.67
CA GLU B 94 -34.12 -9.16 50.67
C GLU B 94 -33.30 -10.23 51.36
N LYS B 95 -33.60 -10.46 52.64
CA LYS B 95 -32.93 -11.48 53.41
C LYS B 95 -33.82 -12.66 53.76
N SER B 96 -35.12 -12.58 53.49
CA SER B 96 -36.04 -13.67 53.75
C SER B 96 -36.56 -14.34 52.47
N ASN B 97 -36.10 -13.90 51.30
CA ASN B 97 -36.39 -14.49 50.00
C ASN B 97 -37.88 -14.51 49.69
N ILE B 98 -38.46 -13.30 49.60
CA ILE B 98 -39.90 -13.19 49.40
C ILE B 98 -40.26 -13.37 47.92
N ILE B 99 -39.41 -12.93 47.00
CA ILE B 99 -39.72 -13.01 45.58
C ILE B 99 -39.57 -14.45 45.11
N ARG B 100 -40.61 -14.97 44.46
CA ARG B 100 -40.71 -16.38 44.10
C ARG B 100 -41.03 -16.56 42.62
N GLY B 101 -40.30 -15.88 41.76
CA GLY B 101 -40.35 -16.14 40.34
C GLY B 101 -40.96 -15.00 39.54
N TRP B 102 -41.13 -15.26 38.25
CA TRP B 102 -41.59 -14.25 37.30
C TRP B 102 -42.56 -14.86 36.30
N ILE B 103 -43.32 -13.98 35.66
CA ILE B 103 -44.23 -14.33 34.57
C ILE B 103 -43.90 -13.44 33.38
N PHE B 104 -43.62 -14.05 32.23
CA PHE B 104 -43.34 -13.32 31.00
C PHE B 104 -44.42 -13.65 29.98
N GLY B 105 -44.76 -12.67 29.16
CA GLY B 105 -45.70 -12.94 28.09
C GLY B 105 -46.37 -11.67 27.60
N THR B 106 -47.31 -11.87 26.67
CA THR B 106 -48.02 -10.77 26.02
C THR B 106 -49.39 -10.54 26.63
N THR B 107 -50.26 -11.55 26.62
CA THR B 107 -51.62 -11.43 27.12
C THR B 107 -51.87 -12.13 28.44
N LEU B 108 -50.98 -13.05 28.84
CA LEU B 108 -51.00 -13.74 30.14
C LEU B 108 -52.30 -14.53 30.36
N ASP B 109 -52.65 -15.35 29.37
CA ASP B 109 -53.82 -16.21 29.41
C ASP B 109 -53.45 -17.64 29.03
N SER B 110 -52.37 -18.13 29.66
CA SER B 110 -51.79 -19.47 29.43
C SER B 110 -51.33 -19.68 27.99
N LYS B 111 -50.92 -18.61 27.33
CA LYS B 111 -50.27 -18.67 26.02
C LYS B 111 -48.79 -18.32 26.11
N THR B 112 -48.19 -18.51 27.29
CA THR B 112 -46.84 -18.05 27.56
C THR B 112 -46.27 -18.85 28.73
N GLN B 113 -44.96 -18.73 28.92
CA GLN B 113 -44.23 -19.55 29.88
C GLN B 113 -43.94 -18.75 31.15
N SER B 114 -44.21 -19.36 32.30
CA SER B 114 -44.05 -18.74 33.60
C SER B 114 -42.93 -19.42 34.37
N LEU B 115 -41.96 -18.64 34.85
CA LEU B 115 -40.80 -19.19 35.55
C LEU B 115 -41.08 -19.10 37.04
N LEU B 116 -41.62 -20.18 37.60
CA LEU B 116 -41.84 -20.26 39.04
C LEU B 116 -40.58 -20.81 39.70
N ILE B 117 -40.23 -20.27 40.86
CA ILE B 117 -39.02 -20.69 41.56
C ILE B 117 -39.38 -21.05 43.00
N VAL B 118 -38.60 -21.98 43.56
CA VAL B 118 -38.62 -22.31 44.97
C VAL B 118 -37.16 -22.19 45.41
N ASN B 119 -36.80 -21.05 45.99
CA ASN B 119 -35.39 -20.72 46.16
C ASN B 119 -35.19 -19.90 47.43
N ASN B 120 -34.05 -20.14 48.08
CA ASN B 120 -33.56 -19.30 49.17
C ASN B 120 -32.23 -18.65 48.78
N ALA B 121 -32.12 -18.28 47.51
CA ALA B 121 -30.96 -17.69 46.81
C ALA B 121 -29.76 -18.60 46.72
N THR B 122 -29.88 -19.88 47.12
CA THR B 122 -28.81 -20.86 46.99
C THR B 122 -29.29 -22.21 46.46
N ASN B 123 -30.59 -22.40 46.26
CA ASN B 123 -31.19 -23.69 45.92
C ASN B 123 -32.19 -23.52 44.78
N VAL B 124 -31.71 -22.92 43.68
CA VAL B 124 -32.53 -22.51 42.54
C VAL B 124 -33.23 -23.71 41.92
N VAL B 125 -34.56 -23.69 41.95
CA VAL B 125 -35.41 -24.75 41.41
C VAL B 125 -36.33 -24.13 40.37
N ILE B 126 -36.21 -24.57 39.12
CA ILE B 126 -36.85 -23.91 37.98
C ILE B 126 -38.03 -24.76 37.51
N LYS B 127 -39.16 -24.12 37.31
CA LYS B 127 -40.31 -24.71 36.61
C LYS B 127 -40.78 -23.73 35.54
N VAL B 128 -41.23 -24.27 34.41
CA VAL B 128 -41.63 -23.42 33.29
C VAL B 128 -43.05 -23.75 32.84
N CYS B 129 -43.89 -24.19 33.77
CA CYS B 129 -45.26 -24.54 33.44
C CYS B 129 -46.10 -23.29 33.15
N GLU B 130 -47.13 -23.48 32.33
CA GLU B 130 -47.99 -22.39 31.87
C GLU B 130 -49.29 -22.31 32.65
N PHE B 131 -49.26 -22.65 33.94
CA PHE B 131 -50.49 -22.69 34.73
C PHE B 131 -51.00 -21.29 35.03
N GLN B 132 -52.31 -21.12 34.93
CA GLN B 132 -52.96 -19.83 35.16
C GLN B 132 -53.38 -19.74 36.62
N PHE B 133 -52.80 -18.79 37.36
CA PHE B 133 -53.23 -18.48 38.70
C PHE B 133 -54.27 -17.34 38.57
N CYS B 134 -54.59 -16.67 39.68
CA CYS B 134 -55.57 -15.60 39.65
C CYS B 134 -55.00 -14.34 39.01
N ASN B 135 -55.79 -13.26 39.03
CA ASN B 135 -55.37 -12.01 38.43
C ASN B 135 -54.22 -11.36 39.19
N ASP B 136 -54.14 -11.61 40.49
CA ASP B 136 -53.01 -11.17 41.30
C ASP B 136 -52.25 -12.40 41.76
N PRO B 137 -51.19 -12.80 41.06
CA PRO B 137 -50.47 -14.03 41.45
C PRO B 137 -49.62 -13.83 42.70
N PHE B 138 -49.60 -14.86 43.54
CA PHE B 138 -48.83 -14.84 44.78
C PHE B 138 -48.59 -16.28 45.20
N LEU B 139 -47.99 -16.45 46.37
CA LEU B 139 -47.71 -17.77 46.91
C LEU B 139 -47.98 -17.77 48.41
N ASP B 140 -48.57 -18.86 48.90
CA ASP B 140 -48.87 -18.99 50.32
C ASP B 140 -47.61 -19.30 51.13
N ASN B 160 -46.25 -26.08 28.87
CA ASN B 160 -45.13 -26.98 28.61
C ASN B 160 -44.07 -26.86 29.70
N CYS B 161 -44.05 -27.84 30.61
CA CYS B 161 -43.05 -27.88 31.67
C CYS B 161 -41.78 -28.60 31.17
N THR B 162 -41.13 -27.96 30.20
CA THR B 162 -40.03 -28.60 29.48
C THR B 162 -38.78 -28.72 30.34
N PHE B 163 -38.42 -27.65 31.03
CA PHE B 163 -37.20 -27.60 31.84
C PHE B 163 -37.57 -27.58 33.32
N GLU B 164 -37.14 -28.61 34.05
CA GLU B 164 -37.26 -28.63 35.50
C GLU B 164 -35.88 -28.92 36.08
N TYR B 165 -35.45 -28.07 37.01
CA TYR B 165 -34.13 -28.17 37.62
C TYR B 165 -34.28 -28.18 39.14
N VAL B 166 -33.39 -28.92 39.79
CA VAL B 166 -33.28 -28.92 41.25
C VAL B 166 -31.81 -28.76 41.59
N SER B 167 -31.49 -27.72 42.36
CA SER B 167 -30.10 -27.47 42.76
C SER B 167 -29.66 -28.47 43.83
N PHE B 181 -31.64 -7.62 52.47
CA PHE B 181 -30.78 -6.86 53.38
C PHE B 181 -29.38 -7.44 53.38
N LYS B 182 -29.26 -8.70 53.78
CA LYS B 182 -27.99 -9.41 53.79
C LYS B 182 -27.71 -10.14 52.49
N ASN B 183 -28.62 -10.05 51.51
CA ASN B 183 -28.47 -10.81 50.28
C ASN B 183 -29.05 -10.04 49.11
N LEU B 184 -28.24 -9.82 48.08
CA LEU B 184 -28.65 -9.11 46.88
C LEU B 184 -28.60 -10.07 45.70
N ARG B 185 -29.68 -10.10 44.93
CA ARG B 185 -29.81 -10.93 43.75
C ARG B 185 -29.92 -10.05 42.51
N GLU B 186 -29.08 -10.31 41.52
CA GLU B 186 -29.09 -9.57 40.27
C GLU B 186 -29.31 -10.54 39.11
N PHE B 187 -30.22 -10.20 38.22
CA PHE B 187 -30.55 -11.03 37.07
C PHE B 187 -30.65 -10.14 35.83
N VAL B 188 -30.29 -10.71 34.69
CA VAL B 188 -30.51 -10.09 33.39
C VAL B 188 -31.26 -11.09 32.53
N PHE B 189 -32.45 -10.68 32.07
CA PHE B 189 -33.27 -11.47 31.16
C PHE B 189 -33.20 -10.84 29.78
N LYS B 190 -32.84 -11.65 28.78
CA LYS B 190 -32.58 -11.16 27.43
C LYS B 190 -33.15 -12.15 26.43
N ASN B 191 -34.11 -11.70 25.62
CA ASN B 191 -34.82 -12.57 24.69
C ASN B 191 -34.34 -12.26 23.27
N ILE B 192 -33.54 -13.17 22.71
CA ILE B 192 -32.96 -12.98 21.37
C ILE B 192 -33.17 -14.26 20.57
N ASP B 193 -33.85 -14.13 19.42
CA ASP B 193 -34.01 -15.19 18.40
C ASP B 193 -34.67 -16.45 18.98
N GLY B 194 -35.67 -16.26 19.82
CA GLY B 194 -36.32 -17.38 20.46
C GLY B 194 -35.58 -17.98 21.61
N TYR B 195 -34.47 -17.38 22.03
CA TYR B 195 -33.66 -17.86 23.14
C TYR B 195 -33.80 -16.90 24.31
N PHE B 196 -34.19 -17.42 25.46
CA PHE B 196 -34.28 -16.66 26.70
C PHE B 196 -32.99 -16.89 27.48
N LYS B 197 -32.22 -15.82 27.67
CA LYS B 197 -30.93 -15.88 28.34
C LYS B 197 -31.04 -15.20 29.70
N ILE B 198 -30.66 -15.94 30.75
CA ILE B 198 -30.73 -15.47 32.11
C ILE B 198 -29.32 -15.47 32.67
N TYR B 199 -28.80 -14.29 32.97
CA TYR B 199 -27.54 -14.11 33.67
C TYR B 199 -27.85 -13.79 35.12
N SER B 200 -27.04 -14.30 36.05
CA SER B 200 -27.35 -14.18 37.47
C SER B 200 -26.09 -13.93 38.28
N LYS B 201 -26.27 -13.23 39.41
CA LYS B 201 -25.20 -13.02 40.37
C LYS B 201 -25.81 -12.78 41.74
N HIS B 202 -25.27 -13.46 42.75
CA HIS B 202 -25.73 -13.34 44.12
C HIS B 202 -24.58 -12.79 44.96
N THR B 203 -24.83 -11.71 45.69
CA THR B 203 -23.77 -11.14 46.51
C THR B 203 -24.26 -10.84 47.91
N PRO B 204 -23.43 -11.09 48.94
CA PRO B 204 -23.84 -10.84 50.34
C PRO B 204 -23.45 -9.45 50.83
N ILE B 205 -24.17 -8.44 50.38
CA ILE B 205 -23.90 -7.07 50.80
C ILE B 205 -24.45 -6.83 52.20
N ILE B 206 -23.85 -5.89 52.91
CA ILE B 206 -24.34 -5.38 54.18
C ILE B 206 -24.41 -3.86 54.06
N VAL B 207 -25.62 -3.34 53.92
CA VAL B 207 -25.85 -1.91 53.75
C VAL B 207 -26.95 -1.47 54.70
N ARG B 208 -26.77 -0.30 55.33
CA ARG B 208 -27.76 0.20 56.27
C ARG B 208 -29.01 0.68 55.55
N GLU B 209 -28.85 1.42 54.45
CA GLU B 209 -29.97 1.97 53.73
C GLU B 209 -30.26 1.14 52.48
N PRO B 210 -31.42 0.49 52.38
CA PRO B 210 -31.76 -0.25 51.16
C PRO B 210 -32.45 0.63 50.12
N GLU B 211 -32.37 1.95 50.31
CA GLU B 211 -33.05 2.88 49.43
C GLU B 211 -32.40 2.98 48.06
N ASP B 212 -31.13 2.59 47.92
CA ASP B 212 -30.41 2.71 46.68
C ASP B 212 -29.61 1.45 46.42
N LEU B 213 -29.28 1.24 45.14
CA LEU B 213 -28.37 0.17 44.77
C LEU B 213 -26.97 0.48 45.29
N PRO B 214 -26.22 -0.51 45.75
CA PRO B 214 -24.88 -0.25 46.27
C PRO B 214 -23.90 0.11 45.18
N GLN B 215 -22.95 0.97 45.52
CA GLN B 215 -21.91 1.38 44.58
C GLN B 215 -20.82 0.32 44.54
N GLY B 216 -20.48 -0.12 43.35
CA GLY B 216 -19.48 -1.16 43.18
C GLY B 216 -19.62 -1.81 41.82
N PHE B 217 -18.85 -2.88 41.63
CA PHE B 217 -18.87 -3.61 40.38
C PHE B 217 -19.08 -5.09 40.65
N SER B 218 -20.08 -5.67 39.99
CA SER B 218 -20.36 -7.10 40.08
C SER B 218 -20.61 -7.62 38.68
N ALA B 219 -19.88 -8.67 38.31
CA ALA B 219 -19.98 -9.29 36.99
C ALA B 219 -20.98 -10.44 37.07
N LEU B 220 -21.88 -10.51 36.09
CA LEU B 220 -22.99 -11.45 36.10
C LEU B 220 -22.65 -12.64 35.20
N GLU B 221 -22.36 -13.77 35.80
CA GLU B 221 -22.06 -14.98 35.04
C GLU B 221 -23.35 -15.54 34.43
N PRO B 222 -23.26 -16.12 33.23
CA PRO B 222 -24.45 -16.69 32.60
C PRO B 222 -24.95 -17.94 33.32
N LEU B 223 -26.28 -18.05 33.43
CA LEU B 223 -26.89 -19.14 34.18
C LEU B 223 -27.73 -20.04 33.31
N VAL B 224 -28.75 -19.51 32.63
CA VAL B 224 -29.79 -20.33 32.00
C VAL B 224 -29.95 -19.89 30.54
N ASP B 225 -30.01 -20.86 29.62
CA ASP B 225 -30.37 -20.60 28.24
C ASP B 225 -31.56 -21.49 27.89
N LEU B 226 -32.68 -20.88 27.49
CA LEU B 226 -33.90 -21.62 27.19
C LEU B 226 -34.29 -21.43 25.74
N PRO B 227 -34.53 -22.51 24.98
CA PRO B 227 -35.06 -22.37 23.61
C PRO B 227 -36.59 -22.39 23.57
N ILE B 228 -37.21 -21.47 24.30
CA ILE B 228 -38.66 -21.47 24.41
C ILE B 228 -39.33 -20.96 23.13
N GLY B 229 -38.76 -19.94 22.49
CA GLY B 229 -39.30 -19.44 21.25
C GLY B 229 -40.58 -18.62 21.37
N ILE B 230 -40.95 -18.19 22.56
CA ILE B 230 -42.18 -17.43 22.75
C ILE B 230 -41.89 -15.95 22.52
N ASN B 231 -42.96 -15.18 22.35
CA ASN B 231 -42.90 -13.75 22.15
C ASN B 231 -43.27 -13.05 23.45
N ILE B 232 -42.39 -12.16 23.93
CA ILE B 232 -42.52 -11.53 25.23
C ILE B 232 -42.54 -10.02 25.05
N THR B 233 -43.55 -9.37 25.63
CA THR B 233 -43.59 -7.92 25.72
C THR B 233 -43.89 -7.39 27.13
N ARG B 234 -44.38 -8.23 28.05
CA ARG B 234 -44.71 -7.79 29.39
C ARG B 234 -44.24 -8.83 30.39
N PHE B 235 -44.07 -8.40 31.64
CA PHE B 235 -43.65 -9.33 32.69
C PHE B 235 -44.15 -8.83 34.04
N GLN B 236 -44.12 -9.75 35.00
CA GLN B 236 -44.60 -9.50 36.36
C GLN B 236 -43.80 -10.38 37.31
N THR B 237 -43.72 -9.99 38.57
CA THR B 237 -42.99 -10.75 39.57
C THR B 237 -43.94 -11.47 40.51
N LEU B 238 -43.43 -12.53 41.14
CA LEU B 238 -44.20 -13.37 42.06
C LEU B 238 -43.71 -13.14 43.49
N LEU B 239 -44.65 -13.13 44.43
CA LEU B 239 -44.33 -12.88 45.83
C LEU B 239 -44.88 -14.01 46.69
N ALA B 240 -44.28 -14.18 47.87
CA ALA B 240 -44.74 -15.15 48.85
C ALA B 240 -45.35 -14.40 50.03
N LEU B 241 -46.62 -14.68 50.31
CA LEU B 241 -47.36 -13.96 51.34
C LEU B 241 -48.02 -14.96 52.29
N HIS B 242 -48.20 -14.53 53.54
CA HIS B 242 -48.87 -15.33 54.54
C HIS B 242 -50.01 -14.56 55.19
N ALA B 260 -37.00 -5.51 52.18
CA ALA B 260 -37.20 -6.22 50.93
C ALA B 260 -37.72 -5.29 49.85
N ALA B 261 -36.97 -5.17 48.76
CA ALA B 261 -37.34 -4.29 47.66
C ALA B 261 -36.77 -4.85 46.37
N TYR B 262 -37.33 -4.40 45.24
CA TYR B 262 -36.82 -4.83 43.96
C TYR B 262 -36.80 -3.68 42.96
N TYR B 263 -35.83 -3.77 42.05
CA TYR B 263 -35.48 -2.70 41.11
C TYR B 263 -35.56 -3.25 39.70
N VAL B 264 -36.17 -2.49 38.80
CA VAL B 264 -36.36 -2.88 37.40
C VAL B 264 -35.68 -1.85 36.51
N GLY B 265 -34.80 -2.32 35.63
CA GLY B 265 -34.20 -1.46 34.63
C GLY B 265 -34.28 -2.10 33.26
N TYR B 266 -34.13 -1.28 32.23
CA TYR B 266 -34.31 -1.72 30.86
C TYR B 266 -32.98 -1.66 30.10
N LEU B 267 -32.71 -2.72 29.35
CA LEU B 267 -31.47 -2.84 28.59
C LEU B 267 -31.56 -2.07 27.28
N GLN B 268 -30.41 -1.61 26.81
CA GLN B 268 -30.30 -0.86 25.56
C GLN B 268 -29.04 -1.29 24.83
N PRO B 269 -29.02 -1.18 23.48
CA PRO B 269 -27.81 -1.55 22.74
C PRO B 269 -26.66 -0.57 22.96
N ARG B 270 -25.61 -1.03 23.64
CA ARG B 270 -24.50 -0.17 24.02
C ARG B 270 -23.17 -0.86 23.70
N THR B 271 -22.16 -0.02 23.51
CA THR B 271 -20.78 -0.46 23.37
C THR B 271 -20.07 -0.27 24.71
N PHE B 272 -19.44 -1.33 25.20
CA PHE B 272 -18.76 -1.32 26.48
C PHE B 272 -17.29 -1.71 26.27
N LEU B 273 -16.45 -1.22 27.18
CA LEU B 273 -15.06 -1.63 27.27
C LEU B 273 -14.87 -2.36 28.60
N LEU B 274 -14.54 -3.64 28.54
CA LEU B 274 -14.42 -4.48 29.72
C LEU B 274 -12.96 -4.76 30.01
N LYS B 275 -12.59 -4.76 31.29
CA LYS B 275 -11.22 -5.00 31.71
C LYS B 275 -11.13 -6.36 32.37
N TYR B 276 -10.28 -7.23 31.83
CA TYR B 276 -10.05 -8.56 32.37
C TYR B 276 -8.71 -8.56 33.09
N ASN B 277 -8.72 -8.91 34.37
CA ASN B 277 -7.51 -8.95 35.18
C ASN B 277 -6.76 -10.25 34.94
N GLU B 278 -5.80 -10.56 35.81
CA GLU B 278 -4.99 -11.77 35.66
C GLU B 278 -5.77 -13.05 35.92
N ASN B 279 -6.95 -12.97 36.52
CA ASN B 279 -7.75 -14.15 36.84
C ASN B 279 -9.02 -14.24 35.99
N GLY B 280 -9.16 -13.39 34.98
CA GLY B 280 -10.28 -13.46 34.08
C GLY B 280 -11.56 -12.79 34.54
N THR B 281 -11.54 -12.15 35.70
CA THR B 281 -12.74 -11.50 36.24
C THR B 281 -12.87 -10.09 35.68
N ILE B 282 -14.07 -9.75 35.20
CA ILE B 282 -14.33 -8.40 34.72
C ILE B 282 -14.40 -7.46 35.91
N THR B 283 -13.34 -6.70 36.13
CA THR B 283 -13.26 -5.82 37.28
C THR B 283 -13.77 -4.41 37.01
N ASP B 284 -13.76 -3.96 35.75
CA ASP B 284 -14.18 -2.61 35.44
C ASP B 284 -14.70 -2.55 34.02
N ALA B 285 -15.52 -1.54 33.76
CA ALA B 285 -16.09 -1.35 32.43
C ALA B 285 -16.34 0.12 32.19
N VAL B 286 -16.36 0.49 30.91
CA VAL B 286 -16.55 1.86 30.46
C VAL B 286 -17.69 1.86 29.45
N ASP B 287 -18.71 2.70 29.70
CA ASP B 287 -19.84 2.86 28.80
C ASP B 287 -19.51 3.95 27.79
N CYS B 288 -19.42 3.57 26.51
CA CYS B 288 -18.87 4.45 25.49
C CYS B 288 -19.80 5.59 25.09
N ALA B 289 -21.04 5.61 25.54
CA ALA B 289 -21.98 6.67 25.18
C ALA B 289 -22.41 7.50 26.38
N LEU B 290 -21.66 7.46 27.48
CA LEU B 290 -22.04 8.18 28.68
C LEU B 290 -21.66 9.66 28.60
N ASP B 291 -20.38 9.94 28.45
CA ASP B 291 -19.83 11.29 28.44
C ASP B 291 -18.63 11.32 27.51
N PRO B 292 -18.17 12.50 27.08
CA PRO B 292 -17.01 12.57 26.17
C PRO B 292 -15.72 11.93 26.69
N LEU B 293 -15.52 11.92 28.00
CA LEU B 293 -14.33 11.26 28.56
C LEU B 293 -14.36 9.75 28.31
N SER B 294 -15.52 9.12 28.49
CA SER B 294 -15.62 7.69 28.22
C SER B 294 -15.57 7.40 26.72
N GLU B 295 -16.05 8.33 25.89
CA GLU B 295 -15.89 8.19 24.45
C GLU B 295 -14.42 8.22 24.05
N THR B 296 -13.64 9.12 24.67
CA THR B 296 -12.20 9.15 24.44
C THR B 296 -11.52 7.87 24.94
N LYS B 297 -11.98 7.35 26.09
CA LYS B 297 -11.44 6.10 26.62
C LYS B 297 -11.72 4.92 25.69
N CYS B 298 -12.92 4.88 25.10
CA CYS B 298 -13.25 3.83 24.15
C CYS B 298 -12.52 4.00 22.83
N THR B 299 -12.25 5.25 22.42
CA THR B 299 -11.48 5.48 21.20
C THR B 299 -10.03 5.05 21.36
N LEU B 300 -9.40 5.40 22.48
CA LEU B 300 -8.01 5.06 22.69
C LEU B 300 -7.79 3.64 23.18
N LYS B 301 -8.88 2.90 23.49
CA LYS B 301 -8.84 1.55 24.05
C LYS B 301 -8.02 1.49 25.34
N SER B 302 -8.19 2.49 26.19
CA SER B 302 -7.45 2.54 27.45
C SER B 302 -8.32 3.20 28.51
N PHE B 303 -8.08 2.84 29.77
CA PHE B 303 -8.80 3.41 30.89
C PHE B 303 -8.18 4.72 31.37
N THR B 304 -6.89 4.93 31.12
CA THR B 304 -6.19 6.14 31.54
C THR B 304 -5.88 6.98 30.31
N VAL B 305 -6.34 8.23 30.32
CA VAL B 305 -6.16 9.16 29.21
C VAL B 305 -5.15 10.21 29.62
N GLU B 306 -4.10 10.37 28.82
CA GLU B 306 -3.08 11.36 29.09
C GLU B 306 -3.57 12.77 28.73
N LYS B 307 -2.78 13.77 29.10
CA LYS B 307 -3.16 15.15 28.89
C LYS B 307 -3.00 15.54 27.43
N GLY B 308 -4.03 16.15 26.86
CA GLY B 308 -3.94 16.63 25.49
C GLY B 308 -5.32 16.73 24.86
N ILE B 309 -5.32 16.85 23.54
CA ILE B 309 -6.53 16.93 22.73
C ILE B 309 -6.61 15.69 21.85
N TYR B 310 -7.78 15.05 21.84
CA TYR B 310 -7.96 13.78 21.15
C TYR B 310 -9.19 13.84 20.26
N GLN B 311 -9.06 13.35 19.03
CA GLN B 311 -10.20 13.26 18.12
C GLN B 311 -10.92 11.95 18.40
N THR B 312 -12.21 12.03 18.74
CA THR B 312 -12.96 10.87 19.19
C THR B 312 -13.98 10.46 18.13
N SER B 313 -13.98 9.18 17.79
CA SER B 313 -15.02 8.63 16.94
C SER B 313 -16.33 8.55 17.71
N ASN B 314 -17.44 8.69 17.00
CA ASN B 314 -18.74 8.77 17.66
C ASN B 314 -19.27 7.39 18.07
N PHE B 315 -19.46 7.20 19.36
CA PHE B 315 -20.15 6.03 19.88
C PHE B 315 -21.60 6.33 20.23
N ARG B 316 -22.06 7.56 19.98
CA ARG B 316 -23.43 7.94 20.30
C ARG B 316 -24.40 7.28 19.34
N VAL B 317 -25.50 6.76 19.89
CA VAL B 317 -26.48 6.02 19.11
C VAL B 317 -27.55 7.01 18.64
N GLN B 318 -27.72 7.10 17.32
CA GLN B 318 -28.71 8.00 16.74
C GLN B 318 -29.89 7.17 16.24
N PRO B 319 -31.06 7.27 16.85
CA PRO B 319 -32.23 6.53 16.35
C PRO B 319 -32.70 7.07 15.02
N THR B 320 -33.26 6.19 14.21
CA THR B 320 -33.75 6.55 12.89
C THR B 320 -35.27 6.38 12.84
N GLU B 321 -35.90 7.25 12.05
CA GLU B 321 -37.33 7.21 11.80
C GLU B 321 -37.53 6.95 10.31
N SER B 322 -38.18 5.85 9.98
CA SER B 322 -38.34 5.45 8.59
C SER B 322 -39.40 6.33 7.93
N ILE B 323 -39.03 6.97 6.83
CA ILE B 323 -39.93 7.77 6.01
C ILE B 323 -40.02 7.14 4.64
N VAL B 324 -41.23 6.85 4.20
CA VAL B 324 -41.47 6.19 2.91
C VAL B 324 -42.26 7.13 2.01
N ARG B 325 -41.91 7.14 0.73
CA ARG B 325 -42.53 8.01 -0.25
C ARG B 325 -42.57 7.29 -1.58
N PHE B 326 -43.77 7.04 -2.09
CA PHE B 326 -43.98 6.23 -3.28
C PHE B 326 -45.05 6.90 -4.14
N PRO B 327 -45.08 6.61 -5.44
CA PRO B 327 -46.19 7.08 -6.27
C PRO B 327 -47.53 6.50 -5.82
N ASN B 328 -48.57 7.31 -5.94
CA ASN B 328 -49.88 7.00 -5.36
C ASN B 328 -50.84 6.37 -6.36
N ILE B 329 -50.33 5.56 -7.28
CA ILE B 329 -51.20 4.81 -8.18
C ILE B 329 -51.91 3.71 -7.40
N THR B 330 -53.20 3.53 -7.68
CA THR B 330 -54.03 2.60 -6.91
C THR B 330 -54.41 1.35 -7.70
N ASN B 331 -53.95 1.21 -8.94
CA ASN B 331 -54.32 0.07 -9.76
C ASN B 331 -53.51 -1.16 -9.34
N LEU B 332 -54.20 -2.18 -8.87
CA LEU B 332 -53.58 -3.49 -8.69
C LEU B 332 -53.21 -4.06 -10.05
N CYS B 333 -52.06 -4.70 -10.12
CA CYS B 333 -51.51 -5.10 -11.41
C CYS B 333 -52.24 -6.33 -11.96
N PRO B 334 -52.64 -6.32 -13.23
CA PRO B 334 -53.24 -7.53 -13.81
C PRO B 334 -52.22 -8.61 -14.11
N PHE B 335 -51.75 -9.31 -13.07
CA PHE B 335 -50.97 -10.52 -13.30
C PHE B 335 -51.86 -11.66 -13.79
N ASP B 336 -53.17 -11.58 -13.60
CA ASP B 336 -54.08 -12.62 -14.08
C ASP B 336 -54.17 -12.64 -15.60
N GLU B 337 -53.89 -11.51 -16.26
CA GLU B 337 -53.80 -11.50 -17.71
C GLU B 337 -52.57 -12.24 -18.21
N VAL B 338 -51.53 -12.33 -17.37
CA VAL B 338 -50.32 -13.06 -17.74
C VAL B 338 -50.44 -14.52 -17.34
N PHE B 339 -51.06 -14.80 -16.20
CA PHE B 339 -51.10 -16.15 -15.63
C PHE B 339 -52.41 -16.88 -15.93
N ASN B 340 -53.55 -16.29 -15.57
CA ASN B 340 -54.84 -16.94 -15.64
C ASN B 340 -55.51 -16.84 -17.01
N ALA B 341 -54.75 -16.54 -18.07
CA ALA B 341 -55.30 -16.57 -19.41
C ALA B 341 -55.58 -18.00 -19.84
N THR B 342 -56.55 -18.15 -20.74
CA THR B 342 -56.93 -19.47 -21.22
C THR B 342 -55.84 -20.08 -22.10
N ARG B 343 -55.31 -19.30 -23.03
CA ARG B 343 -54.26 -19.75 -23.93
C ARG B 343 -53.12 -18.74 -23.88
N PHE B 344 -51.90 -19.23 -23.76
CA PHE B 344 -50.74 -18.34 -23.77
C PHE B 344 -50.39 -17.93 -25.19
N ALA B 345 -49.39 -17.08 -25.32
CA ALA B 345 -48.99 -16.56 -26.62
C ALA B 345 -48.10 -17.58 -27.34
N SER B 346 -47.83 -17.28 -28.61
CA SER B 346 -46.91 -18.08 -29.40
C SER B 346 -45.49 -17.93 -28.85
N VAL B 347 -44.76 -19.05 -28.82
CA VAL B 347 -43.48 -19.10 -28.12
C VAL B 347 -42.41 -18.31 -28.87
N TYR B 348 -42.34 -18.48 -30.19
CA TYR B 348 -41.31 -17.82 -30.99
C TYR B 348 -41.77 -16.54 -31.66
N ALA B 349 -43.00 -16.09 -31.38
CA ALA B 349 -43.41 -14.77 -31.85
C ALA B 349 -42.96 -13.65 -30.93
N TRP B 350 -42.47 -13.99 -29.72
CA TRP B 350 -41.94 -13.05 -28.72
C TRP B 350 -42.98 -12.00 -28.34
N ASN B 351 -44.18 -12.44 -28.01
CA ASN B 351 -45.23 -11.52 -27.58
C ASN B 351 -44.94 -11.06 -26.16
N ARG B 352 -44.56 -9.80 -26.02
CA ARG B 352 -44.13 -9.24 -24.74
C ARG B 352 -45.26 -8.41 -24.15
N LYS B 353 -45.57 -8.66 -22.87
CA LYS B 353 -46.59 -7.91 -22.16
C LYS B 353 -45.94 -6.80 -21.36
N ARG B 354 -46.51 -5.61 -21.43
CA ARG B 354 -45.93 -4.42 -20.81
C ARG B 354 -46.70 -4.08 -19.53
N ILE B 355 -45.96 -3.86 -18.45
CA ILE B 355 -46.50 -3.46 -17.17
C ILE B 355 -45.95 -2.07 -16.88
N SER B 356 -46.82 -1.06 -16.90
CA SER B 356 -46.45 0.31 -16.55
C SER B 356 -47.21 0.83 -15.34
N ASN B 357 -48.54 0.85 -15.38
CA ASN B 357 -49.34 1.44 -14.30
C ASN B 357 -49.87 0.30 -13.45
N CYS B 358 -49.16 0.01 -12.36
CA CYS B 358 -49.46 -1.15 -11.54
C CYS B 358 -49.02 -0.92 -10.10
N VAL B 359 -49.59 -1.71 -9.21
CA VAL B 359 -49.04 -1.93 -7.88
C VAL B 359 -48.67 -3.41 -7.83
N ALA B 360 -47.39 -3.70 -8.04
CA ALA B 360 -46.92 -5.07 -8.22
C ALA B 360 -46.89 -5.77 -6.88
N ASP B 361 -48.00 -6.41 -6.53
CA ASP B 361 -48.11 -7.18 -5.30
C ASP B 361 -47.64 -8.60 -5.60
N TYR B 362 -46.51 -8.97 -5.00
CA TYR B 362 -45.91 -10.28 -5.23
C TYR B 362 -46.38 -11.34 -4.25
N SER B 363 -47.40 -11.03 -3.44
CA SER B 363 -48.01 -12.04 -2.58
C SER B 363 -48.71 -13.14 -3.39
N VAL B 364 -49.16 -12.80 -4.60
CA VAL B 364 -49.63 -13.80 -5.55
C VAL B 364 -48.50 -14.75 -5.93
N LEU B 365 -47.30 -14.21 -6.16
CA LEU B 365 -46.16 -15.01 -6.58
C LEU B 365 -45.65 -15.93 -5.48
N TYR B 366 -45.85 -15.57 -4.21
CA TYR B 366 -45.25 -16.32 -3.11
C TYR B 366 -46.25 -17.15 -2.32
N ASN B 367 -47.54 -16.80 -2.35
CA ASN B 367 -48.54 -17.46 -1.52
C ASN B 367 -49.45 -18.39 -2.31
N LEU B 368 -49.12 -18.70 -3.56
CA LEU B 368 -49.92 -19.61 -4.37
C LEU B 368 -49.12 -20.86 -4.70
N ALA B 369 -49.85 -21.96 -4.91
CA ALA B 369 -49.20 -23.26 -5.16
C ALA B 369 -48.40 -23.34 -6.46
N PRO B 370 -48.93 -22.95 -7.67
CA PRO B 370 -48.10 -23.27 -8.86
C PRO B 370 -46.92 -22.34 -9.12
N PHE B 371 -45.85 -22.55 -8.36
CA PHE B 371 -44.58 -21.86 -8.56
C PHE B 371 -43.45 -22.81 -8.23
N PHE B 372 -42.47 -22.91 -9.14
CA PHE B 372 -41.38 -23.88 -9.02
C PHE B 372 -40.04 -23.21 -8.80
N THR B 373 -39.63 -22.30 -9.68
CA THR B 373 -38.32 -21.66 -9.59
C THR B 373 -38.49 -20.14 -9.63
N PHE B 374 -37.60 -19.45 -8.91
CA PHE B 374 -37.59 -18.00 -8.81
C PHE B 374 -36.22 -17.45 -9.22
N LYS B 375 -35.71 -17.87 -10.38
CA LYS B 375 -34.32 -17.58 -10.73
C LYS B 375 -34.16 -16.11 -11.11
N CYS B 376 -33.72 -15.30 -10.16
CA CYS B 376 -33.60 -13.86 -10.36
C CYS B 376 -32.13 -13.48 -10.45
N TYR B 377 -31.78 -12.70 -11.47
CA TYR B 377 -30.43 -12.23 -11.72
C TYR B 377 -30.39 -10.72 -11.55
N GLY B 378 -29.50 -10.24 -10.69
CA GLY B 378 -29.37 -8.83 -10.41
C GLY B 378 -30.24 -8.31 -9.29
N VAL B 379 -31.13 -9.13 -8.74
CA VAL B 379 -32.01 -8.70 -7.65
C VAL B 379 -32.40 -9.94 -6.87
N SER B 380 -32.69 -9.75 -5.58
CA SER B 380 -33.17 -10.85 -4.74
C SER B 380 -34.68 -10.93 -4.80
N PRO B 381 -35.25 -12.13 -5.03
CA PRO B 381 -36.72 -12.25 -5.06
C PRO B 381 -37.39 -11.97 -3.72
N THR B 382 -36.69 -12.17 -2.61
CA THR B 382 -37.28 -11.99 -1.29
C THR B 382 -37.48 -10.52 -0.92
N LYS B 383 -36.87 -9.59 -1.66
CA LYS B 383 -36.99 -8.16 -1.38
C LYS B 383 -37.63 -7.40 -2.53
N LEU B 384 -38.40 -8.09 -3.39
CA LEU B 384 -38.99 -7.44 -4.55
C LEU B 384 -40.18 -6.56 -4.18
N ASN B 385 -40.78 -6.76 -3.01
CA ASN B 385 -41.91 -5.95 -2.57
C ASN B 385 -41.50 -4.62 -1.96
N ASP B 386 -40.20 -4.36 -1.79
CA ASP B 386 -39.73 -3.14 -1.16
C ASP B 386 -39.24 -2.09 -2.16
N LEU B 387 -38.92 -2.49 -3.39
CA LEU B 387 -38.32 -1.60 -4.36
C LEU B 387 -39.37 -0.99 -5.27
N CYS B 388 -38.92 -0.27 -6.29
CA CYS B 388 -39.77 0.26 -7.34
C CYS B 388 -39.08 0.09 -8.68
N PHE B 389 -39.87 0.01 -9.74
CA PHE B 389 -39.35 -0.22 -11.08
C PHE B 389 -40.01 0.75 -12.05
N THR B 390 -39.29 1.08 -13.12
CA THR B 390 -39.81 2.01 -14.10
C THR B 390 -40.83 1.34 -15.03
N ASN B 391 -40.37 0.33 -15.77
CA ASN B 391 -41.24 -0.45 -16.64
C ASN B 391 -40.89 -1.92 -16.50
N VAL B 392 -41.91 -2.77 -16.38
CA VAL B 392 -41.74 -4.21 -16.23
C VAL B 392 -42.20 -4.87 -17.52
N TYR B 393 -41.46 -5.90 -17.97
CA TYR B 393 -41.83 -6.59 -19.19
C TYR B 393 -41.91 -8.08 -18.94
N ALA B 394 -42.89 -8.73 -19.55
CA ALA B 394 -43.18 -10.13 -19.28
C ALA B 394 -43.15 -10.92 -20.58
N ASP B 395 -42.43 -12.04 -20.56
CA ASP B 395 -42.42 -13.00 -21.67
C ASP B 395 -42.97 -14.31 -21.12
N SER B 396 -44.22 -14.62 -21.45
CA SER B 396 -44.94 -15.75 -20.87
C SER B 396 -45.19 -16.78 -21.97
N PHE B 397 -44.36 -17.82 -22.02
CA PHE B 397 -44.47 -18.88 -23.02
C PHE B 397 -44.39 -20.22 -22.34
N VAL B 398 -44.62 -21.28 -23.11
CA VAL B 398 -44.66 -22.64 -22.59
C VAL B 398 -43.52 -23.43 -23.22
N ILE B 399 -42.66 -24.00 -22.36
CA ILE B 399 -41.46 -24.72 -22.78
C ILE B 399 -41.57 -26.13 -22.21
N ARG B 400 -40.90 -27.09 -22.85
CA ARG B 400 -40.70 -28.40 -22.25
C ARG B 400 -39.90 -28.26 -20.96
N GLY B 401 -40.25 -29.08 -19.95
CA GLY B 401 -39.69 -28.91 -18.62
C GLY B 401 -38.20 -29.13 -18.56
N ASP B 402 -37.69 -30.12 -19.30
CA ASP B 402 -36.26 -30.40 -19.35
C ASP B 402 -35.46 -29.28 -20.00
N GLU B 403 -36.11 -28.42 -20.79
CA GLU B 403 -35.47 -27.25 -21.37
C GLU B 403 -35.64 -26.00 -20.52
N VAL B 404 -36.36 -26.09 -19.39
CA VAL B 404 -36.55 -24.95 -18.51
C VAL B 404 -35.22 -24.52 -17.87
N ARG B 405 -34.32 -25.48 -17.66
CA ARG B 405 -32.97 -25.18 -17.20
C ARG B 405 -32.13 -24.43 -18.23
N GLN B 406 -32.56 -24.38 -19.50
CA GLN B 406 -31.81 -23.68 -20.53
C GLN B 406 -32.05 -22.17 -20.53
N ILE B 407 -32.94 -21.67 -19.69
CA ILE B 407 -33.30 -20.24 -19.71
C ILE B 407 -32.33 -19.54 -18.76
N ALA B 408 -31.15 -19.20 -19.31
CA ALA B 408 -30.11 -18.52 -18.57
C ALA B 408 -29.19 -17.83 -19.56
N PRO B 409 -28.64 -16.66 -19.24
CA PRO B 409 -27.67 -16.04 -20.14
C PRO B 409 -26.36 -16.81 -20.17
N GLY B 410 -25.70 -16.78 -21.33
CA GLY B 410 -24.45 -17.48 -21.53
C GLY B 410 -24.59 -18.96 -21.78
N GLN B 411 -25.80 -19.46 -22.01
CA GLN B 411 -26.04 -20.87 -22.29
C GLN B 411 -26.28 -21.08 -23.77
N THR B 412 -25.97 -22.29 -24.24
CA THR B 412 -26.16 -22.67 -25.63
C THR B 412 -27.19 -23.80 -25.70
N GLY B 413 -28.23 -23.60 -26.50
CA GLY B 413 -29.27 -24.60 -26.65
C GLY B 413 -30.26 -24.16 -27.70
N ASN B 414 -31.24 -25.03 -27.96
CA ASN B 414 -32.31 -24.68 -28.88
C ASN B 414 -33.20 -23.57 -28.31
N ILE B 415 -33.43 -23.60 -26.99
CA ILE B 415 -34.17 -22.53 -26.35
C ILE B 415 -33.25 -21.35 -26.04
N ALA B 416 -32.00 -21.64 -25.69
CA ALA B 416 -31.09 -20.60 -25.22
C ALA B 416 -30.57 -19.69 -26.33
N ASP B 417 -30.69 -20.09 -27.59
CA ASP B 417 -30.12 -19.31 -28.69
C ASP B 417 -31.14 -18.61 -29.56
N TYR B 418 -32.40 -19.04 -29.55
CA TYR B 418 -33.36 -18.60 -30.56
C TYR B 418 -34.51 -17.77 -30.03
N ASN B 419 -35.11 -18.13 -28.88
CA ASN B 419 -36.16 -17.30 -28.30
C ASN B 419 -35.78 -16.72 -26.95
N TYR B 420 -35.21 -17.53 -26.06
CA TYR B 420 -34.80 -17.06 -24.73
C TYR B 420 -33.31 -16.74 -24.70
N LYS B 421 -32.93 -15.70 -25.46
CA LYS B 421 -31.55 -15.24 -25.51
C LYS B 421 -31.42 -14.03 -24.60
N LEU B 422 -31.14 -14.28 -23.33
CA LEU B 422 -30.91 -13.18 -22.40
C LEU B 422 -29.51 -12.60 -22.63
N PRO B 423 -29.37 -11.28 -22.54
CA PRO B 423 -28.05 -10.67 -22.74
C PRO B 423 -27.16 -10.88 -21.54
N ASP B 424 -25.92 -10.39 -21.66
CA ASP B 424 -24.93 -10.55 -20.61
C ASP B 424 -25.25 -9.69 -19.39
N ASP B 425 -25.87 -8.53 -19.60
CA ASP B 425 -26.26 -7.62 -18.52
C ASP B 425 -27.74 -7.75 -18.19
N PHE B 426 -28.29 -8.96 -18.29
CA PHE B 426 -29.70 -9.17 -18.01
C PHE B 426 -29.98 -9.06 -16.51
N THR B 427 -31.07 -8.39 -16.18
CA THR B 427 -31.60 -8.36 -14.82
C THR B 427 -33.07 -8.76 -14.87
N GLY B 428 -33.51 -9.53 -13.88
CA GLY B 428 -34.88 -9.97 -13.80
C GLY B 428 -34.98 -11.44 -13.42
N CYS B 429 -36.21 -11.92 -13.37
CA CYS B 429 -36.52 -13.24 -12.84
C CYS B 429 -37.08 -14.15 -13.91
N VAL B 430 -36.85 -15.45 -13.72
CA VAL B 430 -37.46 -16.51 -14.52
C VAL B 430 -38.28 -17.37 -13.57
N ILE B 431 -39.56 -17.55 -13.89
CA ILE B 431 -40.50 -18.31 -13.07
C ILE B 431 -41.11 -19.41 -13.94
N ALA B 432 -41.26 -20.60 -13.39
CA ALA B 432 -41.85 -21.72 -14.11
C ALA B 432 -42.83 -22.45 -13.20
N TRP B 433 -43.80 -23.13 -13.82
CA TRP B 433 -44.66 -24.06 -13.11
C TRP B 433 -45.23 -25.08 -14.08
N ASN B 434 -45.85 -26.11 -13.53
CA ASN B 434 -46.39 -27.22 -14.31
C ASN B 434 -47.68 -26.83 -15.01
N SER B 435 -47.93 -27.46 -16.15
CA SER B 435 -49.12 -27.20 -16.95
C SER B 435 -49.73 -28.50 -17.46
N ASN B 436 -49.84 -29.49 -16.56
CA ASN B 436 -50.46 -30.76 -16.92
C ASN B 436 -51.95 -30.63 -17.16
N LYS B 437 -52.62 -29.72 -16.45
CA LYS B 437 -54.06 -29.60 -16.58
C LYS B 437 -54.49 -28.88 -17.86
N LEU B 438 -53.70 -27.92 -18.32
CA LEU B 438 -54.11 -27.03 -19.40
C LEU B 438 -53.37 -27.25 -20.71
N ASP B 439 -52.05 -27.46 -20.67
CA ASP B 439 -51.25 -27.50 -21.88
C ASP B 439 -50.89 -28.92 -22.32
N SER B 440 -51.51 -29.94 -21.74
CA SER B 440 -51.33 -31.32 -22.16
C SER B 440 -52.65 -31.84 -22.73
N LYS B 441 -52.59 -32.40 -23.92
CA LYS B 441 -53.78 -32.86 -24.63
C LYS B 441 -53.56 -34.27 -25.16
N VAL B 442 -54.68 -34.95 -25.40
CA VAL B 442 -54.63 -36.31 -25.95
C VAL B 442 -54.18 -36.25 -27.40
N SER B 443 -53.26 -37.17 -27.76
CA SER B 443 -52.64 -37.27 -29.09
C SER B 443 -51.93 -35.99 -29.50
N GLY B 444 -51.29 -35.34 -28.53
CA GLY B 444 -50.45 -34.18 -28.80
C GLY B 444 -51.17 -32.86 -28.78
N ASN B 445 -50.52 -31.84 -28.21
CA ASN B 445 -51.02 -30.47 -28.23
C ASN B 445 -50.27 -29.70 -29.31
N TYR B 446 -51.03 -28.96 -30.13
CA TYR B 446 -50.46 -28.27 -31.27
C TYR B 446 -50.61 -26.75 -31.16
N ASN B 447 -50.81 -26.23 -29.94
CA ASN B 447 -50.91 -24.80 -29.74
C ASN B 447 -49.56 -24.11 -29.67
N TYR B 448 -48.46 -24.85 -29.61
CA TYR B 448 -47.12 -24.29 -29.49
C TYR B 448 -46.23 -24.86 -30.58
N LEU B 449 -45.53 -23.97 -31.28
CA LEU B 449 -44.64 -24.35 -32.37
C LEU B 449 -43.25 -23.78 -32.11
N TYR B 450 -42.22 -24.55 -32.47
CA TYR B 450 -40.85 -24.23 -32.09
C TYR B 450 -39.94 -24.22 -33.31
N ARG B 451 -38.91 -23.37 -33.25
CA ARG B 451 -38.02 -23.12 -34.37
C ARG B 451 -36.62 -23.64 -34.06
N LEU B 452 -36.04 -24.37 -35.02
CA LEU B 452 -34.74 -25.00 -34.88
C LEU B 452 -34.18 -25.27 -36.28
N PHE B 453 -33.17 -26.13 -36.37
CA PHE B 453 -32.51 -26.56 -37.62
C PHE B 453 -31.84 -25.40 -38.34
N ARG B 454 -31.15 -24.55 -37.59
CA ARG B 454 -30.35 -23.48 -38.16
C ARG B 454 -29.06 -23.34 -37.37
N LYS B 455 -28.00 -22.93 -38.06
CA LYS B 455 -26.71 -22.67 -37.44
C LYS B 455 -26.50 -21.20 -37.10
N SER B 456 -27.50 -20.36 -37.32
CA SER B 456 -27.40 -18.93 -37.06
C SER B 456 -28.19 -18.57 -35.81
N ASN B 457 -27.60 -17.72 -34.97
CA ASN B 457 -28.23 -17.27 -33.73
C ASN B 457 -28.71 -15.83 -33.88
N LEU B 458 -29.91 -15.57 -33.38
CA LEU B 458 -30.52 -14.25 -33.48
C LEU B 458 -29.92 -13.30 -32.44
N LYS B 459 -30.31 -12.04 -32.54
CA LYS B 459 -29.87 -11.01 -31.61
C LYS B 459 -30.67 -11.09 -30.31
N PRO B 460 -30.05 -10.78 -29.17
CA PRO B 460 -30.78 -10.83 -27.90
C PRO B 460 -31.75 -9.67 -27.74
N PHE B 461 -32.97 -10.01 -27.31
CA PHE B 461 -34.09 -9.07 -27.11
C PHE B 461 -34.41 -8.25 -28.36
N GLU B 462 -34.41 -8.90 -29.52
CA GLU B 462 -34.91 -8.30 -30.75
C GLU B 462 -36.05 -9.18 -31.25
N ARG B 463 -37.28 -8.67 -31.15
CA ARG B 463 -38.45 -9.43 -31.57
C ARG B 463 -38.49 -9.55 -33.09
N ASP B 464 -38.63 -10.77 -33.58
CA ASP B 464 -38.61 -11.03 -35.01
C ASP B 464 -39.45 -12.26 -35.32
N ILE B 465 -39.94 -12.32 -36.55
CA ILE B 465 -40.69 -13.45 -37.07
C ILE B 465 -39.95 -13.98 -38.30
N SER B 466 -39.64 -15.27 -38.29
CA SER B 466 -38.93 -15.91 -39.38
C SER B 466 -39.91 -16.87 -40.07
N THR B 467 -40.70 -16.34 -41.00
CA THR B 467 -41.58 -17.17 -41.80
C THR B 467 -40.86 -17.90 -42.92
N GLU B 468 -39.67 -17.41 -43.30
CA GLU B 468 -38.88 -18.07 -44.34
C GLU B 468 -38.31 -19.38 -43.81
N ILE B 469 -38.17 -20.34 -44.73
CA ILE B 469 -37.65 -21.66 -44.39
C ILE B 469 -36.18 -21.54 -44.03
N TYR B 470 -35.81 -22.11 -42.88
CA TYR B 470 -34.41 -22.15 -42.44
C TYR B 470 -33.58 -22.98 -43.40
N GLN B 471 -32.70 -22.32 -44.16
CA GLN B 471 -31.94 -22.97 -45.23
C GLN B 471 -30.77 -23.73 -44.62
N ALA B 472 -31.06 -24.97 -44.21
CA ALA B 472 -30.02 -25.84 -43.70
C ALA B 472 -29.08 -26.31 -44.81
N GLY B 473 -29.63 -26.54 -46.01
CA GLY B 473 -28.82 -26.94 -47.14
C GLY B 473 -28.40 -25.76 -48.00
N ASN B 474 -27.43 -26.03 -48.88
CA ASN B 474 -26.93 -24.99 -49.79
C ASN B 474 -27.89 -24.70 -50.93
N LYS B 475 -28.80 -25.63 -51.24
CA LYS B 475 -29.76 -25.40 -52.30
C LYS B 475 -30.81 -24.39 -51.85
N PRO B 476 -31.31 -23.54 -52.74
CA PRO B 476 -32.32 -22.54 -52.35
C PRO B 476 -33.68 -23.21 -52.14
N CYS B 477 -34.19 -23.12 -50.90
CA CYS B 477 -35.49 -23.68 -50.61
C CYS B 477 -36.61 -22.85 -51.21
N ASN B 478 -36.52 -21.51 -51.06
CA ASN B 478 -37.49 -20.54 -51.58
C ASN B 478 -38.91 -20.80 -51.09
N GLY B 479 -39.04 -21.23 -49.83
CA GLY B 479 -40.32 -21.56 -49.26
C GLY B 479 -40.90 -22.89 -49.69
N VAL B 480 -40.13 -23.70 -50.41
CA VAL B 480 -40.58 -25.01 -50.90
C VAL B 480 -39.67 -26.07 -50.29
N ALA B 481 -40.29 -27.09 -49.71
CA ALA B 481 -39.54 -28.17 -49.07
C ALA B 481 -38.77 -28.98 -50.11
N GLY B 482 -37.53 -29.28 -49.79
CA GLY B 482 -36.65 -30.00 -50.69
C GLY B 482 -35.53 -30.68 -49.95
N PHE B 483 -34.36 -30.72 -50.58
CA PHE B 483 -33.20 -31.39 -50.00
C PHE B 483 -32.59 -30.50 -48.91
N ASN B 484 -32.59 -31.02 -47.69
CA ASN B 484 -32.07 -30.34 -46.49
C ASN B 484 -32.75 -28.99 -46.26
N CYS B 485 -34.05 -28.94 -46.51
CA CYS B 485 -34.86 -27.75 -46.27
C CYS B 485 -35.94 -28.11 -45.26
N TYR B 486 -35.84 -27.55 -44.06
CA TYR B 486 -36.76 -27.85 -42.97
C TYR B 486 -37.67 -26.65 -42.74
N PHE B 487 -38.96 -26.92 -42.55
CA PHE B 487 -39.90 -25.89 -42.14
C PHE B 487 -39.53 -25.38 -40.74
N PRO B 488 -39.74 -24.08 -40.47
CA PRO B 488 -39.28 -23.53 -39.19
C PRO B 488 -40.04 -24.04 -37.99
N LEU B 489 -41.38 -24.03 -38.04
CA LEU B 489 -42.19 -24.31 -36.87
C LEU B 489 -42.35 -25.82 -36.68
N ARG B 490 -42.04 -26.29 -35.48
CA ARG B 490 -42.13 -27.71 -35.13
C ARG B 490 -42.90 -27.86 -33.83
N SER B 491 -43.79 -28.85 -33.78
CA SER B 491 -44.61 -29.13 -32.61
C SER B 491 -44.02 -30.27 -31.80
N TYR B 492 -43.89 -30.08 -30.49
CA TYR B 492 -43.43 -31.16 -29.62
C TYR B 492 -44.53 -32.18 -29.35
N SER B 493 -45.80 -31.79 -29.53
CA SER B 493 -46.99 -32.61 -29.33
C SER B 493 -47.05 -33.15 -27.90
N PHE B 494 -47.26 -32.22 -26.96
CA PHE B 494 -47.32 -32.54 -25.55
C PHE B 494 -48.50 -33.45 -25.22
N ARG B 495 -48.24 -34.49 -24.43
CA ARG B 495 -49.22 -35.47 -24.01
C ARG B 495 -49.13 -35.69 -22.52
N PRO B 496 -50.24 -36.04 -21.86
CA PRO B 496 -50.17 -36.40 -20.44
C PRO B 496 -49.48 -37.72 -20.16
N THR B 497 -49.31 -38.58 -21.17
CA THR B 497 -48.66 -39.87 -20.99
C THR B 497 -47.13 -39.77 -21.07
N TYR B 498 -46.58 -38.59 -21.33
CA TYR B 498 -45.14 -38.43 -21.43
C TYR B 498 -44.50 -38.40 -20.04
N GLY B 499 -43.18 -38.34 -20.03
CA GLY B 499 -42.45 -38.22 -18.78
C GLY B 499 -42.60 -36.84 -18.15
N VAL B 500 -42.17 -36.75 -16.89
CA VAL B 500 -42.33 -35.51 -16.12
C VAL B 500 -41.46 -34.41 -16.69
N GLY B 501 -40.25 -34.76 -17.15
CA GLY B 501 -39.41 -33.78 -17.82
C GLY B 501 -39.97 -33.33 -19.16
N HIS B 502 -40.66 -34.22 -19.87
CA HIS B 502 -41.24 -33.89 -21.16
C HIS B 502 -42.61 -33.23 -21.05
N GLN B 503 -43.16 -33.12 -19.85
CA GLN B 503 -44.42 -32.40 -19.67
C GLN B 503 -44.22 -30.91 -19.88
N PRO B 504 -45.20 -30.20 -20.44
CA PRO B 504 -45.03 -28.76 -20.67
C PRO B 504 -45.05 -27.97 -19.38
N TYR B 505 -44.37 -26.83 -19.39
CA TYR B 505 -44.24 -25.94 -18.26
C TYR B 505 -44.51 -24.52 -18.72
N ARG B 506 -45.30 -23.80 -17.93
CA ARG B 506 -45.59 -22.40 -18.19
C ARG B 506 -44.50 -21.55 -17.53
N VAL B 507 -43.82 -20.73 -18.33
CA VAL B 507 -42.65 -19.98 -17.92
C VAL B 507 -42.89 -18.51 -18.21
N VAL B 508 -42.74 -17.68 -17.18
CA VAL B 508 -42.81 -16.23 -17.31
C VAL B 508 -41.44 -15.65 -16.97
N VAL B 509 -40.87 -14.90 -17.91
CA VAL B 509 -39.63 -14.18 -17.69
C VAL B 509 -39.97 -12.72 -17.49
N LEU B 510 -39.73 -12.21 -16.28
CA LEU B 510 -39.96 -10.82 -15.94
C LEU B 510 -38.64 -10.07 -16.04
N SER B 511 -38.59 -9.05 -16.89
CA SER B 511 -37.45 -8.16 -16.99
C SER B 511 -37.82 -6.84 -16.32
N PHE B 512 -37.02 -6.46 -15.32
CA PHE B 512 -37.18 -5.19 -14.62
C PHE B 512 -36.07 -4.24 -15.03
N GLU B 513 -36.34 -2.94 -14.88
CA GLU B 513 -35.32 -1.91 -14.95
C GLU B 513 -35.08 -1.43 -13.52
N LEU B 514 -33.93 -1.78 -12.96
CA LEU B 514 -33.63 -1.56 -11.55
C LEU B 514 -33.17 -0.14 -11.24
N LEU B 515 -33.27 0.78 -12.19
CA LEU B 515 -32.89 2.16 -11.93
C LEU B 515 -33.88 2.83 -10.98
N HIS B 516 -33.38 3.84 -10.27
CA HIS B 516 -34.21 4.62 -9.35
C HIS B 516 -34.78 5.87 -10.00
N ALA B 517 -35.07 5.81 -11.31
CA ALA B 517 -35.68 6.83 -12.15
C ALA B 517 -37.12 7.12 -11.72
N PRO B 518 -37.84 8.12 -12.34
CA PRO B 518 -39.29 8.19 -12.14
C PRO B 518 -40.00 6.89 -12.47
N ALA B 519 -40.53 6.26 -11.41
CA ALA B 519 -41.00 4.88 -11.48
C ALA B 519 -42.51 4.83 -11.40
N THR B 520 -43.11 3.99 -12.23
CA THR B 520 -44.54 3.80 -12.26
C THR B 520 -44.97 2.44 -11.73
N VAL B 521 -44.04 1.54 -11.45
CA VAL B 521 -44.33 0.24 -10.84
C VAL B 521 -43.68 0.22 -9.46
N CYS B 522 -44.47 -0.05 -8.43
CA CYS B 522 -43.97 -0.15 -7.07
C CYS B 522 -44.64 -1.31 -6.35
N GLY B 523 -43.94 -1.83 -5.35
CA GLY B 523 -44.47 -2.88 -4.52
C GLY B 523 -45.47 -2.37 -3.52
N PRO B 524 -46.14 -3.29 -2.84
CA PRO B 524 -47.16 -2.89 -1.86
C PRO B 524 -46.55 -2.30 -0.59
N LYS B 525 -46.63 -0.98 -0.45
CA LYS B 525 -46.12 -0.29 0.72
C LYS B 525 -46.80 1.08 0.80
N LYS B 526 -47.02 1.53 2.03
CA LYS B 526 -47.65 2.83 2.26
C LYS B 526 -46.68 3.96 1.94
N SER B 527 -47.21 5.18 1.98
CA SER B 527 -46.42 6.39 1.92
C SER B 527 -46.81 7.27 3.10
N THR B 528 -45.82 7.71 3.88
CA THR B 528 -46.07 8.39 5.14
C THR B 528 -45.71 9.87 5.03
N ASN B 529 -45.79 10.57 6.15
CA ASN B 529 -45.53 11.99 6.20
C ASN B 529 -44.06 12.30 5.99
N LEU B 530 -43.78 13.42 5.32
CA LEU B 530 -42.42 13.83 4.99
C LEU B 530 -41.87 14.66 6.14
N VAL B 531 -41.00 14.06 6.95
CA VAL B 531 -40.38 14.73 8.08
C VAL B 531 -39.13 15.44 7.60
N LYS B 532 -39.05 16.75 7.86
CA LYS B 532 -37.93 17.58 7.45
C LYS B 532 -37.19 18.10 8.67
N ASN B 533 -35.95 18.56 8.42
CA ASN B 533 -35.08 19.22 9.40
C ASN B 533 -34.79 18.33 10.61
N LYS B 534 -34.73 17.02 10.39
CA LYS B 534 -34.42 16.07 11.45
C LYS B 534 -33.78 14.84 10.82
N CYS B 535 -32.91 14.18 11.58
CA CYS B 535 -32.19 13.01 11.09
C CYS B 535 -33.17 11.85 10.95
N VAL B 536 -33.53 11.53 9.70
CA VAL B 536 -34.50 10.48 9.41
C VAL B 536 -33.96 9.60 8.30
N ASN B 537 -34.49 8.39 8.22
CA ASN B 537 -34.34 7.58 7.04
C ASN B 537 -35.27 8.11 5.94
N PHE B 538 -34.99 7.72 4.70
CA PHE B 538 -35.88 8.07 3.61
C PHE B 538 -35.83 6.98 2.56
N ASN B 539 -36.95 6.82 1.85
CA ASN B 539 -37.15 5.76 0.85
C ASN B 539 -37.93 6.39 -0.30
N PHE B 540 -37.21 6.91 -1.29
CA PHE B 540 -37.79 7.57 -2.44
C PHE B 540 -37.70 6.64 -3.65
N ASN B 541 -38.86 6.07 -4.03
CA ASN B 541 -39.01 5.18 -5.19
C ASN B 541 -38.08 3.97 -5.11
N GLY B 542 -37.92 3.41 -3.91
CA GLY B 542 -37.01 2.33 -3.68
C GLY B 542 -35.60 2.75 -3.31
N LEU B 543 -35.25 4.01 -3.53
CA LEU B 543 -33.94 4.54 -3.18
C LEU B 543 -33.90 4.78 -1.68
N LYS B 544 -33.12 4.00 -0.97
CA LYS B 544 -32.98 4.13 0.47
C LYS B 544 -31.85 5.10 0.80
N GLY B 545 -31.95 5.72 1.98
CA GLY B 545 -30.87 6.55 2.46
C GLY B 545 -31.18 7.03 3.86
N THR B 546 -30.19 7.67 4.46
CA THR B 546 -30.32 8.23 5.80
C THR B 546 -29.73 9.63 5.81
N GLY B 547 -30.49 10.59 6.32
CA GLY B 547 -29.99 11.94 6.42
C GLY B 547 -31.10 12.94 6.58
N VAL B 548 -30.70 14.15 6.95
CA VAL B 548 -31.63 15.26 7.15
C VAL B 548 -32.08 15.77 5.78
N LEU B 549 -33.38 15.82 5.56
CA LEU B 549 -33.96 16.35 4.34
C LEU B 549 -34.40 17.78 4.60
N THR B 550 -33.85 18.72 3.83
CA THR B 550 -34.14 20.14 4.00
C THR B 550 -34.63 20.72 2.67
N GLU B 551 -35.15 21.93 2.75
CA GLU B 551 -35.52 22.67 1.54
C GLU B 551 -34.25 23.08 0.79
N SER B 552 -34.33 23.01 -0.54
CA SER B 552 -33.19 23.31 -1.39
C SER B 552 -33.57 24.33 -2.46
N ASN B 553 -32.56 25.06 -2.92
CA ASN B 553 -32.73 26.08 -3.94
C ASN B 553 -32.12 25.69 -5.28
N LYS B 554 -31.76 24.42 -5.45
CA LYS B 554 -31.23 23.94 -6.72
C LYS B 554 -32.37 23.88 -7.74
N LYS B 555 -32.30 24.75 -8.75
CA LYS B 555 -33.37 24.87 -9.74
C LYS B 555 -33.26 23.71 -10.71
N PHE B 556 -34.07 22.68 -10.50
CA PHE B 556 -34.06 21.52 -11.39
C PHE B 556 -34.69 21.86 -12.74
N LEU B 557 -34.15 21.25 -13.78
CA LEU B 557 -34.86 21.22 -15.06
C LEU B 557 -36.09 20.32 -14.92
N PRO B 558 -37.16 20.61 -15.68
CA PRO B 558 -38.43 19.87 -15.48
C PRO B 558 -38.36 18.37 -15.75
N PHE B 559 -37.40 17.89 -16.53
CA PHE B 559 -37.22 16.47 -16.72
C PHE B 559 -36.26 15.84 -15.71
N GLN B 560 -35.55 16.67 -14.94
CA GLN B 560 -34.51 16.16 -14.05
C GLN B 560 -35.11 15.64 -12.74
N GLN B 561 -34.58 14.51 -12.29
CA GLN B 561 -35.09 13.83 -11.09
C GLN B 561 -34.13 13.91 -9.91
N PHE B 562 -32.85 13.66 -10.12
CA PHE B 562 -31.87 13.60 -9.05
C PHE B 562 -30.78 14.64 -9.25
N GLY B 563 -30.16 15.02 -8.14
CA GLY B 563 -28.95 15.82 -8.16
C GLY B 563 -27.82 15.02 -7.55
N ARG B 564 -26.63 15.16 -8.13
CA ARG B 564 -25.48 14.37 -7.69
C ARG B 564 -24.30 15.28 -7.41
N ASP B 565 -23.48 14.85 -6.45
CA ASP B 565 -22.40 15.65 -5.91
C ASP B 565 -21.13 15.43 -6.70
N ILE B 566 -19.99 15.87 -6.15
CA ILE B 566 -18.68 15.67 -6.76
C ILE B 566 -18.34 14.19 -6.80
N ALA B 567 -18.64 13.47 -5.74
CA ALA B 567 -18.37 12.03 -5.64
C ALA B 567 -19.46 11.17 -6.26
N ASP B 568 -20.35 11.76 -7.07
CA ASP B 568 -21.50 11.10 -7.68
C ASP B 568 -22.40 10.43 -6.64
N THR B 569 -22.62 11.12 -5.53
CA THR B 569 -23.54 10.68 -4.49
C THR B 569 -24.80 11.56 -4.55
N THR B 570 -25.93 10.96 -4.20
CA THR B 570 -27.21 11.63 -4.33
C THR B 570 -27.34 12.75 -3.29
N ASP B 571 -27.43 13.98 -3.77
CA ASP B 571 -27.50 15.17 -2.93
C ASP B 571 -28.86 15.85 -2.95
N ALA B 572 -29.53 15.87 -4.10
CA ALA B 572 -30.86 16.45 -4.21
C ALA B 572 -31.81 15.44 -4.84
N VAL B 573 -33.03 15.37 -4.30
CA VAL B 573 -34.05 14.46 -4.79
C VAL B 573 -35.33 15.24 -5.09
N ARG B 574 -36.21 14.61 -5.86
CA ARG B 574 -37.53 15.16 -6.16
C ARG B 574 -38.58 14.23 -5.56
N ASP B 575 -39.54 14.83 -4.86
CA ASP B 575 -40.64 14.05 -4.29
C ASP B 575 -41.53 13.53 -5.42
N PRO B 576 -41.87 12.24 -5.42
CA PRO B 576 -42.71 11.71 -6.51
C PRO B 576 -44.17 12.19 -6.46
N GLN B 577 -44.63 12.73 -5.34
CA GLN B 577 -46.00 13.19 -5.21
C GLN B 577 -46.12 14.71 -5.23
N THR B 578 -45.42 15.40 -4.33
CA THR B 578 -45.55 16.84 -4.22
C THR B 578 -44.67 17.60 -5.20
N LEU B 579 -43.73 16.92 -5.85
CA LEU B 579 -42.83 17.48 -6.87
C LEU B 579 -41.99 18.64 -6.34
N GLU B 580 -41.64 18.61 -5.06
CA GLU B 580 -40.70 19.57 -4.50
C GLU B 580 -39.31 18.95 -4.44
N ILE B 581 -38.30 19.80 -4.29
CA ILE B 581 -36.90 19.40 -4.38
C ILE B 581 -36.31 19.45 -2.98
N LEU B 582 -35.67 18.36 -2.56
CA LEU B 582 -35.15 18.22 -1.21
C LEU B 582 -33.64 18.00 -1.25
N ASP B 583 -32.95 18.62 -0.30
CA ASP B 583 -31.50 18.46 -0.15
C ASP B 583 -31.24 17.49 0.98
N ILE B 584 -30.23 16.64 0.80
CA ILE B 584 -29.85 15.64 1.79
C ILE B 584 -28.55 16.08 2.45
N THR B 585 -28.58 16.18 3.78
CA THR B 585 -27.46 16.48 4.64
C THR B 585 -27.15 15.24 5.48
N PRO B 586 -25.89 14.88 5.70
CA PRO B 586 -25.58 13.71 6.53
C PRO B 586 -26.06 13.86 7.96
N CYS B 587 -26.53 12.74 8.53
CA CYS B 587 -27.01 12.72 9.91
C CYS B 587 -25.87 12.88 10.91
N SER B 588 -25.02 11.88 11.00
CA SER B 588 -24.12 11.76 12.13
C SER B 588 -22.95 12.72 12.00
N PHE B 589 -22.70 13.48 13.06
CA PHE B 589 -21.46 14.24 13.17
C PHE B 589 -20.30 13.27 13.28
N GLY B 590 -19.24 13.53 12.51
CA GLY B 590 -18.16 12.56 12.37
C GLY B 590 -17.37 12.35 13.63
N GLY B 591 -17.04 13.44 14.32
CA GLY B 591 -16.29 13.32 15.55
C GLY B 591 -16.01 14.70 16.12
N VAL B 592 -15.70 14.70 17.42
CA VAL B 592 -15.40 15.91 18.16
C VAL B 592 -13.97 15.81 18.68
N SER B 593 -13.48 16.91 19.23
CA SER B 593 -12.20 16.92 19.91
C SER B 593 -12.42 17.06 21.40
N VAL B 594 -11.69 16.27 22.18
CA VAL B 594 -11.79 16.27 23.63
C VAL B 594 -10.47 16.84 24.16
N ILE B 595 -10.56 17.98 24.84
CA ILE B 595 -9.41 18.61 25.49
C ILE B 595 -9.47 18.23 26.95
N THR B 596 -8.46 17.51 27.42
CA THR B 596 -8.45 17.05 28.79
C THR B 596 -7.06 17.17 29.38
N PRO B 597 -6.95 17.33 30.69
CA PRO B 597 -5.70 17.02 31.37
C PRO B 597 -5.58 15.53 31.60
N GLY B 598 -4.55 15.10 32.34
CA GLY B 598 -4.44 13.69 32.66
C GLY B 598 -5.54 13.24 33.62
N THR B 599 -5.98 12.00 33.45
CA THR B 599 -6.96 11.43 34.37
C THR B 599 -6.36 11.15 35.74
N ASN B 600 -5.03 11.13 35.85
CA ASN B 600 -4.37 11.12 37.14
C ASN B 600 -4.60 12.43 37.91
N THR B 601 -4.84 13.53 37.18
CA THR B 601 -5.08 14.83 37.82
C THR B 601 -6.57 15.09 38.03
N SER B 602 -7.35 15.10 36.95
CA SER B 602 -8.76 15.45 37.03
C SER B 602 -9.52 14.82 35.88
N ASN B 603 -10.83 14.79 36.01
CA ASN B 603 -11.73 14.25 34.99
C ASN B 603 -12.49 15.32 34.24
N GLN B 604 -12.13 16.59 34.40
CA GLN B 604 -12.84 17.68 33.74
C GLN B 604 -12.38 17.80 32.29
N VAL B 605 -13.34 17.99 31.39
CA VAL B 605 -13.13 17.84 29.95
C VAL B 605 -13.80 19.00 29.23
N ALA B 606 -13.10 19.61 28.27
CA ALA B 606 -13.69 20.55 27.34
C ALA B 606 -13.88 19.87 25.99
N VAL B 607 -14.85 20.35 25.21
CA VAL B 607 -15.22 19.73 23.94
C VAL B 607 -15.12 20.78 22.85
N LEU B 608 -14.45 20.42 21.75
CA LEU B 608 -14.31 21.27 20.58
C LEU B 608 -15.10 20.66 19.43
N TYR B 609 -16.04 21.43 18.89
CA TYR B 609 -16.77 21.08 17.68
C TYR B 609 -16.15 21.89 16.55
N GLN B 610 -15.54 21.19 15.59
CA GLN B 610 -14.69 21.85 14.61
C GLN B 610 -15.54 22.48 13.51
N GLY B 611 -15.41 23.79 13.34
CA GLY B 611 -16.07 24.51 12.28
C GLY B 611 -17.47 24.99 12.59
N VAL B 612 -18.08 24.49 13.65
CA VAL B 612 -19.50 24.70 13.91
C VAL B 612 -19.69 26.02 14.65
N ASN B 613 -20.69 26.80 14.23
CA ASN B 613 -21.14 27.93 15.04
C ASN B 613 -21.67 27.46 16.39
N CYS B 614 -21.44 28.28 17.41
CA CYS B 614 -21.81 27.92 18.77
C CYS B 614 -23.32 27.92 18.98
N THR B 615 -24.07 28.65 18.15
CA THR B 615 -25.52 28.56 18.20
C THR B 615 -26.02 27.27 17.54
N GLU B 616 -25.27 26.75 16.57
CA GLU B 616 -25.66 25.54 15.85
C GLU B 616 -25.14 24.27 16.50
N VAL B 617 -24.52 24.38 17.67
CA VAL B 617 -24.02 23.19 18.37
C VAL B 617 -25.13 22.22 18.79
N PRO B 618 -26.24 22.66 19.41
CA PRO B 618 -27.31 21.68 19.69
C PRO B 618 -28.09 21.23 18.46
N VAL B 619 -27.83 21.80 17.30
CA VAL B 619 -28.41 21.32 16.04
C VAL B 619 -27.47 20.35 15.32
N ALA B 620 -26.15 20.59 15.43
CA ALA B 620 -25.17 19.75 14.75
C ALA B 620 -25.15 18.34 15.32
N ILE B 621 -25.04 18.21 16.64
CA ILE B 621 -25.31 16.95 17.32
C ILE B 621 -26.76 16.98 17.78
N HIS B 622 -27.43 15.83 17.71
CA HIS B 622 -28.86 15.76 18.01
C HIS B 622 -29.05 15.53 19.50
N ALA B 623 -28.78 16.59 20.26
CA ALA B 623 -28.65 16.52 21.71
C ALA B 623 -29.95 16.22 22.42
N ASP B 624 -31.10 16.36 21.75
CA ASP B 624 -32.36 15.88 22.31
C ASP B 624 -32.36 14.36 22.47
N GLN B 625 -31.82 13.65 21.48
CA GLN B 625 -31.72 12.20 21.55
C GLN B 625 -30.58 11.73 22.43
N LEU B 626 -29.61 12.59 22.72
CA LEU B 626 -28.47 12.23 23.54
C LEU B 626 -28.82 12.26 25.03
N THR B 627 -27.95 11.64 25.83
CA THR B 627 -28.14 11.56 27.26
C THR B 627 -27.93 12.94 27.90
N PRO B 628 -28.50 13.18 29.09
CA PRO B 628 -28.26 14.46 29.78
C PRO B 628 -26.81 14.70 30.18
N THR B 629 -25.98 13.66 30.27
CA THR B 629 -24.57 13.86 30.54
C THR B 629 -23.86 14.48 29.34
N TRP B 630 -24.30 14.14 28.13
CA TRP B 630 -23.82 14.83 26.93
C TRP B 630 -24.43 16.22 26.76
N ARG B 631 -25.58 16.48 27.37
CA ARG B 631 -26.26 17.75 27.14
C ARG B 631 -25.62 18.92 27.88
N VAL B 632 -24.77 18.65 28.88
CA VAL B 632 -24.11 19.73 29.60
C VAL B 632 -22.91 20.29 28.84
N TYR B 633 -22.47 19.61 27.78
CA TYR B 633 -21.37 20.08 26.95
C TYR B 633 -21.86 20.79 25.70
N SER B 634 -23.14 21.19 25.68
CA SER B 634 -23.69 22.00 24.60
C SER B 634 -24.66 23.05 25.13
N THR B 635 -24.75 23.25 26.44
CA THR B 635 -25.84 23.98 27.06
C THR B 635 -25.76 25.49 26.88
N GLY B 636 -24.59 26.04 26.55
CA GLY B 636 -24.45 27.48 26.44
C GLY B 636 -23.89 28.18 27.66
N SER B 637 -23.35 27.43 28.63
CA SER B 637 -22.91 28.05 29.88
C SER B 637 -21.56 28.73 29.73
N ASN B 638 -20.52 27.95 29.45
CA ASN B 638 -19.14 28.44 29.36
C ASN B 638 -18.66 28.09 27.95
N VAL B 639 -19.01 28.95 26.99
CA VAL B 639 -18.89 28.65 25.57
C VAL B 639 -18.14 29.79 24.88
N PHE B 640 -17.14 29.44 24.07
CA PHE B 640 -16.40 30.41 23.28
C PHE B 640 -16.36 29.95 21.83
N GLN B 641 -16.24 30.89 20.91
CA GLN B 641 -16.12 30.62 19.48
C GLN B 641 -14.70 30.96 19.05
N THR B 642 -13.90 29.92 18.80
CA THR B 642 -12.60 30.07 18.17
C THR B 642 -12.74 29.98 16.66
N ARG B 643 -11.66 30.35 15.96
CA ARG B 643 -11.62 30.27 14.50
C ARG B 643 -11.72 28.83 13.99
N ALA B 644 -11.31 27.85 14.81
CA ALA B 644 -11.49 26.45 14.46
C ALA B 644 -12.90 25.95 14.73
N GLY B 645 -13.70 26.66 15.51
CA GLY B 645 -15.04 26.20 15.80
C GLY B 645 -15.42 26.51 17.24
N CYS B 646 -16.34 25.74 17.78
CA CYS B 646 -16.92 26.03 19.09
C CYS B 646 -16.20 25.25 20.19
N LEU B 647 -15.81 25.95 21.25
CA LEU B 647 -15.15 25.34 22.39
C LEU B 647 -16.04 25.51 23.62
N ILE B 648 -16.49 24.40 24.19
CA ILE B 648 -17.44 24.39 25.29
C ILE B 648 -16.80 23.70 26.49
N GLY B 649 -16.83 24.37 27.64
CA GLY B 649 -16.26 23.84 28.86
C GLY B 649 -14.98 24.49 29.29
N ALA B 650 -14.47 25.47 28.55
CA ALA B 650 -13.24 26.18 28.89
C ALA B 650 -13.53 27.66 29.06
N GLU B 651 -12.95 28.24 30.11
CA GLU B 651 -13.17 29.65 30.44
C GLU B 651 -12.13 30.51 29.74
N TYR B 652 -12.58 31.45 28.92
CA TYR B 652 -11.65 32.32 28.22
C TYR B 652 -11.05 33.34 29.18
N VAL B 653 -9.73 33.47 29.15
CA VAL B 653 -8.99 34.41 29.99
C VAL B 653 -8.29 35.40 29.07
N ASN B 654 -8.34 36.68 29.43
CA ASN B 654 -7.70 37.72 28.64
C ASN B 654 -6.18 37.75 28.78
N ASN B 655 -5.61 36.98 29.72
CA ASN B 655 -4.17 36.88 29.82
C ASN B 655 -3.62 36.02 28.69
N SER B 656 -2.30 36.07 28.50
CA SER B 656 -1.61 35.29 27.50
C SER B 656 -0.48 34.51 28.14
N TYR B 657 -0.45 33.21 27.91
CA TYR B 657 0.57 32.32 28.44
C TYR B 657 1.19 31.54 27.29
N GLU B 658 2.14 30.68 27.63
CA GLU B 658 2.68 29.76 26.64
C GLU B 658 1.67 28.67 26.33
N CYS B 659 1.80 28.06 25.16
CA CYS B 659 0.84 27.07 24.69
C CYS B 659 1.03 25.76 25.43
N ASP B 660 0.01 25.35 26.19
CA ASP B 660 0.04 24.10 26.95
C ASP B 660 -0.59 22.96 26.16
N ILE B 661 -1.87 23.11 25.82
CA ILE B 661 -2.56 22.14 24.97
C ILE B 661 -2.99 22.87 23.70
N PRO B 662 -2.38 22.59 22.55
CA PRO B 662 -2.70 23.36 21.34
C PRO B 662 -4.05 23.02 20.74
N ILE B 663 -4.98 23.97 20.80
CA ILE B 663 -6.28 23.82 20.15
C ILE B 663 -6.23 24.24 18.70
N GLY B 664 -5.72 25.43 18.42
CA GLY B 664 -5.52 25.87 17.05
C GLY B 664 -5.86 27.32 16.86
N ALA B 665 -5.36 27.89 15.76
CA ALA B 665 -5.58 29.27 15.31
C ALA B 665 -5.18 30.29 16.38
N GLY B 666 -4.08 30.01 17.07
CA GLY B 666 -3.62 30.86 18.14
C GLY B 666 -4.24 30.61 19.49
N ILE B 667 -5.20 29.70 19.58
CA ILE B 667 -5.91 29.42 20.82
C ILE B 667 -5.31 28.16 21.44
N CYS B 668 -4.90 28.26 22.70
CA CYS B 668 -4.42 27.13 23.48
C CYS B 668 -5.23 27.03 24.76
N ALA B 669 -5.10 25.91 25.46
CA ALA B 669 -5.85 25.66 26.69
C ALA B 669 -4.92 25.02 27.71
N SER B 670 -5.31 25.15 28.99
CA SER B 670 -4.51 24.61 30.07
C SER B 670 -5.41 24.39 31.29
N TYR B 671 -5.00 23.43 32.12
CA TYR B 671 -5.67 23.17 33.39
C TYR B 671 -5.01 24.03 34.46
N GLN B 672 -5.69 25.10 34.88
CA GLN B 672 -5.14 26.07 35.80
C GLN B 672 -5.67 25.80 37.20
N THR B 673 -4.75 25.79 38.18
CA THR B 673 -5.12 25.51 39.56
C THR B 673 -5.80 26.70 40.21
N GLN B 674 -5.25 27.90 40.03
CA GLN B 674 -5.67 29.08 40.77
C GLN B 674 -6.81 29.86 40.10
N THR B 675 -7.62 29.19 39.28
CA THR B 675 -8.75 29.86 38.65
C THR B 675 -9.83 30.13 39.70
N LYS B 676 -10.42 31.32 39.62
CA LYS B 676 -11.53 31.83 40.46
C LYS B 676 -11.04 31.91 41.91
N SER B 677 -11.82 31.43 42.88
CA SER B 677 -11.47 31.58 44.28
C SER B 677 -10.26 30.74 44.66
N HIS B 678 -10.21 29.49 44.19
CA HIS B 678 -9.09 28.61 44.49
C HIS B 678 -8.47 28.05 43.22
N SER B 686 -11.11 25.09 43.04
CA SER B 686 -11.78 25.41 41.79
C SER B 686 -10.81 25.38 40.61
N GLN B 687 -10.02 24.31 40.53
CA GLN B 687 -9.14 24.11 39.39
C GLN B 687 -9.97 23.82 38.14
N SER B 688 -9.64 24.46 37.03
CA SER B 688 -10.50 24.31 35.86
C SER B 688 -9.70 24.51 34.58
N ILE B 689 -10.32 24.11 33.47
CA ILE B 689 -9.72 24.27 32.15
C ILE B 689 -9.99 25.69 31.66
N ILE B 690 -8.91 26.41 31.38
CA ILE B 690 -8.99 27.76 30.83
C ILE B 690 -8.46 27.74 29.41
N ALA B 691 -8.90 28.71 28.61
CA ALA B 691 -8.46 28.87 27.23
C ALA B 691 -7.98 30.29 27.03
N TYR B 692 -6.96 30.45 26.19
CA TYR B 692 -6.36 31.76 25.99
C TYR B 692 -5.74 31.82 24.61
N THR B 693 -5.25 33.00 24.26
CA THR B 693 -4.41 33.20 23.08
C THR B 693 -2.96 33.12 23.52
N MET B 694 -2.17 32.30 22.84
CA MET B 694 -0.81 32.02 23.29
C MET B 694 0.10 33.23 23.09
N SER B 695 1.09 33.32 23.96
CA SER B 695 1.99 34.48 24.03
C SER B 695 3.26 34.18 23.24
N LEU B 696 3.65 35.12 22.38
CA LEU B 696 4.84 34.92 21.55
C LEU B 696 6.11 35.06 22.36
N GLY B 697 6.14 35.97 23.31
CA GLY B 697 7.32 36.18 24.12
C GLY B 697 7.29 37.54 24.77
N ALA B 698 8.38 37.85 25.47
CA ALA B 698 8.51 39.15 26.12
C ALA B 698 8.70 40.24 25.07
N GLU B 699 8.09 41.40 25.31
CA GLU B 699 8.19 42.52 24.40
C GLU B 699 9.46 43.29 24.71
N ASN B 700 10.19 43.70 23.67
CA ASN B 700 11.46 44.37 23.83
C ASN B 700 11.59 45.45 22.76
N SER B 701 12.46 46.42 23.04
CA SER B 701 12.77 47.49 22.09
C SER B 701 14.23 47.85 22.23
N VAL B 702 15.00 47.69 21.16
CA VAL B 702 16.42 48.02 21.17
C VAL B 702 16.57 49.53 21.05
N ALA B 703 17.40 50.11 21.91
CA ALA B 703 17.62 51.56 21.93
C ALA B 703 18.62 51.91 20.84
N TYR B 704 18.13 51.97 19.61
CA TYR B 704 18.98 52.30 18.48
C TYR B 704 19.29 53.79 18.45
N SER B 705 20.55 54.11 18.16
CA SER B 705 20.97 55.48 17.92
C SER B 705 22.14 55.44 16.97
N ASN B 706 22.37 56.55 16.26
CA ASN B 706 23.41 56.57 15.23
C ASN B 706 24.80 56.79 15.78
N ASN B 707 24.95 57.03 17.09
CA ASN B 707 26.28 57.18 17.69
C ASN B 707 26.37 56.49 19.04
N SER B 708 25.58 55.44 19.26
CA SER B 708 25.58 54.71 20.51
C SER B 708 25.78 53.23 20.25
N ILE B 709 26.67 52.60 21.01
CA ILE B 709 26.96 51.18 20.86
C ILE B 709 26.95 50.54 22.24
N ALA B 710 26.73 49.23 22.26
CA ALA B 710 26.71 48.45 23.50
C ALA B 710 27.75 47.35 23.41
N ILE B 711 28.69 47.35 24.35
CA ILE B 711 29.80 46.41 24.36
C ILE B 711 29.75 45.66 25.68
N PRO B 712 29.79 44.32 25.66
CA PRO B 712 29.81 43.57 26.92
C PRO B 712 31.11 43.76 27.69
N THR B 713 31.00 43.68 29.01
CA THR B 713 32.14 43.81 29.90
C THR B 713 32.48 42.52 30.62
N ASN B 714 31.71 41.45 30.38
CA ASN B 714 31.88 40.19 31.06
C ASN B 714 31.27 39.10 30.18
N PHE B 715 31.42 37.86 30.61
CA PHE B 715 30.92 36.74 29.82
C PHE B 715 30.34 35.67 30.74
N THR B 716 29.87 34.60 30.11
CA THR B 716 29.50 33.38 30.81
C THR B 716 29.70 32.20 29.86
N ILE B 717 29.89 31.03 30.45
CA ILE B 717 30.16 29.79 29.72
C ILE B 717 28.94 28.90 29.88
N SER B 718 28.31 28.55 28.76
CA SER B 718 27.07 27.78 28.79
C SER B 718 27.31 26.41 28.16
N VAL B 719 27.02 25.35 28.90
CA VAL B 719 27.11 24.00 28.39
C VAL B 719 25.70 23.46 28.27
N THR B 720 25.26 23.21 27.04
CA THR B 720 23.90 22.79 26.74
C THR B 720 23.89 21.37 26.20
N THR B 721 22.70 20.78 26.16
CA THR B 721 22.53 19.38 25.80
C THR B 721 21.68 19.28 24.53
N GLU B 722 22.17 18.54 23.54
CA GLU B 722 21.43 18.28 22.31
C GLU B 722 21.36 16.78 22.08
N ILE B 723 20.15 16.26 21.84
CA ILE B 723 19.90 14.83 21.77
C ILE B 723 19.46 14.47 20.36
N LEU B 724 20.13 13.48 19.76
CA LEU B 724 19.84 13.10 18.39
C LEU B 724 19.70 11.59 18.27
N PRO B 725 18.60 11.08 17.70
CA PRO B 725 18.53 9.66 17.38
C PRO B 725 19.50 9.29 16.26
N VAL B 726 19.96 8.04 16.30
CA VAL B 726 20.94 7.52 15.35
C VAL B 726 20.43 6.26 14.65
N SER B 727 19.99 5.27 15.42
CA SER B 727 19.51 4.02 14.86
C SER B 727 18.27 3.58 15.62
N MET B 728 17.47 2.74 14.98
CA MET B 728 16.28 2.20 15.61
C MET B 728 16.39 0.68 15.71
N THR B 729 15.29 0.05 16.09
CA THR B 729 15.28 -1.39 16.35
C THR B 729 15.26 -2.16 15.04
N LYS B 730 16.13 -3.17 14.94
CA LYS B 730 16.18 -4.04 13.78
C LYS B 730 15.23 -5.22 13.99
N THR B 731 14.26 -5.36 13.12
CA THR B 731 13.25 -6.40 13.23
C THR B 731 13.36 -7.39 12.08
N SER B 732 12.74 -8.55 12.28
CA SER B 732 12.66 -9.58 11.27
C SER B 732 11.30 -10.27 11.40
N VAL B 733 10.71 -10.63 10.26
CA VAL B 733 9.36 -11.21 10.23
C VAL B 733 9.42 -12.54 9.50
N ASP B 734 8.94 -13.59 10.16
CA ASP B 734 8.67 -14.86 9.49
C ASP B 734 7.27 -14.76 8.90
N CYS B 735 7.19 -14.68 7.58
CA CYS B 735 5.91 -14.41 6.93
C CYS B 735 5.01 -15.64 6.93
N THR B 736 5.59 -16.83 6.78
CA THR B 736 4.81 -18.06 6.78
C THR B 736 4.21 -18.34 8.15
N MET B 737 4.97 -18.10 9.21
CA MET B 737 4.45 -18.31 10.55
C MET B 737 3.44 -17.23 10.94
N TYR B 738 3.60 -16.02 10.43
CA TYR B 738 2.65 -14.95 10.73
C TYR B 738 1.33 -15.17 10.02
N ILE B 739 1.38 -15.51 8.72
CA ILE B 739 0.16 -15.63 7.94
C ILE B 739 -0.59 -16.91 8.30
N CYS B 740 0.11 -18.05 8.31
CA CYS B 740 -0.54 -19.33 8.51
C CYS B 740 -0.53 -19.76 9.98
N GLY B 741 0.64 -19.89 10.58
CA GLY B 741 0.71 -20.29 11.97
C GLY B 741 0.44 -21.76 12.18
N ASP B 742 1.35 -22.62 11.71
CA ASP B 742 1.31 -24.08 11.83
C ASP B 742 0.05 -24.64 11.15
N SER B 743 0.02 -24.45 9.83
CA SER B 743 -1.05 -24.97 8.98
C SER B 743 -0.43 -25.27 7.62
N THR B 744 -0.37 -26.56 7.27
CA THR B 744 0.37 -26.97 6.07
C THR B 744 -0.40 -26.61 4.80
N GLU B 745 -1.72 -26.78 4.80
CA GLU B 745 -2.54 -26.45 3.64
C GLU B 745 -2.54 -24.95 3.37
N CYS B 746 -2.47 -24.13 4.43
CA CYS B 746 -2.32 -22.69 4.25
C CYS B 746 -1.01 -22.35 3.56
N SER B 747 0.08 -23.03 3.94
CA SER B 747 1.37 -22.79 3.29
C SER B 747 1.34 -23.23 1.83
N ASN B 748 0.66 -24.33 1.54
CA ASN B 748 0.52 -24.77 0.16
C ASN B 748 -0.31 -23.80 -0.68
N LEU B 749 -1.32 -23.17 -0.07
CA LEU B 749 -2.04 -22.12 -0.79
C LEU B 749 -1.21 -20.86 -0.92
N LEU B 750 -0.39 -20.54 0.10
CA LEU B 750 0.39 -19.32 0.12
C LEU B 750 1.56 -19.36 -0.85
N LEU B 751 2.02 -20.56 -1.22
CA LEU B 751 3.06 -20.68 -2.24
C LEU B 751 2.62 -20.18 -3.61
N GLN B 752 1.31 -20.14 -3.88
CA GLN B 752 0.79 -19.66 -5.16
C GLN B 752 0.81 -18.14 -5.27
N TYR B 753 1.04 -17.41 -4.18
CA TYR B 753 0.90 -15.96 -4.20
C TYR B 753 2.17 -15.23 -4.62
N GLY B 754 3.23 -15.96 -4.95
CA GLY B 754 4.39 -15.34 -5.56
C GLY B 754 5.54 -15.03 -4.63
N SER B 755 6.24 -13.95 -4.92
CA SER B 755 7.48 -13.58 -4.24
C SER B 755 7.31 -12.34 -3.37
N PHE B 756 6.18 -12.26 -2.65
CA PHE B 756 5.97 -11.15 -1.72
C PHE B 756 6.86 -11.28 -0.50
N CYS B 757 6.98 -12.51 0.04
CA CYS B 757 7.74 -12.74 1.25
C CYS B 757 9.23 -12.48 1.05
N THR B 758 9.76 -12.79 -0.13
CA THR B 758 11.17 -12.57 -0.41
C THR B 758 11.51 -11.09 -0.45
N GLN B 759 10.67 -10.26 -1.08
CA GLN B 759 10.99 -8.84 -1.13
C GLN B 759 10.69 -8.15 0.20
N LEU B 760 9.73 -8.65 0.98
CA LEU B 760 9.55 -8.13 2.35
C LEU B 760 10.75 -8.43 3.22
N LYS B 761 11.29 -9.65 3.16
CA LYS B 761 12.50 -9.97 3.91
C LYS B 761 13.71 -9.20 3.39
N ARG B 762 13.77 -8.93 2.08
CA ARG B 762 14.84 -8.13 1.52
C ARG B 762 14.80 -6.70 2.02
N ALA B 763 13.60 -6.10 2.09
CA ALA B 763 13.45 -4.75 2.61
C ALA B 763 13.82 -4.67 4.09
N LEU B 764 13.40 -5.65 4.89
CA LEU B 764 13.73 -5.63 6.32
C LEU B 764 15.22 -5.86 6.54
N THR B 765 15.86 -6.69 5.70
CA THR B 765 17.30 -6.88 5.78
C THR B 765 18.06 -5.61 5.40
N GLY B 766 17.56 -4.88 4.40
CA GLY B 766 18.19 -3.62 4.04
C GLY B 766 18.10 -2.57 5.14
N ILE B 767 16.94 -2.51 5.82
CA ILE B 767 16.80 -1.61 6.97
C ILE B 767 17.74 -2.02 8.10
N ALA B 768 17.85 -3.33 8.36
CA ALA B 768 18.70 -3.82 9.45
C ALA B 768 20.18 -3.57 9.18
N VAL B 769 20.60 -3.63 7.92
CA VAL B 769 21.98 -3.27 7.58
C VAL B 769 22.19 -1.76 7.74
N GLU B 770 21.16 -0.97 7.33
CA GLU B 770 21.27 0.49 7.38
C GLU B 770 21.40 1.02 8.80
N GLN B 771 20.80 0.35 9.78
CA GLN B 771 20.95 0.80 11.17
C GLN B 771 22.39 0.66 11.66
N ASP B 772 23.05 -0.46 11.33
CA ASP B 772 24.44 -0.63 11.69
C ASP B 772 25.34 0.35 10.94
N LYS B 773 24.99 0.66 9.70
CA LYS B 773 25.74 1.68 8.95
C LYS B 773 25.59 3.05 9.59
N ASN B 774 24.40 3.39 10.10
CA ASN B 774 24.19 4.66 10.79
C ASN B 774 25.02 4.76 12.05
N THR B 775 25.03 3.70 12.86
CA THR B 775 25.81 3.70 14.10
C THR B 775 27.30 3.78 13.82
N GLN B 776 27.77 3.05 12.80
CA GLN B 776 29.18 3.10 12.41
C GLN B 776 29.58 4.48 11.89
N GLU B 777 28.69 5.12 11.12
CA GLU B 777 28.98 6.45 10.60
C GLU B 777 29.04 7.49 11.72
N VAL B 778 28.14 7.40 12.69
CA VAL B 778 28.10 8.41 13.75
C VAL B 778 29.28 8.24 14.70
N PHE B 779 29.50 7.03 15.20
CA PHE B 779 30.44 6.90 16.30
C PHE B 779 31.87 6.56 15.87
N ALA B 780 32.04 5.76 14.83
CA ALA B 780 33.38 5.30 14.43
C ALA B 780 34.03 6.28 13.43
N GLN B 781 34.24 7.51 13.90
CA GLN B 781 34.93 8.51 13.09
C GLN B 781 36.43 8.57 13.36
N VAL B 782 36.91 7.85 14.36
CA VAL B 782 38.32 7.89 14.75
C VAL B 782 38.92 6.50 14.53
N LYS B 783 40.15 6.48 14.00
CA LYS B 783 40.80 5.22 13.66
C LYS B 783 41.56 4.59 14.81
N GLN B 784 41.98 5.37 15.80
CA GLN B 784 42.73 4.87 16.93
C GLN B 784 42.00 5.17 18.23
N ILE B 785 42.14 4.27 19.19
CA ILE B 785 41.46 4.41 20.49
C ILE B 785 42.44 5.14 21.41
N TYR B 786 42.28 6.46 21.49
CA TYR B 786 43.09 7.25 22.40
C TYR B 786 42.60 7.08 23.83
N LYS B 787 43.51 7.25 24.78
CA LYS B 787 43.16 7.21 26.19
C LYS B 787 43.86 8.36 26.92
N THR B 788 43.22 8.79 28.01
CA THR B 788 43.73 9.91 28.79
C THR B 788 44.96 9.49 29.59
N PRO B 789 45.83 10.45 29.94
CA PRO B 789 46.88 10.15 30.91
C PRO B 789 46.28 9.92 32.29
N PRO B 790 46.98 9.17 33.16
CA PRO B 790 46.42 8.87 34.49
C PRO B 790 46.25 10.08 35.40
N ILE B 791 46.91 11.19 35.13
CA ILE B 791 46.73 12.41 35.92
C ILE B 791 45.62 13.22 35.27
N LYS B 792 44.50 13.35 35.96
CA LYS B 792 43.32 14.00 35.41
C LYS B 792 43.26 15.47 35.82
N TYR B 793 44.26 16.23 35.39
CA TYR B 793 44.30 17.67 35.59
C TYR B 793 44.46 18.34 34.23
N PHE B 794 43.45 19.12 33.84
CA PHE B 794 43.46 19.82 32.55
C PHE B 794 43.13 21.29 32.79
N GLY B 795 44.15 22.06 33.17
CA GLY B 795 44.01 23.51 33.32
C GLY B 795 43.05 23.97 34.39
N GLY B 796 42.70 23.12 35.34
CA GLY B 796 41.69 23.43 36.33
C GLY B 796 40.29 23.01 35.94
N PHE B 797 40.08 22.62 34.69
CA PHE B 797 38.77 22.13 34.26
C PHE B 797 38.53 20.73 34.81
N ASN B 798 37.27 20.41 35.02
CA ASN B 798 36.88 19.13 35.60
C ASN B 798 36.14 18.29 34.57
N PHE B 799 36.70 17.13 34.23
CA PHE B 799 36.08 16.20 33.31
C PHE B 799 35.79 14.85 33.96
N SER B 800 35.68 14.81 35.29
CA SER B 800 35.45 13.56 36.00
C SER B 800 34.05 13.00 35.76
N GLN B 801 33.12 13.83 35.31
CA GLN B 801 31.74 13.41 35.10
C GLN B 801 31.46 12.97 33.67
N ILE B 802 32.41 13.13 32.75
CA ILE B 802 32.26 12.64 31.39
C ILE B 802 33.34 11.63 31.00
N LEU B 803 34.46 11.59 31.70
CA LEU B 803 35.44 10.54 31.47
C LEU B 803 34.92 9.21 32.00
N PRO B 804 35.39 8.09 31.44
CA PRO B 804 34.86 6.78 31.87
C PRO B 804 35.22 6.43 33.32
N ASP B 805 34.30 5.69 33.95
CA ASP B 805 34.45 5.26 35.32
C ASP B 805 34.78 3.78 35.35
N PRO B 806 35.98 3.38 35.80
CA PRO B 806 36.33 1.96 35.82
C PRO B 806 35.62 1.16 36.92
N SER B 807 34.90 1.81 37.83
CA SER B 807 34.18 1.10 38.86
C SER B 807 33.01 0.31 38.30
N LYS B 808 32.35 0.83 37.26
CA LYS B 808 31.23 0.13 36.67
C LYS B 808 31.72 -1.07 35.85
N PRO B 809 30.93 -2.14 35.78
CA PRO B 809 31.27 -3.25 34.87
C PRO B 809 31.32 -2.84 33.41
N SER B 810 30.43 -1.96 32.98
CA SER B 810 30.48 -1.37 31.66
C SER B 810 31.07 0.03 31.78
N LYS B 811 32.20 0.26 31.13
CA LYS B 811 32.99 1.47 31.34
C LYS B 811 32.31 2.67 30.66
N ARG B 812 31.27 3.16 31.32
CA ARG B 812 30.56 4.37 30.93
C ARG B 812 30.75 5.44 31.99
N SER B 813 30.51 6.69 31.59
CA SER B 813 30.66 7.80 32.51
C SER B 813 29.44 7.93 33.41
N PHE B 814 29.45 8.96 34.25
CA PHE B 814 28.30 9.21 35.13
C PHE B 814 27.10 9.69 34.34
N ILE B 815 27.32 10.64 33.42
CA ILE B 815 26.23 11.19 32.63
C ILE B 815 25.70 10.14 31.66
N GLU B 816 26.59 9.28 31.14
CA GLU B 816 26.14 8.18 30.29
C GLU B 816 25.30 7.18 31.06
N ASP B 817 25.64 6.95 32.34
CA ASP B 817 24.81 6.10 33.19
C ASP B 817 23.44 6.73 33.45
N LEU B 818 23.40 8.05 33.65
CA LEU B 818 22.11 8.73 33.81
C LEU B 818 21.27 8.66 32.54
N LEU B 819 21.91 8.81 31.37
CA LEU B 819 21.18 8.72 30.11
C LEU B 819 20.69 7.31 29.83
N PHE B 820 21.44 6.30 30.25
CA PHE B 820 20.97 4.93 30.07
C PHE B 820 19.88 4.57 31.06
N ASN B 821 19.89 5.18 32.25
CA ASN B 821 18.80 4.94 33.21
C ASN B 821 17.54 5.70 32.85
N LYS B 822 17.65 6.85 32.19
CA LYS B 822 16.48 7.67 31.89
C LYS B 822 15.60 7.02 30.81
N VAL B 823 16.21 6.52 29.75
CA VAL B 823 15.45 5.91 28.66
C VAL B 823 15.09 4.49 29.07
N THR B 824 13.79 4.20 29.10
CA THR B 824 13.30 2.87 29.49
C THR B 824 13.26 1.98 28.25
N LEU B 825 14.46 1.60 27.81
CA LEU B 825 14.60 0.75 26.63
C LEU B 825 14.16 -0.67 26.97
N ALA B 826 13.23 -1.20 26.17
CA ALA B 826 12.81 -2.58 26.34
C ALA B 826 13.94 -3.52 25.93
N ASP B 827 13.98 -4.68 26.58
CA ASP B 827 15.03 -5.66 26.29
C ASP B 827 14.83 -6.32 24.93
N ALA B 828 13.62 -6.30 24.39
CA ALA B 828 13.26 -6.65 23.01
C ALA B 828 13.48 -8.11 22.63
N GLY B 829 13.96 -8.93 23.58
CA GLY B 829 14.12 -10.36 23.37
C GLY B 829 15.14 -10.75 22.32
N PHE B 830 16.21 -9.98 22.15
CA PHE B 830 17.30 -10.39 21.30
C PHE B 830 18.42 -11.06 22.08
N ILE B 831 18.24 -11.26 23.38
CA ILE B 831 19.19 -12.00 24.20
C ILE B 831 18.45 -13.18 24.80
N LYS B 832 18.42 -14.29 24.06
CA LYS B 832 18.09 -15.64 24.53
C LYS B 832 16.72 -15.72 25.23
N GLN B 833 15.68 -15.29 24.51
CA GLN B 833 14.39 -15.09 25.12
C GLN B 833 13.59 -16.38 25.27
N TYR B 834 13.87 -17.41 24.45
CA TYR B 834 12.89 -18.47 24.24
C TYR B 834 12.85 -19.44 25.41
N GLY B 835 13.94 -19.51 26.20
CA GLY B 835 13.91 -20.27 27.43
C GLY B 835 12.94 -19.73 28.45
N ASP B 836 12.74 -18.40 28.45
CA ASP B 836 11.70 -17.82 29.30
C ASP B 836 10.31 -18.10 28.74
N CYS B 837 10.15 -18.04 27.41
CA CYS B 837 8.84 -18.23 26.80
C CYS B 837 8.35 -19.67 26.89
N LEU B 838 9.27 -20.63 26.99
CA LEU B 838 8.88 -22.02 27.23
C LEU B 838 8.24 -22.19 28.60
N GLY B 839 8.80 -21.57 29.64
CA GLY B 839 8.28 -21.73 30.97
C GLY B 839 6.95 -21.01 31.14
N ASP B 840 5.99 -21.72 31.73
CA ASP B 840 4.67 -21.16 31.95
C ASP B 840 4.71 -20.23 33.15
N ILE B 841 4.50 -18.94 32.91
CA ILE B 841 4.50 -17.93 33.95
C ILE B 841 3.18 -17.16 33.85
N ALA B 842 2.74 -16.61 34.98
CA ALA B 842 1.44 -15.95 35.03
C ALA B 842 1.43 -14.63 34.25
N ALA B 843 2.59 -13.97 34.15
CA ALA B 843 2.70 -12.70 33.45
C ALA B 843 3.32 -12.97 32.07
N ARG B 844 2.46 -13.13 31.07
CA ARG B 844 2.92 -13.27 29.70
C ARG B 844 3.55 -11.98 29.21
N ASP B 845 4.84 -12.04 28.93
CA ASP B 845 5.57 -10.90 28.39
C ASP B 845 5.11 -10.63 26.96
N LEU B 846 5.19 -9.37 26.56
CA LEU B 846 4.76 -8.98 25.22
C LEU B 846 5.73 -9.49 24.16
N ILE B 847 7.01 -9.63 24.52
CA ILE B 847 8.00 -10.15 23.59
C ILE B 847 7.76 -11.64 23.34
N CYS B 848 7.42 -12.39 24.39
CA CYS B 848 7.03 -13.79 24.20
C CYS B 848 5.71 -13.90 23.45
N ALA B 849 4.83 -12.91 23.59
CA ALA B 849 3.54 -12.97 22.91
C ALA B 849 3.67 -12.71 21.43
N GLN B 850 4.52 -11.74 21.04
CA GLN B 850 4.69 -11.42 19.64
C GLN B 850 5.80 -12.20 18.96
N LYS B 851 6.65 -12.90 19.72
CA LYS B 851 7.67 -13.74 19.12
C LYS B 851 7.09 -15.06 18.63
N PHE B 852 6.01 -15.53 19.25
CA PHE B 852 5.30 -16.72 18.79
C PHE B 852 4.56 -16.49 17.48
N LYS B 853 4.40 -15.24 17.07
CA LYS B 853 3.76 -14.89 15.81
C LYS B 853 4.74 -14.73 14.67
N GLY B 854 6.02 -14.99 14.89
CA GLY B 854 7.02 -14.84 13.86
C GLY B 854 7.72 -13.50 13.80
N LEU B 855 7.54 -12.65 14.82
CA LEU B 855 8.11 -11.32 14.85
C LEU B 855 9.27 -11.31 15.83
N THR B 856 10.49 -11.16 15.31
CA THR B 856 11.68 -11.20 16.14
C THR B 856 12.46 -9.89 16.00
N VAL B 857 13.37 -9.67 16.96
CA VAL B 857 14.21 -8.49 16.99
C VAL B 857 15.66 -8.94 16.93
N LEU B 858 16.41 -8.41 15.97
CA LEU B 858 17.82 -8.74 15.82
C LEU B 858 18.67 -7.86 16.74
N PRO B 859 19.78 -8.37 17.26
CA PRO B 859 20.65 -7.55 18.10
C PRO B 859 21.49 -6.61 17.26
N PRO B 860 21.91 -5.48 17.81
CA PRO B 860 22.82 -4.59 17.07
C PRO B 860 24.21 -5.18 16.97
N LEU B 861 24.94 -4.71 15.95
CA LEU B 861 26.30 -5.21 15.73
C LEU B 861 27.27 -4.68 16.77
N LEU B 862 27.15 -3.40 17.12
CA LEU B 862 28.03 -2.78 18.10
C LEU B 862 27.35 -2.78 19.47
N THR B 863 27.97 -3.43 20.44
CA THR B 863 27.45 -3.42 21.80
C THR B 863 27.71 -2.05 22.43
N ASP B 864 27.07 -1.82 23.58
CA ASP B 864 27.17 -0.53 24.26
C ASP B 864 28.56 -0.28 24.82
N GLU B 865 29.32 -1.34 25.12
CA GLU B 865 30.71 -1.17 25.55
C GLU B 865 31.57 -0.61 24.41
N MET B 866 31.30 -1.02 23.18
CA MET B 866 32.07 -0.51 22.04
C MET B 866 31.71 0.93 21.71
N ILE B 867 30.43 1.29 21.86
CA ILE B 867 30.03 2.69 21.71
C ILE B 867 30.65 3.55 22.81
N ALA B 868 30.72 3.01 24.02
CA ALA B 868 31.39 3.72 25.12
C ALA B 868 32.88 3.88 24.85
N GLN B 869 33.50 2.89 24.22
CA GLN B 869 34.92 3.00 23.87
C GLN B 869 35.15 4.03 22.77
N TYR B 870 34.25 4.10 21.78
CA TYR B 870 34.32 5.18 20.79
C TYR B 870 34.15 6.56 21.41
N THR B 871 33.19 6.73 22.31
CA THR B 871 33.02 8.04 22.94
C THR B 871 34.18 8.38 23.87
N SER B 872 34.77 7.37 24.52
CA SER B 872 35.95 7.59 25.33
C SER B 872 37.14 8.01 24.48
N ALA B 873 37.32 7.38 23.33
CA ALA B 873 38.41 7.75 22.42
C ALA B 873 38.23 9.16 21.88
N LEU B 874 37.00 9.52 21.51
CA LEU B 874 36.72 10.87 21.03
C LEU B 874 36.94 11.92 22.11
N LEU B 875 36.51 11.64 23.34
CA LEU B 875 36.72 12.57 24.45
C LEU B 875 38.20 12.73 24.78
N ALA B 876 38.95 11.62 24.80
CA ALA B 876 40.38 11.68 25.11
C ALA B 876 41.15 12.41 24.02
N GLY B 877 40.80 12.19 22.75
CA GLY B 877 41.44 12.91 21.67
C GLY B 877 41.13 14.40 21.68
N THR B 878 39.88 14.76 21.96
CA THR B 878 39.50 16.17 22.02
C THR B 878 40.17 16.87 23.19
N ILE B 879 40.30 16.20 24.34
CA ILE B 879 40.89 16.82 25.51
C ILE B 879 42.41 16.96 25.33
N THR B 880 43.08 15.89 24.89
CA THR B 880 44.54 15.89 24.88
C THR B 880 45.15 16.38 23.58
N SER B 881 44.36 16.61 22.52
CA SER B 881 44.95 17.05 21.27
C SER B 881 44.19 18.16 20.55
N GLY B 882 43.03 18.58 21.04
CA GLY B 882 42.30 19.64 20.36
C GLY B 882 41.64 19.12 19.10
N TRP B 883 41.75 19.91 18.02
CA TRP B 883 41.23 19.50 16.72
C TRP B 883 42.28 18.81 15.86
N THR B 884 43.50 18.62 16.38
CA THR B 884 44.58 18.08 15.57
C THR B 884 44.40 16.60 15.27
N PHE B 885 43.64 15.87 16.09
CA PHE B 885 43.44 14.45 15.85
C PHE B 885 42.40 14.20 14.77
N GLY B 886 41.61 15.20 14.40
CA GLY B 886 40.64 15.04 13.33
C GLY B 886 41.24 15.24 11.96
N ALA B 887 42.23 16.12 11.87
CA ALA B 887 42.90 16.41 10.61
C ALA B 887 44.04 15.44 10.30
N GLY B 888 44.45 14.63 11.26
CA GLY B 888 45.54 13.70 11.03
C GLY B 888 46.05 13.06 12.31
N ALA B 889 47.36 13.09 12.51
CA ALA B 889 47.95 12.56 13.73
C ALA B 889 47.66 13.49 14.90
N ALA B 890 47.43 12.91 16.07
CA ALA B 890 47.12 13.68 17.26
C ALA B 890 48.38 14.34 17.80
N LEU B 891 48.32 15.65 17.97
CA LEU B 891 49.43 16.43 18.52
C LEU B 891 49.01 16.96 19.88
N GLN B 892 49.81 16.68 20.91
CA GLN B 892 49.46 17.06 22.26
C GLN B 892 49.61 18.57 22.45
N ILE B 893 48.83 19.11 23.37
CA ILE B 893 48.79 20.54 23.67
C ILE B 893 48.20 20.70 25.07
N PRO B 894 48.69 21.63 25.89
CA PRO B 894 48.01 21.93 27.15
C PRO B 894 46.64 22.50 26.91
N PHE B 895 45.73 22.26 27.86
CA PHE B 895 44.34 22.64 27.69
C PHE B 895 44.14 24.15 27.73
N ALA B 896 45.00 24.87 28.46
CA ALA B 896 44.91 26.32 28.49
C ALA B 896 45.25 26.92 27.14
N MET B 897 46.28 26.40 26.46
CA MET B 897 46.61 26.88 25.12
C MET B 897 45.54 26.51 24.11
N GLN B 898 44.93 25.34 24.26
CA GLN B 898 43.81 24.95 23.40
C GLN B 898 42.63 25.88 23.57
N MET B 899 42.27 26.21 24.81
CA MET B 899 41.15 27.10 25.04
C MET B 899 41.46 28.53 24.62
N ALA B 900 42.74 28.92 24.66
CA ALA B 900 43.15 30.20 24.08
C ALA B 900 42.96 30.21 22.56
N TYR B 901 43.25 29.09 21.91
CA TYR B 901 42.96 28.97 20.48
C TYR B 901 41.46 29.08 20.20
N ARG B 902 40.64 28.46 21.06
CA ARG B 902 39.19 28.53 20.88
C ARG B 902 38.66 29.94 21.15
N PHE B 903 39.34 30.72 21.99
CA PHE B 903 38.95 32.12 22.15
C PHE B 903 39.37 32.96 20.94
N ASN B 904 40.56 32.70 20.38
CA ASN B 904 40.92 33.39 19.14
C ASN B 904 40.06 32.96 17.95
N GLY B 905 39.40 31.81 18.05
CA GLY B 905 38.45 31.42 17.01
C GLY B 905 37.22 32.32 16.97
N ILE B 906 36.77 32.78 18.13
CA ILE B 906 35.52 33.54 18.21
C ILE B 906 35.76 35.06 18.24
N GLY B 907 37.01 35.49 18.06
CA GLY B 907 37.29 36.91 17.99
C GLY B 907 37.61 37.59 19.30
N VAL B 908 37.94 36.83 20.33
CA VAL B 908 38.38 37.38 21.62
C VAL B 908 39.86 37.08 21.76
N THR B 909 40.62 38.08 22.23
CA THR B 909 42.05 37.91 22.42
C THR B 909 42.34 36.87 23.50
N GLN B 910 43.49 36.22 23.38
CA GLN B 910 43.77 35.04 24.20
C GLN B 910 44.08 35.39 25.64
N ASN B 911 44.61 36.60 25.90
CA ASN B 911 44.94 37.00 27.26
C ASN B 911 43.71 37.16 28.15
N VAL B 912 42.55 37.39 27.53
CA VAL B 912 41.26 37.39 28.24
C VAL B 912 41.04 36.05 28.94
N LEU B 913 41.47 34.95 28.31
CA LEU B 913 41.46 33.66 29.00
C LEU B 913 42.49 33.64 30.13
N TYR B 914 43.71 34.10 29.86
CA TYR B 914 44.81 33.86 30.78
C TYR B 914 44.72 34.71 32.04
N GLU B 915 43.97 35.81 31.99
CA GLU B 915 43.71 36.61 33.17
C GLU B 915 42.43 36.19 33.89
N ASN B 916 41.63 35.30 33.30
CA ASN B 916 40.37 34.85 33.88
C ASN B 916 40.21 33.34 33.76
N GLN B 917 41.29 32.60 33.97
CA GLN B 917 41.25 31.16 33.74
C GLN B 917 40.47 30.43 34.83
N LYS B 918 40.65 30.84 36.09
CA LYS B 918 40.00 30.17 37.21
C LYS B 918 38.49 30.41 37.20
N LEU B 919 38.07 31.61 36.82
CA LEU B 919 36.64 31.92 36.73
C LEU B 919 35.97 31.10 35.63
N ILE B 920 36.64 30.94 34.49
CA ILE B 920 36.10 30.15 33.39
C ILE B 920 36.02 28.67 33.77
N ALA B 921 37.03 28.16 34.49
CA ALA B 921 37.00 26.79 34.96
C ALA B 921 35.88 26.56 35.96
N ASN B 922 35.66 27.53 36.86
CA ASN B 922 34.57 27.42 37.83
C ASN B 922 33.20 27.45 37.15
N GLN B 923 33.04 28.31 36.14
CA GLN B 923 31.79 28.36 35.38
C GLN B 923 31.54 27.07 34.63
N PHE B 924 32.58 26.47 34.05
CA PHE B 924 32.43 25.19 33.36
C PHE B 924 32.03 24.08 34.31
N ASN B 925 32.65 24.01 35.49
CA ASN B 925 32.29 22.99 36.46
C ASN B 925 30.87 23.17 36.98
N SER B 926 30.45 24.42 37.20
CA SER B 926 29.09 24.71 37.64
C SER B 926 28.07 24.33 36.58
N ALA B 927 28.39 24.58 35.30
CA ALA B 927 27.47 24.20 34.23
C ALA B 927 27.37 22.68 34.07
N ILE B 928 28.47 21.96 34.29
CA ILE B 928 28.42 20.50 34.26
C ILE B 928 27.57 19.96 35.41
N GLY B 929 27.70 20.55 36.60
CA GLY B 929 26.83 20.18 37.71
C GLY B 929 25.37 20.49 37.47
N LYS B 930 25.07 21.61 36.80
CA LYS B 930 23.69 21.93 36.44
C LYS B 930 23.14 20.95 35.42
N ILE B 931 23.98 20.47 34.49
CA ILE B 931 23.54 19.43 33.55
C ILE B 931 23.19 18.14 34.28
N GLN B 932 24.02 17.75 35.26
CA GLN B 932 23.72 16.56 36.06
C GLN B 932 22.43 16.71 36.85
N ASP B 933 22.20 17.89 37.43
CA ASP B 933 20.95 18.13 38.16
C ASP B 933 19.74 18.11 37.23
N SER B 934 19.88 18.68 36.03
CA SER B 934 18.78 18.70 35.06
C SER B 934 18.46 17.29 34.56
N LEU B 935 19.47 16.45 34.37
CA LEU B 935 19.21 15.10 33.92
C LEU B 935 18.68 14.21 35.05
N SER B 936 19.13 14.42 36.28
CA SER B 936 18.62 13.63 37.39
C SER B 936 17.21 14.05 37.80
N SER B 937 16.81 15.29 37.52
CA SER B 937 15.49 15.75 37.95
C SER B 937 14.42 15.52 36.88
N THR B 938 14.72 15.79 35.61
CA THR B 938 13.73 15.73 34.54
C THR B 938 14.06 14.58 33.61
N ALA B 939 13.03 13.80 33.25
CA ALA B 939 13.20 12.63 32.39
C ALA B 939 12.60 12.82 31.00
N SER B 940 11.80 13.87 30.79
CA SER B 940 11.13 14.04 29.50
C SER B 940 12.07 14.53 28.41
N ALA B 941 13.24 15.07 28.77
CA ALA B 941 14.19 15.60 27.79
C ALA B 941 14.76 14.52 26.89
N LEU B 942 14.78 13.27 27.33
CA LEU B 942 15.21 12.13 26.54
C LEU B 942 14.10 11.60 25.64
N GLY B 943 12.96 12.30 25.55
CA GLY B 943 11.80 11.77 24.84
C GLY B 943 12.02 11.55 23.36
N LYS B 944 12.94 12.31 22.76
CA LYS B 944 13.31 12.11 21.36
C LYS B 944 13.87 10.72 21.11
N LEU B 945 14.55 10.13 22.10
CA LEU B 945 14.95 8.74 21.95
C LEU B 945 13.85 7.79 22.36
N GLN B 946 12.98 8.21 23.29
CA GLN B 946 11.97 7.30 23.84
C GLN B 946 10.94 6.91 22.79
N ASP B 947 10.58 7.86 21.93
CA ASP B 947 9.69 7.57 20.81
C ASP B 947 10.31 6.56 19.85
N VAL B 948 11.65 6.56 19.74
CA VAL B 948 12.35 5.57 18.92
C VAL B 948 12.11 4.17 19.48
N VAL B 949 12.00 4.05 20.80
CA VAL B 949 11.55 2.79 21.38
C VAL B 949 10.08 2.55 21.05
N ASN B 950 9.24 3.58 21.26
CA ASN B 950 7.79 3.39 21.30
C ASN B 950 7.23 3.04 19.94
N HIS B 951 7.72 3.69 18.89
CA HIS B 951 7.30 3.39 17.52
C HIS B 951 7.70 1.98 17.09
N ASN B 952 8.70 1.39 17.73
CA ASN B 952 9.07 0.01 17.41
C ASN B 952 8.42 -0.99 18.36
N ALA B 953 7.58 -0.51 19.29
CA ALA B 953 6.79 -1.40 20.14
C ALA B 953 5.29 -1.24 19.91
N GLN B 954 4.87 -0.06 19.46
CA GLN B 954 3.46 0.16 19.15
C GLN B 954 3.07 -0.50 17.83
N ALA B 955 4.00 -0.52 16.87
CA ALA B 955 3.70 -1.10 15.56
C ALA B 955 3.54 -2.60 15.62
N LEU B 956 4.50 -3.29 16.27
CA LEU B 956 4.51 -4.75 16.33
C LEU B 956 3.29 -5.29 17.08
N ASN B 957 2.91 -4.62 18.18
CA ASN B 957 1.69 -4.95 18.88
C ASN B 957 0.47 -4.79 17.99
N THR B 958 0.46 -3.74 17.16
CA THR B 958 -0.58 -3.57 16.17
C THR B 958 -0.59 -4.74 15.20
N LEU B 959 0.60 -5.19 14.80
CA LEU B 959 0.73 -6.34 13.91
C LEU B 959 0.26 -7.64 14.56
N VAL B 960 0.18 -7.69 15.89
CA VAL B 960 -0.43 -8.84 16.53
C VAL B 960 -1.95 -8.76 16.40
N LYS B 961 -2.52 -7.57 16.63
CA LYS B 961 -3.97 -7.42 16.70
C LYS B 961 -4.66 -7.63 15.36
N GLN B 962 -3.93 -7.43 14.25
CA GLN B 962 -4.48 -7.71 12.94
C GLN B 962 -4.72 -9.19 12.69
N LEU B 963 -4.18 -10.08 13.53
CA LEU B 963 -4.56 -11.48 13.43
C LEU B 963 -5.95 -11.76 14.00
N SER B 964 -6.53 -10.82 14.74
CA SER B 964 -7.88 -11.00 15.23
C SER B 964 -8.95 -10.63 14.21
N SER B 965 -8.56 -9.97 13.12
CA SER B 965 -9.49 -9.56 12.09
C SER B 965 -9.89 -10.73 11.22
N LYS B 966 -11.13 -10.71 10.73
CA LYS B 966 -11.64 -11.78 9.87
C LYS B 966 -11.49 -11.47 8.39
N PHE B 967 -11.50 -10.19 8.03
CA PHE B 967 -11.42 -9.72 6.64
C PHE B 967 -12.54 -10.29 5.77
N GLY B 968 -13.73 -10.41 6.35
CA GLY B 968 -14.87 -10.96 5.64
C GLY B 968 -15.01 -12.46 5.66
N ALA B 969 -14.08 -13.17 6.30
CA ALA B 969 -14.20 -14.61 6.41
C ALA B 969 -15.14 -14.98 7.56
N ILE B 970 -15.47 -16.27 7.64
CA ILE B 970 -16.37 -16.72 8.70
C ILE B 970 -15.69 -16.83 10.04
N SER B 971 -14.36 -16.94 10.08
CA SER B 971 -13.64 -17.08 11.34
C SER B 971 -12.21 -16.64 11.13
N SER B 972 -11.65 -16.01 12.16
CA SER B 972 -10.23 -15.66 12.15
C SER B 972 -9.33 -16.83 12.54
N VAL B 973 -9.88 -17.90 13.10
CA VAL B 973 -9.12 -19.09 13.38
C VAL B 973 -9.01 -19.92 12.11
N LEU B 974 -7.78 -20.26 11.73
CA LEU B 974 -7.53 -20.82 10.42
C LEU B 974 -7.92 -22.29 10.31
N ASN B 975 -7.76 -23.06 11.39
CA ASN B 975 -8.08 -24.48 11.36
C ASN B 975 -9.57 -24.76 11.38
N ASP B 976 -10.38 -23.83 11.89
CA ASP B 976 -11.83 -24.03 11.90
C ASP B 976 -12.41 -23.96 10.50
N ILE B 977 -11.83 -23.14 9.62
CA ILE B 977 -12.28 -23.09 8.24
C ILE B 977 -11.99 -24.40 7.53
N PHE B 978 -10.85 -25.02 7.84
CA PHE B 978 -10.53 -26.33 7.27
C PHE B 978 -11.43 -27.42 7.83
N SER B 979 -11.67 -27.41 9.15
CA SER B 979 -12.41 -28.50 9.77
C SER B 979 -13.92 -28.37 9.62
N ARG B 980 -14.44 -27.21 9.22
CA ARG B 980 -15.87 -27.03 9.12
C ARG B 980 -16.40 -26.93 7.69
N LEU B 981 -15.55 -26.59 6.71
CA LEU B 981 -16.00 -26.34 5.36
C LEU B 981 -15.34 -27.30 4.38
N ASP B 982 -15.99 -27.49 3.24
CA ASP B 982 -15.41 -28.26 2.15
C ASP B 982 -14.29 -27.45 1.49
N LYS B 983 -13.50 -28.15 0.65
CA LYS B 983 -12.20 -27.63 0.22
C LYS B 983 -12.31 -26.38 -0.65
N VAL B 984 -13.29 -26.34 -1.55
CA VAL B 984 -13.46 -25.18 -2.43
C VAL B 984 -13.91 -23.96 -1.62
N GLU B 985 -14.89 -24.15 -0.73
CA GLU B 985 -15.34 -23.08 0.14
C GLU B 985 -14.27 -22.68 1.14
N ALA B 986 -13.46 -23.64 1.61
CA ALA B 986 -12.36 -23.31 2.51
C ALA B 986 -11.32 -22.46 1.81
N GLU B 987 -10.98 -22.78 0.56
CA GLU B 987 -10.02 -21.96 -0.19
C GLU B 987 -10.58 -20.57 -0.47
N VAL B 988 -11.89 -20.48 -0.75
CA VAL B 988 -12.53 -19.18 -0.96
C VAL B 988 -12.47 -18.33 0.31
N GLN B 989 -12.72 -18.94 1.48
CA GLN B 989 -12.67 -18.17 2.72
C GLN B 989 -11.25 -17.82 3.14
N ILE B 990 -10.27 -18.67 2.83
CA ILE B 990 -8.90 -18.46 3.28
C ILE B 990 -8.13 -17.53 2.34
N ASP B 991 -8.60 -17.35 1.10
CA ASP B 991 -8.02 -16.35 0.20
C ASP B 991 -8.14 -14.94 0.78
N ARG B 992 -9.27 -14.63 1.40
CA ARG B 992 -9.48 -13.31 2.02
C ARG B 992 -8.54 -13.10 3.21
N LEU B 993 -8.37 -14.13 4.04
CA LEU B 993 -7.49 -14.04 5.19
C LEU B 993 -6.03 -13.85 4.78
N ILE B 994 -5.59 -14.60 3.76
CA ILE B 994 -4.22 -14.50 3.27
C ILE B 994 -3.98 -13.12 2.67
N THR B 995 -4.93 -12.61 1.88
CA THR B 995 -4.79 -11.28 1.28
C THR B 995 -4.77 -10.19 2.33
N GLY B 996 -5.63 -10.29 3.35
CA GLY B 996 -5.66 -9.28 4.39
C GLY B 996 -4.40 -9.26 5.24
N ARG B 997 -3.89 -10.43 5.62
CA ARG B 997 -2.67 -10.48 6.42
C ARG B 997 -1.46 -10.03 5.62
N LEU B 998 -1.43 -10.36 4.32
CA LEU B 998 -0.36 -9.89 3.45
C LEU B 998 -0.38 -8.37 3.30
N GLN B 999 -1.58 -7.79 3.18
CA GLN B 999 -1.71 -6.34 3.07
C GLN B 999 -1.28 -5.64 4.36
N SER B 1000 -1.64 -6.21 5.52
CA SER B 1000 -1.22 -5.64 6.80
C SER B 1000 0.29 -5.70 6.98
N LEU B 1001 0.91 -6.81 6.57
CA LEU B 1001 2.35 -6.94 6.69
C LEU B 1001 3.07 -5.99 5.73
N GLN B 1002 2.52 -5.77 4.53
CA GLN B 1002 3.10 -4.81 3.59
C GLN B 1002 2.99 -3.39 4.11
N THR B 1003 1.88 -3.06 4.78
CA THR B 1003 1.71 -1.75 5.41
C THR B 1003 2.76 -1.53 6.50
N TYR B 1004 3.03 -2.57 7.30
CA TYR B 1004 4.08 -2.48 8.32
C TYR B 1004 5.46 -2.26 7.71
N VAL B 1005 5.76 -2.94 6.60
CA VAL B 1005 7.06 -2.79 5.94
C VAL B 1005 7.21 -1.38 5.35
N THR B 1006 6.14 -0.83 4.77
CA THR B 1006 6.19 0.53 4.22
C THR B 1006 6.41 1.58 5.30
N GLN B 1007 5.71 1.43 6.45
CA GLN B 1007 5.91 2.36 7.55
C GLN B 1007 7.33 2.26 8.13
N GLN B 1008 7.87 1.04 8.19
CA GLN B 1008 9.24 0.86 8.64
C GLN B 1008 10.24 1.49 7.69
N LEU B 1009 9.96 1.45 6.37
CA LEU B 1009 10.86 2.08 5.40
C LEU B 1009 10.86 3.60 5.54
N ILE B 1010 9.69 4.20 5.72
CA ILE B 1010 9.62 5.66 5.90
C ILE B 1010 10.30 6.08 7.20
N ARG B 1011 10.07 5.33 8.28
CA ARG B 1011 10.72 5.63 9.56
C ARG B 1011 12.23 5.43 9.49
N ALA B 1012 12.69 4.44 8.72
CA ALA B 1012 14.13 4.24 8.52
C ALA B 1012 14.75 5.39 7.75
N ALA B 1013 14.02 5.95 6.78
CA ALA B 1013 14.53 7.12 6.06
C ALA B 1013 14.67 8.33 6.99
N GLU B 1014 13.68 8.54 7.86
CA GLU B 1014 13.75 9.64 8.83
C GLU B 1014 14.91 9.45 9.82
N ILE B 1015 15.10 8.21 10.29
CA ILE B 1015 16.20 7.91 11.21
C ILE B 1015 17.55 8.07 10.52
N ARG B 1016 17.64 7.73 9.23
CA ARG B 1016 18.88 7.92 8.48
C ARG B 1016 19.21 9.40 8.30
N ALA B 1017 18.19 10.23 8.08
CA ALA B 1017 18.43 11.67 8.01
C ALA B 1017 18.93 12.23 9.35
N SER B 1018 18.34 11.77 10.45
CA SER B 1018 18.81 12.18 11.77
C SER B 1018 20.22 11.70 12.06
N ALA B 1019 20.56 10.49 11.61
CA ALA B 1019 21.90 9.95 11.82
C ALA B 1019 22.95 10.69 10.98
N ASN B 1020 22.58 11.11 9.78
CA ASN B 1020 23.48 11.94 8.97
C ASN B 1020 23.72 13.29 9.62
N LEU B 1021 22.67 13.88 10.21
CA LEU B 1021 22.84 15.13 10.95
C LEU B 1021 23.74 14.93 12.17
N ALA B 1022 23.59 13.81 12.88
CA ALA B 1022 24.42 13.53 14.04
C ALA B 1022 25.88 13.30 13.64
N ALA B 1023 26.11 12.65 12.50
CA ALA B 1023 27.47 12.46 12.01
C ALA B 1023 28.10 13.79 11.61
N THR B 1024 27.32 14.70 11.01
CA THR B 1024 27.82 16.03 10.69
C THR B 1024 28.17 16.82 11.95
N LYS B 1025 27.33 16.73 12.98
CA LYS B 1025 27.63 17.42 14.24
C LYS B 1025 28.82 16.82 14.96
N MET B 1026 29.04 15.51 14.80
CA MET B 1026 30.24 14.89 15.36
C MET B 1026 31.49 15.34 14.62
N SER B 1027 31.40 15.47 13.29
CA SER B 1027 32.57 15.86 12.50
C SER B 1027 32.94 17.32 12.73
N GLU B 1028 31.95 18.22 12.77
CA GLU B 1028 32.26 19.64 12.73
C GLU B 1028 32.42 20.28 14.10
N CYS B 1029 31.70 19.81 15.11
CA CYS B 1029 31.72 20.45 16.42
C CYS B 1029 32.56 19.72 17.45
N VAL B 1030 32.68 18.40 17.35
CA VAL B 1030 33.55 17.65 18.27
C VAL B 1030 34.98 17.62 17.78
N LEU B 1031 35.18 17.32 16.49
CA LEU B 1031 36.52 17.23 15.92
C LEU B 1031 37.08 18.60 15.51
N GLY B 1032 36.32 19.66 15.65
CA GLY B 1032 36.79 20.98 15.32
C GLY B 1032 36.03 22.04 16.08
N GLN B 1033 36.10 23.27 15.59
CA GLN B 1033 35.33 24.36 16.15
C GLN B 1033 34.50 24.99 15.04
N SER B 1034 33.19 25.05 15.24
CA SER B 1034 32.28 25.48 14.19
C SER B 1034 32.06 26.99 14.24
N LYS B 1035 32.04 27.60 13.06
CA LYS B 1035 31.71 29.02 12.92
C LYS B 1035 30.28 29.23 12.47
N ARG B 1036 29.49 28.18 12.34
CA ARG B 1036 28.10 28.30 11.90
C ARG B 1036 27.23 28.71 13.07
N VAL B 1037 26.35 29.67 12.83
CA VAL B 1037 25.52 30.26 13.88
C VAL B 1037 24.43 29.28 14.26
N ASP B 1038 24.30 29.02 15.57
CA ASP B 1038 23.28 28.17 16.19
C ASP B 1038 23.32 26.72 15.70
N PHE B 1039 24.43 26.29 15.10
CA PHE B 1039 24.56 24.89 14.73
C PHE B 1039 24.84 24.03 15.96
N CYS B 1040 25.68 24.52 16.86
CA CYS B 1040 26.05 23.79 18.07
C CYS B 1040 25.92 24.74 19.26
N GLY B 1041 24.70 24.83 19.78
CA GLY B 1041 24.41 25.65 20.94
C GLY B 1041 24.26 27.12 20.61
N LYS B 1042 23.57 27.83 21.51
CA LYS B 1042 23.43 29.27 21.39
C LYS B 1042 24.68 29.97 21.89
N GLY B 1043 25.10 31.01 21.18
CA GLY B 1043 26.32 31.71 21.49
C GLY B 1043 27.45 31.28 20.57
N TYR B 1044 28.63 31.83 20.85
CA TYR B 1044 29.82 31.50 20.08
C TYR B 1044 30.39 30.18 20.55
N HIS B 1045 30.57 29.25 19.61
CA HIS B 1045 30.91 27.88 19.94
C HIS B 1045 32.37 27.75 20.35
N LEU B 1046 32.62 26.97 21.41
CA LEU B 1046 33.98 26.63 21.81
C LEU B 1046 34.26 25.15 21.64
N MET B 1047 33.54 24.27 22.34
CA MET B 1047 33.79 22.83 22.25
C MET B 1047 32.48 22.07 22.23
N SER B 1048 32.59 20.75 22.03
CA SER B 1048 31.47 19.85 22.21
C SER B 1048 32.00 18.50 22.65
N PHE B 1049 31.23 17.82 23.50
CA PHE B 1049 31.61 16.51 24.01
C PHE B 1049 30.54 15.49 23.69
N PRO B 1050 30.88 14.34 23.12
CA PRO B 1050 29.88 13.33 22.80
C PRO B 1050 29.66 12.34 23.93
N GLN B 1051 28.40 11.91 24.07
CA GLN B 1051 28.03 10.87 25.01
C GLN B 1051 27.08 9.91 24.30
N SER B 1052 27.22 8.62 24.57
CA SER B 1052 26.31 7.65 24.01
C SER B 1052 24.98 7.69 24.74
N ALA B 1053 23.96 7.14 24.10
CA ALA B 1053 22.63 7.07 24.69
C ALA B 1053 21.87 5.93 24.02
N PRO B 1054 20.85 5.34 24.68
CA PRO B 1054 20.04 4.30 24.04
C PRO B 1054 19.38 4.76 22.76
N HIS B 1055 19.82 4.16 21.65
CA HIS B 1055 19.43 4.50 20.28
C HIS B 1055 19.74 5.96 19.94
N GLY B 1056 20.86 6.48 20.41
CA GLY B 1056 21.20 7.83 19.99
C GLY B 1056 22.46 8.38 20.63
N VAL B 1057 22.68 9.67 20.37
CA VAL B 1057 23.86 10.38 20.83
C VAL B 1057 23.43 11.68 21.49
N VAL B 1058 24.24 12.15 22.44
CA VAL B 1058 23.98 13.35 23.21
C VAL B 1058 25.23 14.22 23.16
N PHE B 1059 25.09 15.45 22.68
CA PHE B 1059 26.21 16.37 22.61
C PHE B 1059 26.09 17.40 23.72
N LEU B 1060 27.20 17.63 24.42
CA LEU B 1060 27.29 18.71 25.40
C LEU B 1060 28.08 19.83 24.73
N HIS B 1061 27.38 20.89 24.35
CA HIS B 1061 27.99 22.01 23.64
C HIS B 1061 28.43 23.06 24.63
N VAL B 1062 29.73 23.37 24.63
CA VAL B 1062 30.30 24.40 25.49
C VAL B 1062 30.48 25.65 24.64
N THR B 1063 29.76 26.71 24.98
CA THR B 1063 29.68 27.93 24.20
C THR B 1063 29.91 29.14 25.08
N TYR B 1064 30.16 30.27 24.43
CA TYR B 1064 30.51 31.54 25.06
C TYR B 1064 29.36 32.51 24.84
N VAL B 1065 28.88 33.14 25.92
CA VAL B 1065 27.77 34.08 25.86
C VAL B 1065 28.17 35.38 26.53
N PRO B 1066 28.14 36.52 25.83
CA PRO B 1066 28.43 37.80 26.49
C PRO B 1066 27.35 38.17 27.50
N ALA B 1067 27.77 38.77 28.61
CA ALA B 1067 26.90 38.87 29.77
C ALA B 1067 26.52 40.31 30.14
N GLN B 1068 27.47 41.19 30.42
CA GLN B 1068 27.19 42.45 31.09
C GLN B 1068 27.48 43.62 30.15
N GLU B 1069 26.42 44.21 29.61
CA GLU B 1069 26.54 45.25 28.59
C GLU B 1069 26.82 46.60 29.22
N LYS B 1070 27.24 47.55 28.39
CA LYS B 1070 27.49 48.92 28.82
C LYS B 1070 27.38 49.85 27.62
N ASN B 1071 26.69 50.96 27.79
CA ASN B 1071 26.53 51.93 26.72
C ASN B 1071 27.82 52.72 26.49
N PHE B 1072 28.09 53.05 25.23
CA PHE B 1072 29.23 53.89 24.88
C PHE B 1072 28.86 54.75 23.69
N THR B 1073 29.49 55.92 23.61
CA THR B 1073 29.38 56.78 22.44
C THR B 1073 30.49 56.39 21.46
N THR B 1074 30.13 56.27 20.18
CA THR B 1074 31.04 55.70 19.20
C THR B 1074 31.11 56.59 17.96
N ALA B 1075 32.14 56.35 17.16
CA ALA B 1075 32.40 57.07 15.92
C ALA B 1075 33.04 56.11 14.92
N PRO B 1076 32.79 56.30 13.63
CA PRO B 1076 33.41 55.39 12.64
C PRO B 1076 34.89 55.63 12.43
N ALA B 1077 35.35 56.88 12.53
CA ALA B 1077 36.74 57.20 12.25
C ALA B 1077 37.12 58.46 13.02
N ILE B 1078 38.43 58.68 13.15
CA ILE B 1078 38.96 59.86 13.83
C ILE B 1078 39.89 60.58 12.88
N CYS B 1079 39.60 61.85 12.58
CA CYS B 1079 40.40 62.58 11.61
C CYS B 1079 41.41 63.43 12.38
N HIS B 1080 42.66 62.99 12.34
CA HIS B 1080 43.78 63.63 13.04
C HIS B 1080 44.78 64.13 12.02
N ASP B 1081 45.18 65.40 12.15
CA ASP B 1081 46.09 66.11 11.25
C ASP B 1081 45.59 66.10 9.81
N GLY B 1082 44.27 66.13 9.61
CA GLY B 1082 43.70 66.04 8.29
C GLY B 1082 43.67 64.65 7.69
N LYS B 1083 44.02 63.62 8.45
CA LYS B 1083 44.01 62.24 7.97
C LYS B 1083 42.96 61.44 8.71
N ALA B 1084 42.14 60.71 7.97
CA ALA B 1084 41.13 59.86 8.59
C ALA B 1084 41.76 58.57 9.08
N HIS B 1085 41.50 58.20 10.34
CA HIS B 1085 42.02 57.00 10.95
C HIS B 1085 40.88 56.04 11.25
N PHE B 1086 40.99 54.82 10.74
CA PHE B 1086 40.05 53.74 10.94
C PHE B 1086 40.67 52.65 11.79
N PRO B 1087 39.91 52.04 12.70
CA PRO B 1087 40.48 50.98 13.54
C PRO B 1087 40.73 49.70 12.78
N ARG B 1088 41.76 48.97 13.21
CA ARG B 1088 42.13 47.73 12.52
C ARG B 1088 41.25 46.58 12.96
N GLU B 1089 41.32 46.19 14.24
CA GLU B 1089 40.57 45.06 14.78
C GLU B 1089 39.81 45.47 16.02
N GLY B 1090 39.12 46.59 15.94
CA GLY B 1090 38.36 47.09 17.08
C GLY B 1090 37.38 48.14 16.64
N VAL B 1091 36.72 48.74 17.64
CA VAL B 1091 35.79 49.84 17.43
C VAL B 1091 36.20 51.01 18.32
N PHE B 1092 35.94 52.22 17.84
CA PHE B 1092 36.18 53.42 18.62
C PHE B 1092 35.02 53.64 19.58
N VAL B 1093 35.33 53.83 20.87
CA VAL B 1093 34.32 54.11 21.88
C VAL B 1093 34.78 55.27 22.74
N SER B 1094 33.84 55.82 23.50
CA SER B 1094 34.14 56.95 24.37
C SER B 1094 33.41 56.80 25.70
N ASN B 1095 34.00 57.37 26.75
CA ASN B 1095 33.35 57.49 28.05
C ASN B 1095 33.32 58.99 28.40
N GLY B 1096 32.33 59.68 27.84
CA GLY B 1096 32.24 61.11 28.06
C GLY B 1096 33.25 61.94 27.29
N THR B 1097 34.52 61.83 27.67
CA THR B 1097 35.56 62.72 27.15
C THR B 1097 36.68 62.02 26.41
N HIS B 1098 37.11 60.84 26.85
CA HIS B 1098 38.28 60.17 26.27
C HIS B 1098 37.84 59.14 25.25
N TRP B 1099 38.58 59.03 24.15
CA TRP B 1099 38.30 58.08 23.09
C TRP B 1099 39.30 56.94 23.15
N PHE B 1100 38.80 55.71 23.13
CA PHE B 1100 39.62 54.51 23.13
C PHE B 1100 39.18 53.61 22.00
N VAL B 1101 39.95 52.54 21.77
CA VAL B 1101 39.63 51.52 20.80
C VAL B 1101 39.60 50.17 21.52
N THR B 1102 38.55 49.40 21.26
CA THR B 1102 38.34 48.12 21.95
C THR B 1102 38.16 47.00 20.96
N GLN B 1103 38.30 45.77 21.45
CA GLN B 1103 37.81 44.63 20.72
C GLN B 1103 36.28 44.59 20.83
N ARG B 1104 35.66 43.92 19.86
CA ARG B 1104 34.21 44.02 19.72
C ARG B 1104 33.45 43.20 20.75
N ASN B 1105 33.99 42.06 21.18
CA ASN B 1105 33.26 41.14 22.06
C ASN B 1105 33.64 41.26 23.53
N PHE B 1106 34.51 42.21 23.88
CA PHE B 1106 34.94 42.37 25.27
C PHE B 1106 35.42 43.81 25.43
N TYR B 1107 35.11 44.41 26.58
CA TYR B 1107 35.50 45.79 26.81
C TYR B 1107 36.92 45.84 27.34
N GLU B 1108 37.87 46.17 26.46
CA GLU B 1108 39.27 46.35 26.81
C GLU B 1108 39.73 47.66 26.17
N PRO B 1109 39.63 48.78 26.89
CA PRO B 1109 40.02 50.06 26.30
C PRO B 1109 41.52 50.20 26.16
N GLN B 1110 41.94 50.85 25.08
CA GLN B 1110 43.36 51.04 24.79
C GLN B 1110 43.57 52.42 24.21
N ILE B 1111 44.80 52.92 24.33
CA ILE B 1111 45.15 54.23 23.79
C ILE B 1111 45.24 54.13 22.28
N ILE B 1112 44.55 55.03 21.58
CA ILE B 1112 44.49 55.01 20.13
C ILE B 1112 45.82 55.53 19.59
N THR B 1113 46.59 54.64 18.99
CA THR B 1113 47.90 54.95 18.43
C THR B 1113 47.90 54.67 16.93
N THR B 1114 49.08 54.78 16.33
CA THR B 1114 49.23 54.48 14.90
C THR B 1114 49.39 53.00 14.63
N ASP B 1115 49.64 52.19 15.66
CA ASP B 1115 49.80 50.75 15.45
C ASP B 1115 48.46 50.07 15.21
N ASN B 1116 47.42 50.49 15.91
CA ASN B 1116 46.11 49.86 15.83
C ASN B 1116 45.11 50.65 14.99
N THR B 1117 45.57 51.65 14.24
CA THR B 1117 44.73 52.40 13.31
C THR B 1117 45.45 52.52 11.97
N PHE B 1118 44.67 52.70 10.91
CA PHE B 1118 45.24 52.88 9.55
C PHE B 1118 44.63 54.14 8.92
N VAL B 1119 45.32 54.75 7.94
CA VAL B 1119 44.84 56.02 7.33
C VAL B 1119 44.34 55.74 5.91
N SER B 1120 43.13 56.19 5.57
CA SER B 1120 42.62 56.01 4.19
C SER B 1120 42.35 57.34 3.46
N GLY B 1121 42.70 58.49 4.04
CA GLY B 1121 42.52 59.74 3.27
C GLY B 1121 41.98 60.91 4.09
N ASN B 1122 41.43 61.92 3.42
CA ASN B 1122 40.87 63.12 4.10
C ASN B 1122 39.54 62.77 4.78
N CYS B 1123 39.09 63.58 5.74
CA CYS B 1123 37.85 63.25 6.50
C CYS B 1123 36.59 63.71 5.79
N ASP B 1124 36.71 64.40 4.65
CA ASP B 1124 35.49 64.97 4.00
C ASP B 1124 34.53 63.84 3.60
N VAL B 1125 35.05 62.76 3.02
CA VAL B 1125 34.19 61.65 2.52
C VAL B 1125 33.47 60.94 3.68
N VAL B 1126 34.16 60.69 4.79
CA VAL B 1126 33.55 59.90 5.91
C VAL B 1126 32.41 60.70 6.55
N ILE B 1127 31.33 60.01 6.95
CA ILE B 1127 30.18 60.68 7.62
C ILE B 1127 30.17 60.27 9.08
N GLY B 1128 30.22 61.25 10.00
CA GLY B 1128 30.22 60.95 11.45
C GLY B 1128 31.62 60.98 12.02
N ILE B 1129 32.60 61.49 11.26
CA ILE B 1129 33.97 61.49 11.73
C ILE B 1129 34.14 62.54 12.83
N VAL B 1130 35.08 62.28 13.74
CA VAL B 1130 35.32 63.18 14.87
C VAL B 1130 36.78 63.61 14.90
N ASN B 1131 37.13 64.48 15.84
CA ASN B 1131 38.48 65.00 15.97
C ASN B 1131 39.08 64.53 17.29
N ASN B 1132 40.26 63.92 17.21
CA ASN B 1132 41.04 63.57 18.39
C ASN B 1132 42.51 63.46 17.97
N THR B 1133 43.37 63.24 18.96
CA THR B 1133 44.80 63.08 18.74
C THR B 1133 45.15 61.60 18.72
N VAL B 1134 45.97 61.21 17.74
CA VAL B 1134 46.46 59.84 17.63
C VAL B 1134 47.92 59.83 18.07
N TYR B 1135 48.22 59.06 19.10
CA TYR B 1135 49.55 59.08 19.70
C TYR B 1135 50.54 58.32 18.83
N ASP B 1136 51.77 58.85 18.76
CA ASP B 1136 52.86 58.22 18.03
C ASP B 1136 53.85 57.64 19.03
N PRO B 1137 54.01 56.31 19.09
CA PRO B 1137 54.99 55.73 20.03
C PRO B 1137 56.44 56.04 19.68
N LEU B 1138 56.74 56.37 18.44
CA LEU B 1138 58.10 56.71 18.01
C LEU B 1138 58.47 58.14 18.35
N GLN B 1139 57.49 58.97 18.75
CA GLN B 1139 57.76 60.37 19.08
C GLN B 1139 58.73 60.60 20.25
N PRO B 1140 58.68 59.88 21.40
CA PRO B 1140 59.74 60.09 22.40
C PRO B 1140 61.13 59.64 21.96
N GLU B 1141 61.24 58.76 20.97
CA GLU B 1141 62.55 58.41 20.43
C GLU B 1141 63.12 59.51 19.56
N LEU B 1142 62.28 60.37 18.99
CA LEU B 1142 62.77 61.48 18.18
C LEU B 1142 63.41 62.58 19.02
N ASP B 1143 63.10 62.65 20.32
CA ASP B 1143 63.72 63.64 21.18
C ASP B 1143 65.16 63.29 21.55
N SER B 1144 65.57 62.05 21.34
CA SER B 1144 66.94 61.63 21.63
C SER B 1144 67.63 61.12 20.37
N ALA C 27 -24.74 16.81 -51.92
CA ALA C 27 -24.55 18.06 -51.20
C ALA C 27 -24.17 17.79 -49.75
N TYR C 28 -22.95 18.17 -49.39
CA TYR C 28 -22.42 17.95 -48.05
C TYR C 28 -22.09 19.29 -47.40
N THR C 29 -22.21 19.34 -46.08
CA THR C 29 -21.77 20.51 -45.32
C THR C 29 -21.20 20.04 -43.99
N ASN C 30 -20.72 20.98 -43.19
CA ASN C 30 -19.94 20.71 -42.00
C ASN C 30 -20.73 21.13 -40.76
N SER C 31 -20.95 20.17 -39.86
CA SER C 31 -21.53 20.50 -38.57
C SER C 31 -20.50 21.25 -37.72
N PHE C 32 -20.99 22.18 -36.90
CA PHE C 32 -20.11 23.07 -36.14
C PHE C 32 -20.50 23.00 -34.66
N THR C 33 -19.94 22.01 -33.95
CA THR C 33 -20.09 21.82 -32.50
C THR C 33 -21.56 21.75 -32.08
N ARG C 34 -22.35 20.98 -32.83
CA ARG C 34 -23.77 20.85 -32.58
C ARG C 34 -24.14 19.39 -32.34
N GLY C 35 -25.32 19.18 -31.78
CA GLY C 35 -25.83 17.84 -31.55
C GLY C 35 -25.61 17.29 -30.16
N VAL C 36 -25.27 18.13 -29.19
CA VAL C 36 -25.01 17.67 -27.83
C VAL C 36 -26.33 17.71 -27.05
N TYR C 37 -26.73 16.57 -26.51
CA TYR C 37 -27.96 16.42 -25.76
C TYR C 37 -27.64 16.09 -24.31
N TYR C 38 -28.67 16.14 -23.46
CA TYR C 38 -28.52 15.74 -22.08
C TYR C 38 -28.51 14.21 -22.00
N PRO C 39 -27.43 13.59 -21.51
CA PRO C 39 -27.37 12.12 -21.52
C PRO C 39 -28.18 11.44 -20.44
N ASP C 40 -28.59 12.16 -19.40
CA ASP C 40 -29.31 11.55 -18.28
C ASP C 40 -30.17 12.60 -17.60
N LYS C 41 -30.96 12.13 -16.65
CA LYS C 41 -31.84 12.98 -15.86
C LYS C 41 -31.18 13.54 -14.61
N VAL C 42 -29.90 13.26 -14.40
CA VAL C 42 -29.21 13.68 -13.20
C VAL C 42 -28.84 15.16 -13.32
N PHE C 43 -29.22 15.94 -12.32
CA PHE C 43 -28.85 17.36 -12.27
C PHE C 43 -27.44 17.50 -11.72
N ARG C 44 -26.57 18.15 -12.47
CA ARG C 44 -25.21 18.44 -12.03
C ARG C 44 -24.95 19.93 -12.20
N SER C 45 -24.32 20.54 -11.20
CA SER C 45 -24.13 21.98 -11.15
C SER C 45 -22.65 22.30 -11.03
N SER C 46 -22.13 23.07 -11.99
CA SER C 46 -20.78 23.63 -12.00
C SER C 46 -19.70 22.54 -11.92
N VAL C 47 -19.67 21.68 -12.93
CA VAL C 47 -18.77 20.53 -12.92
C VAL C 47 -18.49 20.11 -14.36
N LEU C 48 -17.29 19.57 -14.58
CA LEU C 48 -16.92 18.96 -15.86
C LEU C 48 -17.10 17.45 -15.73
N HIS C 49 -17.91 16.88 -16.61
CA HIS C 49 -18.25 15.46 -16.53
C HIS C 49 -17.93 14.78 -17.85
N SER C 50 -17.25 13.64 -17.77
CA SER C 50 -16.85 12.88 -18.96
C SER C 50 -17.79 11.69 -19.12
N THR C 51 -18.37 11.55 -20.31
CA THR C 51 -19.37 10.53 -20.58
C THR C 51 -19.05 9.80 -21.87
N GLN C 52 -19.60 8.59 -21.98
CA GLN C 52 -19.39 7.69 -23.11
C GLN C 52 -20.74 7.32 -23.70
N ASP C 53 -21.09 7.90 -24.85
CA ASP C 53 -22.42 7.67 -25.40
C ASP C 53 -22.39 7.95 -26.90
N LEU C 54 -23.52 7.68 -27.55
CA LEU C 54 -23.67 7.90 -28.98
C LEU C 54 -23.90 9.39 -29.21
N PHE C 55 -22.87 10.10 -29.65
CA PHE C 55 -22.93 11.52 -29.93
C PHE C 55 -22.59 11.80 -31.38
N LEU C 56 -23.05 12.93 -31.87
CA LEU C 56 -22.59 13.43 -33.15
C LEU C 56 -21.17 13.98 -32.96
N PRO C 57 -20.17 13.50 -33.71
CA PRO C 57 -18.81 14.01 -33.55
C PRO C 57 -18.69 15.46 -33.98
N PHE C 58 -17.76 16.16 -33.34
CA PHE C 58 -17.52 17.56 -33.68
C PHE C 58 -16.85 17.67 -35.04
N PHE C 59 -17.28 18.68 -35.81
CA PHE C 59 -16.80 18.95 -37.17
C PHE C 59 -16.98 17.75 -38.10
N SER C 60 -18.11 17.06 -37.94
CA SER C 60 -18.43 15.91 -38.78
C SER C 60 -19.02 16.39 -40.10
N ASN C 61 -19.26 15.45 -41.00
CA ASN C 61 -19.73 15.74 -42.35
C ASN C 61 -21.19 15.33 -42.45
N VAL C 62 -22.09 16.30 -42.55
CA VAL C 62 -23.52 16.03 -42.58
C VAL C 62 -24.04 16.31 -43.99
N THR C 63 -25.17 15.69 -44.31
CA THR C 63 -25.75 15.76 -45.64
C THR C 63 -26.90 16.77 -45.63
N TRP C 64 -26.93 17.61 -46.66
CA TRP C 64 -27.80 18.77 -46.75
C TRP C 64 -28.73 18.64 -47.94
N PHE C 65 -30.02 18.86 -47.71
CA PHE C 65 -31.03 18.76 -48.76
C PHE C 65 -31.86 20.04 -48.80
N HIS C 66 -32.33 20.36 -50.02
CA HIS C 66 -33.23 21.47 -50.27
C HIS C 66 -34.67 21.01 -50.25
N VAL C 67 -35.57 21.98 -50.16
CA VAL C 67 -37.01 21.74 -50.29
C VAL C 67 -37.42 22.11 -51.71
N ILE C 68 -37.97 21.15 -52.43
CA ILE C 68 -38.37 21.38 -53.81
C ILE C 68 -39.72 22.07 -53.88
N ASP C 78 -37.08 17.88 -51.49
CA ASP C 78 -37.14 16.45 -51.79
C ASP C 78 -36.88 15.65 -50.52
N ASN C 79 -37.50 14.47 -50.43
CA ASN C 79 -37.35 13.58 -49.27
C ASN C 79 -36.99 12.17 -49.71
N PRO C 80 -35.73 11.93 -50.06
CA PRO C 80 -35.29 10.56 -50.30
C PRO C 80 -35.18 9.77 -49.00
N VAL C 81 -35.30 8.46 -49.13
CA VAL C 81 -35.24 7.58 -47.97
C VAL C 81 -33.79 7.33 -47.62
N LEU C 82 -33.43 7.56 -46.36
CA LEU C 82 -32.06 7.52 -45.88
C LEU C 82 -31.92 6.48 -44.76
N PRO C 83 -30.75 5.89 -44.59
CA PRO C 83 -30.56 4.93 -43.49
C PRO C 83 -30.59 5.61 -42.13
N PHE C 84 -30.91 4.82 -41.10
CA PHE C 84 -31.00 5.31 -39.73
C PHE C 84 -29.71 5.07 -38.95
N ASN C 85 -29.03 3.96 -39.21
CA ASN C 85 -27.85 3.48 -38.49
C ASN C 85 -28.08 3.41 -36.99
N ASP C 86 -27.12 3.86 -36.19
CA ASP C 86 -27.24 3.83 -34.75
C ASP C 86 -27.95 5.06 -34.18
N GLY C 87 -28.20 6.08 -35.00
CA GLY C 87 -28.89 7.27 -34.54
C GLY C 87 -28.85 8.36 -35.59
N VAL C 88 -29.80 9.28 -35.57
CA VAL C 88 -29.90 10.33 -36.58
C VAL C 88 -30.02 11.67 -35.87
N TYR C 89 -29.12 12.59 -36.20
CA TYR C 89 -29.27 13.99 -35.85
C TYR C 89 -29.94 14.68 -37.03
N PHE C 90 -31.13 15.23 -36.81
CA PHE C 90 -31.89 15.92 -37.84
C PHE C 90 -31.94 17.40 -37.51
N ALA C 91 -31.86 18.23 -38.54
CA ALA C 91 -31.98 19.67 -38.35
C ALA C 91 -32.79 20.25 -39.50
N SER C 92 -33.43 21.38 -39.25
CA SER C 92 -34.22 22.02 -40.29
C SER C 92 -34.18 23.52 -40.12
N ILE C 93 -33.89 24.24 -41.21
CA ILE C 93 -34.01 25.68 -41.27
C ILE C 93 -35.11 25.98 -42.29
N GLU C 94 -36.21 26.56 -41.83
CA GLU C 94 -37.42 26.63 -42.64
C GLU C 94 -38.20 27.89 -42.29
N LYS C 95 -39.07 28.29 -43.22
CA LYS C 95 -39.80 29.55 -43.09
C LYS C 95 -40.92 29.46 -42.06
N SER C 96 -41.92 28.63 -42.33
CA SER C 96 -43.05 28.47 -41.40
C SER C 96 -43.66 27.08 -41.65
N ASN C 97 -43.27 26.12 -40.81
CA ASN C 97 -43.82 24.76 -40.79
C ASN C 97 -43.69 24.04 -42.13
N ILE C 98 -42.54 24.20 -42.78
CA ILE C 98 -42.28 23.50 -44.03
C ILE C 98 -42.09 22.00 -43.78
N ILE C 99 -41.37 21.65 -42.73
CA ILE C 99 -41.19 20.26 -42.33
C ILE C 99 -42.34 19.88 -41.41
N ARG C 100 -42.98 18.74 -41.67
CA ARG C 100 -44.21 18.38 -40.97
C ARG C 100 -44.19 17.05 -40.25
N GLY C 101 -43.19 16.20 -40.47
CA GLY C 101 -43.16 14.93 -39.76
C GLY C 101 -42.06 14.04 -40.28
N TRP C 102 -42.10 12.80 -39.80
CA TRP C 102 -41.08 11.80 -40.14
C TRP C 102 -41.70 10.42 -40.25
N ILE C 103 -41.04 9.58 -41.05
CA ILE C 103 -41.40 8.18 -41.24
C ILE C 103 -40.17 7.33 -40.95
N PHE C 104 -40.32 6.32 -40.09
CA PHE C 104 -39.26 5.39 -39.75
C PHE C 104 -39.72 3.97 -40.02
N GLY C 105 -38.78 3.10 -40.35
CA GLY C 105 -39.13 1.71 -40.59
C GLY C 105 -37.93 0.90 -41.03
N THR C 106 -38.20 -0.30 -41.53
CA THR C 106 -37.18 -1.18 -42.08
C THR C 106 -37.40 -1.48 -43.55
N THR C 107 -38.60 -1.92 -43.92
CA THR C 107 -38.93 -2.22 -45.31
C THR C 107 -39.92 -1.25 -45.93
N LEU C 108 -40.81 -0.67 -45.11
CA LEU C 108 -41.79 0.34 -45.52
C LEU C 108 -42.71 -0.16 -46.64
N ASP C 109 -43.15 -1.41 -46.49
CA ASP C 109 -43.98 -2.06 -47.50
C ASP C 109 -45.24 -2.69 -46.90
N SER C 110 -45.74 -2.09 -45.81
CA SER C 110 -46.98 -2.45 -45.13
C SER C 110 -46.99 -3.89 -44.61
N LYS C 111 -45.84 -4.46 -44.32
CA LYS C 111 -45.75 -5.77 -43.68
C LYS C 111 -45.32 -5.68 -42.22
N THR C 112 -44.45 -4.72 -41.89
CA THR C 112 -43.97 -4.52 -40.54
C THR C 112 -44.25 -3.08 -40.11
N GLN C 113 -44.01 -2.80 -38.83
CA GLN C 113 -44.40 -1.53 -38.24
C GLN C 113 -43.51 -0.39 -38.74
N SER C 114 -44.15 0.76 -38.99
CA SER C 114 -43.47 1.96 -39.47
C SER C 114 -43.91 3.13 -38.59
N LEU C 115 -42.97 3.72 -37.87
CA LEU C 115 -43.30 4.81 -36.96
C LEU C 115 -43.51 6.11 -37.73
N LEU C 116 -44.70 6.68 -37.62
CA LEU C 116 -45.07 7.90 -38.31
C LEU C 116 -45.33 9.00 -37.28
N ILE C 117 -44.66 10.13 -37.43
CA ILE C 117 -44.92 11.32 -36.62
C ILE C 117 -45.41 12.42 -37.55
N VAL C 118 -46.60 12.93 -37.26
CA VAL C 118 -47.16 14.07 -37.98
C VAL C 118 -47.53 15.13 -36.95
N ASN C 119 -46.98 16.33 -37.10
CA ASN C 119 -47.33 17.46 -36.25
C ASN C 119 -48.27 18.37 -37.01
N ASN C 120 -49.30 18.85 -36.32
CA ASN C 120 -50.33 19.67 -36.91
C ASN C 120 -50.56 20.89 -36.03
N ALA C 121 -51.17 21.93 -36.60
CA ALA C 121 -51.53 23.10 -35.82
C ALA C 121 -52.59 22.77 -34.77
N THR C 122 -53.45 21.79 -35.06
CA THR C 122 -54.42 21.34 -34.07
C THR C 122 -53.74 20.57 -32.94
N ASN C 123 -53.14 19.42 -33.26
CA ASN C 123 -52.52 18.58 -32.24
C ASN C 123 -51.54 17.64 -32.93
N VAL C 124 -50.61 17.09 -32.13
CA VAL C 124 -49.49 16.31 -32.63
C VAL C 124 -49.82 14.83 -32.49
N VAL C 125 -49.66 14.07 -33.57
CA VAL C 125 -50.03 12.66 -33.64
C VAL C 125 -48.77 11.82 -33.89
N ILE C 126 -48.59 10.77 -33.07
CA ILE C 126 -47.53 9.80 -33.25
C ILE C 126 -48.17 8.42 -33.29
N LYS C 127 -47.89 7.66 -34.35
CA LYS C 127 -48.46 6.33 -34.55
C LYS C 127 -47.35 5.38 -34.99
N VAL C 128 -47.60 4.09 -34.85
CA VAL C 128 -46.67 3.08 -35.33
C VAL C 128 -47.36 2.14 -36.30
N CYS C 129 -48.33 2.66 -37.05
CA CYS C 129 -49.13 1.85 -37.96
C CYS C 129 -48.31 1.34 -39.13
N GLU C 130 -48.55 0.08 -39.49
CA GLU C 130 -47.72 -0.61 -40.48
C GLU C 130 -48.02 -0.16 -41.90
N PHE C 131 -49.29 0.12 -42.20
CA PHE C 131 -49.74 0.27 -43.57
C PHE C 131 -49.38 1.63 -44.14
N GLN C 132 -48.85 1.64 -45.36
CA GLN C 132 -48.61 2.87 -46.09
C GLN C 132 -49.93 3.44 -46.58
N PHE C 133 -50.17 4.72 -46.31
CA PHE C 133 -51.45 5.35 -46.60
C PHE C 133 -51.43 6.16 -47.88
N CYS C 134 -50.38 6.96 -48.11
CA CYS C 134 -50.26 7.77 -49.31
C CYS C 134 -49.32 7.08 -50.29
N ASN C 135 -49.58 7.32 -51.59
CA ASN C 135 -48.69 6.81 -52.63
C ASN C 135 -47.32 7.47 -52.55
N ASP C 136 -47.30 8.80 -52.43
CA ASP C 136 -46.14 9.54 -52.01
C ASP C 136 -46.49 10.30 -50.74
N PRO C 137 -45.72 10.17 -49.66
CA PRO C 137 -46.11 10.80 -48.40
C PRO C 137 -45.97 12.31 -48.45
N PHE C 138 -47.05 13.01 -48.11
CA PHE C 138 -47.09 14.47 -48.14
C PHE C 138 -48.14 14.95 -47.16
N LEU C 139 -48.17 16.25 -46.93
CA LEU C 139 -49.11 16.85 -46.00
C LEU C 139 -50.42 17.17 -46.71
N ASP C 140 -51.53 16.66 -46.17
CA ASP C 140 -52.84 16.86 -46.75
C ASP C 140 -53.31 18.31 -46.57
N ASN C 160 -55.20 -1.35 -36.63
CA ASN C 160 -54.79 -2.11 -35.45
C ASN C 160 -53.39 -1.72 -35.00
N CYS C 161 -53.17 -0.40 -34.88
CA CYS C 161 -51.87 0.11 -34.49
C CYS C 161 -51.60 -0.16 -33.02
N THR C 162 -50.38 -0.64 -32.72
CA THR C 162 -50.07 -1.12 -31.38
C THR C 162 -49.88 0.03 -30.40
N PHE C 163 -49.47 1.19 -30.88
CA PHE C 163 -49.22 2.34 -30.00
C PHE C 163 -49.65 3.61 -30.71
N GLU C 164 -50.36 4.46 -29.97
CA GLU C 164 -50.73 5.79 -30.46
C GLU C 164 -50.50 6.79 -29.33
N TYR C 165 -50.06 7.99 -29.71
CA TYR C 165 -49.76 9.03 -28.73
C TYR C 165 -50.13 10.37 -29.32
N VAL C 166 -51.06 11.06 -28.66
CA VAL C 166 -51.59 12.33 -29.16
C VAL C 166 -51.33 13.39 -28.09
N SER C 167 -50.44 14.32 -28.40
CA SER C 167 -50.07 15.39 -27.47
C SER C 167 -49.41 16.55 -28.22
N PHE C 181 -36.49 30.63 -43.66
CA PHE C 181 -35.33 30.30 -42.84
C PHE C 181 -35.44 30.94 -41.46
N LYS C 182 -36.65 31.34 -41.08
CA LYS C 182 -36.87 32.01 -39.80
C LYS C 182 -36.86 31.05 -38.61
N ASN C 183 -37.02 29.76 -38.85
CA ASN C 183 -37.14 28.78 -37.78
C ASN C 183 -36.05 27.72 -37.92
N LEU C 184 -35.25 27.56 -36.87
CA LEU C 184 -34.24 26.51 -36.77
C LEU C 184 -34.68 25.50 -35.72
N ARG C 185 -34.72 24.23 -36.10
CA ARG C 185 -35.11 23.16 -35.19
C ARG C 185 -34.10 22.03 -35.26
N GLU C 186 -33.68 21.52 -34.10
CA GLU C 186 -32.75 20.42 -34.01
C GLU C 186 -33.39 19.27 -33.26
N PHE C 187 -33.16 18.05 -33.73
CA PHE C 187 -33.70 16.84 -33.11
C PHE C 187 -32.65 15.75 -33.15
N VAL C 188 -32.73 14.84 -32.20
CA VAL C 188 -31.91 13.64 -32.17
C VAL C 188 -32.84 12.46 -31.94
N PHE C 189 -32.82 11.51 -32.86
CA PHE C 189 -33.58 10.27 -32.74
C PHE C 189 -32.62 9.12 -32.57
N LYS C 190 -32.82 8.30 -31.54
CA LYS C 190 -32.00 7.12 -31.38
C LYS C 190 -32.82 6.00 -30.76
N ASN C 191 -32.31 4.79 -30.86
CA ASN C 191 -32.93 3.63 -30.26
C ASN C 191 -31.93 2.83 -29.43
N ILE C 192 -32.35 2.41 -28.25
CA ILE C 192 -31.57 1.56 -27.36
C ILE C 192 -32.44 0.35 -27.02
N ASP C 193 -32.05 -0.82 -27.53
CA ASP C 193 -32.78 -2.09 -27.36
C ASP C 193 -34.23 -1.99 -27.84
N GLY C 194 -34.43 -1.23 -28.92
CA GLY C 194 -35.76 -0.98 -29.44
C GLY C 194 -36.51 0.14 -28.78
N TYR C 195 -35.96 0.73 -27.72
CA TYR C 195 -36.62 1.80 -26.99
C TYR C 195 -36.23 3.13 -27.63
N PHE C 196 -37.22 3.92 -28.02
CA PHE C 196 -36.99 5.08 -28.88
C PHE C 196 -36.88 6.34 -28.03
N LYS C 197 -35.80 7.10 -28.25
CA LYS C 197 -35.57 8.36 -27.54
C LYS C 197 -35.46 9.49 -28.55
N ILE C 198 -36.23 10.55 -28.31
CA ILE C 198 -36.26 11.74 -29.15
C ILE C 198 -35.94 12.95 -28.28
N TYR C 199 -34.87 13.65 -28.63
CA TYR C 199 -34.41 14.87 -28.00
C TYR C 199 -34.64 16.03 -28.95
N SER C 200 -34.99 17.20 -28.41
CA SER C 200 -35.37 18.31 -29.27
C SER C 200 -34.79 19.62 -28.76
N LYS C 201 -34.70 20.59 -29.67
CA LYS C 201 -34.34 21.96 -29.35
C LYS C 201 -34.93 22.87 -30.41
N HIS C 202 -35.57 23.95 -29.98
CA HIS C 202 -36.27 24.87 -30.86
C HIS C 202 -35.83 26.30 -30.54
N THR C 203 -34.76 26.75 -31.19
CA THR C 203 -34.35 28.14 -31.09
C THR C 203 -34.33 28.78 -32.48
N PRO C 204 -34.98 29.91 -32.66
CA PRO C 204 -35.08 30.51 -34.00
C PRO C 204 -33.91 31.42 -34.33
N ILE C 205 -33.71 31.61 -35.62
CA ILE C 205 -32.75 32.59 -36.15
C ILE C 205 -33.53 33.64 -36.93
N ILE C 206 -33.25 34.91 -36.66
CA ILE C 206 -34.04 36.01 -37.18
C ILE C 206 -33.42 36.59 -38.45
N VAL C 207 -32.15 37.00 -38.39
CA VAL C 207 -31.49 37.66 -39.51
C VAL C 207 -30.20 36.92 -39.82
N ARG C 208 -29.66 37.23 -41.01
CA ARG C 208 -28.36 36.74 -41.51
C ARG C 208 -28.30 35.21 -41.57
N GLU C 209 -29.16 34.65 -42.41
CA GLU C 209 -29.18 33.20 -42.59
C GLU C 209 -28.17 32.81 -43.67
N PRO C 210 -27.14 32.04 -43.33
CA PRO C 210 -26.10 31.69 -44.32
C PRO C 210 -26.30 30.36 -45.03
N GLU C 211 -27.46 29.72 -44.86
CA GLU C 211 -27.87 28.47 -45.51
C GLU C 211 -26.96 27.29 -45.19
N ASP C 212 -26.27 27.33 -44.05
CA ASP C 212 -25.59 26.16 -43.51
C ASP C 212 -25.79 26.10 -42.01
N LEU C 213 -25.03 25.25 -41.32
CA LEU C 213 -25.15 25.14 -39.87
C LEU C 213 -24.60 26.39 -39.21
N PRO C 214 -25.35 27.04 -38.32
CA PRO C 214 -24.82 28.23 -37.64
C PRO C 214 -23.77 27.85 -36.60
N GLN C 215 -22.74 28.69 -36.52
CA GLN C 215 -21.65 28.42 -35.59
C GLN C 215 -22.08 28.78 -34.16
N GLY C 216 -22.04 27.80 -33.27
CA GLY C 216 -22.47 28.01 -31.91
C GLY C 216 -22.73 26.69 -31.23
N PHE C 217 -23.08 26.77 -29.95
CA PHE C 217 -23.33 25.61 -29.13
C PHE C 217 -24.69 25.72 -28.46
N SER C 218 -25.43 24.62 -28.44
CA SER C 218 -26.71 24.54 -27.76
C SER C 218 -26.92 23.11 -27.27
N ALA C 219 -27.70 22.98 -26.21
CA ALA C 219 -27.98 21.70 -25.59
C ALA C 219 -29.40 21.25 -25.90
N LEU C 220 -29.58 19.95 -26.11
CA LEU C 220 -30.85 19.38 -26.53
C LEU C 220 -31.48 18.64 -25.35
N GLU C 221 -32.68 19.06 -24.96
CA GLU C 221 -33.35 18.44 -23.83
C GLU C 221 -34.21 17.27 -24.29
N PRO C 222 -34.32 16.22 -23.47
CA PRO C 222 -35.16 15.07 -23.87
C PRO C 222 -36.65 15.39 -23.80
N LEU C 223 -37.38 14.90 -24.79
CA LEU C 223 -38.83 15.06 -24.81
C LEU C 223 -39.59 13.75 -24.88
N VAL C 224 -39.21 12.82 -25.75
CA VAL C 224 -40.05 11.67 -26.06
C VAL C 224 -39.30 10.38 -25.75
N ASP C 225 -39.95 9.49 -25.00
CA ASP C 225 -39.45 8.14 -24.76
C ASP C 225 -40.57 7.16 -25.07
N LEU C 226 -40.35 6.29 -26.06
CA LEU C 226 -41.33 5.32 -26.50
C LEU C 226 -40.86 3.91 -26.19
N PRO C 227 -41.59 3.16 -25.38
CA PRO C 227 -41.29 1.73 -25.13
C PRO C 227 -41.91 0.82 -26.19
N ILE C 228 -41.36 0.89 -27.40
CA ILE C 228 -41.97 0.23 -28.55
C ILE C 228 -41.30 -1.11 -28.87
N GLY C 229 -39.97 -1.19 -28.77
CA GLY C 229 -39.28 -2.39 -29.22
C GLY C 229 -39.27 -2.59 -30.71
N ILE C 230 -39.38 -1.52 -31.49
CA ILE C 230 -39.53 -1.60 -32.94
C ILE C 230 -38.18 -1.40 -33.61
N ASN C 231 -37.78 -2.36 -34.44
CA ASN C 231 -36.55 -2.27 -35.21
C ASN C 231 -36.70 -1.22 -36.31
N ILE C 232 -35.71 -0.33 -36.42
CA ILE C 232 -35.66 0.73 -37.43
C ILE C 232 -34.30 0.68 -38.10
N THR C 233 -34.28 0.74 -39.43
CA THR C 233 -33.01 0.80 -40.16
C THR C 233 -32.94 1.95 -41.16
N ARG C 234 -34.09 2.37 -41.70
CA ARG C 234 -34.13 3.43 -42.70
C ARG C 234 -35.25 4.40 -42.36
N PHE C 235 -35.15 5.62 -42.87
CA PHE C 235 -36.13 6.64 -42.51
C PHE C 235 -36.31 7.64 -43.65
N GLN C 236 -37.33 8.49 -43.50
CA GLN C 236 -37.67 9.51 -44.47
C GLN C 236 -38.48 10.60 -43.76
N THR C 237 -38.31 11.85 -44.23
CA THR C 237 -38.98 13.00 -43.65
C THR C 237 -40.22 13.39 -44.45
N LEU C 238 -40.98 14.34 -43.92
CA LEU C 238 -42.24 14.79 -44.51
C LEU C 238 -42.25 16.30 -44.70
N LEU C 239 -42.74 16.73 -45.86
CA LEU C 239 -42.79 18.13 -46.24
C LEU C 239 -44.24 18.63 -46.28
N ALA C 240 -44.40 19.94 -46.17
CA ALA C 240 -45.71 20.56 -46.19
C ALA C 240 -46.18 20.78 -47.62
N LEU C 241 -47.43 20.42 -47.90
CA LEU C 241 -48.05 20.65 -49.19
C LEU C 241 -49.51 21.02 -48.99
N HIS C 242 -50.09 21.63 -50.02
CA HIS C 242 -51.50 22.02 -49.97
C HIS C 242 -52.41 20.84 -50.25
N ALA C 260 -36.23 26.73 -47.80
CA ALA C 260 -36.08 25.85 -46.65
C ALA C 260 -35.11 24.72 -46.97
N ALA C 261 -34.42 24.23 -45.94
CA ALA C 261 -33.43 23.17 -46.11
C ALA C 261 -33.38 22.34 -44.84
N TYR C 262 -32.88 21.11 -44.97
CA TYR C 262 -32.74 20.25 -43.81
C TYR C 262 -31.43 19.46 -43.88
N TYR C 263 -31.00 19.00 -42.71
CA TYR C 263 -29.68 18.44 -42.48
C TYR C 263 -29.82 17.10 -41.78
N VAL C 264 -29.01 16.13 -42.19
CA VAL C 264 -29.01 14.81 -41.56
C VAL C 264 -27.57 14.39 -41.25
N GLY C 265 -27.36 13.89 -40.04
CA GLY C 265 -26.07 13.33 -39.66
C GLY C 265 -26.26 12.09 -38.82
N TYR C 266 -25.17 11.36 -38.62
CA TYR C 266 -25.20 10.07 -37.93
C TYR C 266 -24.42 10.15 -36.63
N LEU C 267 -24.91 9.45 -35.62
CA LEU C 267 -24.27 9.40 -34.31
C LEU C 267 -23.27 8.26 -34.24
N GLN C 268 -22.17 8.50 -33.52
CA GLN C 268 -21.12 7.52 -33.31
C GLN C 268 -20.82 7.42 -31.82
N PRO C 269 -20.33 6.26 -31.36
CA PRO C 269 -19.94 6.15 -29.94
C PRO C 269 -18.71 6.98 -29.61
N ARG C 270 -18.90 8.02 -28.82
CA ARG C 270 -17.84 8.98 -28.53
C ARG C 270 -17.81 9.29 -27.04
N THR C 271 -16.64 9.74 -26.59
CA THR C 271 -16.46 10.24 -25.24
C THR C 271 -16.47 11.76 -25.28
N PHE C 272 -17.35 12.36 -24.50
CA PHE C 272 -17.53 13.80 -24.48
C PHE C 272 -17.28 14.35 -23.09
N LEU C 273 -16.63 15.50 -23.02
CA LEU C 273 -16.51 16.26 -21.79
C LEU C 273 -17.56 17.37 -21.82
N LEU C 274 -18.37 17.45 -20.77
CA LEU C 274 -19.50 18.37 -20.71
C LEU C 274 -19.33 19.31 -19.54
N LYS C 275 -19.66 20.59 -19.75
CA LYS C 275 -19.51 21.61 -18.74
C LYS C 275 -20.89 22.00 -18.21
N TYR C 276 -21.06 21.97 -16.89
CA TYR C 276 -22.30 22.34 -16.24
C TYR C 276 -22.06 23.60 -15.40
N ASN C 277 -22.90 24.61 -15.59
CA ASN C 277 -22.84 25.83 -14.82
C ASN C 277 -23.70 25.69 -13.56
N GLU C 278 -23.98 26.82 -12.89
CA GLU C 278 -24.78 26.78 -11.66
C GLU C 278 -26.24 26.41 -11.94
N ASN C 279 -26.76 26.76 -13.11
CA ASN C 279 -28.13 26.41 -13.45
C ASN C 279 -28.28 24.91 -13.71
N GLY C 280 -27.22 24.25 -14.15
CA GLY C 280 -27.30 22.89 -14.62
C GLY C 280 -27.40 22.74 -16.11
N THR C 281 -27.26 23.83 -16.86
CA THR C 281 -27.34 23.80 -18.31
C THR C 281 -25.97 23.49 -18.90
N ILE C 282 -25.95 22.61 -19.91
CA ILE C 282 -24.71 22.30 -20.60
C ILE C 282 -24.31 23.48 -21.47
N THR C 283 -23.16 24.08 -21.16
CA THR C 283 -22.71 25.28 -21.85
C THR C 283 -21.53 25.05 -22.78
N ASP C 284 -20.79 23.96 -22.61
CA ASP C 284 -19.64 23.68 -23.47
C ASP C 284 -19.37 22.19 -23.47
N ALA C 285 -18.73 21.72 -24.55
CA ALA C 285 -18.43 20.31 -24.70
C ALA C 285 -17.14 20.15 -25.50
N VAL C 286 -16.46 19.04 -25.25
CA VAL C 286 -15.20 18.70 -25.90
C VAL C 286 -15.27 17.26 -26.38
N ASP C 287 -15.02 17.05 -27.68
CA ASP C 287 -14.96 15.72 -28.26
C ASP C 287 -13.55 15.17 -28.08
N CYS C 288 -13.44 14.08 -27.32
CA CYS C 288 -12.12 13.60 -26.88
C CYS C 288 -11.30 13.01 -28.02
N ALA C 289 -11.94 12.55 -29.08
CA ALA C 289 -11.24 11.87 -30.17
C ALA C 289 -11.10 12.72 -31.42
N LEU C 290 -11.34 14.03 -31.32
CA LEU C 290 -11.28 14.90 -32.49
C LEU C 290 -9.84 15.17 -32.92
N ASP C 291 -8.99 15.53 -31.96
CA ASP C 291 -7.62 15.94 -32.23
C ASP C 291 -6.83 15.78 -30.94
N PRO C 292 -5.48 15.73 -31.01
CA PRO C 292 -4.69 15.57 -29.77
C PRO C 292 -4.86 16.65 -28.72
N LEU C 293 -5.21 17.88 -29.11
CA LEU C 293 -5.43 18.94 -28.13
C LEU C 293 -6.66 18.64 -27.28
N SER C 294 -7.75 18.19 -27.89
CA SER C 294 -8.93 17.85 -27.11
C SER C 294 -8.74 16.55 -26.33
N GLU C 295 -7.87 15.66 -26.82
CA GLU C 295 -7.50 14.48 -26.04
C GLU C 295 -6.72 14.88 -24.78
N THR C 296 -5.84 15.89 -24.91
CA THR C 296 -5.16 16.44 -23.75
C THR C 296 -6.14 17.11 -22.80
N LYS C 297 -7.13 17.81 -23.34
CA LYS C 297 -8.17 18.43 -22.51
C LYS C 297 -8.98 17.39 -21.75
N CYS C 298 -9.30 16.27 -22.41
CA CYS C 298 -10.04 15.20 -21.73
C CYS C 298 -9.17 14.48 -20.71
N THR C 299 -7.87 14.40 -20.95
CA THR C 299 -6.97 13.78 -19.98
C THR C 299 -6.84 14.65 -18.73
N LEU C 300 -6.65 15.96 -18.91
CA LEU C 300 -6.46 16.85 -17.78
C LEU C 300 -7.76 17.23 -17.08
N LYS C 301 -8.92 16.87 -17.66
CA LYS C 301 -10.26 17.25 -17.18
C LYS C 301 -10.39 18.77 -17.05
N SER C 302 -9.97 19.48 -18.09
CA SER C 302 -10.01 20.92 -18.08
C SER C 302 -10.19 21.44 -19.49
N PHE C 303 -10.74 22.64 -19.60
CA PHE C 303 -10.92 23.32 -20.88
C PHE C 303 -9.73 24.21 -21.23
N THR C 304 -8.79 24.39 -20.31
CA THR C 304 -7.60 25.21 -20.53
C THR C 304 -6.37 24.35 -20.31
N VAL C 305 -5.45 24.37 -21.27
CA VAL C 305 -4.24 23.56 -21.22
C VAL C 305 -3.05 24.51 -21.24
N GLU C 306 -2.23 24.44 -20.20
CA GLU C 306 -1.02 25.25 -20.14
C GLU C 306 0.08 24.62 -20.99
N LYS C 307 1.19 25.33 -21.11
CA LYS C 307 2.29 24.86 -21.94
C LYS C 307 3.01 23.70 -21.27
N GLY C 308 3.69 22.89 -22.08
CA GLY C 308 4.46 21.76 -21.61
C GLY C 308 4.15 20.53 -22.42
N ILE C 309 4.61 19.39 -21.92
CA ILE C 309 4.42 18.10 -22.56
C ILE C 309 3.53 17.24 -21.67
N TYR C 310 2.49 16.65 -22.25
CA TYR C 310 1.51 15.87 -21.52
C TYR C 310 1.38 14.49 -22.13
N GLN C 311 1.50 13.45 -21.31
CA GLN C 311 1.27 12.09 -21.76
C GLN C 311 -0.23 11.81 -21.76
N THR C 312 -0.76 11.41 -22.92
CA THR C 312 -2.20 11.30 -23.09
C THR C 312 -2.68 9.86 -23.18
N SER C 313 -2.13 9.07 -24.10
CA SER C 313 -2.63 7.72 -24.32
C SER C 313 -1.46 6.81 -24.71
N ASN C 314 -1.79 5.55 -24.97
CA ASN C 314 -0.84 4.56 -25.46
C ASN C 314 -1.41 3.98 -26.75
N PHE C 315 -0.64 4.08 -27.83
CA PHE C 315 -1.09 3.57 -29.12
C PHE C 315 -0.64 2.13 -29.27
N ARG C 316 -1.50 1.31 -29.87
CA ARG C 316 -1.26 -0.10 -30.11
C ARG C 316 -1.71 -0.44 -31.52
N VAL C 317 -0.92 -1.25 -32.22
CA VAL C 317 -1.28 -1.70 -33.56
C VAL C 317 -2.22 -2.90 -33.42
N GLN C 318 -3.42 -2.77 -33.98
CA GLN C 318 -4.46 -3.78 -33.83
C GLN C 318 -4.27 -4.91 -34.84
N PRO C 319 -4.76 -6.12 -34.54
CA PRO C 319 -4.61 -7.23 -35.48
C PRO C 319 -5.46 -7.06 -36.73
N THR C 320 -5.06 -7.76 -37.78
CA THR C 320 -5.69 -7.67 -39.09
C THR C 320 -6.56 -8.88 -39.42
N GLU C 321 -6.01 -10.09 -39.30
CA GLU C 321 -6.71 -11.31 -39.65
C GLU C 321 -6.73 -12.26 -38.46
N SER C 322 -7.70 -13.17 -38.47
CA SER C 322 -7.81 -14.20 -37.45
C SER C 322 -7.32 -15.52 -38.01
N ILE C 323 -6.38 -16.14 -37.32
CA ILE C 323 -5.72 -17.36 -37.76
C ILE C 323 -6.06 -18.47 -36.77
N VAL C 324 -6.58 -19.59 -37.30
CA VAL C 324 -6.91 -20.76 -36.48
C VAL C 324 -6.11 -21.93 -37.03
N ARG C 325 -5.28 -22.51 -36.16
CA ARG C 325 -4.49 -23.69 -36.53
C ARG C 325 -4.86 -24.83 -35.58
N PHE C 326 -5.47 -25.88 -36.13
CA PHE C 326 -5.91 -27.06 -35.42
C PHE C 326 -5.37 -28.28 -36.15
N PRO C 327 -5.16 -29.40 -35.45
CA PRO C 327 -4.76 -30.63 -36.15
C PRO C 327 -5.87 -31.14 -37.05
N ASN C 328 -5.47 -31.74 -38.18
CA ASN C 328 -6.42 -32.14 -39.21
C ASN C 328 -6.84 -33.60 -39.03
N ILE C 329 -7.39 -33.88 -37.85
CA ILE C 329 -7.96 -35.19 -37.57
C ILE C 329 -9.40 -35.20 -38.07
N THR C 330 -9.84 -36.37 -38.57
CA THR C 330 -11.17 -36.52 -39.13
C THR C 330 -12.01 -37.58 -38.45
N ASN C 331 -11.43 -38.37 -37.54
CA ASN C 331 -12.14 -39.47 -36.92
C ASN C 331 -13.15 -38.96 -35.88
N LEU C 332 -14.10 -39.83 -35.54
CA LEU C 332 -15.07 -39.58 -34.48
C LEU C 332 -14.97 -40.72 -33.48
N CYS C 333 -14.65 -40.39 -32.23
CA CYS C 333 -14.54 -41.40 -31.20
C CYS C 333 -15.93 -41.92 -30.81
N PRO C 334 -16.02 -43.18 -30.35
CA PRO C 334 -17.32 -43.72 -29.96
C PRO C 334 -17.86 -43.17 -28.64
N PHE C 335 -18.29 -41.91 -28.62
CA PHE C 335 -19.04 -41.40 -27.48
C PHE C 335 -20.40 -42.09 -27.40
N ASP C 336 -21.06 -42.28 -28.55
CA ASP C 336 -22.40 -42.86 -28.57
C ASP C 336 -22.37 -44.34 -28.23
N GLU C 337 -21.33 -45.06 -28.65
CA GLU C 337 -21.25 -46.49 -28.35
C GLU C 337 -21.01 -46.72 -26.86
N VAL C 338 -20.25 -45.84 -26.21
CA VAL C 338 -20.11 -45.92 -24.76
C VAL C 338 -21.41 -45.52 -24.07
N PHE C 339 -22.05 -44.45 -24.54
CA PHE C 339 -23.25 -43.95 -23.87
C PHE C 339 -24.46 -44.85 -24.13
N ASN C 340 -24.65 -45.32 -25.36
CA ASN C 340 -25.77 -46.20 -25.69
C ASN C 340 -25.31 -47.66 -25.61
N ALA C 341 -24.98 -48.07 -24.38
CA ALA C 341 -24.62 -49.44 -24.07
C ALA C 341 -25.65 -50.01 -23.12
N THR C 342 -26.12 -51.22 -23.41
CA THR C 342 -27.21 -51.80 -22.63
C THR C 342 -26.75 -52.22 -21.24
N ARG C 343 -25.60 -52.86 -21.14
CA ARG C 343 -25.09 -53.39 -19.88
C ARG C 343 -23.88 -52.58 -19.45
N PHE C 344 -24.12 -51.60 -18.57
CA PHE C 344 -23.01 -50.90 -17.93
C PHE C 344 -22.35 -51.80 -16.90
N ALA C 345 -21.03 -51.74 -16.82
CA ALA C 345 -20.28 -52.58 -15.92
C ALA C 345 -20.41 -52.09 -14.47
N SER C 346 -19.96 -52.92 -13.55
CA SER C 346 -19.97 -52.59 -12.13
C SER C 346 -18.71 -51.80 -11.77
N VAL C 347 -18.47 -51.62 -10.48
CA VAL C 347 -17.31 -50.86 -10.02
C VAL C 347 -16.02 -51.61 -10.31
N TYR C 348 -16.00 -52.93 -10.06
CA TYR C 348 -14.78 -53.71 -10.19
C TYR C 348 -14.41 -53.96 -11.64
N ALA C 349 -15.38 -53.98 -12.55
CA ALA C 349 -15.11 -54.06 -13.98
C ALA C 349 -14.92 -52.65 -14.55
N TRP C 350 -13.90 -51.97 -14.03
CA TRP C 350 -13.66 -50.57 -14.35
C TRP C 350 -12.92 -50.50 -15.67
N ASN C 351 -13.67 -50.27 -16.75
CA ASN C 351 -13.12 -50.09 -18.08
C ASN C 351 -12.92 -48.61 -18.42
N ARG C 352 -11.70 -48.12 -18.19
CA ARG C 352 -11.35 -46.73 -18.49
C ARG C 352 -11.23 -46.60 -20.00
N LYS C 353 -12.29 -46.10 -20.64
CA LYS C 353 -12.32 -45.98 -22.09
C LYS C 353 -11.44 -44.81 -22.52
N ARG C 354 -10.43 -45.10 -23.32
CA ARG C 354 -9.50 -44.08 -23.79
C ARG C 354 -10.04 -43.44 -25.06
N ILE C 355 -10.16 -42.13 -25.05
CA ILE C 355 -10.66 -41.35 -26.18
C ILE C 355 -9.50 -40.49 -26.68
N SER C 356 -9.11 -40.71 -27.92
CA SER C 356 -7.94 -40.08 -28.51
C SER C 356 -8.07 -40.08 -30.03
N ASN C 357 -7.43 -39.08 -30.65
CA ASN C 357 -7.31 -38.94 -32.11
C ASN C 357 -8.67 -38.85 -32.80
N CYS C 358 -9.50 -37.91 -32.33
CA CYS C 358 -10.84 -37.74 -32.87
C CYS C 358 -11.21 -36.27 -32.87
N VAL C 359 -12.33 -35.97 -33.53
CA VAL C 359 -13.00 -34.69 -33.39
C VAL C 359 -14.11 -34.87 -32.36
N ALA C 360 -14.06 -34.11 -31.28
CA ALA C 360 -14.98 -34.28 -30.16
C ALA C 360 -16.15 -33.31 -30.32
N ASP C 361 -17.18 -33.75 -31.04
CA ASP C 361 -18.40 -32.98 -31.19
C ASP C 361 -19.31 -33.31 -30.01
N TYR C 362 -19.46 -32.36 -29.09
CA TYR C 362 -20.30 -32.56 -27.91
C TYR C 362 -21.76 -32.19 -28.16
N SER C 363 -22.08 -31.71 -29.36
CA SER C 363 -23.47 -31.41 -29.69
C SER C 363 -24.31 -32.68 -29.84
N VAL C 364 -23.70 -33.76 -30.35
CA VAL C 364 -24.43 -35.01 -30.46
C VAL C 364 -24.60 -35.69 -29.10
N LEU C 365 -23.77 -35.33 -28.12
CA LEU C 365 -24.00 -35.80 -26.76
C LEU C 365 -25.09 -35.00 -26.08
N TYR C 366 -25.20 -33.71 -26.42
CA TYR C 366 -26.26 -32.87 -25.87
C TYR C 366 -27.63 -33.27 -26.39
N ASN C 367 -27.71 -33.74 -27.64
CA ASN C 367 -28.98 -34.16 -28.22
C ASN C 367 -29.46 -35.48 -27.66
N LEU C 368 -28.60 -36.24 -26.98
CA LEU C 368 -29.01 -37.46 -26.28
C LEU C 368 -29.87 -37.05 -25.09
N ALA C 369 -31.13 -37.46 -25.10
CA ALA C 369 -32.11 -36.92 -24.14
C ALA C 369 -31.90 -37.39 -22.70
N PRO C 370 -31.92 -38.70 -22.35
CA PRO C 370 -32.14 -39.06 -20.93
C PRO C 370 -30.98 -38.76 -20.00
N PHE C 371 -29.77 -38.56 -20.50
CA PHE C 371 -28.66 -38.16 -19.64
C PHE C 371 -28.74 -36.65 -19.43
N PHE C 372 -29.33 -36.23 -18.31
CA PHE C 372 -29.73 -34.84 -18.12
C PHE C 372 -28.62 -33.98 -17.52
N THR C 373 -28.13 -34.36 -16.33
CA THR C 373 -27.20 -33.52 -15.60
C THR C 373 -25.83 -33.49 -16.27
N PHE C 374 -25.19 -32.33 -16.24
CA PHE C 374 -23.91 -32.12 -16.92
C PHE C 374 -22.95 -31.36 -16.01
N LYS C 375 -22.78 -31.85 -14.78
CA LYS C 375 -21.96 -31.14 -13.79
C LYS C 375 -20.49 -31.17 -14.21
N CYS C 376 -19.79 -30.05 -14.05
CA CYS C 376 -18.42 -29.98 -14.54
C CYS C 376 -17.53 -29.25 -13.54
N TYR C 377 -16.24 -29.60 -13.57
CA TYR C 377 -15.22 -29.00 -12.73
C TYR C 377 -14.02 -28.65 -13.58
N GLY C 378 -13.66 -27.37 -13.59
CA GLY C 378 -12.53 -26.88 -14.34
C GLY C 378 -12.87 -26.32 -15.71
N VAL C 379 -14.00 -26.75 -16.30
CA VAL C 379 -14.45 -26.27 -17.59
C VAL C 379 -15.94 -25.98 -17.51
N SER C 380 -16.43 -25.28 -18.49
CA SER C 380 -17.85 -25.03 -18.61
C SER C 380 -18.44 -25.89 -19.72
N PRO C 381 -19.69 -26.32 -19.56
CA PRO C 381 -20.33 -27.15 -20.62
C PRO C 381 -20.48 -26.45 -21.96
N THR C 382 -20.69 -25.13 -21.97
CA THR C 382 -20.81 -24.40 -23.22
C THR C 382 -19.47 -24.20 -23.92
N LYS C 383 -18.36 -24.30 -23.18
CA LYS C 383 -17.03 -24.05 -23.72
C LYS C 383 -16.31 -25.33 -24.14
N LEU C 384 -16.98 -26.49 -24.10
CA LEU C 384 -16.30 -27.75 -24.35
C LEU C 384 -15.99 -27.94 -25.84
N ASN C 385 -16.74 -27.29 -26.72
CA ASN C 385 -16.53 -27.46 -28.16
C ASN C 385 -15.38 -26.65 -28.70
N ASP C 386 -14.74 -25.82 -27.88
CA ASP C 386 -13.70 -24.91 -28.35
C ASP C 386 -12.29 -25.34 -27.99
N LEU C 387 -12.13 -26.21 -27.00
CA LEU C 387 -10.83 -26.55 -26.46
C LEU C 387 -10.27 -27.81 -27.11
N CYS C 388 -9.02 -28.12 -26.76
CA CYS C 388 -8.36 -29.34 -27.19
C CYS C 388 -7.79 -30.06 -25.99
N PHE C 389 -7.81 -31.39 -26.05
CA PHE C 389 -7.32 -32.22 -24.96
C PHE C 389 -6.34 -33.25 -25.51
N THR C 390 -5.31 -33.57 -24.72
CA THR C 390 -4.34 -34.57 -25.16
C THR C 390 -4.92 -35.97 -25.12
N ASN C 391 -5.60 -36.32 -24.01
CA ASN C 391 -6.25 -37.61 -23.87
C ASN C 391 -7.51 -37.41 -23.02
N VAL C 392 -8.57 -38.13 -23.37
CA VAL C 392 -9.81 -38.10 -22.61
C VAL C 392 -10.06 -39.51 -22.08
N TYR C 393 -10.55 -39.62 -20.85
CA TYR C 393 -10.87 -40.93 -20.29
C TYR C 393 -12.30 -40.95 -19.79
N ALA C 394 -13.04 -42.00 -20.17
CA ALA C 394 -14.45 -42.11 -19.89
C ALA C 394 -14.75 -43.32 -19.02
N ASP C 395 -15.59 -43.11 -18.01
CA ASP C 395 -16.07 -44.16 -17.12
C ASP C 395 -17.60 -44.14 -17.13
N SER C 396 -18.23 -45.32 -17.14
CA SER C 396 -19.68 -45.39 -17.30
C SER C 396 -20.22 -46.56 -16.47
N PHE C 397 -20.67 -46.28 -15.25
CA PHE C 397 -21.07 -47.32 -14.32
C PHE C 397 -22.36 -46.95 -13.58
N VAL C 398 -22.95 -47.95 -12.95
CA VAL C 398 -24.20 -47.82 -12.21
C VAL C 398 -23.90 -47.49 -10.76
N ILE C 399 -24.66 -46.55 -10.20
CA ILE C 399 -24.52 -46.12 -8.82
C ILE C 399 -25.92 -46.20 -8.20
N ARG C 400 -25.96 -46.26 -6.87
CA ARG C 400 -27.20 -46.49 -6.12
C ARG C 400 -28.23 -45.38 -6.34
N GLY C 401 -27.77 -44.13 -6.39
CA GLY C 401 -28.70 -43.02 -6.33
C GLY C 401 -28.57 -42.37 -4.98
N ASP C 402 -28.59 -41.03 -4.94
CA ASP C 402 -28.24 -40.15 -3.81
C ASP C 402 -26.79 -40.31 -3.37
N GLU C 403 -25.96 -40.98 -4.16
CA GLU C 403 -24.52 -41.08 -3.94
C GLU C 403 -23.74 -40.41 -5.06
N VAL C 404 -24.41 -39.55 -5.84
CA VAL C 404 -23.70 -38.75 -6.84
C VAL C 404 -22.89 -37.65 -6.19
N ARG C 405 -23.17 -37.32 -4.93
CA ARG C 405 -22.30 -36.46 -4.14
C ARG C 405 -20.96 -37.13 -3.88
N GLN C 406 -20.93 -38.47 -3.83
CA GLN C 406 -19.66 -39.17 -3.66
C GLN C 406 -18.81 -39.13 -4.91
N ILE C 407 -19.45 -39.06 -6.09
CA ILE C 407 -18.71 -39.05 -7.36
C ILE C 407 -17.94 -37.74 -7.53
N ALA C 408 -18.45 -36.66 -6.97
CA ALA C 408 -17.72 -35.40 -6.96
C ALA C 408 -16.46 -35.52 -6.08
N PRO C 409 -15.41 -34.76 -6.40
CA PRO C 409 -14.20 -34.81 -5.57
C PRO C 409 -14.38 -34.12 -4.23
N GLY C 410 -13.58 -34.56 -3.26
CA GLY C 410 -13.44 -33.90 -1.98
C GLY C 410 -14.36 -34.39 -0.88
N GLN C 411 -15.33 -35.25 -1.20
CA GLN C 411 -16.28 -35.73 -0.20
C GLN C 411 -16.00 -37.18 0.18
N THR C 412 -16.57 -37.58 1.31
CA THR C 412 -16.29 -38.87 1.94
C THR C 412 -17.55 -39.72 1.99
N GLY C 413 -17.34 -41.03 1.95
CA GLY C 413 -18.43 -41.98 1.96
C GLY C 413 -17.91 -43.35 1.55
N ASN C 414 -18.84 -44.30 1.46
CA ASN C 414 -18.46 -45.67 1.13
C ASN C 414 -17.93 -45.79 -0.29
N ILE C 415 -18.62 -45.18 -1.25
CA ILE C 415 -18.18 -45.22 -2.64
C ILE C 415 -16.90 -44.39 -2.82
N ALA C 416 -16.82 -43.26 -2.11
CA ALA C 416 -15.66 -42.38 -2.24
C ALA C 416 -14.41 -43.00 -1.60
N ASP C 417 -14.57 -43.80 -0.55
CA ASP C 417 -13.41 -44.37 0.11
C ASP C 417 -13.00 -45.71 -0.49
N TYR C 418 -13.97 -46.58 -0.80
CA TYR C 418 -13.65 -47.96 -1.13
C TYR C 418 -13.96 -48.35 -2.57
N ASN C 419 -14.69 -47.52 -3.32
CA ASN C 419 -15.11 -47.91 -4.67
C ASN C 419 -14.55 -47.01 -5.75
N TYR C 420 -14.72 -45.70 -5.64
CA TYR C 420 -14.35 -44.79 -6.72
C TYR C 420 -14.09 -43.41 -6.15
N LYS C 421 -12.88 -42.90 -6.35
CA LYS C 421 -12.48 -41.60 -5.83
C LYS C 421 -11.84 -40.76 -6.93
N LEU C 422 -12.11 -39.46 -6.90
CA LEU C 422 -11.50 -38.51 -7.81
C LEU C 422 -10.51 -37.63 -7.07
N PRO C 423 -9.43 -37.19 -7.72
CA PRO C 423 -8.46 -36.32 -7.04
C PRO C 423 -9.01 -34.93 -6.81
N ASP C 424 -8.33 -34.19 -5.94
CA ASP C 424 -8.75 -32.84 -5.60
C ASP C 424 -8.53 -31.85 -6.73
N ASP C 425 -7.61 -32.15 -7.65
CA ASP C 425 -7.37 -31.33 -8.84
C ASP C 425 -8.05 -31.91 -10.07
N PHE C 426 -9.24 -32.49 -9.89
CA PHE C 426 -9.95 -33.12 -11.00
C PHE C 426 -10.49 -32.08 -11.95
N THR C 427 -10.28 -32.30 -13.25
CA THR C 427 -10.83 -31.46 -14.30
C THR C 427 -11.62 -32.36 -15.24
N GLY C 428 -12.94 -32.24 -15.21
CA GLY C 428 -13.77 -33.13 -16.00
C GLY C 428 -15.23 -32.83 -15.81
N CYS C 429 -16.06 -33.80 -16.20
CA CYS C 429 -17.51 -33.64 -16.10
C CYS C 429 -18.15 -34.96 -15.68
N VAL C 430 -19.28 -34.84 -15.00
CA VAL C 430 -20.10 -35.96 -14.53
C VAL C 430 -21.47 -35.82 -15.18
N ILE C 431 -21.91 -36.87 -15.88
CA ILE C 431 -23.19 -36.92 -16.57
C ILE C 431 -23.98 -38.09 -16.02
N ALA C 432 -25.21 -37.83 -15.56
CA ALA C 432 -26.00 -38.86 -14.91
C ALA C 432 -27.36 -39.01 -15.59
N TRP C 433 -27.85 -40.26 -15.60
CA TRP C 433 -29.19 -40.58 -16.05
C TRP C 433 -29.88 -41.39 -14.96
N ASN C 434 -31.10 -41.00 -14.62
CA ASN C 434 -31.93 -41.79 -13.70
C ASN C 434 -32.37 -43.04 -14.45
N SER C 435 -31.70 -44.16 -14.17
CA SER C 435 -31.90 -45.42 -14.89
C SER C 435 -32.82 -46.37 -14.13
N ASN C 436 -33.87 -45.84 -13.50
CA ASN C 436 -34.81 -46.66 -12.75
C ASN C 436 -35.58 -47.63 -13.63
N LYS C 437 -35.89 -47.22 -14.86
CA LYS C 437 -36.67 -48.09 -15.76
C LYS C 437 -35.83 -49.27 -16.25
N LEU C 438 -34.54 -49.05 -16.48
CA LEU C 438 -33.71 -50.08 -17.09
C LEU C 438 -32.94 -50.93 -16.08
N ASP C 439 -32.45 -50.33 -14.99
CA ASP C 439 -31.58 -51.04 -14.08
C ASP C 439 -32.31 -51.69 -12.91
N SER C 440 -33.46 -51.17 -12.51
CA SER C 440 -34.22 -51.74 -11.41
C SER C 440 -35.17 -52.81 -11.91
N LYS C 441 -35.29 -53.89 -11.13
CA LYS C 441 -36.15 -55.00 -11.47
C LYS C 441 -36.99 -55.37 -10.24
N VAL C 442 -38.00 -56.22 -10.48
CA VAL C 442 -38.87 -56.68 -9.41
C VAL C 442 -38.08 -57.60 -8.48
N SER C 443 -38.26 -57.39 -7.16
CA SER C 443 -37.54 -58.09 -6.09
C SER C 443 -36.03 -57.89 -6.19
N GLY C 444 -35.60 -56.76 -6.72
CA GLY C 444 -34.19 -56.39 -6.73
C GLY C 444 -33.41 -56.87 -7.92
N ASN C 445 -32.40 -56.09 -8.32
CA ASN C 445 -31.43 -56.48 -9.33
C ASN C 445 -30.09 -56.64 -8.64
N TYR C 446 -29.50 -57.83 -8.76
CA TYR C 446 -28.34 -58.21 -7.97
C TYR C 446 -27.06 -58.25 -8.81
N ASN C 447 -27.07 -57.70 -10.02
CA ASN C 447 -25.91 -57.74 -10.89
C ASN C 447 -24.89 -56.65 -10.58
N TYR C 448 -25.18 -55.76 -9.64
CA TYR C 448 -24.28 -54.67 -9.27
C TYR C 448 -23.84 -54.86 -7.83
N LEU C 449 -22.53 -54.91 -7.61
CA LEU C 449 -21.95 -55.18 -6.30
C LEU C 449 -21.12 -53.98 -5.84
N TYR C 450 -21.13 -53.75 -4.52
CA TYR C 450 -20.45 -52.61 -3.94
C TYR C 450 -19.67 -53.06 -2.70
N ARG C 451 -18.55 -52.41 -2.45
CA ARG C 451 -17.66 -52.75 -1.35
C ARG C 451 -17.90 -51.77 -0.21
N LEU C 452 -18.55 -52.23 0.86
CA LEU C 452 -18.96 -51.36 1.95
C LEU C 452 -17.86 -51.11 2.98
N PHE C 453 -16.79 -51.90 2.98
CA PHE C 453 -15.75 -51.76 3.99
C PHE C 453 -14.45 -52.35 3.47
N ARG C 454 -13.34 -51.85 3.99
CA ARG C 454 -12.00 -52.20 3.54
C ARG C 454 -11.04 -51.80 4.67
N LYS C 455 -9.81 -52.32 4.62
CA LYS C 455 -8.78 -51.96 5.59
C LYS C 455 -8.46 -50.46 5.53
N SER C 456 -8.33 -49.91 4.32
CA SER C 456 -7.88 -48.54 4.15
C SER C 456 -8.59 -47.89 2.96
N ASN C 457 -8.55 -46.57 2.94
CA ASN C 457 -9.19 -45.78 1.89
C ASN C 457 -8.37 -45.80 0.61
N LEU C 458 -9.06 -45.63 -0.52
CA LEU C 458 -8.42 -45.58 -1.82
C LEU C 458 -7.67 -44.27 -2.04
N LYS C 459 -6.54 -44.36 -2.73
CA LYS C 459 -6.03 -43.23 -3.47
C LYS C 459 -6.91 -43.01 -4.70
N PRO C 460 -7.02 -41.78 -5.19
CA PRO C 460 -7.88 -41.52 -6.34
C PRO C 460 -7.40 -42.19 -7.62
N PHE C 461 -8.37 -42.54 -8.47
CA PHE C 461 -8.18 -43.23 -9.75
C PHE C 461 -7.45 -44.57 -9.60
N GLU C 462 -7.76 -45.31 -8.54
CA GLU C 462 -7.17 -46.62 -8.30
C GLU C 462 -8.28 -47.68 -8.24
N ARG C 463 -8.01 -48.83 -8.85
CA ARG C 463 -8.99 -49.89 -9.03
C ARG C 463 -8.72 -51.03 -8.06
N ASP C 464 -9.76 -51.46 -7.35
CA ASP C 464 -9.72 -52.64 -6.49
C ASP C 464 -10.63 -53.71 -7.06
N ILE C 465 -10.07 -54.89 -7.33
CA ILE C 465 -10.83 -56.04 -7.79
C ILE C 465 -10.76 -57.18 -6.79
N SER C 466 -10.52 -56.88 -5.51
CA SER C 466 -10.34 -57.92 -4.51
C SER C 466 -11.68 -58.55 -4.13
N THR C 467 -11.75 -59.87 -4.26
CA THR C 467 -12.91 -60.64 -3.82
C THR C 467 -12.67 -61.33 -2.48
N GLU C 468 -11.56 -61.02 -1.81
CA GLU C 468 -11.25 -61.67 -0.54
C GLU C 468 -12.12 -61.13 0.58
N ILE C 469 -12.30 -61.95 1.60
CA ILE C 469 -13.03 -61.54 2.80
C ILE C 469 -12.14 -60.64 3.65
N TYR C 470 -12.72 -59.55 4.16
CA TYR C 470 -11.98 -58.61 4.98
C TYR C 470 -12.27 -58.85 6.46
N GLN C 471 -11.23 -58.72 7.27
CA GLN C 471 -11.34 -58.94 8.71
C GLN C 471 -11.94 -57.72 9.38
N ALA C 472 -12.98 -57.92 10.18
CA ALA C 472 -13.53 -56.84 10.99
C ALA C 472 -12.93 -56.85 12.39
N GLY C 473 -12.74 -58.04 12.97
CA GLY C 473 -12.12 -58.18 14.27
C GLY C 473 -10.64 -58.50 14.17
N ASN C 474 -10.03 -58.67 15.35
CA ASN C 474 -8.61 -58.98 15.43
C ASN C 474 -8.30 -60.42 15.05
N LYS C 475 -9.27 -61.33 15.18
CA LYS C 475 -9.07 -62.72 14.83
C LYS C 475 -9.02 -62.91 13.32
N PRO C 476 -8.25 -63.89 12.83
CA PRO C 476 -8.28 -64.20 11.40
C PRO C 476 -9.58 -64.84 10.97
N CYS C 477 -9.93 -64.65 9.71
CA CYS C 477 -11.13 -65.24 9.13
C CYS C 477 -10.88 -66.56 8.42
N ASN C 478 -9.64 -66.79 7.96
CA ASN C 478 -9.20 -68.01 7.28
C ASN C 478 -10.01 -68.31 6.02
N GLY C 479 -10.49 -67.26 5.34
CA GLY C 479 -11.27 -67.43 4.13
C GLY C 479 -12.68 -67.93 4.33
N VAL C 480 -13.18 -67.96 5.56
CA VAL C 480 -14.51 -68.47 5.89
C VAL C 480 -15.32 -67.33 6.49
N ALA C 481 -16.55 -67.17 6.00
CA ALA C 481 -17.46 -66.18 6.54
C ALA C 481 -17.92 -66.57 7.94
N GLY C 482 -18.14 -65.57 8.77
CA GLY C 482 -18.56 -65.82 10.13
C GLY C 482 -18.81 -64.53 10.88
N PHE C 483 -18.80 -64.61 12.20
CA PHE C 483 -18.94 -63.42 13.03
C PHE C 483 -17.68 -62.58 12.94
N ASN C 484 -17.86 -61.26 12.74
CA ASN C 484 -16.81 -60.28 12.48
C ASN C 484 -15.95 -60.65 11.26
N CYS C 485 -16.55 -61.36 10.30
CA CYS C 485 -15.87 -61.79 9.07
C CYS C 485 -16.95 -61.80 7.98
N TYR C 486 -17.05 -60.70 7.26
CA TYR C 486 -18.14 -60.51 6.30
C TYR C 486 -17.59 -60.43 4.88
N PHE C 487 -18.36 -60.95 3.93
CA PHE C 487 -18.01 -60.84 2.53
C PHE C 487 -18.34 -59.42 2.06
N PRO C 488 -17.39 -58.68 1.49
CA PRO C 488 -17.61 -57.24 1.27
C PRO C 488 -18.46 -56.90 0.07
N LEU C 489 -18.51 -57.76 -0.95
CA LEU C 489 -19.19 -57.43 -2.21
C LEU C 489 -20.68 -57.66 -2.02
N ARG C 490 -21.40 -56.60 -1.66
CA ARG C 490 -22.83 -56.68 -1.37
C ARG C 490 -23.63 -55.94 -2.42
N SER C 491 -24.79 -56.50 -2.75
CA SER C 491 -25.68 -55.90 -3.73
C SER C 491 -26.77 -55.08 -3.05
N TYR C 492 -27.25 -54.08 -3.78
CA TYR C 492 -28.24 -53.14 -3.24
C TYR C 492 -29.67 -53.50 -3.61
N SER C 493 -29.87 -54.34 -4.63
CA SER C 493 -31.16 -54.90 -5.05
C SER C 493 -32.18 -53.80 -5.39
N PHE C 494 -31.87 -53.11 -6.49
CA PHE C 494 -32.69 -51.99 -6.93
C PHE C 494 -34.07 -52.45 -7.40
N ARG C 495 -35.11 -51.78 -6.92
CA ARG C 495 -36.50 -52.08 -7.21
C ARG C 495 -37.20 -50.82 -7.72
N PRO C 496 -38.22 -50.98 -8.57
CA PRO C 496 -38.98 -49.79 -9.02
C PRO C 496 -39.85 -49.18 -7.93
N THR C 497 -40.09 -49.87 -6.83
CA THR C 497 -40.93 -49.37 -5.74
C THR C 497 -40.17 -48.50 -4.75
N TYR C 498 -38.87 -48.27 -4.98
CA TYR C 498 -38.06 -47.49 -4.06
C TYR C 498 -38.38 -45.99 -4.20
N GLY C 499 -37.83 -45.22 -3.26
CA GLY C 499 -37.93 -43.78 -3.31
C GLY C 499 -36.93 -43.16 -4.27
N VAL C 500 -36.88 -41.82 -4.24
CA VAL C 500 -36.01 -41.07 -5.15
C VAL C 500 -34.54 -41.32 -4.80
N GLY C 501 -34.24 -41.45 -3.51
CA GLY C 501 -32.87 -41.65 -3.08
C GLY C 501 -32.32 -43.05 -3.25
N HIS C 502 -33.13 -44.01 -3.72
CA HIS C 502 -32.67 -45.38 -3.91
C HIS C 502 -32.84 -45.90 -5.33
N GLN C 503 -33.44 -45.13 -6.22
CA GLN C 503 -33.54 -45.55 -7.62
C GLN C 503 -32.16 -45.45 -8.28
N PRO C 504 -31.74 -46.48 -9.02
CA PRO C 504 -30.36 -46.50 -9.54
C PRO C 504 -30.11 -45.48 -10.63
N TYR C 505 -28.86 -45.03 -10.72
CA TYR C 505 -28.43 -44.06 -11.70
C TYR C 505 -27.30 -44.64 -12.53
N ARG C 506 -27.14 -44.12 -13.75
CA ARG C 506 -26.02 -44.44 -14.61
C ARG C 506 -25.17 -43.18 -14.78
N VAL C 507 -23.89 -43.27 -14.41
CA VAL C 507 -23.02 -42.12 -14.31
C VAL C 507 -21.83 -42.32 -15.24
N VAL C 508 -21.56 -41.32 -16.07
CA VAL C 508 -20.40 -41.26 -16.95
C VAL C 508 -19.52 -40.11 -16.47
N VAL C 509 -18.28 -40.42 -16.14
CA VAL C 509 -17.27 -39.43 -15.78
C VAL C 509 -16.33 -39.28 -16.96
N LEU C 510 -16.23 -38.06 -17.48
CA LEU C 510 -15.34 -37.71 -18.57
C LEU C 510 -14.22 -36.87 -17.99
N SER C 511 -13.05 -37.46 -17.82
CA SER C 511 -11.88 -36.75 -17.32
C SER C 511 -11.03 -36.27 -18.49
N PHE C 512 -10.71 -34.99 -18.50
CA PHE C 512 -9.94 -34.35 -19.55
C PHE C 512 -8.52 -34.11 -19.08
N GLU C 513 -7.56 -34.32 -19.97
CA GLU C 513 -6.19 -33.91 -19.75
C GLU C 513 -5.95 -32.60 -20.47
N LEU C 514 -5.40 -31.62 -19.75
CA LEU C 514 -5.23 -30.29 -20.30
C LEU C 514 -4.11 -30.25 -21.33
N LEU C 515 -4.03 -29.13 -22.05
CA LEU C 515 -3.09 -28.98 -23.16
C LEU C 515 -1.70 -28.71 -22.60
N HIS C 516 -0.87 -29.76 -22.55
CA HIS C 516 0.54 -29.63 -22.22
C HIS C 516 1.41 -30.42 -23.19
N ALA C 517 0.80 -31.01 -24.21
CA ALA C 517 1.43 -31.92 -25.16
C ALA C 517 0.79 -31.66 -26.52
N PRO C 518 1.22 -32.32 -27.60
CA PRO C 518 0.37 -32.36 -28.80
C PRO C 518 -1.00 -32.96 -28.48
N ALA C 519 -2.04 -32.32 -29.03
CA ALA C 519 -3.42 -32.64 -28.68
C ALA C 519 -3.98 -33.64 -29.68
N THR C 520 -4.47 -34.77 -29.16
CA THR C 520 -5.13 -35.75 -30.01
C THR C 520 -6.62 -35.47 -30.15
N VAL C 521 -7.26 -35.04 -29.07
CA VAL C 521 -8.70 -34.74 -29.06
C VAL C 521 -8.89 -33.24 -29.23
N CYS C 522 -9.71 -32.86 -30.20
CA CYS C 522 -9.97 -31.45 -30.46
C CYS C 522 -11.43 -31.27 -30.85
N GLY C 523 -11.92 -30.06 -30.68
CA GLY C 523 -13.30 -29.75 -30.95
C GLY C 523 -13.58 -29.62 -32.44
N PRO C 524 -14.88 -29.48 -32.77
CA PRO C 524 -15.28 -29.35 -34.18
C PRO C 524 -15.02 -27.96 -34.75
N LYS C 525 -13.75 -27.67 -35.03
CA LYS C 525 -13.34 -26.39 -35.56
C LYS C 525 -12.51 -26.59 -36.82
N LYS C 526 -12.58 -25.62 -37.72
CA LYS C 526 -11.91 -25.70 -39.01
C LYS C 526 -10.68 -24.79 -39.01
N SER C 527 -9.54 -25.35 -39.39
CA SER C 527 -8.30 -24.59 -39.43
C SER C 527 -8.26 -23.69 -40.67
N THR C 528 -7.42 -22.67 -40.60
CA THR C 528 -7.24 -21.70 -41.67
C THR C 528 -5.79 -21.68 -42.13
N ASN C 529 -5.49 -20.76 -43.03
CA ASN C 529 -4.14 -20.63 -43.55
C ASN C 529 -3.23 -19.91 -42.56
N LEU C 530 -1.93 -19.98 -42.81
CA LEU C 530 -0.92 -19.40 -41.93
C LEU C 530 -0.46 -18.06 -42.50
N VAL C 531 -0.44 -17.04 -41.65
CA VAL C 531 0.03 -15.70 -42.00
C VAL C 531 1.19 -15.35 -41.09
N LYS C 532 2.32 -14.99 -41.69
CA LYS C 532 3.53 -14.66 -40.94
C LYS C 532 3.90 -13.20 -41.14
N ASN C 533 4.74 -12.70 -40.21
CA ASN C 533 5.34 -11.37 -40.25
C ASN C 533 4.30 -10.25 -40.26
N LYS C 534 3.17 -10.46 -39.59
CA LYS C 534 2.12 -9.47 -39.55
C LYS C 534 1.32 -9.66 -38.26
N CYS C 535 0.84 -8.55 -37.70
CA CYS C 535 0.11 -8.56 -36.44
C CYS C 535 -1.27 -9.17 -36.69
N VAL C 536 -1.45 -10.42 -36.26
CA VAL C 536 -2.67 -11.18 -36.49
C VAL C 536 -3.15 -11.75 -35.16
N ASN C 537 -4.42 -12.13 -35.15
CA ASN C 537 -5.00 -12.87 -34.03
C ASN C 537 -4.85 -14.36 -34.31
N PHE C 538 -4.23 -15.09 -33.39
CA PHE C 538 -3.91 -16.48 -33.61
C PHE C 538 -4.61 -17.38 -32.59
N ASN C 539 -4.86 -18.62 -33.02
CA ASN C 539 -5.51 -19.64 -32.21
C ASN C 539 -4.79 -20.96 -32.52
N PHE C 540 -3.89 -21.36 -31.64
CA PHE C 540 -3.11 -22.59 -31.79
C PHE C 540 -3.57 -23.60 -30.74
N ASN C 541 -4.37 -24.57 -31.19
CA ASN C 541 -4.87 -25.69 -30.37
C ASN C 541 -5.66 -25.21 -29.15
N GLY C 542 -6.42 -24.13 -29.32
CA GLY C 542 -7.15 -23.54 -28.22
C GLY C 542 -6.40 -22.46 -27.47
N LEU C 543 -5.13 -22.23 -27.79
CA LEU C 543 -4.36 -21.13 -27.21
C LEU C 543 -4.60 -19.89 -28.05
N LYS C 544 -5.34 -18.94 -27.50
CA LYS C 544 -5.67 -17.70 -28.21
C LYS C 544 -4.64 -16.63 -27.90
N GLY C 545 -4.47 -15.71 -28.85
CA GLY C 545 -3.58 -14.59 -28.60
C GLY C 545 -3.58 -13.64 -29.77
N THR C 546 -2.78 -12.58 -29.62
CA THR C 546 -2.64 -11.54 -30.64
C THR C 546 -1.17 -11.17 -30.75
N GLY C 547 -0.61 -11.27 -31.94
CA GLY C 547 0.80 -10.95 -32.09
C GLY C 547 1.27 -11.20 -33.50
N VAL C 548 2.59 -11.11 -33.67
CA VAL C 548 3.26 -11.34 -34.93
C VAL C 548 3.94 -12.71 -34.83
N LEU C 549 3.60 -13.60 -35.76
CA LEU C 549 4.20 -14.91 -35.83
C LEU C 549 5.33 -14.90 -36.85
N THR C 550 6.52 -15.29 -36.43
CA THR C 550 7.69 -15.26 -37.29
C THR C 550 8.37 -16.62 -37.27
N GLU C 551 9.16 -16.89 -38.30
CA GLU C 551 9.98 -18.10 -38.32
C GLU C 551 11.11 -17.97 -37.31
N SER C 552 11.40 -19.05 -36.60
CA SER C 552 12.30 -19.02 -35.46
C SER C 552 13.41 -20.05 -35.63
N ASN C 553 14.49 -19.83 -34.87
CA ASN C 553 15.61 -20.75 -34.82
C ASN C 553 15.75 -21.42 -33.45
N LYS C 554 14.67 -21.52 -32.70
CA LYS C 554 14.70 -22.21 -31.42
C LYS C 554 14.77 -23.72 -31.64
N LYS C 555 15.78 -24.36 -31.06
CA LYS C 555 15.97 -25.80 -31.22
C LYS C 555 15.02 -26.53 -30.29
N PHE C 556 13.79 -26.74 -30.76
CA PHE C 556 12.82 -27.49 -29.98
C PHE C 556 13.15 -28.97 -30.01
N LEU C 557 13.16 -29.59 -28.84
CA LEU C 557 13.28 -31.04 -28.77
C LEU C 557 11.96 -31.68 -29.21
N PRO C 558 12.00 -32.91 -29.75
CA PRO C 558 10.78 -33.50 -30.34
C PRO C 558 9.63 -33.74 -29.36
N PHE C 559 9.89 -33.82 -28.06
CA PHE C 559 8.80 -33.91 -27.10
C PHE C 559 8.27 -32.56 -26.66
N GLN C 560 8.92 -31.46 -27.07
CA GLN C 560 8.54 -30.13 -26.65
C GLN C 560 7.53 -29.54 -27.63
N GLN C 561 6.52 -28.86 -27.08
CA GLN C 561 5.48 -28.22 -27.87
C GLN C 561 5.51 -26.71 -27.76
N PHE C 562 5.64 -26.17 -26.55
CA PHE C 562 5.58 -24.74 -26.31
C PHE C 562 6.90 -24.22 -25.79
N GLY C 563 7.11 -22.92 -25.96
CA GLY C 563 8.19 -22.21 -25.31
C GLY C 563 7.61 -21.16 -24.38
N ARG C 564 8.31 -20.89 -23.28
CA ARG C 564 7.81 -19.99 -22.27
C ARG C 564 8.86 -18.93 -21.92
N ASP C 565 8.36 -17.77 -21.50
CA ASP C 565 9.19 -16.62 -21.19
C ASP C 565 9.53 -16.63 -19.70
N ILE C 566 10.09 -15.51 -19.22
CA ILE C 566 10.39 -15.37 -17.80
C ILE C 566 9.11 -15.27 -16.99
N ALA C 567 8.11 -14.55 -17.52
CA ALA C 567 6.82 -14.37 -16.86
C ALA C 567 5.83 -15.49 -17.17
N ASP C 568 6.33 -16.64 -17.64
CA ASP C 568 5.55 -17.83 -17.99
C ASP C 568 4.49 -17.56 -19.06
N THR C 569 4.71 -16.58 -19.92
CA THR C 569 3.90 -16.39 -21.10
C THR C 569 4.51 -17.15 -22.26
N THR C 570 3.67 -17.51 -23.23
CA THR C 570 4.13 -18.30 -24.35
C THR C 570 4.95 -17.44 -25.31
N ASP C 571 6.18 -17.87 -25.57
CA ASP C 571 7.09 -17.15 -26.45
C ASP C 571 7.27 -17.80 -27.80
N ALA C 572 7.02 -19.10 -27.92
CA ALA C 572 7.12 -19.80 -29.19
C ALA C 572 6.12 -20.95 -29.17
N VAL C 573 5.64 -21.32 -30.36
CA VAL C 573 4.66 -22.39 -30.51
C VAL C 573 5.10 -23.32 -31.62
N ARG C 574 4.51 -24.52 -31.62
CA ARG C 574 4.66 -25.48 -32.70
C ARG C 574 3.34 -25.56 -33.46
N ASP C 575 3.38 -25.32 -34.77
CA ASP C 575 2.18 -25.44 -35.59
C ASP C 575 1.77 -26.91 -35.67
N PRO C 576 0.49 -27.24 -35.48
CA PRO C 576 0.12 -28.66 -35.40
C PRO C 576 0.12 -29.36 -36.75
N GLN C 577 -0.31 -28.70 -37.82
CA GLN C 577 -0.37 -29.35 -39.13
C GLN C 577 1.03 -29.54 -39.73
N THR C 578 1.85 -28.50 -39.67
CA THR C 578 3.22 -28.56 -40.16
C THR C 578 4.15 -28.33 -38.98
N LEU C 579 5.01 -29.30 -38.70
CA LEU C 579 5.84 -29.28 -37.49
C LEU C 579 6.97 -28.28 -37.65
N GLU C 580 6.63 -27.00 -37.43
CA GLU C 580 7.60 -25.92 -37.47
C GLU C 580 7.36 -25.01 -36.27
N ILE C 581 8.39 -24.25 -35.93
CA ILE C 581 8.40 -23.44 -34.71
C ILE C 581 8.21 -21.98 -35.08
N LEU C 582 7.26 -21.33 -34.41
CA LEU C 582 6.90 -19.94 -34.69
C LEU C 582 7.13 -19.11 -33.44
N ASP C 583 7.91 -18.04 -33.57
CA ASP C 583 8.07 -17.05 -32.51
C ASP C 583 6.87 -16.11 -32.49
N ILE C 584 6.45 -15.75 -31.29
CA ILE C 584 5.34 -14.83 -31.07
C ILE C 584 5.90 -13.56 -30.48
N THR C 585 5.66 -12.43 -31.15
CA THR C 585 6.11 -11.13 -30.66
C THR C 585 4.89 -10.21 -30.61
N PRO C 586 4.62 -9.54 -29.49
CA PRO C 586 3.45 -8.67 -29.41
C PRO C 586 3.56 -7.46 -30.33
N CYS C 587 2.39 -6.98 -30.78
CA CYS C 587 2.32 -5.94 -31.79
C CYS C 587 2.80 -4.60 -31.23
N SER C 588 3.07 -3.67 -32.15
CA SER C 588 3.76 -2.44 -31.80
C SER C 588 2.90 -1.54 -30.93
N PHE C 589 3.46 -1.10 -29.81
CA PHE C 589 2.74 -0.26 -28.86
C PHE C 589 3.72 0.69 -28.22
N GLY C 590 3.20 1.83 -27.76
CA GLY C 590 4.04 2.83 -27.13
C GLY C 590 3.19 3.93 -26.55
N GLY C 591 3.86 4.88 -25.90
CA GLY C 591 3.20 6.03 -25.34
C GLY C 591 3.13 7.19 -26.31
N VAL C 592 2.12 8.04 -26.14
CA VAL C 592 1.91 9.20 -26.99
C VAL C 592 1.89 10.42 -26.09
N SER C 593 2.79 11.38 -26.36
CA SER C 593 2.86 12.62 -25.61
C SER C 593 2.47 13.78 -26.52
N VAL C 594 1.81 14.77 -25.96
CA VAL C 594 1.36 15.95 -26.69
C VAL C 594 2.17 17.14 -26.19
N ILE C 595 2.84 17.82 -27.10
CA ILE C 595 3.66 18.99 -26.81
C ILE C 595 2.92 20.20 -27.34
N THR C 596 2.49 21.07 -26.43
CA THR C 596 1.69 22.22 -26.81
C THR C 596 2.19 23.45 -26.07
N PRO C 597 2.00 24.64 -26.64
CA PRO C 597 2.03 25.86 -25.82
C PRO C 597 0.69 26.04 -25.12
N GLY C 598 0.50 27.17 -24.44
CA GLY C 598 -0.76 27.41 -23.77
C GLY C 598 -1.90 27.61 -24.75
N THR C 599 -3.09 27.18 -24.34
CA THR C 599 -4.29 27.42 -25.13
C THR C 599 -4.67 28.89 -25.16
N ASN C 600 -4.18 29.68 -24.21
CA ASN C 600 -4.27 31.12 -24.26
C ASN C 600 -3.49 31.71 -25.43
N THR C 601 -2.45 31.03 -25.90
CA THR C 601 -1.60 31.53 -26.98
C THR C 601 -1.92 30.90 -28.32
N SER C 602 -1.97 29.58 -28.41
CA SER C 602 -2.14 28.92 -29.70
C SER C 602 -2.79 27.56 -29.49
N ASN C 603 -3.23 26.97 -30.60
CA ASN C 603 -3.81 25.63 -30.62
C ASN C 603 -2.94 24.63 -31.37
N GLN C 604 -1.73 25.01 -31.75
CA GLN C 604 -0.84 24.12 -32.48
C GLN C 604 -0.22 23.10 -31.53
N VAL C 605 -0.07 21.87 -32.02
CA VAL C 605 0.31 20.71 -31.21
C VAL C 605 1.33 19.89 -31.98
N ALA C 606 2.40 19.47 -31.30
CA ALA C 606 3.29 18.43 -31.80
C ALA C 606 3.02 17.14 -31.03
N VAL C 607 3.28 16.01 -31.69
CA VAL C 607 2.97 14.70 -31.11
C VAL C 607 4.26 13.88 -31.10
N LEU C 608 4.60 13.33 -29.94
CA LEU C 608 5.78 12.49 -29.77
C LEU C 608 5.33 11.06 -29.48
N TYR C 609 5.77 10.12 -30.33
CA TYR C 609 5.55 8.70 -30.12
C TYR C 609 6.80 8.14 -29.45
N GLN C 610 6.68 7.77 -28.18
CA GLN C 610 7.85 7.47 -27.37
C GLN C 610 8.37 6.06 -27.64
N GLY C 611 9.68 5.96 -27.90
CA GLY C 611 10.33 4.68 -28.08
C GLY C 611 9.88 3.91 -29.29
N VAL C 612 9.54 4.60 -30.37
CA VAL C 612 9.04 3.98 -31.59
C VAL C 612 9.72 4.64 -32.77
N ASN C 613 10.28 3.82 -33.66
CA ASN C 613 10.95 4.32 -34.86
C ASN C 613 9.95 5.03 -35.78
N CYS C 614 10.44 6.00 -36.52
CA CYS C 614 9.59 6.82 -37.39
C CYS C 614 9.09 6.05 -38.61
N THR C 615 9.66 4.89 -38.90
CA THR C 615 9.19 4.06 -40.00
C THR C 615 8.00 3.19 -39.63
N GLU C 616 7.57 3.20 -38.37
CA GLU C 616 6.43 2.40 -37.93
C GLU C 616 5.13 3.19 -37.82
N VAL C 617 5.20 4.52 -37.84
CA VAL C 617 4.01 5.36 -37.73
C VAL C 617 3.22 5.45 -39.05
N PRO C 618 3.79 5.74 -40.23
CA PRO C 618 2.95 5.78 -41.43
C PRO C 618 2.51 4.42 -41.94
N VAL C 619 3.11 3.32 -41.48
CA VAL C 619 2.64 1.99 -41.84
C VAL C 619 1.26 1.74 -41.25
N ALA C 620 1.05 2.11 -40.00
CA ALA C 620 -0.28 2.08 -39.42
C ALA C 620 -1.17 3.11 -40.09
N ILE C 621 -2.41 2.70 -40.40
CA ILE C 621 -3.34 3.53 -41.15
C ILE C 621 -4.69 3.44 -40.43
N HIS C 622 -5.55 4.43 -40.67
CA HIS C 622 -6.86 4.45 -40.00
C HIS C 622 -7.87 3.57 -40.71
N ALA C 623 -7.58 3.12 -41.93
CA ALA C 623 -8.39 2.08 -42.56
C ALA C 623 -8.29 0.78 -41.77
N ASP C 624 -7.09 0.43 -41.34
CA ASP C 624 -6.89 -0.59 -40.32
C ASP C 624 -7.25 -0.01 -38.96
N GLN C 625 -7.55 -0.87 -38.01
CA GLN C 625 -7.84 -0.40 -36.66
C GLN C 625 -6.55 0.04 -35.97
N LEU C 626 -6.61 1.19 -35.30
CA LEU C 626 -5.50 1.69 -34.50
C LEU C 626 -6.10 2.31 -33.24
N THR C 627 -5.31 2.34 -32.15
CA THR C 627 -5.80 2.89 -30.89
C THR C 627 -6.09 4.39 -30.94
N PRO C 628 -5.23 5.28 -31.47
CA PRO C 628 -5.70 6.67 -31.59
C PRO C 628 -6.49 6.85 -32.89
N THR C 629 -7.67 7.47 -32.77
CA THR C 629 -8.53 7.66 -33.93
C THR C 629 -7.97 8.70 -34.89
N TRP C 630 -7.35 9.75 -34.36
CA TRP C 630 -6.94 10.89 -35.17
C TRP C 630 -5.76 10.56 -36.06
N ARG C 631 -5.82 11.03 -37.30
CA ARG C 631 -4.74 10.90 -38.28
C ARG C 631 -4.31 12.28 -38.76
N VAL C 632 -4.39 13.28 -37.89
CA VAL C 632 -3.92 14.62 -38.24
C VAL C 632 -2.41 14.63 -38.35
N TYR C 633 -1.72 13.97 -37.42
CA TYR C 633 -0.27 14.04 -37.34
C TYR C 633 0.41 12.75 -37.75
N SER C 634 -0.25 11.90 -38.53
CA SER C 634 0.43 10.72 -39.06
C SER C 634 1.15 11.01 -40.36
N THR C 635 0.98 12.21 -40.92
CA THR C 635 1.58 12.54 -42.21
C THR C 635 3.10 12.69 -42.09
N GLY C 636 3.77 12.53 -43.23
CA GLY C 636 5.21 12.60 -43.31
C GLY C 636 5.77 13.94 -43.73
N SER C 637 4.99 15.02 -43.60
CA SER C 637 5.47 16.34 -44.01
C SER C 637 6.56 16.84 -43.08
N ASN C 638 6.36 16.74 -41.77
CA ASN C 638 7.32 17.24 -40.77
C ASN C 638 7.54 16.14 -39.73
N VAL C 639 8.48 15.25 -40.01
CA VAL C 639 8.77 14.09 -39.17
C VAL C 639 10.24 14.13 -38.78
N PHE C 640 10.51 14.03 -37.48
CA PHE C 640 11.88 14.03 -36.96
C PHE C 640 12.05 12.84 -36.04
N GLN C 641 13.27 12.29 -36.02
CA GLN C 641 13.59 11.12 -35.21
C GLN C 641 14.56 11.51 -34.11
N THR C 642 14.18 11.26 -32.86
CA THR C 642 15.03 11.48 -31.70
C THR C 642 15.35 10.14 -31.06
N ARG C 643 16.14 10.18 -29.98
CA ARG C 643 16.34 8.98 -29.18
C ARG C 643 15.11 8.64 -28.36
N ALA C 644 14.30 9.65 -28.04
CA ALA C 644 13.07 9.40 -27.28
C ALA C 644 11.98 8.78 -28.14
N GLY C 645 11.90 9.14 -29.41
CA GLY C 645 10.89 8.59 -30.28
C GLY C 645 10.73 9.43 -31.54
N CYS C 646 9.54 9.32 -32.13
CA CYS C 646 9.22 9.99 -33.38
C CYS C 646 8.42 11.26 -33.07
N LEU C 647 8.97 12.41 -33.44
CA LEU C 647 8.34 13.71 -33.17
C LEU C 647 7.77 14.25 -34.47
N ILE C 648 6.45 14.42 -34.51
CA ILE C 648 5.75 14.87 -35.71
C ILE C 648 5.02 16.17 -35.40
N GLY C 649 5.16 17.13 -36.30
CA GLY C 649 4.56 18.44 -36.12
C GLY C 649 5.53 19.54 -35.72
N ALA C 650 6.76 19.18 -35.37
CA ALA C 650 7.77 20.15 -34.97
C ALA C 650 8.90 20.17 -36.00
N GLU C 651 9.26 21.37 -36.45
CA GLU C 651 10.30 21.55 -37.44
C GLU C 651 11.66 21.68 -36.75
N TYR C 652 12.62 20.88 -37.18
CA TYR C 652 13.95 20.93 -36.57
C TYR C 652 14.69 22.19 -36.99
N VAL C 653 15.39 22.80 -36.03
CA VAL C 653 16.03 24.10 -36.21
C VAL C 653 17.47 23.99 -35.75
N ASN C 654 18.40 24.50 -36.57
CA ASN C 654 19.82 24.44 -36.25
C ASN C 654 20.19 25.28 -35.04
N ASN C 655 19.48 26.39 -34.83
CA ASN C 655 19.80 27.31 -33.75
C ASN C 655 19.51 26.68 -32.39
N SER C 656 20.41 26.93 -31.44
CA SER C 656 20.33 26.36 -30.10
C SER C 656 19.93 27.45 -29.11
N TYR C 657 18.70 27.38 -28.62
CA TYR C 657 18.22 28.26 -27.57
C TYR C 657 18.20 27.50 -26.24
N GLU C 658 17.66 28.13 -25.21
CA GLU C 658 17.45 27.45 -23.94
C GLU C 658 16.31 26.45 -24.06
N CYS C 659 16.27 25.51 -23.11
CA CYS C 659 15.27 24.45 -23.13
C CYS C 659 13.94 25.02 -22.63
N ASP C 660 12.95 25.07 -23.52
CA ASP C 660 11.63 25.57 -23.16
C ASP C 660 10.68 24.45 -22.75
N ILE C 661 10.43 23.51 -23.65
CA ILE C 661 9.62 22.33 -23.35
C ILE C 661 10.52 21.11 -23.52
N PRO C 662 10.95 20.47 -22.43
CA PRO C 662 11.95 19.40 -22.55
C PRO C 662 11.36 18.11 -23.10
N ILE C 663 12.03 17.56 -24.11
CA ILE C 663 11.65 16.29 -24.72
C ILE C 663 12.57 15.17 -24.26
N GLY C 664 13.86 15.29 -24.50
CA GLY C 664 14.80 14.29 -24.04
C GLY C 664 16.00 14.19 -24.95
N ALA C 665 17.07 13.59 -24.40
CA ALA C 665 18.35 13.35 -25.07
C ALA C 665 18.96 14.63 -25.62
N GLY C 666 18.81 15.73 -24.87
CA GLY C 666 19.29 17.02 -25.31
C GLY C 666 18.38 17.78 -26.23
N ILE C 667 17.24 17.20 -26.60
CA ILE C 667 16.30 17.82 -27.53
C ILE C 667 15.18 18.46 -26.75
N CYS C 668 14.89 19.73 -27.04
CA CYS C 668 13.79 20.47 -26.46
C CYS C 668 12.95 21.06 -27.59
N ALA C 669 11.81 21.65 -27.22
CA ALA C 669 10.89 22.24 -28.19
C ALA C 669 10.38 23.57 -27.66
N SER C 670 9.93 24.42 -28.59
CA SER C 670 9.43 25.74 -28.23
C SER C 670 8.47 26.22 -29.30
N TYR C 671 7.84 27.36 -29.03
CA TYR C 671 6.90 28.02 -29.94
C TYR C 671 7.50 29.37 -30.31
N GLN C 672 7.88 29.54 -31.58
CA GLN C 672 8.63 30.72 -31.98
C GLN C 672 8.09 31.27 -33.29
N THR C 673 8.43 32.52 -33.56
CA THR C 673 8.02 33.23 -34.77
C THR C 673 9.06 33.13 -35.88
N GLN C 674 9.84 32.05 -35.91
CA GLN C 674 10.97 31.96 -36.84
C GLN C 674 10.51 31.74 -38.27
N THR C 675 9.55 30.84 -38.48
CA THR C 675 9.15 30.47 -39.84
C THR C 675 7.74 30.97 -40.14
N SER C 686 3.76 33.67 -38.76
CA SER C 686 5.09 33.09 -38.80
C SER C 686 5.35 32.24 -37.57
N GLN C 687 4.31 32.01 -36.79
CA GLN C 687 4.43 31.22 -35.57
C GLN C 687 4.42 29.73 -35.89
N SER C 688 5.29 28.99 -35.21
CA SER C 688 5.38 27.54 -35.42
C SER C 688 6.03 26.90 -34.20
N ILE C 689 5.80 25.60 -34.07
CA ILE C 689 6.43 24.79 -33.03
C ILE C 689 7.73 24.23 -33.61
N ILE C 690 8.85 24.51 -32.96
CA ILE C 690 10.15 24.07 -33.43
C ILE C 690 10.79 23.18 -32.37
N ALA C 691 11.71 22.34 -32.83
CA ALA C 691 12.49 21.46 -31.97
C ALA C 691 13.96 21.67 -32.25
N TYR C 692 14.77 21.60 -31.20
CA TYR C 692 16.19 21.94 -31.31
C TYR C 692 16.98 21.21 -30.25
N THR C 693 18.29 21.36 -30.32
CA THR C 693 19.19 20.93 -29.25
C THR C 693 19.43 22.11 -28.33
N MET C 694 19.33 21.87 -27.02
CA MET C 694 19.43 22.96 -26.06
C MET C 694 20.87 23.47 -25.97
N SER C 695 21.00 24.71 -25.52
CA SER C 695 22.29 25.38 -25.38
C SER C 695 22.68 25.42 -23.91
N LEU C 696 23.91 24.99 -23.62
CA LEU C 696 24.39 24.97 -22.25
C LEU C 696 24.72 26.38 -21.75
N GLY C 697 25.24 27.22 -22.62
CA GLY C 697 25.55 28.59 -22.25
C GLY C 697 26.52 29.20 -23.23
N ALA C 698 26.81 30.47 -22.99
CA ALA C 698 27.77 31.19 -23.81
C ALA C 698 29.19 30.72 -23.49
N GLU C 699 29.96 30.43 -24.54
CA GLU C 699 31.31 29.90 -24.34
C GLU C 699 32.27 31.02 -24.02
N ASN C 700 33.12 30.79 -23.02
CA ASN C 700 34.07 31.77 -22.53
C ASN C 700 35.46 31.16 -22.49
N SER C 701 36.47 32.01 -22.64
CA SER C 701 37.87 31.59 -22.58
C SER C 701 38.60 32.53 -21.64
N VAL C 702 39.02 32.01 -20.49
CA VAL C 702 39.73 32.80 -19.49
C VAL C 702 41.18 32.96 -19.93
N ALA C 703 41.65 34.21 -19.95
CA ALA C 703 43.01 34.51 -20.43
C ALA C 703 44.00 34.23 -19.30
N TYR C 704 44.30 32.96 -19.10
CA TYR C 704 45.30 32.56 -18.12
C TYR C 704 46.69 32.87 -18.63
N SER C 705 47.57 33.31 -17.72
CA SER C 705 48.95 33.61 -18.08
C SER C 705 49.82 33.43 -16.83
N ASN C 706 51.13 33.38 -17.07
CA ASN C 706 52.08 33.20 -15.97
C ASN C 706 52.11 34.40 -15.04
N ASN C 707 52.06 35.61 -15.59
CA ASN C 707 52.05 36.84 -14.80
C ASN C 707 50.93 37.75 -15.31
N SER C 708 49.71 37.49 -14.85
CA SER C 708 48.55 38.30 -15.22
C SER C 708 47.46 38.04 -14.20
N ILE C 709 46.95 39.10 -13.58
CA ILE C 709 45.84 38.99 -12.65
C ILE C 709 44.81 40.04 -13.00
N ALA C 710 43.56 39.76 -12.69
CA ALA C 710 42.47 40.71 -12.86
C ALA C 710 41.88 41.03 -11.50
N ILE C 711 41.82 42.32 -11.18
CA ILE C 711 41.35 42.80 -9.89
C ILE C 711 40.20 43.77 -10.15
N PRO C 712 39.04 43.59 -9.51
CA PRO C 712 37.92 44.50 -9.75
C PRO C 712 38.17 45.89 -9.19
N THR C 713 37.75 46.91 -9.94
CA THR C 713 37.87 48.30 -9.52
C THR C 713 36.54 48.88 -9.07
N ASN C 714 35.49 48.07 -9.02
CA ASN C 714 34.16 48.54 -8.63
C ASN C 714 33.37 47.34 -8.14
N PHE C 715 32.14 47.60 -7.69
CA PHE C 715 31.30 46.53 -7.17
C PHE C 715 29.84 46.85 -7.48
N THR C 716 28.97 45.94 -7.03
CA THR C 716 27.54 46.14 -7.04
C THR C 716 26.94 45.33 -5.90
N ILE C 717 25.78 45.79 -5.43
CA ILE C 717 25.08 45.18 -4.32
C ILE C 717 23.82 44.52 -4.89
N SER C 718 23.78 43.19 -4.84
CA SER C 718 22.66 42.45 -5.39
C SER C 718 21.78 41.95 -4.26
N VAL C 719 20.46 41.92 -4.50
CA VAL C 719 19.53 41.30 -3.56
C VAL C 719 18.73 40.27 -4.33
N THR C 720 18.82 39.01 -3.92
CA THR C 720 18.15 37.91 -4.57
C THR C 720 17.06 37.34 -3.67
N THR C 721 16.21 36.50 -4.25
CA THR C 721 15.06 35.94 -3.56
C THR C 721 15.16 34.42 -3.54
N GLU C 722 15.04 33.83 -2.36
CA GLU C 722 15.05 32.39 -2.21
C GLU C 722 13.78 31.95 -1.49
N ILE C 723 13.09 30.96 -2.05
CA ILE C 723 11.74 30.61 -1.64
C ILE C 723 11.76 29.19 -1.11
N LEU C 724 11.24 28.99 0.11
CA LEU C 724 11.32 27.69 0.77
C LEU C 724 9.98 27.33 1.40
N PRO C 725 9.36 26.21 1.02
CA PRO C 725 8.19 25.74 1.76
C PRO C 725 8.56 25.25 3.15
N VAL C 726 7.65 25.48 4.10
CA VAL C 726 7.92 25.17 5.50
C VAL C 726 6.89 24.17 6.02
N SER C 727 5.66 24.26 5.52
CA SER C 727 4.58 23.43 6.04
C SER C 727 3.54 23.23 4.95
N MET C 728 2.65 22.27 5.17
CA MET C 728 1.60 21.99 4.20
C MET C 728 0.24 21.89 4.87
N THR C 729 -0.79 21.54 4.10
CA THR C 729 -2.16 21.47 4.60
C THR C 729 -2.32 20.33 5.60
N LYS C 730 -2.89 20.64 6.77
CA LYS C 730 -3.14 19.65 7.81
C LYS C 730 -4.54 19.07 7.59
N THR C 731 -4.60 17.79 7.24
CA THR C 731 -5.86 17.11 6.99
C THR C 731 -6.16 16.12 8.10
N SER C 732 -7.42 15.69 8.15
CA SER C 732 -7.88 14.69 9.10
C SER C 732 -9.00 13.90 8.44
N VAL C 733 -9.01 12.59 8.68
CA VAL C 733 -9.92 11.67 8.03
C VAL C 733 -10.68 10.90 9.10
N ASP C 734 -12.01 10.95 9.04
CA ASP C 734 -12.85 10.04 9.79
C ASP C 734 -13.06 8.77 8.96
N CYS C 735 -12.66 7.63 9.51
CA CYS C 735 -12.65 6.40 8.72
C CYS C 735 -14.06 5.87 8.49
N THR C 736 -14.90 5.85 9.53
CA THR C 736 -16.25 5.32 9.42
C THR C 736 -17.12 6.20 8.53
N MET C 737 -16.98 7.52 8.65
CA MET C 737 -17.79 8.44 7.86
C MET C 737 -17.36 8.44 6.40
N TYR C 738 -16.11 8.07 6.11
CA TYR C 738 -15.64 8.03 4.73
C TYR C 738 -15.99 6.71 4.06
N ILE C 739 -15.77 5.59 4.76
CA ILE C 739 -15.92 4.28 4.12
C ILE C 739 -17.39 3.94 3.92
N CYS C 740 -18.15 3.87 5.01
CA CYS C 740 -19.56 3.52 4.85
C CYS C 740 -20.44 4.77 4.79
N GLY C 741 -20.54 5.50 5.89
CA GLY C 741 -21.23 6.77 5.90
C GLY C 741 -22.71 6.60 6.17
N ASP C 742 -23.14 6.97 7.40
CA ASP C 742 -24.54 6.94 7.84
C ASP C 742 -25.19 5.57 7.62
N SER C 743 -24.45 4.51 7.91
CA SER C 743 -24.93 3.14 7.72
C SER C 743 -24.43 2.29 8.87
N THR C 744 -25.34 1.83 9.71
CA THR C 744 -24.96 1.10 10.92
C THR C 744 -24.50 -0.32 10.60
N GLU C 745 -25.16 -0.99 9.67
CA GLU C 745 -24.80 -2.38 9.35
C GLU C 745 -23.49 -2.45 8.56
N CYS C 746 -23.19 -1.42 7.76
CA CYS C 746 -21.88 -1.35 7.14
C CYS C 746 -20.79 -1.08 8.17
N SER C 747 -21.12 -0.33 9.23
CA SER C 747 -20.17 -0.13 10.32
C SER C 747 -19.94 -1.44 11.09
N ASN C 748 -21.00 -2.25 11.23
CA ASN C 748 -20.85 -3.57 11.83
C ASN C 748 -19.99 -4.48 10.98
N LEU C 749 -20.09 -4.37 9.65
CA LEU C 749 -19.17 -5.09 8.77
C LEU C 749 -17.76 -4.54 8.85
N LEU C 750 -17.63 -3.23 9.06
CA LEU C 750 -16.31 -2.59 9.11
C LEU C 750 -15.58 -2.91 10.41
N LEU C 751 -16.32 -3.22 11.47
CA LEU C 751 -15.71 -3.57 12.75
C LEU C 751 -14.90 -4.86 12.69
N GLN C 752 -15.15 -5.73 11.70
CA GLN C 752 -14.35 -6.94 11.53
C GLN C 752 -12.93 -6.64 11.07
N TYR C 753 -12.68 -5.47 10.48
CA TYR C 753 -11.33 -5.13 10.03
C TYR C 753 -10.48 -4.62 11.18
N GLY C 754 -10.97 -3.61 11.90
CA GLY C 754 -10.36 -3.26 13.17
C GLY C 754 -9.40 -2.09 13.20
N SER C 755 -8.11 -2.39 13.35
CA SER C 755 -7.11 -1.40 13.70
C SER C 755 -6.47 -0.72 12.49
N PHE C 756 -7.09 -0.78 11.32
CA PHE C 756 -6.57 -0.02 10.19
C PHE C 756 -6.88 1.46 10.34
N CYS C 757 -8.12 1.78 10.75
CA CYS C 757 -8.55 3.17 10.85
C CYS C 757 -7.81 3.91 11.95
N THR C 758 -7.50 3.22 13.05
CA THR C 758 -6.77 3.84 14.16
C THR C 758 -5.35 4.20 13.74
N GLN C 759 -4.66 3.33 13.00
CA GLN C 759 -3.30 3.67 12.61
C GLN C 759 -3.26 4.69 11.48
N LEU C 760 -4.28 4.73 10.62
CA LEU C 760 -4.37 5.83 9.66
C LEU C 760 -4.60 7.17 10.36
N LYS C 761 -5.45 7.18 11.39
CA LYS C 761 -5.67 8.38 12.18
C LYS C 761 -4.41 8.81 12.91
N ARG C 762 -3.65 7.85 13.44
CA ARG C 762 -2.41 8.17 14.13
C ARG C 762 -1.36 8.73 13.18
N ALA C 763 -1.28 8.19 11.96
CA ALA C 763 -0.35 8.71 10.96
C ALA C 763 -0.69 10.15 10.57
N LEU C 764 -1.97 10.41 10.31
CA LEU C 764 -2.36 11.77 9.93
C LEU C 764 -2.25 12.75 11.09
N THR C 765 -2.47 12.28 12.33
CA THR C 765 -2.25 13.13 13.50
C THR C 765 -0.78 13.46 13.66
N GLY C 766 0.10 12.49 13.39
CA GLY C 766 1.53 12.77 13.44
C GLY C 766 1.98 13.78 12.40
N ILE C 767 1.43 13.69 11.19
CA ILE C 767 1.72 14.68 10.15
C ILE C 767 1.22 16.07 10.57
N ALA C 768 0.01 16.13 11.14
CA ALA C 768 -0.57 17.41 11.53
C ALA C 768 0.20 18.07 12.66
N VAL C 769 0.71 17.28 13.60
CA VAL C 769 1.57 17.84 14.65
C VAL C 769 2.91 18.27 14.07
N GLU C 770 3.43 17.51 13.09
CA GLU C 770 4.72 17.82 12.48
C GLU C 770 4.71 19.13 11.71
N GLN C 771 3.57 19.50 11.11
CA GLN C 771 3.51 20.78 10.41
C GLN C 771 3.66 21.96 11.37
N ASP C 772 2.99 21.90 12.53
CA ASP C 772 3.15 22.94 13.55
C ASP C 772 4.55 22.94 14.13
N LYS C 773 5.17 21.76 14.25
CA LYS C 773 6.55 21.69 14.70
C LYS C 773 7.50 22.35 13.72
N ASN C 774 7.26 22.17 12.41
CA ASN C 774 8.08 22.82 11.39
C ASN C 774 7.93 24.33 11.43
N THR C 775 6.69 24.81 11.55
CA THR C 775 6.46 26.26 11.62
C THR C 775 7.04 26.87 12.89
N GLN C 776 7.03 26.13 13.99
CA GLN C 776 7.68 26.60 15.21
C GLN C 776 9.19 26.60 15.07
N GLU C 777 9.75 25.62 14.36
CA GLU C 777 11.20 25.53 14.20
C GLU C 777 11.75 26.66 13.32
N VAL C 778 11.04 26.99 12.25
CA VAL C 778 11.58 27.98 11.30
C VAL C 778 11.48 29.40 11.86
N PHE C 779 10.28 29.81 12.27
CA PHE C 779 10.05 31.20 12.60
C PHE C 779 10.33 31.53 14.06
N ALA C 780 9.91 30.68 14.99
CA ALA C 780 10.03 30.98 16.42
C ALA C 780 11.43 30.64 16.90
N GLN C 781 12.40 31.46 16.48
CA GLN C 781 13.79 31.31 16.89
C GLN C 781 14.26 32.41 17.81
N VAL C 782 13.56 33.53 17.88
CA VAL C 782 13.96 34.66 18.70
C VAL C 782 13.16 34.63 20.01
N LYS C 783 13.86 34.89 21.11
CA LYS C 783 13.22 34.79 22.42
C LYS C 783 12.24 35.94 22.66
N GLN C 784 12.65 37.16 22.34
CA GLN C 784 11.87 38.35 22.66
C GLN C 784 11.45 39.07 21.39
N ILE C 785 10.23 39.59 21.39
CA ILE C 785 9.69 40.29 20.23
C ILE C 785 10.22 41.72 20.22
N TYR C 786 11.32 41.94 19.50
CA TYR C 786 11.87 43.27 19.35
C TYR C 786 10.98 44.09 18.42
N LYS C 787 11.00 45.41 18.59
CA LYS C 787 10.30 46.31 17.69
C LYS C 787 11.24 47.39 17.20
N THR C 788 10.96 47.91 16.02
CA THR C 788 11.80 48.92 15.41
C THR C 788 11.64 50.27 16.11
N PRO C 789 12.69 51.10 16.16
CA PRO C 789 12.54 52.44 16.68
C PRO C 789 11.69 53.29 15.76
N PRO C 790 11.02 54.33 16.29
CA PRO C 790 10.14 55.15 15.44
C PRO C 790 10.88 55.99 14.40
N ILE C 791 12.17 56.23 14.56
CA ILE C 791 12.97 56.97 13.59
C ILE C 791 13.63 55.96 12.66
N LYS C 792 13.44 56.14 11.35
CA LYS C 792 13.82 55.14 10.35
C LYS C 792 14.99 55.60 9.49
N TYR C 793 15.98 56.25 10.10
CA TYR C 793 17.20 56.63 9.39
C TYR C 793 18.28 55.63 9.76
N PHE C 794 18.36 54.54 9.00
CA PHE C 794 19.38 53.51 9.22
C PHE C 794 20.56 53.70 8.27
N GLY C 795 21.25 54.82 8.43
CA GLY C 795 22.44 55.09 7.63
C GLY C 795 22.17 55.39 6.18
N GLY C 796 20.98 55.87 5.84
CA GLY C 796 20.62 56.11 4.46
C GLY C 796 19.96 54.93 3.78
N PHE C 797 19.89 53.77 4.42
CA PHE C 797 19.23 52.62 3.87
C PHE C 797 17.73 52.72 4.08
N ASN C 798 16.95 52.35 3.07
CA ASN C 798 15.50 52.46 3.10
C ASN C 798 14.91 51.07 3.34
N PHE C 799 14.31 50.88 4.51
CA PHE C 799 13.71 49.61 4.90
C PHE C 799 12.19 49.70 4.99
N SER C 800 11.58 50.68 4.32
CA SER C 800 10.15 50.91 4.50
C SER C 800 9.31 49.85 3.80
N GLN C 801 9.88 49.14 2.84
CA GLN C 801 9.13 48.17 2.06
C GLN C 801 9.17 46.77 2.66
N ILE C 802 9.96 46.55 3.69
CA ILE C 802 9.97 45.26 4.39
C ILE C 802 9.58 45.40 5.86
N LEU C 803 9.67 46.60 6.43
CA LEU C 803 9.18 46.82 7.78
C LEU C 803 7.65 46.79 7.79
N PRO C 804 7.02 46.44 8.92
CA PRO C 804 5.56 46.33 8.95
C PRO C 804 4.84 47.64 8.72
N ASP C 805 3.67 47.54 8.10
CA ASP C 805 2.86 48.69 7.74
C ASP C 805 1.71 48.81 8.72
N PRO C 806 1.64 49.88 9.53
CA PRO C 806 0.51 50.03 10.45
C PRO C 806 -0.81 50.37 9.78
N SER C 807 -0.78 50.77 8.51
CA SER C 807 -2.02 51.10 7.78
C SER C 807 -2.87 49.87 7.53
N LYS C 808 -2.24 48.72 7.28
CA LYS C 808 -2.99 47.49 7.09
C LYS C 808 -3.59 47.02 8.41
N PRO C 809 -4.74 46.31 8.37
CA PRO C 809 -5.27 45.72 9.61
C PRO C 809 -4.39 44.59 10.15
N SER C 810 -3.88 43.73 9.28
CA SER C 810 -2.88 42.75 9.67
C SER C 810 -1.50 43.34 9.40
N LYS C 811 -0.65 43.36 10.43
CA LYS C 811 0.60 44.13 10.37
C LYS C 811 1.65 43.37 9.56
N ARG C 812 1.42 43.35 8.25
CA ARG C 812 2.34 42.78 7.28
C ARG C 812 2.92 43.91 6.43
N SER C 813 4.08 43.64 5.84
CA SER C 813 4.76 44.64 5.04
C SER C 813 4.16 44.68 3.64
N PHE C 814 4.76 45.52 2.79
CA PHE C 814 4.30 45.63 1.40
C PHE C 814 4.65 44.38 0.60
N ILE C 815 5.90 43.91 0.75
CA ILE C 815 6.37 42.75 0.00
C ILE C 815 5.64 41.49 0.47
N GLU C 816 5.35 41.40 1.78
CA GLU C 816 4.56 40.28 2.30
C GLU C 816 3.13 40.30 1.76
N ASP C 817 2.56 41.48 1.56
CA ASP C 817 1.26 41.59 0.93
C ASP C 817 1.29 41.11 -0.53
N LEU C 818 2.36 41.46 -1.26
CA LEU C 818 2.50 40.95 -2.63
C LEU C 818 2.68 39.44 -2.65
N LEU C 819 3.46 38.90 -1.70
CA LEU C 819 3.68 37.46 -1.62
C LEU C 819 2.40 36.71 -1.26
N PHE C 820 1.56 37.30 -0.40
CA PHE C 820 0.28 36.67 -0.10
C PHE C 820 -0.70 36.80 -1.25
N ASN C 821 -0.61 37.86 -2.04
CA ASN C 821 -1.52 38.04 -3.17
C ASN C 821 -1.16 37.15 -4.36
N LYS C 822 0.13 36.84 -4.56
CA LYS C 822 0.50 36.05 -5.73
C LYS C 822 0.13 34.58 -5.59
N VAL C 823 0.15 34.05 -4.37
CA VAL C 823 -0.28 32.66 -4.16
C VAL C 823 -1.80 32.65 -4.07
N THR C 824 -2.45 32.02 -5.04
CA THR C 824 -3.92 31.93 -5.07
C THR C 824 -4.37 30.73 -4.24
N LEU C 825 -4.17 30.86 -2.94
CA LEU C 825 -4.67 29.86 -2.01
C LEU C 825 -6.20 29.95 -1.93
N ALA C 826 -6.85 28.79 -1.98
CA ALA C 826 -8.30 28.73 -1.93
C ALA C 826 -8.77 28.87 -0.48
N ASP C 827 -10.05 28.58 -0.23
CA ASP C 827 -10.55 28.53 1.14
C ASP C 827 -9.87 27.42 1.92
N ALA C 828 -10.08 26.17 1.49
CA ALA C 828 -9.41 24.97 1.99
C ALA C 828 -9.57 24.81 3.51
N GLY C 829 -10.76 25.12 4.00
CA GLY C 829 -10.94 25.15 5.45
C GLY C 829 -10.26 26.36 6.07
N PHE C 830 -9.62 26.11 7.22
CA PHE C 830 -8.77 27.02 8.02
C PHE C 830 -9.56 28.11 8.72
N ILE C 831 -10.84 28.27 8.38
CA ILE C 831 -11.78 29.20 9.01
C ILE C 831 -13.19 28.76 8.60
N LYS C 832 -14.13 28.78 9.55
CA LYS C 832 -15.55 28.52 9.35
C LYS C 832 -15.84 27.19 8.66
N GLN C 833 -16.37 27.27 7.44
CA GLN C 833 -16.64 26.15 6.53
C GLN C 833 -17.61 25.12 7.10
N TYR C 834 -18.50 25.55 8.00
CA TYR C 834 -19.64 24.74 8.39
C TYR C 834 -20.77 25.69 8.77
N GLY C 835 -21.97 25.41 8.26
CA GLY C 835 -23.06 26.35 8.34
C GLY C 835 -23.21 27.08 7.02
N ASP C 836 -22.08 27.44 6.41
CA ASP C 836 -22.09 27.87 5.02
C ASP C 836 -22.49 26.72 4.10
N CYS C 837 -22.01 25.51 4.40
CA CYS C 837 -22.45 24.33 3.67
C CYS C 837 -23.91 24.02 3.96
N LEU C 838 -24.36 24.28 5.19
CA LEU C 838 -25.77 24.19 5.52
C LEU C 838 -26.56 25.38 4.97
N GLY C 839 -25.88 26.46 4.61
CA GLY C 839 -26.53 27.66 4.12
C GLY C 839 -26.99 27.53 2.68
N ASP C 840 -27.56 28.62 2.19
CA ASP C 840 -28.17 28.64 0.85
C ASP C 840 -27.19 29.10 -0.23
N ILE C 841 -26.01 28.48 -0.26
CA ILE C 841 -25.11 28.67 -1.38
C ILE C 841 -25.64 27.93 -2.61
N ALA C 842 -26.16 26.71 -2.40
CA ALA C 842 -26.70 25.81 -3.44
C ALA C 842 -25.68 25.53 -4.54
N ALA C 843 -24.47 25.17 -4.13
CA ALA C 843 -23.43 24.77 -5.05
C ALA C 843 -22.52 23.75 -4.36
N ARG C 844 -21.74 23.05 -5.18
CA ARG C 844 -20.92 21.95 -4.65
C ARG C 844 -19.73 22.47 -3.85
N ASP C 845 -19.08 23.52 -4.34
CA ASP C 845 -18.06 24.36 -3.68
C ASP C 845 -16.71 23.68 -3.48
N LEU C 846 -16.63 22.36 -3.75
CA LEU C 846 -15.42 21.52 -3.74
C LEU C 846 -14.82 21.33 -2.34
N ILE C 847 -15.36 22.01 -1.32
CA ILE C 847 -14.88 21.91 0.04
C ILE C 847 -15.95 21.31 0.96
N CYS C 848 -17.22 21.64 0.72
CA CYS C 848 -18.30 21.08 1.51
C CYS C 848 -18.50 19.59 1.25
N ALA C 849 -18.17 19.12 0.04
CA ALA C 849 -18.28 17.71 -0.26
C ALA C 849 -17.26 16.88 0.52
N GLN C 850 -16.07 17.43 0.77
CA GLN C 850 -15.09 16.73 1.59
C GLN C 850 -15.52 16.73 3.05
N LYS C 851 -16.14 17.83 3.51
CA LYS C 851 -16.63 17.89 4.88
C LYS C 851 -17.78 16.92 5.10
N PHE C 852 -18.61 16.72 4.06
CA PHE C 852 -19.68 15.73 4.13
C PHE C 852 -19.17 14.30 4.06
N LYS C 853 -17.91 14.10 3.64
CA LYS C 853 -17.36 12.78 3.44
C LYS C 853 -16.31 12.40 4.48
N GLY C 854 -16.28 13.11 5.60
CA GLY C 854 -15.35 12.79 6.66
C GLY C 854 -13.95 13.33 6.49
N LEU C 855 -13.72 14.18 5.49
CA LEU C 855 -12.39 14.72 5.21
C LEU C 855 -12.38 16.18 5.66
N THR C 856 -11.75 16.45 6.80
CA THR C 856 -11.68 17.80 7.32
C THR C 856 -10.27 18.35 7.21
N VAL C 857 -10.15 19.67 7.27
CA VAL C 857 -8.86 20.35 7.24
C VAL C 857 -8.72 21.18 8.50
N LEU C 858 -7.73 20.86 9.30
CA LEU C 858 -7.50 21.59 10.54
C LEU C 858 -6.73 22.89 10.26
N PRO C 859 -7.01 23.94 11.02
CA PRO C 859 -6.26 25.19 10.84
C PRO C 859 -4.90 25.10 11.51
N PRO C 860 -3.93 25.90 11.05
CA PRO C 860 -2.61 25.90 11.72
C PRO C 860 -2.68 26.57 13.09
N LEU C 861 -1.72 26.20 13.93
CA LEU C 861 -1.67 26.73 15.29
C LEU C 861 -1.26 28.19 15.31
N LEU C 862 -0.31 28.56 14.45
CA LEU C 862 0.19 29.94 14.37
C LEU C 862 -0.47 30.65 13.21
N THR C 863 -1.23 31.70 13.50
CA THR C 863 -1.86 32.50 12.46
C THR C 863 -0.83 33.39 11.77
N ASP C 864 -1.24 33.94 10.62
CA ASP C 864 -0.33 34.75 9.80
C ASP C 864 0.06 36.06 10.46
N GLU C 865 -0.78 36.59 11.35
CA GLU C 865 -0.40 37.75 12.14
C GLU C 865 0.76 37.44 13.07
N MET C 866 0.75 36.23 13.65
CA MET C 866 1.80 35.83 14.57
C MET C 866 3.10 35.52 13.84
N ILE C 867 3.00 34.91 12.65
CA ILE C 867 4.17 34.71 11.80
C ILE C 867 4.75 36.05 11.35
N ALA C 868 3.87 37.01 11.05
CA ALA C 868 4.32 38.36 10.72
C ALA C 868 4.99 39.04 11.90
N GLN C 869 4.52 38.78 13.12
CA GLN C 869 5.18 39.35 14.30
C GLN C 869 6.55 38.74 14.54
N TYR C 870 6.69 37.44 14.30
CA TYR C 870 8.02 36.81 14.32
C TYR C 870 8.96 37.40 13.28
N THR C 871 8.49 37.59 12.05
CA THR C 871 9.36 38.18 11.04
C THR C 871 9.68 39.64 11.34
N SER C 872 8.75 40.36 11.95
CA SER C 872 9.00 41.74 12.38
C SER C 872 10.06 41.78 13.47
N ALA C 873 9.99 40.85 14.44
CA ALA C 873 11.00 40.80 15.49
C ALA C 873 12.38 40.46 14.94
N LEU C 874 12.44 39.51 14.00
CA LEU C 874 13.72 39.16 13.39
C LEU C 874 14.30 40.30 12.57
N LEU C 875 13.44 41.03 11.83
CA LEU C 875 13.90 42.18 11.06
C LEU C 875 14.40 43.30 11.97
N ALA C 876 13.67 43.59 13.06
CA ALA C 876 14.08 44.65 13.96
C ALA C 876 15.37 44.30 14.69
N GLY C 877 15.54 43.03 15.08
CA GLY C 877 16.77 42.61 15.71
C GLY C 877 17.96 42.65 14.75
N THR C 878 17.75 42.23 13.49
CA THR C 878 18.82 42.25 12.50
C THR C 878 19.23 43.68 12.16
N ILE C 879 18.26 44.60 12.07
CA ILE C 879 18.56 45.98 11.73
C ILE C 879 19.27 46.68 12.88
N THR C 880 18.74 46.55 14.11
CA THR C 880 19.26 47.34 15.21
C THR C 880 20.38 46.67 15.99
N SER C 881 20.69 45.40 15.75
CA SER C 881 21.72 44.74 16.54
C SER C 881 22.67 43.85 15.76
N GLY C 882 22.45 43.64 14.48
CA GLY C 882 23.37 42.80 13.71
C GLY C 882 23.21 41.33 14.06
N TRP C 883 24.34 40.66 14.29
CA TRP C 883 24.33 39.27 14.71
C TRP C 883 24.36 39.11 16.23
N THR C 884 24.38 40.21 16.98
CA THR C 884 24.57 40.13 18.42
C THR C 884 23.34 39.61 19.14
N PHE C 885 22.16 39.75 18.53
CA PHE C 885 20.95 39.23 19.16
C PHE C 885 20.77 37.74 18.94
N GLY C 886 21.51 37.15 18.00
CA GLY C 886 21.47 35.71 17.83
C GLY C 886 22.31 34.96 18.84
N ALA C 887 23.36 35.60 19.36
CA ALA C 887 24.25 34.98 20.32
C ALA C 887 23.87 35.27 21.77
N GLY C 888 22.82 36.06 22.00
CA GLY C 888 22.42 36.39 23.35
C GLY C 888 21.58 37.65 23.40
N ALA C 889 21.93 38.57 24.30
CA ALA C 889 21.22 39.84 24.38
C ALA C 889 21.61 40.74 23.21
N ALA C 890 20.65 41.54 22.76
CA ALA C 890 20.89 42.42 21.63
C ALA C 890 21.76 43.60 22.04
N LEU C 891 22.75 43.90 21.21
CA LEU C 891 23.64 45.03 21.41
C LEU C 891 23.40 46.03 20.29
N GLN C 892 23.01 47.25 20.64
CA GLN C 892 22.74 48.24 19.61
C GLN C 892 24.04 48.70 18.96
N ILE C 893 23.94 49.04 17.67
CA ILE C 893 25.08 49.44 16.86
C ILE C 893 24.53 50.23 15.68
N PRO C 894 25.20 51.31 15.25
CA PRO C 894 24.76 52.00 14.04
C PRO C 894 24.90 51.12 12.81
N PHE C 895 24.02 51.34 11.83
CA PHE C 895 23.95 50.46 10.67
C PHE C 895 25.17 50.62 9.76
N ALA C 896 25.81 51.79 9.77
CA ALA C 896 27.03 51.97 9.00
C ALA C 896 28.16 51.12 9.54
N MET C 897 28.32 51.05 10.86
CA MET C 897 29.36 50.20 11.41
C MET C 897 29.01 48.73 11.32
N GLN C 898 27.71 48.41 11.30
CA GLN C 898 27.30 47.04 11.02
C GLN C 898 27.66 46.65 9.59
N MET C 899 27.46 47.54 8.62
CA MET C 899 27.92 47.28 7.26
C MET C 899 29.44 47.23 7.16
N ALA C 900 30.15 47.96 8.02
CA ALA C 900 31.60 47.83 8.09
C ALA C 900 32.02 46.45 8.57
N TYR C 901 31.30 45.91 9.56
CA TYR C 901 31.49 44.52 9.99
C TYR C 901 31.23 43.55 8.85
N ARG C 902 30.16 43.78 8.09
CA ARG C 902 29.80 42.88 6.99
C ARG C 902 30.84 42.92 5.88
N PHE C 903 31.42 44.10 5.60
CA PHE C 903 32.50 44.17 4.62
C PHE C 903 33.77 43.52 5.14
N ASN C 904 34.10 43.70 6.42
CA ASN C 904 35.28 43.05 7.00
C ASN C 904 35.13 41.54 7.06
N GLY C 905 33.90 41.02 7.06
CA GLY C 905 33.71 39.59 7.01
C GLY C 905 34.13 38.98 5.68
N ILE C 906 33.92 39.69 4.57
CA ILE C 906 34.14 39.13 3.24
C ILE C 906 35.51 39.47 2.69
N GLY C 907 36.37 40.14 3.44
CA GLY C 907 37.72 40.42 3.01
C GLY C 907 37.95 41.78 2.38
N VAL C 908 37.00 42.70 2.50
CA VAL C 908 37.15 44.07 2.00
C VAL C 908 37.26 44.99 3.21
N THR C 909 38.26 45.86 3.20
CA THR C 909 38.47 46.77 4.31
C THR C 909 37.34 47.79 4.39
N GLN C 910 37.10 48.29 5.61
CA GLN C 910 35.90 49.09 5.87
C GLN C 910 35.98 50.49 5.29
N ASN C 911 37.18 50.96 4.92
CA ASN C 911 37.33 52.28 4.30
C ASN C 911 36.65 52.36 2.94
N VAL C 912 36.43 51.21 2.28
CA VAL C 912 35.66 51.17 1.06
C VAL C 912 34.22 51.59 1.32
N LEU C 913 33.68 51.20 2.47
CA LEU C 913 32.28 51.50 2.79
C LEU C 913 32.07 52.98 3.08
N TYR C 914 32.91 53.56 3.94
CA TYR C 914 32.69 54.94 4.38
C TYR C 914 32.98 55.95 3.28
N GLU C 915 33.73 55.57 2.25
CA GLU C 915 33.92 56.42 1.09
C GLU C 915 32.84 56.21 0.03
N ASN C 916 31.99 55.19 0.18
CA ASN C 916 31.00 54.86 -0.84
C ASN C 916 29.65 54.52 -0.22
N GLN C 917 29.32 55.12 0.94
CA GLN C 917 28.14 54.70 1.68
C GLN C 917 26.84 55.09 0.98
N LYS C 918 26.81 56.29 0.40
CA LYS C 918 25.61 56.77 -0.29
C LYS C 918 25.34 55.95 -1.55
N LEU C 919 26.40 55.57 -2.27
CA LEU C 919 26.24 54.76 -3.48
C LEU C 919 25.73 53.37 -3.15
N ILE C 920 26.23 52.78 -2.06
CA ILE C 920 25.78 51.46 -1.62
C ILE C 920 24.32 51.51 -1.18
N ALA C 921 23.94 52.58 -0.47
CA ALA C 921 22.54 52.76 -0.08
C ALA C 921 21.63 52.92 -1.28
N ASN C 922 22.07 53.66 -2.30
CA ASN C 922 21.28 53.82 -3.52
C ASN C 922 21.14 52.50 -4.27
N GLN C 923 22.21 51.71 -4.33
CA GLN C 923 22.14 50.39 -4.97
C GLN C 923 21.21 49.45 -4.23
N PHE C 924 21.21 49.50 -2.89
CA PHE C 924 20.31 48.66 -2.10
C PHE C 924 18.84 49.05 -2.33
N ASN C 925 18.56 50.36 -2.36
CA ASN C 925 17.20 50.81 -2.60
C ASN C 925 16.73 50.48 -4.02
N SER C 926 17.64 50.57 -5.00
CA SER C 926 17.30 50.17 -6.36
C SER C 926 17.01 48.69 -6.47
N ALA C 927 17.77 47.86 -5.72
CA ALA C 927 17.51 46.42 -5.73
C ALA C 927 16.17 46.08 -5.08
N ILE C 928 15.80 46.79 -4.02
CA ILE C 928 14.48 46.58 -3.40
C ILE C 928 13.36 46.98 -4.36
N GLY C 929 13.56 48.08 -5.08
CA GLY C 929 12.59 48.48 -6.10
C GLY C 929 12.48 47.48 -7.24
N LYS C 930 13.60 46.87 -7.62
CA LYS C 930 13.56 45.81 -8.64
C LYS C 930 12.86 44.56 -8.13
N ILE C 931 12.96 44.27 -6.83
CA ILE C 931 12.18 43.17 -6.25
C ILE C 931 10.69 43.46 -6.34
N GLN C 932 10.29 44.70 -6.04
CA GLN C 932 8.88 45.08 -6.18
C GLN C 932 8.40 44.99 -7.62
N ASP C 933 9.24 45.40 -8.57
CA ASP C 933 8.87 45.29 -9.99
C ASP C 933 8.84 43.83 -10.45
N SER C 934 9.64 42.96 -9.82
CA SER C 934 9.62 41.54 -10.17
C SER C 934 8.41 40.83 -9.61
N LEU C 935 7.93 41.21 -8.43
CA LEU C 935 6.82 40.51 -7.81
C LEU C 935 5.45 41.00 -8.27
N SER C 936 5.37 42.20 -8.85
CA SER C 936 4.09 42.74 -9.30
C SER C 936 3.73 42.34 -10.71
N SER C 937 4.60 41.63 -11.42
CA SER C 937 4.33 41.23 -12.80
C SER C 937 4.34 39.73 -13.01
N THR C 938 5.30 39.02 -12.42
CA THR C 938 5.46 37.58 -12.62
C THR C 938 4.81 36.85 -11.44
N ALA C 939 3.67 36.21 -11.70
CA ALA C 939 2.98 35.43 -10.68
C ALA C 939 3.48 33.99 -10.59
N SER C 940 4.38 33.59 -11.47
CA SER C 940 4.94 32.23 -11.45
C SER C 940 6.22 32.14 -10.65
N ALA C 941 6.63 33.21 -9.99
CA ALA C 941 7.82 33.15 -9.14
C ALA C 941 7.58 32.32 -7.88
N LEU C 942 6.36 32.33 -7.35
CA LEU C 942 6.01 31.61 -6.14
C LEU C 942 5.43 30.23 -6.43
N GLY C 943 5.91 29.57 -7.49
CA GLY C 943 5.36 28.28 -7.87
C GLY C 943 5.65 27.15 -6.91
N LYS C 944 6.69 27.29 -6.08
CA LYS C 944 7.01 26.25 -5.10
C LYS C 944 5.93 26.10 -4.05
N LEU C 945 5.37 27.22 -3.58
CA LEU C 945 4.27 27.17 -2.62
C LEU C 945 2.96 26.81 -3.30
N GLN C 946 2.79 27.21 -4.56
CA GLN C 946 1.59 26.86 -5.31
C GLN C 946 1.52 25.36 -5.57
N ASP C 947 2.67 24.70 -5.74
CA ASP C 947 2.66 23.24 -5.83
C ASP C 947 2.24 22.59 -4.51
N VAL C 948 2.64 23.18 -3.38
CA VAL C 948 2.25 22.66 -2.07
C VAL C 948 0.74 22.78 -1.89
N VAL C 949 0.15 23.89 -2.35
CA VAL C 949 -1.31 24.02 -2.31
C VAL C 949 -1.98 23.04 -3.27
N ASN C 950 -1.45 22.92 -4.50
CA ASN C 950 -2.12 22.18 -5.55
C ASN C 950 -2.10 20.68 -5.31
N HIS C 951 -1.00 20.16 -4.76
CA HIS C 951 -0.91 18.72 -4.48
C HIS C 951 -1.89 18.32 -3.38
N ASN C 952 -2.01 19.15 -2.34
CA ASN C 952 -2.90 18.84 -1.24
C ASN C 952 -4.36 19.02 -1.63
N ALA C 953 -4.65 19.89 -2.60
CA ALA C 953 -6.01 19.95 -3.12
C ALA C 953 -6.31 18.76 -4.02
N GLN C 954 -5.35 18.38 -4.87
CA GLN C 954 -5.56 17.35 -5.87
C GLN C 954 -5.69 15.96 -5.25
N ALA C 955 -4.93 15.67 -4.20
CA ALA C 955 -5.04 14.38 -3.52
C ALA C 955 -6.40 14.23 -2.86
N LEU C 956 -6.92 15.31 -2.26
CA LEU C 956 -8.25 15.26 -1.65
C LEU C 956 -9.35 15.12 -2.69
N ASN C 957 -9.19 15.78 -3.85
CA ASN C 957 -10.17 15.62 -4.93
C ASN C 957 -10.17 14.19 -5.47
N THR C 958 -8.99 13.58 -5.59
CA THR C 958 -8.91 12.18 -6.02
C THR C 958 -9.54 11.25 -5.00
N LEU C 959 -9.30 11.50 -3.71
CA LEU C 959 -9.89 10.69 -2.65
C LEU C 959 -11.41 10.83 -2.61
N VAL C 960 -11.94 12.01 -2.93
CA VAL C 960 -13.39 12.18 -3.00
C VAL C 960 -13.94 11.46 -4.23
N LYS C 961 -13.31 11.64 -5.39
CA LYS C 961 -13.80 11.04 -6.63
C LYS C 961 -13.65 9.54 -6.68
N GLN C 962 -12.85 8.95 -5.80
CA GLN C 962 -12.65 7.51 -5.80
C GLN C 962 -13.85 6.76 -5.20
N LEU C 963 -14.80 7.47 -4.57
CA LEU C 963 -15.96 6.82 -3.98
C LEU C 963 -17.02 6.42 -4.98
N SER C 964 -16.91 6.86 -6.24
CA SER C 964 -17.85 6.44 -7.27
C SER C 964 -17.44 5.13 -7.92
N SER C 965 -16.28 4.58 -7.57
CA SER C 965 -15.81 3.34 -8.15
C SER C 965 -16.55 2.15 -7.57
N LYS C 966 -16.71 1.10 -8.39
CA LYS C 966 -17.43 -0.09 -7.98
C LYS C 966 -16.52 -1.17 -7.41
N PHE C 967 -15.26 -1.22 -7.85
CA PHE C 967 -14.26 -2.22 -7.47
C PHE C 967 -14.75 -3.64 -7.75
N GLY C 968 -15.43 -3.82 -8.88
CA GLY C 968 -15.95 -5.11 -9.29
C GLY C 968 -17.30 -5.48 -8.72
N ALA C 969 -17.87 -4.65 -7.85
CA ALA C 969 -19.18 -4.93 -7.30
C ALA C 969 -20.27 -4.52 -8.28
N ILE C 970 -21.53 -4.77 -7.91
CA ILE C 970 -22.63 -4.47 -8.83
C ILE C 970 -22.99 -2.99 -8.82
N SER C 971 -22.70 -2.28 -7.73
CA SER C 971 -23.05 -0.88 -7.64
C SER C 971 -22.13 -0.19 -6.64
N SER C 972 -21.86 1.09 -6.89
CA SER C 972 -21.08 1.90 -5.97
C SER C 972 -21.93 2.51 -4.86
N VAL C 973 -23.24 2.44 -4.98
CA VAL C 973 -24.13 2.94 -3.93
C VAL C 973 -24.26 1.86 -2.85
N LEU C 974 -24.06 2.27 -1.60
CA LEU C 974 -24.00 1.30 -0.51
C LEU C 974 -25.37 0.72 -0.19
N ASN C 975 -26.41 1.54 -0.21
CA ASN C 975 -27.73 1.07 0.18
C ASN C 975 -28.41 0.23 -0.89
N ASP C 976 -28.01 0.38 -2.16
CA ASP C 976 -28.63 -0.39 -3.23
C ASP C 976 -28.29 -1.87 -3.16
N ILE C 977 -27.06 -2.19 -2.73
CA ILE C 977 -26.67 -3.60 -2.58
C ILE C 977 -27.43 -4.24 -1.42
N PHE C 978 -27.62 -3.48 -0.33
CA PHE C 978 -28.41 -3.97 0.80
C PHE C 978 -29.88 -4.16 0.43
N SER C 979 -30.43 -3.24 -0.35
CA SER C 979 -31.85 -3.34 -0.70
C SER C 979 -32.11 -4.40 -1.77
N ARG C 980 -31.20 -4.59 -2.72
CA ARG C 980 -31.45 -5.50 -3.83
C ARG C 980 -30.99 -6.92 -3.58
N LEU C 981 -30.21 -7.17 -2.53
CA LEU C 981 -29.70 -8.50 -2.23
C LEU C 981 -29.90 -8.82 -0.75
N ASP C 982 -30.01 -10.12 -0.46
CA ASP C 982 -30.07 -10.57 0.93
C ASP C 982 -28.67 -10.68 1.50
N LYS C 983 -28.59 -11.05 2.78
CA LYS C 983 -27.35 -11.00 3.54
C LYS C 983 -26.33 -12.06 3.13
N VAL C 984 -26.71 -13.02 2.29
CA VAL C 984 -25.77 -14.06 1.86
C VAL C 984 -24.73 -13.48 0.92
N GLU C 985 -25.15 -12.66 -0.04
CA GLU C 985 -24.24 -12.10 -1.03
C GLU C 985 -24.05 -10.60 -0.95
N ALA C 986 -24.87 -9.90 -0.15
CA ALA C 986 -24.63 -8.47 0.06
C ALA C 986 -23.33 -8.23 0.81
N GLU C 987 -22.98 -9.11 1.74
CA GLU C 987 -21.73 -8.97 2.48
C GLU C 987 -20.52 -9.17 1.57
N VAL C 988 -20.58 -10.16 0.67
CA VAL C 988 -19.45 -10.37 -0.24
C VAL C 988 -19.41 -9.30 -1.33
N GLN C 989 -20.54 -8.66 -1.65
CA GLN C 989 -20.48 -7.55 -2.59
C GLN C 989 -19.97 -6.26 -1.96
N ILE C 990 -20.27 -6.03 -0.69
CA ILE C 990 -19.83 -4.81 0.00
C ILE C 990 -18.42 -4.97 0.59
N ASP C 991 -17.93 -6.20 0.73
CA ASP C 991 -16.54 -6.40 1.14
C ASP C 991 -15.57 -5.86 0.09
N ARG C 992 -15.94 -5.96 -1.20
CA ARG C 992 -15.13 -5.36 -2.26
C ARG C 992 -15.08 -3.83 -2.13
N LEU C 993 -16.22 -3.21 -1.82
CA LEU C 993 -16.28 -1.77 -1.64
C LEU C 993 -15.44 -1.32 -0.45
N ILE C 994 -15.55 -2.05 0.66
CA ILE C 994 -14.80 -1.71 1.86
C ILE C 994 -13.29 -1.88 1.63
N THR C 995 -12.90 -2.96 0.95
CA THR C 995 -11.49 -3.19 0.63
C THR C 995 -10.94 -2.11 -0.30
N GLY C 996 -11.70 -1.74 -1.32
CA GLY C 996 -11.24 -0.70 -2.24
C GLY C 996 -11.13 0.67 -1.60
N ARG C 997 -12.11 1.05 -0.78
CA ARG C 997 -12.07 2.35 -0.12
C ARG C 997 -10.98 2.40 0.94
N LEU C 998 -10.76 1.31 1.66
CA LEU C 998 -9.69 1.26 2.65
C LEU C 998 -8.31 1.30 1.99
N GLN C 999 -8.17 0.66 0.82
CA GLN C 999 -6.90 0.71 0.10
C GLN C 999 -6.64 2.10 -0.48
N SER C 1000 -7.69 2.78 -0.94
CA SER C 1000 -7.52 4.16 -1.40
C SER C 1000 -7.12 5.09 -0.26
N LEU C 1001 -7.70 4.88 0.92
CA LEU C 1001 -7.31 5.65 2.10
C LEU C 1001 -5.86 5.39 2.48
N GLN C 1002 -5.42 4.13 2.40
CA GLN C 1002 -4.02 3.80 2.69
C GLN C 1002 -3.07 4.42 1.68
N THR C 1003 -3.47 4.46 0.40
CA THR C 1003 -2.66 5.11 -0.63
C THR C 1003 -2.52 6.61 -0.36
N TYR C 1004 -3.61 7.27 0.02
CA TYR C 1004 -3.57 8.70 0.34
C TYR C 1004 -2.68 8.96 1.55
N VAL C 1005 -2.76 8.13 2.58
CA VAL C 1005 -1.95 8.32 3.78
C VAL C 1005 -0.46 8.09 3.48
N THR C 1006 -0.15 7.10 2.62
CA THR C 1006 1.23 6.85 2.25
C THR C 1006 1.84 8.01 1.46
N GLN C 1007 1.08 8.54 0.49
CA GLN C 1007 1.57 9.69 -0.27
C GLN C 1007 1.73 10.92 0.60
N GLN C 1008 0.82 11.11 1.56
CA GLN C 1008 0.96 12.22 2.50
C GLN C 1008 2.16 12.06 3.41
N LEU C 1009 2.51 10.82 3.79
CA LEU C 1009 3.70 10.59 4.61
C LEU C 1009 4.98 10.92 3.85
N ILE C 1010 5.06 10.51 2.58
CA ILE C 1010 6.24 10.81 1.77
C ILE C 1010 6.37 12.32 1.53
N ARG C 1011 5.25 12.98 1.22
CA ARG C 1011 5.27 14.43 1.04
C ARG C 1011 5.59 15.16 2.34
N ALA C 1012 5.16 14.62 3.48
CA ALA C 1012 5.50 15.21 4.77
C ALA C 1012 6.99 15.10 5.07
N ALA C 1013 7.61 13.99 4.68
CA ALA C 1013 9.06 13.86 4.84
C ALA C 1013 9.80 14.87 3.98
N GLU C 1014 9.35 15.07 2.73
CA GLU C 1014 9.97 16.07 1.86
C GLU C 1014 9.80 17.49 2.40
N ILE C 1015 8.60 17.81 2.90
CA ILE C 1015 8.33 19.13 3.46
C ILE C 1015 9.13 19.36 4.74
N ARG C 1016 9.33 18.30 5.54
CA ARG C 1016 10.14 18.40 6.75
C ARG C 1016 11.61 18.66 6.42
N ALA C 1017 12.12 18.02 5.37
CA ALA C 1017 13.49 18.30 4.93
C ALA C 1017 13.64 19.74 4.46
N SER C 1018 12.64 20.25 3.72
CA SER C 1018 12.69 21.64 3.28
C SER C 1018 12.56 22.62 4.46
N ALA C 1019 11.78 22.26 5.47
CA ALA C 1019 11.64 23.11 6.65
C ALA C 1019 12.91 23.12 7.49
N ASN C 1020 13.62 22.00 7.56
CA ASN C 1020 14.91 21.96 8.24
C ASN C 1020 15.93 22.82 7.51
N LEU C 1021 15.91 22.78 6.17
CA LEU C 1021 16.79 23.66 5.39
C LEU C 1021 16.46 25.13 5.62
N ALA C 1022 15.16 25.46 5.70
CA ALA C 1022 14.75 26.84 5.94
C ALA C 1022 15.15 27.31 7.34
N ALA C 1023 15.05 26.43 8.34
CA ALA C 1023 15.51 26.75 9.69
C ALA C 1023 17.01 26.98 9.74
N THR C 1024 17.77 26.18 8.98
CA THR C 1024 19.22 26.38 8.89
C THR C 1024 19.55 27.72 8.23
N LYS C 1025 18.84 28.07 7.15
CA LYS C 1025 19.08 29.35 6.48
C LYS C 1025 18.67 30.54 7.34
N MET C 1026 17.66 30.37 8.18
CA MET C 1026 17.31 31.44 9.12
C MET C 1026 18.36 31.58 10.21
N SER C 1027 18.90 30.46 10.70
CA SER C 1027 19.86 30.52 11.79
C SER C 1027 21.22 31.05 11.32
N GLU C 1028 21.63 30.71 10.11
CA GLU C 1028 23.00 30.99 9.69
C GLU C 1028 23.15 32.24 8.84
N CYS C 1029 22.09 32.68 8.16
CA CYS C 1029 22.19 33.84 7.28
C CYS C 1029 21.44 35.07 7.78
N VAL C 1030 20.32 34.89 8.47
CA VAL C 1030 19.62 36.02 9.06
C VAL C 1030 20.26 36.41 10.38
N LEU C 1031 20.56 35.43 11.23
CA LEU C 1031 21.11 35.69 12.55
C LEU C 1031 22.63 35.83 12.55
N GLY C 1032 23.26 35.80 11.39
CA GLY C 1032 24.69 35.96 11.31
C GLY C 1032 25.12 36.27 9.89
N GLN C 1033 26.39 36.02 9.61
CA GLN C 1033 26.94 36.15 8.27
C GLN C 1033 27.55 34.82 7.87
N SER C 1034 27.25 34.36 6.66
CA SER C 1034 27.63 33.03 6.21
C SER C 1034 28.88 33.11 5.34
N LYS C 1035 29.86 32.27 5.65
CA LYS C 1035 31.06 32.13 4.83
C LYS C 1035 30.96 31.00 3.83
N ARG C 1036 29.84 30.28 3.80
CA ARG C 1036 29.66 29.17 2.87
C ARG C 1036 29.33 29.69 1.48
N VAL C 1037 29.94 29.08 0.47
CA VAL C 1037 29.80 29.54 -0.90
C VAL C 1037 28.45 29.12 -1.45
N ASP C 1038 27.71 30.08 -2.01
CA ASP C 1038 26.40 29.90 -2.66
C ASP C 1038 25.33 29.37 -1.72
N PHE C 1039 25.53 29.46 -0.41
CA PHE C 1039 24.49 29.03 0.53
C PHE C 1039 23.37 30.06 0.58
N CYS C 1040 23.72 31.35 0.60
CA CYS C 1040 22.74 32.43 0.67
C CYS C 1040 23.09 33.46 -0.39
N GLY C 1041 22.57 33.25 -1.60
CA GLY C 1041 22.76 34.18 -2.69
C GLY C 1041 24.09 34.04 -3.39
N LYS C 1042 24.11 34.29 -4.70
CA LYS C 1042 25.35 34.28 -5.44
C LYS C 1042 26.19 35.51 -5.10
N GLY C 1043 27.49 35.30 -4.96
CA GLY C 1043 28.40 36.34 -4.53
C GLY C 1043 28.74 36.23 -3.06
N TYR C 1044 29.50 37.20 -2.59
CA TYR C 1044 29.91 37.25 -1.20
C TYR C 1044 28.76 37.74 -0.35
N HIS C 1045 28.31 36.89 0.58
CA HIS C 1045 27.12 37.19 1.37
C HIS C 1045 27.40 38.28 2.39
N LEU C 1046 26.47 39.23 2.48
CA LEU C 1046 26.52 40.29 3.47
C LEU C 1046 25.43 40.18 4.51
N MET C 1047 24.19 39.97 4.08
CA MET C 1047 23.04 40.20 4.95
C MET C 1047 21.83 39.49 4.36
N SER C 1048 20.82 39.21 5.20
CA SER C 1048 19.61 38.56 4.71
C SER C 1048 18.40 39.01 5.51
N PHE C 1049 17.23 38.92 4.88
CA PHE C 1049 15.98 39.32 5.50
C PHE C 1049 14.89 38.27 5.29
N PRO C 1050 14.14 37.91 6.32
CA PRO C 1050 13.02 36.98 6.14
C PRO C 1050 11.70 37.69 5.90
N GLN C 1051 10.86 37.04 5.10
CA GLN C 1051 9.48 37.45 4.89
C GLN C 1051 8.61 36.21 4.93
N SER C 1052 7.41 36.34 5.49
CA SER C 1052 6.49 35.23 5.50
C SER C 1052 5.84 35.07 4.12
N ALA C 1053 5.26 33.89 3.90
CA ALA C 1053 4.58 33.59 2.65
C ALA C 1053 3.60 32.46 2.91
N PRO C 1054 2.52 32.33 2.09
CA PRO C 1054 1.59 31.21 2.26
C PRO C 1054 2.25 29.86 2.12
N HIS C 1055 2.29 29.13 3.25
CA HIS C 1055 3.01 27.87 3.41
C HIS C 1055 4.49 27.99 3.07
N GLY C 1056 5.12 29.10 3.47
CA GLY C 1056 6.54 29.19 3.17
C GLY C 1056 7.20 30.45 3.70
N VAL C 1057 8.49 30.55 3.41
CA VAL C 1057 9.32 31.67 3.82
C VAL C 1057 10.13 32.14 2.61
N VAL C 1058 10.35 33.45 2.52
CA VAL C 1058 11.08 34.06 1.43
C VAL C 1058 12.26 34.82 2.03
N PHE C 1059 13.46 34.49 1.59
CA PHE C 1059 14.67 35.16 2.05
C PHE C 1059 15.15 36.12 0.98
N LEU C 1060 15.37 37.37 1.37
CA LEU C 1060 16.00 38.37 0.51
C LEU C 1060 17.47 38.43 0.93
N HIS C 1061 18.35 37.97 0.04
CA HIS C 1061 19.77 37.87 0.31
C HIS C 1061 20.48 39.07 -0.30
N VAL C 1062 21.12 39.88 0.54
CA VAL C 1062 21.93 41.01 0.12
C VAL C 1062 23.38 40.56 0.07
N THR C 1063 23.95 40.59 -1.13
CA THR C 1063 25.28 40.06 -1.43
C THR C 1063 26.10 41.09 -2.19
N TYR C 1064 27.41 40.90 -2.15
CA TYR C 1064 28.40 41.76 -2.79
C TYR C 1064 28.91 41.06 -4.04
N VAL C 1065 28.90 41.75 -5.18
CA VAL C 1065 29.36 41.19 -6.44
C VAL C 1065 30.39 42.14 -7.05
N PRO C 1066 31.62 41.69 -7.34
CA PRO C 1066 32.57 42.55 -8.04
C PRO C 1066 32.13 42.83 -9.47
N ALA C 1067 32.40 44.05 -9.94
CA ALA C 1067 31.78 44.55 -11.16
C ALA C 1067 32.76 44.81 -12.30
N GLN C 1068 33.77 45.66 -12.10
CA GLN C 1068 34.57 46.19 -13.21
C GLN C 1068 36.00 45.70 -13.09
N GLU C 1069 36.35 44.69 -13.89
CA GLU C 1069 37.66 44.07 -13.85
C GLU C 1069 38.69 44.93 -14.59
N LYS C 1070 39.95 44.63 -14.33
CA LYS C 1070 41.06 45.35 -14.96
C LYS C 1070 42.30 44.48 -14.92
N ASN C 1071 43.00 44.39 -16.05
CA ASN C 1071 44.20 43.55 -16.13
C ASN C 1071 45.37 44.19 -15.40
N PHE C 1072 46.17 43.34 -14.75
CA PHE C 1072 47.40 43.80 -14.11
C PHE C 1072 48.46 42.73 -14.25
N THR C 1073 49.72 43.15 -14.16
CA THR C 1073 50.85 42.24 -14.13
C THR C 1073 51.29 42.04 -12.68
N THR C 1074 51.31 40.79 -12.25
CA THR C 1074 51.46 40.47 -10.84
C THR C 1074 52.74 39.67 -10.61
N ALA C 1075 53.20 39.68 -9.36
CA ALA C 1075 54.39 38.94 -8.96
C ALA C 1075 54.14 38.28 -7.61
N PRO C 1076 54.74 37.10 -7.38
CA PRO C 1076 54.55 36.45 -6.06
C PRO C 1076 55.34 37.12 -4.94
N ALA C 1077 56.58 37.54 -5.21
CA ALA C 1077 57.41 38.13 -4.18
C ALA C 1077 58.34 39.15 -4.82
N ILE C 1078 58.99 39.96 -3.99
CA ILE C 1078 59.86 41.03 -4.47
C ILE C 1078 61.23 40.91 -3.83
N CYS C 1079 62.28 40.93 -4.65
CA CYS C 1079 63.64 40.99 -4.16
C CYS C 1079 63.98 42.39 -3.68
N HIS C 1080 64.65 42.47 -2.53
CA HIS C 1080 65.18 43.72 -2.02
C HIS C 1080 66.35 43.39 -1.11
N ASP C 1081 67.55 43.85 -1.50
CA ASP C 1081 68.81 43.62 -0.77
C ASP C 1081 69.08 42.14 -0.56
N GLY C 1082 68.71 41.31 -1.54
CA GLY C 1082 68.84 39.87 -1.42
C GLY C 1082 67.73 39.17 -0.68
N LYS C 1083 66.85 39.92 -0.02
CA LYS C 1083 65.75 39.33 0.73
C LYS C 1083 64.50 39.24 -0.12
N ALA C 1084 63.62 38.31 0.23
CA ALA C 1084 62.34 38.13 -0.45
C ALA C 1084 61.23 38.70 0.40
N HIS C 1085 60.42 39.58 -0.18
CA HIS C 1085 59.30 40.19 0.49
C HIS C 1085 58.00 39.64 -0.08
N PHE C 1086 57.13 39.18 0.82
CA PHE C 1086 55.80 38.64 0.53
C PHE C 1086 54.74 39.56 1.12
N PRO C 1087 53.59 39.72 0.46
CA PRO C 1087 52.56 40.62 0.99
C PRO C 1087 51.84 40.00 2.18
N ARG C 1088 51.53 40.84 3.17
CA ARG C 1088 50.76 40.38 4.32
C ARG C 1088 49.32 40.10 3.91
N GLU C 1089 48.60 41.14 3.50
CA GLU C 1089 47.27 41.02 2.92
C GLU C 1089 47.25 41.80 1.62
N GLY C 1090 47.22 41.10 0.50
CA GLY C 1090 47.11 41.76 -0.77
C GLY C 1090 47.96 41.10 -1.82
N VAL C 1091 48.01 41.74 -3.00
CA VAL C 1091 48.63 41.20 -4.19
C VAL C 1091 49.64 42.22 -4.69
N PHE C 1092 50.80 41.74 -5.15
CA PHE C 1092 51.82 42.58 -5.77
C PHE C 1092 51.47 42.77 -7.24
N VAL C 1093 50.94 43.95 -7.57
CA VAL C 1093 50.55 44.27 -8.94
C VAL C 1093 51.44 45.39 -9.46
N SER C 1094 51.37 45.60 -10.78
CA SER C 1094 52.04 46.74 -11.40
C SER C 1094 51.18 47.22 -12.55
N ASN C 1095 51.30 48.52 -12.85
CA ASN C 1095 50.62 49.11 -13.99
C ASN C 1095 51.52 49.24 -15.22
N GLY C 1096 52.67 48.57 -15.21
CA GLY C 1096 53.65 48.66 -16.27
C GLY C 1096 54.82 49.55 -15.95
N THR C 1097 54.69 50.42 -14.95
CA THR C 1097 55.75 51.33 -14.56
C THR C 1097 56.22 51.10 -13.13
N HIS C 1098 55.30 51.11 -12.16
CA HIS C 1098 55.66 51.00 -10.76
C HIS C 1098 54.89 49.84 -10.13
N TRP C 1099 55.44 49.31 -9.04
CA TRP C 1099 54.87 48.17 -8.35
C TRP C 1099 54.14 48.64 -7.10
N PHE C 1100 52.91 48.15 -6.91
CA PHE C 1100 52.10 48.43 -5.74
C PHE C 1100 51.61 47.12 -5.14
N VAL C 1101 51.06 47.21 -3.94
CA VAL C 1101 50.36 46.09 -3.31
C VAL C 1101 48.94 46.54 -3.03
N THR C 1102 47.98 45.70 -3.40
CA THR C 1102 46.56 46.00 -3.24
C THR C 1102 45.90 44.95 -2.36
N GLN C 1103 44.62 45.17 -2.06
CA GLN C 1103 43.80 44.11 -1.53
C GLN C 1103 43.17 43.33 -2.68
N ARG C 1104 42.71 42.12 -2.38
CA ARG C 1104 42.35 41.18 -3.44
C ARG C 1104 41.01 41.54 -4.10
N ASN C 1105 40.01 41.92 -3.31
CA ASN C 1105 38.65 42.05 -3.82
C ASN C 1105 38.29 43.45 -4.28
N PHE C 1106 39.24 44.39 -4.25
CA PHE C 1106 39.00 45.76 -4.65
C PHE C 1106 40.33 46.38 -5.02
N TYR C 1107 40.35 47.21 -6.05
CA TYR C 1107 41.61 47.81 -6.49
C TYR C 1107 41.92 49.03 -5.63
N GLU C 1108 43.03 48.98 -4.91
CA GLU C 1108 43.47 50.10 -4.07
C GLU C 1108 44.98 50.01 -3.93
N PRO C 1109 45.74 50.67 -4.79
CA PRO C 1109 47.20 50.54 -4.75
C PRO C 1109 47.82 51.31 -3.60
N GLN C 1110 48.81 50.69 -2.96
CA GLN C 1110 49.57 51.30 -1.89
C GLN C 1110 51.05 51.17 -2.18
N ILE C 1111 51.84 52.06 -1.58
CA ILE C 1111 53.29 51.99 -1.73
C ILE C 1111 53.81 50.81 -0.94
N ILE C 1112 54.66 50.00 -1.56
CA ILE C 1112 55.18 48.79 -0.94
C ILE C 1112 56.24 49.18 0.08
N THR C 1113 55.91 49.01 1.36
CA THR C 1113 56.81 49.32 2.46
C THR C 1113 57.09 48.04 3.25
N THR C 1114 57.79 48.21 4.38
CA THR C 1114 58.01 47.11 5.30
C THR C 1114 56.86 46.90 6.27
N ASP C 1115 55.91 47.83 6.32
CA ASP C 1115 54.78 47.69 7.23
C ASP C 1115 53.74 46.71 6.71
N ASN C 1116 53.61 46.57 5.39
CA ASN C 1116 52.62 45.69 4.79
C ASN C 1116 53.21 44.46 4.13
N THR C 1117 54.53 44.27 4.20
CA THR C 1117 55.19 43.09 3.65
C THR C 1117 56.01 42.42 4.75
N PHE C 1118 56.28 41.13 4.57
CA PHE C 1118 57.13 40.41 5.50
C PHE C 1118 58.23 39.67 4.75
N VAL C 1119 59.34 39.46 5.46
CA VAL C 1119 60.58 38.94 4.88
C VAL C 1119 60.70 37.46 5.20
N SER C 1120 61.09 36.67 4.20
CA SER C 1120 61.25 35.23 4.40
C SER C 1120 62.34 34.73 3.47
N GLY C 1121 63.54 34.56 4.00
CA GLY C 1121 64.62 33.93 3.26
C GLY C 1121 65.25 34.83 2.21
N ASN C 1122 65.96 34.20 1.28
CA ASN C 1122 66.68 34.89 0.22
C ASN C 1122 65.88 34.81 -1.09
N CYS C 1123 66.50 35.28 -2.17
CA CYS C 1123 65.84 35.42 -3.46
C CYS C 1123 65.97 34.20 -4.35
N ASP C 1124 66.70 33.17 -3.93
CA ASP C 1124 67.06 32.10 -4.85
C ASP C 1124 65.91 31.13 -5.12
N VAL C 1125 65.10 30.84 -4.10
CA VAL C 1125 64.23 29.67 -4.19
C VAL C 1125 62.91 30.00 -4.89
N VAL C 1126 62.38 31.20 -4.67
CA VAL C 1126 61.05 31.55 -5.18
C VAL C 1126 61.11 31.76 -6.68
N ILE C 1127 60.18 31.14 -7.40
CA ILE C 1127 60.14 31.18 -8.86
C ILE C 1127 59.24 32.32 -9.29
N GLY C 1128 59.75 33.20 -10.15
CA GLY C 1128 58.99 34.33 -10.62
C GLY C 1128 59.17 35.60 -9.82
N ILE C 1129 60.23 35.68 -9.00
CA ILE C 1129 60.45 36.86 -8.18
C ILE C 1129 60.93 38.02 -9.07
N VAL C 1130 60.66 39.25 -8.62
CA VAL C 1130 61.01 40.46 -9.36
C VAL C 1130 61.86 41.35 -8.47
N ASN C 1131 62.38 42.43 -9.06
CA ASN C 1131 63.21 43.39 -8.36
C ASN C 1131 62.47 44.71 -8.23
N ASN C 1132 62.35 45.21 -7.00
CA ASN C 1132 61.79 46.51 -6.73
C ASN C 1132 62.27 46.97 -5.37
N THR C 1133 62.27 48.30 -5.17
CA THR C 1133 62.75 48.90 -3.93
C THR C 1133 61.61 48.94 -2.92
N VAL C 1134 61.85 48.40 -1.73
CA VAL C 1134 60.87 48.43 -0.65
C VAL C 1134 61.18 49.61 0.24
N TYR C 1135 60.21 50.51 0.40
CA TYR C 1135 60.40 51.73 1.17
C TYR C 1135 60.45 51.43 2.67
N ASP C 1136 61.23 52.23 3.39
CA ASP C 1136 61.32 52.13 4.83
C ASP C 1136 60.93 53.47 5.46
N PRO C 1137 59.85 53.52 6.25
CA PRO C 1137 59.42 54.83 6.79
C PRO C 1137 60.28 55.34 7.92
N LEU C 1138 60.91 54.46 8.70
CA LEU C 1138 61.62 54.89 9.90
C LEU C 1138 62.96 55.53 9.58
N GLN C 1139 63.56 55.17 8.44
CA GLN C 1139 64.88 55.69 8.08
C GLN C 1139 64.93 57.20 7.82
N PRO C 1140 64.01 57.83 7.06
CA PRO C 1140 64.06 59.31 7.00
C PRO C 1140 63.60 59.99 8.27
N GLU C 1141 62.80 59.31 9.11
CA GLU C 1141 62.37 59.92 10.36
C GLU C 1141 63.48 59.93 11.40
N LEU C 1142 64.35 58.92 11.41
CA LEU C 1142 65.47 58.90 12.35
C LEU C 1142 66.55 59.89 11.95
N ASP C 1143 66.67 60.20 10.67
CA ASP C 1143 67.70 61.11 10.18
C ASP C 1143 67.30 62.57 10.26
N SER C 1144 66.09 62.87 10.73
CA SER C 1144 65.64 64.26 10.85
C SER C 1144 66.27 64.92 12.07
#